data_8BUH
#
_entry.id   8BUH
#
_cell.length_a   249.143
_cell.length_b   249.143
_cell.length_c   217.390
_cell.angle_alpha   90.000
_cell.angle_beta   90.000
_cell.angle_gamma   120.000
#
_symmetry.space_group_name_H-M   'P 31 2 1'
#
loop_
_entity.id
_entity.type
_entity.pdbx_description
1 polymer 'DNA damage-binding protein 1'
2 polymer 'Cyclin-dependent kinase 12'
3 polymer Cyclin-K
4 non-polymer 'SULFATE ION'
5 non-polymer 6-[[[2-[[(2~{R})-1-oxidanylbutan-2-yl]amino]-9-propan-2-yl-purin-6-yl]amino]methyl]-3-pyridin-2-yl-1~{H}-pyridin-2-one
#
loop_
_entity_poly.entity_id
_entity_poly.type
_entity_poly.pdbx_seq_one_letter_code
_entity_poly.pdbx_strand_id
1 'polypeptide(L)'
;GGGRMSYNYVVTAQKPTAVNGCVTGHFTSAEDLNLLIAKNTRLEIYVVTAEGLRPVKEVGMYGKIAVMELFRPKGESKDL
LFILTAKYNACILEYKQSGESIDIITRAHGNVQDRIGRPSETGIIGIIDPECRMIGLRLYDGLFKVIPLDRDNKELKAFN
IRLEELHVIDVKFLYGCQAPTICFVYQDPQGRHVKTYEVSLREKEFNKGPWKQENVEAEASMVIAVPEPFGGAIIIGQES
ITYHNGDKYLAIAPPIIKQSTIVCHNRVDPNGSRYLLGDMEGRLFMLLLEKEEQMDGTVTLKDLRVELLGETSIAECLTY
LDNGVVFVGSRLGDSQLVKLNVDSNEQGSYVVAMETFTNLGPIVDMCVVDLERQGQGQLVTCSGAFKEGSLRIIRNGIGG
NGNSGEIQKLHIRTVPLYESPRKICYQEVSQCFGVLSSRIEVQDTSGGTTALRPSASTQALSSSVSSSKLFSSSTAPHET
SFGEEVEVHNLLIIDQHTFEVLHAHQFLQNEYALSLVSCKLGKDPNTYFIVGTAMVYPEEAEPKQGRIVVFQYSDGKLQT
VAEKEVKGAVYSMVEFNGKLLASINSTVRLYEWTTEKELRTECNHYNNIMALYLKTKGDFILVGDLMRSVLLLAYKPMEG
NFEEIARDFNPNWMSAVEILDDDNFLGAENAFNLFVCQKDSAATTDEERQHLQEVGLFHLGEFVNVFCHGSLVMQNLGET
STPTQGSVLFGTVNGMIGLVTSLSESWYNLLLDMQNRLNKVIKSVGKIEHSFWRSFHTERKTEPATGFIDGDLIESFLDI
SRPKMQEVVANLQYDDGSGMKREATADDLIKVVEELTRIH
;
A,D,G
2 'polypeptide(L)'
;GGGRRQTESDWGKRCVDKFDIIGIIGEGTYGQVYKAKDKDTGELVALKKVRLDNEKEGFPITAIREIKILRQLIHRSVVN
MKEIVTDKQDALDFKKDKGAFYLVFEYMDHDLMGLLESGLVHFSEDHIKSFMKQLMEGLEYCHKKNFLHRDIKCSNILLN
NSGQIKLADFGLARLYNSEESRPY(TPO)NKVITLWYRPPELLLGEERYTPAIDVWSCGCILGELFTKKPIFQANLELAQ
LELISRLCGSPCPAVWPDVIRLPYFNTMKPKKQYRRRLREEFSFIPSAALDLLDHMLTLDPSKRCTAEQTLQSDFLKDVE
LSKMAPPDLPHWQDCHELWSKKRRRQRQ
;
B,E,H
3 'polypeptide(L)'
;GGGRMKENKENSSPSVTSANLDHTKPCWYWDKKDLAHTPSQLEGLDPATEARYRREGARFIFDVGTRLGLHYDTLATGII
YFHRFYMFHSFKQFPRYVTGACCLFLAGKVEETPKKCKDIIKTARSLLNDVQFGQFGDDPKEEVMVLERILLQTIKFDLQ
VEHPYQFLLKYAKQLKGDKNKIQKLVQMAWTFVNDSLCTTLSLQWEPEIIAVAVMYLAGRLCKFEIQEWTSKPMYRRWWE
QFVQDVPVDVLEDICHQILDLYSQGKQQMPH
;
C,F,I
#
# COMPACT_ATOMS: atom_id res chain seq x y z
N MET A 5 -43.19 7.38 42.71
CA MET A 5 -42.63 6.37 43.67
C MET A 5 -43.00 4.96 43.16
N SER A 6 -42.31 3.93 43.65
CA SER A 6 -42.61 2.56 43.29
C SER A 6 -42.85 1.72 44.55
N TYR A 7 -43.62 0.65 44.38
CA TYR A 7 -44.05 -0.20 45.48
C TYR A 7 -43.78 -1.65 45.11
N ASN A 8 -42.98 -2.35 45.91
CA ASN A 8 -42.61 -3.72 45.60
C ASN A 8 -42.58 -4.57 46.88
N TYR A 9 -42.59 -5.89 46.68
CA TYR A 9 -42.73 -6.89 47.73
C TYR A 9 -41.68 -7.97 47.56
N VAL A 10 -40.99 -8.32 48.65
CA VAL A 10 -39.93 -9.32 48.65
C VAL A 10 -40.26 -10.41 49.67
N VAL A 11 -40.20 -11.67 49.23
CA VAL A 11 -40.51 -12.82 50.07
C VAL A 11 -39.39 -13.85 49.92
N THR A 12 -39.04 -14.50 51.04
CA THR A 12 -37.98 -15.50 51.08
C THR A 12 -38.57 -16.86 50.73
N ALA A 13 -38.44 -17.28 49.47
CA ALA A 13 -39.04 -18.54 49.06
C ALA A 13 -38.34 -19.74 49.71
N GLN A 14 -37.02 -19.79 49.63
CA GLN A 14 -36.23 -20.81 50.30
C GLN A 14 -35.21 -20.15 51.22
N LYS A 15 -35.15 -20.60 52.48
CA LYS A 15 -34.27 -19.96 53.44
C LYS A 15 -32.81 -20.27 53.15
N PRO A 16 -31.91 -19.42 53.65
CA PRO A 16 -30.48 -19.69 53.48
C PRO A 16 -30.12 -21.09 53.97
N THR A 17 -29.37 -21.83 53.14
CA THR A 17 -29.01 -23.20 53.46
C THR A 17 -27.54 -23.38 53.82
N ALA A 18 -26.66 -22.48 53.41
CA ALA A 18 -25.25 -22.65 53.66
C ALA A 18 -24.96 -22.48 55.14
N VAL A 19 -24.04 -23.29 55.66
CA VAL A 19 -23.66 -23.23 57.06
C VAL A 19 -22.54 -22.21 57.21
N ASN A 20 -22.80 -21.15 57.96
CA ASN A 20 -21.83 -20.09 58.20
C ASN A 20 -21.06 -20.26 59.49
N GLY A 21 -21.58 -21.01 60.45
CA GLY A 21 -20.82 -21.35 61.64
C GLY A 21 -21.60 -22.32 62.49
N CYS A 22 -20.87 -22.99 63.39
CA CYS A 22 -21.50 -24.00 64.23
C CYS A 22 -20.68 -24.23 65.49
N VAL A 23 -21.38 -24.36 66.63
CA VAL A 23 -20.76 -24.56 67.92
C VAL A 23 -21.51 -25.67 68.65
N THR A 24 -20.87 -26.20 69.69
CA THR A 24 -21.50 -27.16 70.57
C THR A 24 -21.41 -26.66 72.01
N GLY A 25 -22.26 -27.22 72.86
CA GLY A 25 -22.28 -26.84 74.26
C GLY A 25 -23.55 -27.32 74.93
N HIS A 26 -23.89 -26.63 76.02
CA HIS A 26 -25.00 -27.02 76.89
C HIS A 26 -25.92 -25.81 77.02
N PHE A 27 -26.62 -25.49 75.92
CA PHE A 27 -27.38 -24.24 75.81
C PHE A 27 -28.83 -24.40 76.22
N THR A 28 -29.50 -25.48 75.81
CA THR A 28 -30.91 -25.64 76.14
C THR A 28 -31.11 -26.13 77.56
N SER A 29 -30.19 -26.95 78.06
CA SER A 29 -30.20 -27.45 79.42
C SER A 29 -28.76 -27.72 79.82
N ALA A 30 -28.46 -27.60 81.11
CA ALA A 30 -27.12 -27.93 81.57
C ALA A 30 -26.77 -29.39 81.33
N GLU A 31 -27.77 -30.20 80.98
CA GLU A 31 -27.65 -31.65 80.81
C GLU A 31 -27.50 -32.09 79.37
N ASP A 32 -28.27 -31.51 78.45
CA ASP A 32 -28.21 -31.88 77.04
C ASP A 32 -26.92 -31.42 76.37
N LEU A 33 -26.52 -32.14 75.32
CA LEU A 33 -25.46 -31.69 74.42
C LEU A 33 -26.08 -31.05 73.19
N ASN A 34 -25.79 -29.77 72.99
CA ASN A 34 -26.41 -29.02 71.92
C ASN A 34 -25.47 -28.85 70.73
N LEU A 35 -26.07 -28.66 69.57
CA LEU A 35 -25.39 -28.19 68.37
C LEU A 35 -26.16 -27.00 67.84
N LEU A 36 -25.52 -25.83 67.85
CA LEU A 36 -26.12 -24.62 67.28
C LEU A 36 -25.49 -24.40 65.91
N ILE A 37 -26.32 -24.36 64.88
CA ILE A 37 -25.88 -24.16 63.50
C ILE A 37 -26.36 -22.79 63.06
N ALA A 38 -25.45 -22.00 62.51
CA ALA A 38 -25.76 -20.65 62.05
C ALA A 38 -25.79 -20.66 60.52
N LYS A 39 -26.95 -20.33 59.96
CA LYS A 39 -27.09 -19.96 58.57
C LYS A 39 -27.42 -18.47 58.52
N ASN A 40 -27.17 -17.85 57.38
CA ASN A 40 -27.28 -16.39 57.33
C ASN A 40 -28.64 -15.98 57.88
N THR A 41 -28.63 -15.17 58.95
CA THR A 41 -29.81 -14.63 59.62
C THR A 41 -30.62 -15.68 60.36
N ARG A 42 -30.26 -16.96 60.27
CA ARG A 42 -31.02 -18.06 60.87
C ARG A 42 -30.15 -18.80 61.89
N LEU A 43 -30.71 -19.08 63.06
CA LEU A 43 -30.08 -19.91 64.08
C LEU A 43 -30.89 -21.19 64.28
N GLU A 44 -30.23 -22.34 64.13
CA GLU A 44 -30.85 -23.66 64.32
C GLU A 44 -30.26 -24.30 65.58
N ILE A 45 -31.13 -24.79 66.46
CA ILE A 45 -30.73 -25.41 67.71
C ILE A 45 -31.09 -26.90 67.64
N TYR A 46 -30.11 -27.77 67.87
CA TYR A 46 -30.32 -29.21 67.86
C TYR A 46 -29.87 -29.80 69.19
N VAL A 47 -30.34 -31.02 69.47
CA VAL A 47 -29.87 -31.80 70.61
C VAL A 47 -29.29 -33.10 70.09
N VAL A 48 -28.10 -33.45 70.57
CA VAL A 48 -27.35 -34.58 70.05
C VAL A 48 -27.89 -35.88 70.65
N THR A 49 -28.17 -36.84 69.79
CA THR A 49 -28.64 -38.17 70.18
C THR A 49 -27.64 -39.22 69.71
N ALA A 50 -27.95 -40.49 69.95
CA ALA A 50 -27.09 -41.56 69.46
C ALA A 50 -27.30 -41.88 67.98
N GLU A 51 -28.38 -41.41 67.36
CA GLU A 51 -28.61 -41.67 65.95
C GLU A 51 -28.30 -40.47 65.08
N GLY A 52 -28.44 -39.27 65.63
CA GLY A 52 -28.29 -38.04 64.87
C GLY A 52 -28.73 -36.87 65.72
N LEU A 53 -29.38 -35.90 65.09
CA LEU A 53 -29.77 -34.66 65.75
C LEU A 53 -31.27 -34.58 65.90
N ARG A 54 -31.72 -34.14 67.07
CA ARG A 54 -33.13 -33.88 67.28
C ARG A 54 -33.33 -32.36 67.21
N PRO A 55 -34.02 -31.83 66.21
CA PRO A 55 -34.26 -30.38 66.21
C PRO A 55 -35.19 -29.99 67.35
N VAL A 56 -34.94 -28.80 67.91
CA VAL A 56 -35.73 -28.34 69.05
C VAL A 56 -36.28 -26.94 68.79
N LYS A 57 -35.51 -26.07 68.13
CA LYS A 57 -35.93 -24.69 67.96
C LYS A 57 -35.17 -24.02 66.83
N GLU A 58 -35.86 -23.14 66.08
CA GLU A 58 -35.22 -22.28 65.10
C GLU A 58 -35.74 -20.86 65.23
N VAL A 59 -34.84 -19.88 65.26
CA VAL A 59 -35.22 -18.48 65.30
C VAL A 59 -34.55 -17.75 64.15
N GLY A 60 -35.18 -16.68 63.70
CA GLY A 60 -34.55 -15.72 62.81
C GLY A 60 -34.12 -14.50 63.59
N MET A 61 -33.04 -13.88 63.13
CA MET A 61 -32.54 -12.65 63.72
C MET A 61 -32.51 -11.57 62.64
N TYR A 62 -32.71 -10.32 63.04
CA TYR A 62 -32.72 -9.22 62.10
C TYR A 62 -31.27 -8.75 61.89
N GLY A 63 -30.49 -9.66 61.30
CA GLY A 63 -29.08 -9.42 61.10
C GLY A 63 -28.34 -10.66 60.64
N LYS A 64 -27.23 -10.46 59.92
CA LYS A 64 -26.34 -11.55 59.55
C LYS A 64 -25.51 -11.95 60.75
N ILE A 65 -25.52 -13.24 61.08
CA ILE A 65 -24.81 -13.73 62.26
C ILE A 65 -23.32 -13.77 61.93
N ALA A 66 -22.55 -12.88 62.57
CA ALA A 66 -21.11 -12.81 62.36
C ALA A 66 -20.33 -13.59 63.41
N VAL A 67 -20.68 -13.43 64.68
CA VAL A 67 -20.05 -14.14 65.78
C VAL A 67 -21.11 -14.98 66.47
N MET A 68 -20.75 -16.22 66.81
CA MET A 68 -21.63 -17.11 67.55
C MET A 68 -20.79 -17.97 68.49
N GLU A 69 -21.00 -17.82 69.79
CA GLU A 69 -20.20 -18.52 70.78
C GLU A 69 -21.02 -18.82 72.02
N LEU A 70 -20.75 -19.97 72.63
CA LEU A 70 -21.37 -20.39 73.88
C LEU A 70 -20.38 -20.28 75.04
N PHE A 71 -20.86 -19.81 76.19
CA PHE A 71 -20.05 -19.65 77.38
C PHE A 71 -20.93 -19.83 78.61
N ARG A 72 -20.30 -20.09 79.76
CA ARG A 72 -21.03 -20.31 81.00
C ARG A 72 -20.37 -19.57 82.16
N PRO A 73 -20.85 -18.37 82.48
CA PRO A 73 -20.21 -17.62 83.58
C PRO A 73 -20.55 -18.23 84.94
N LYS A 74 -19.63 -18.07 85.88
CA LYS A 74 -19.85 -18.57 87.23
C LYS A 74 -21.18 -18.05 87.77
N GLY A 75 -21.99 -18.97 88.28
CA GLY A 75 -23.31 -18.68 88.78
C GLY A 75 -24.43 -19.11 87.85
N GLU A 76 -24.12 -19.35 86.58
CA GLU A 76 -25.11 -19.84 85.63
C GLU A 76 -25.10 -21.36 85.65
N SER A 77 -26.28 -21.96 85.47
CA SER A 77 -26.38 -23.42 85.41
C SER A 77 -26.01 -23.96 84.03
N LYS A 78 -26.22 -23.15 82.98
CA LYS A 78 -26.11 -23.63 81.62
C LYS A 78 -25.50 -22.54 80.75
N ASP A 79 -25.10 -22.92 79.54
CA ASP A 79 -24.38 -22.00 78.66
C ASP A 79 -25.29 -20.88 78.18
N LEU A 80 -24.70 -19.71 78.05
CA LEU A 80 -25.34 -18.57 77.40
C LEU A 80 -24.75 -18.41 76.00
N LEU A 81 -25.51 -17.75 75.14
CA LEU A 81 -25.14 -17.60 73.74
C LEU A 81 -24.83 -16.14 73.45
N PHE A 82 -23.66 -15.88 72.88
CA PHE A 82 -23.32 -14.56 72.40
C PHE A 82 -23.42 -14.55 70.87
N ILE A 83 -24.04 -13.50 70.35
CA ILE A 83 -24.13 -13.31 68.90
C ILE A 83 -23.88 -11.83 68.61
N LEU A 84 -23.10 -11.57 67.57
CA LEU A 84 -22.85 -10.23 67.06
C LEU A 84 -23.24 -10.25 65.59
N THR A 85 -24.03 -9.26 65.16
CA THR A 85 -24.43 -9.25 63.77
C THR A 85 -23.40 -8.43 62.97
N ALA A 86 -23.48 -8.55 61.65
CA ALA A 86 -22.53 -7.85 60.80
C ALA A 86 -22.72 -6.34 60.85
N LYS A 87 -23.88 -5.85 61.27
CA LYS A 87 -24.09 -4.42 61.49
C LYS A 87 -23.74 -4.00 62.92
N TYR A 88 -23.09 -4.90 63.66
CA TYR A 88 -22.54 -4.65 64.99
C TYR A 88 -23.62 -4.63 66.06
N ASN A 89 -24.69 -5.38 65.86
CA ASN A 89 -25.69 -5.58 66.91
C ASN A 89 -25.23 -6.74 67.78
N ALA A 90 -24.96 -6.46 69.06
CA ALA A 90 -24.52 -7.47 70.01
C ALA A 90 -25.63 -7.82 70.98
N CYS A 91 -25.62 -9.07 71.44
CA CYS A 91 -26.62 -9.53 72.42
C CYS A 91 -26.15 -10.82 73.08
N ILE A 92 -26.67 -11.06 74.28
CA ILE A 92 -26.49 -12.31 74.99
C ILE A 92 -27.87 -12.96 75.16
N LEU A 93 -27.96 -14.23 74.79
CA LEU A 93 -29.24 -14.92 74.69
C LEU A 93 -29.29 -16.11 75.66
N GLU A 94 -30.51 -16.40 76.14
CA GLU A 94 -30.76 -17.55 77.00
C GLU A 94 -31.96 -18.35 76.50
N TYR A 95 -31.81 -19.68 76.53
CA TYR A 95 -32.90 -20.61 76.24
C TYR A 95 -33.73 -20.86 77.50
N LYS A 96 -35.05 -20.74 77.37
CA LYS A 96 -35.98 -20.99 78.47
C LYS A 96 -37.17 -21.76 77.93
N GLN A 97 -37.55 -22.83 78.65
CA GLN A 97 -38.63 -23.71 78.21
C GLN A 97 -39.59 -23.91 79.37
N SER A 98 -40.89 -23.70 79.11
CA SER A 98 -41.93 -23.85 80.10
C SER A 98 -42.85 -24.94 79.57
N GLY A 99 -42.53 -26.19 79.87
CA GLY A 99 -43.33 -27.26 79.30
C GLY A 99 -43.17 -27.24 77.80
N GLU A 100 -44.30 -27.00 77.13
CA GLU A 100 -44.36 -26.99 75.67
C GLU A 100 -43.94 -25.65 75.06
N SER A 101 -43.82 -24.58 75.86
CA SER A 101 -43.54 -23.24 75.36
C SER A 101 -42.04 -22.99 75.35
N ILE A 102 -41.45 -22.80 74.17
CA ILE A 102 -40.04 -22.52 74.01
C ILE A 102 -39.87 -21.09 73.51
N ASP A 103 -39.05 -20.30 74.22
CA ASP A 103 -38.74 -18.93 73.83
C ASP A 103 -37.27 -18.62 74.08
N ILE A 104 -36.78 -17.54 73.45
CA ILE A 104 -35.39 -17.11 73.59
C ILE A 104 -35.32 -15.75 74.29
N ILE A 105 -34.55 -15.70 75.38
CA ILE A 105 -34.46 -14.52 76.23
C ILE A 105 -33.29 -13.65 75.76
N THR A 106 -33.53 -12.34 75.66
CA THR A 106 -32.46 -11.39 75.39
C THR A 106 -31.98 -10.85 76.73
N ARG A 107 -30.83 -11.34 77.20
CA ARG A 107 -30.34 -10.96 78.52
C ARG A 107 -29.61 -9.61 78.49
N ALA A 108 -28.87 -9.32 77.42
CA ALA A 108 -28.14 -8.08 77.26
C ALA A 108 -28.06 -7.78 75.78
N HIS A 109 -27.99 -6.48 75.43
CA HIS A 109 -27.92 -6.12 74.03
C HIS A 109 -27.43 -4.70 73.84
N GLY A 110 -26.87 -4.46 72.66
CA GLY A 110 -26.42 -3.14 72.28
C GLY A 110 -25.67 -3.20 70.97
N ASN A 111 -25.43 -2.01 70.41
CA ASN A 111 -24.71 -1.86 69.14
C ASN A 111 -23.33 -1.30 69.44
N VAL A 112 -22.30 -2.02 68.99
CA VAL A 112 -20.93 -1.74 69.37
C VAL A 112 -20.15 -1.04 68.26
N GLN A 113 -20.85 -0.44 67.30
CA GLN A 113 -20.19 0.23 66.20
C GLN A 113 -19.47 1.49 66.68
N ASP A 114 -18.27 1.73 66.16
CA ASP A 114 -17.50 2.92 66.45
C ASP A 114 -17.72 3.97 65.37
N ARG A 115 -17.76 5.24 65.79
CA ARG A 115 -17.89 6.34 64.84
C ARG A 115 -16.75 6.35 63.83
N ILE A 116 -15.53 6.10 64.30
CA ILE A 116 -14.32 6.17 63.48
C ILE A 116 -13.57 4.85 63.64
N GLY A 117 -13.35 4.16 62.53
CA GLY A 117 -12.58 2.94 62.51
C GLY A 117 -12.47 2.33 61.13
N ARG A 118 -11.39 1.57 60.89
CA ARG A 118 -11.21 0.92 59.60
C ARG A 118 -11.56 -0.56 59.70
N PRO A 119 -12.60 -1.03 59.01
CA PRO A 119 -12.92 -2.47 59.06
C PRO A 119 -11.76 -3.34 58.60
N SER A 120 -11.53 -4.43 59.34
CA SER A 120 -10.36 -5.28 59.13
C SER A 120 -10.53 -6.21 57.94
N GLU A 121 -9.39 -6.59 57.34
CA GLU A 121 -9.38 -7.48 56.18
C GLU A 121 -9.91 -8.86 56.55
N THR A 122 -9.42 -9.42 57.64
CA THR A 122 -9.84 -10.77 58.06
C THR A 122 -11.17 -10.76 58.77
N GLY A 123 -11.91 -9.66 58.71
CA GLY A 123 -13.29 -9.64 59.14
C GLY A 123 -13.43 -9.55 60.64
N ILE A 124 -14.69 -9.55 61.08
CA ILE A 124 -14.99 -9.53 62.51
C ILE A 124 -14.52 -10.85 63.12
N ILE A 125 -13.80 -10.75 64.23
CA ILE A 125 -13.43 -11.91 65.04
C ILE A 125 -14.01 -11.68 66.43
N GLY A 126 -14.62 -12.72 66.99
CA GLY A 126 -15.12 -12.66 68.35
C GLY A 126 -14.67 -13.86 69.17
N ILE A 127 -14.12 -13.61 70.35
CA ILE A 127 -13.61 -14.66 71.22
C ILE A 127 -14.03 -14.33 72.65
N ILE A 128 -14.08 -15.36 73.49
CA ILE A 128 -14.46 -15.20 74.89
C ILE A 128 -13.43 -15.88 75.79
N ASP A 129 -13.14 -15.22 76.90
CA ASP A 129 -12.17 -15.66 77.89
C ASP A 129 -12.53 -17.03 78.46
N PRO A 130 -11.54 -17.88 78.76
CA PRO A 130 -11.87 -19.16 79.39
C PRO A 130 -12.54 -19.00 80.75
N GLU A 131 -12.23 -17.94 81.50
CA GLU A 131 -12.94 -17.67 82.74
C GLU A 131 -14.17 -16.80 82.51
N CYS A 132 -14.57 -16.60 81.25
CA CYS A 132 -15.76 -15.82 80.90
C CYS A 132 -15.77 -14.49 81.64
N ARG A 133 -14.61 -13.82 81.68
CA ARG A 133 -14.54 -12.50 82.28
C ARG A 133 -14.83 -11.40 81.27
N MET A 134 -14.60 -11.65 79.98
CA MET A 134 -14.79 -10.62 78.97
C MET A 134 -15.00 -11.26 77.60
N ILE A 135 -15.59 -10.48 76.69
CA ILE A 135 -15.70 -10.81 75.29
C ILE A 135 -14.73 -9.94 74.50
N GLY A 136 -13.86 -10.56 73.72
CA GLY A 136 -12.96 -9.83 72.84
C GLY A 136 -13.52 -9.72 71.44
N LEU A 137 -13.43 -8.52 70.88
CA LEU A 137 -13.90 -8.27 69.51
C LEU A 137 -12.79 -7.59 68.72
N ARG A 138 -12.53 -8.10 67.52
CA ARG A 138 -11.63 -7.45 66.55
C ARG A 138 -12.50 -6.96 65.40
N LEU A 139 -12.92 -5.70 65.47
CA LEU A 139 -13.76 -5.09 64.46
C LEU A 139 -12.98 -4.18 63.52
N TYR A 140 -12.00 -3.44 64.03
CA TYR A 140 -11.29 -2.44 63.24
C TYR A 140 -9.78 -2.63 63.38
N ASP A 141 -9.08 -2.27 62.30
CA ASP A 141 -7.62 -2.27 62.34
C ASP A 141 -7.13 -1.37 63.46
N GLY A 142 -6.12 -1.86 64.19
CA GLY A 142 -5.49 -1.06 65.22
C GLY A 142 -6.25 -0.93 66.51
N LEU A 143 -7.39 -1.60 66.66
CA LEU A 143 -8.18 -1.51 67.87
C LEU A 143 -8.66 -2.88 68.34
N PHE A 144 -8.65 -3.08 69.66
CA PHE A 144 -9.21 -4.27 70.31
C PHE A 144 -10.31 -3.79 71.25
N LYS A 145 -11.54 -4.27 71.04
CA LYS A 145 -12.68 -3.86 71.85
C LYS A 145 -12.99 -4.92 72.89
N VAL A 146 -13.21 -4.49 74.12
CA VAL A 146 -13.46 -5.38 75.25
C VAL A 146 -14.84 -5.08 75.80
N ILE A 147 -15.71 -6.08 75.80
CA ILE A 147 -16.97 -6.04 76.53
C ILE A 147 -16.77 -6.87 77.83
N PRO A 148 -16.63 -6.23 78.98
CA PRO A 148 -16.48 -7.01 80.21
C PRO A 148 -17.80 -7.67 80.61
N LEU A 149 -17.72 -8.94 81.01
CA LEU A 149 -18.91 -9.70 81.36
C LEU A 149 -19.23 -9.62 82.86
N ASP A 150 -19.53 -8.41 83.30
CA ASP A 150 -20.06 -8.22 84.65
C ASP A 150 -21.59 -8.28 84.62
N ARG A 151 -22.17 -8.62 85.77
CA ARG A 151 -23.63 -8.75 85.88
C ARG A 151 -24.36 -7.48 85.47
N ASP A 152 -23.74 -6.32 85.66
CA ASP A 152 -24.45 -5.06 85.48
C ASP A 152 -24.45 -4.57 84.03
N ASN A 153 -23.62 -5.16 83.17
CA ASN A 153 -23.45 -4.66 81.81
C ASN A 153 -24.55 -5.21 80.90
N LYS A 154 -25.78 -4.79 81.20
CA LYS A 154 -26.91 -5.26 80.40
C LYS A 154 -26.96 -4.60 79.03
N GLU A 155 -26.26 -3.46 78.87
CA GLU A 155 -26.20 -2.77 77.60
C GLU A 155 -24.97 -3.12 76.79
N LEU A 156 -24.11 -4.00 77.30
CA LEU A 156 -22.89 -4.40 76.62
C LEU A 156 -22.03 -3.18 76.26
N LYS A 157 -21.84 -2.28 77.23
CA LYS A 157 -20.94 -1.16 77.04
C LYS A 157 -19.51 -1.68 76.96
N ALA A 158 -18.67 -0.98 76.18
CA ALA A 158 -17.33 -1.48 75.93
C ALA A 158 -16.36 -0.33 75.69
N PHE A 159 -15.07 -0.68 75.77
CA PHE A 159 -13.96 0.24 75.56
C PHE A 159 -12.96 -0.38 74.60
N ASN A 160 -12.17 0.48 73.96
CA ASN A 160 -11.15 0.07 73.02
C ASN A 160 -9.77 0.22 73.65
N ILE A 161 -8.89 -0.74 73.34
CA ILE A 161 -7.49 -0.69 73.71
C ILE A 161 -6.68 -0.49 72.44
N ARG A 162 -5.83 0.54 72.42
CA ARG A 162 -4.98 0.74 71.26
C ARG A 162 -4.11 -0.49 71.03
N LEU A 163 -4.04 -0.94 69.78
CA LEU A 163 -3.26 -2.11 69.39
C LEU A 163 -2.24 -1.65 68.36
N GLU A 164 -0.97 -1.82 68.68
CA GLU A 164 0.08 -1.36 67.79
C GLU A 164 0.07 -2.12 66.46
N GLU A 165 -0.21 -3.42 66.52
CA GLU A 165 -0.17 -4.27 65.33
C GLU A 165 -1.45 -4.07 64.52
N LEU A 166 -1.32 -3.38 63.37
CA LEU A 166 -2.51 -2.95 62.64
C LEU A 166 -3.19 -4.10 61.91
N HIS A 167 -2.41 -5.01 61.33
CA HIS A 167 -2.94 -6.07 60.48
C HIS A 167 -2.88 -7.41 61.21
N VAL A 168 -4.00 -7.77 61.85
CA VAL A 168 -4.11 -9.00 62.61
C VAL A 168 -4.80 -10.05 61.75
N ILE A 169 -4.24 -11.26 61.77
CA ILE A 169 -4.79 -12.38 61.01
C ILE A 169 -5.84 -13.13 61.83
N ASP A 170 -5.47 -13.54 63.04
CA ASP A 170 -6.39 -14.27 63.91
C ASP A 170 -5.95 -14.11 65.35
N VAL A 171 -6.91 -14.24 66.28
CA VAL A 171 -6.63 -14.10 67.70
C VAL A 171 -7.51 -15.07 68.47
N LYS A 172 -6.99 -15.56 69.58
CA LYS A 172 -7.70 -16.42 70.51
C LYS A 172 -7.28 -16.07 71.93
N PHE A 173 -8.18 -16.25 72.89
CA PHE A 173 -7.79 -16.24 74.29
C PHE A 173 -7.07 -17.55 74.61
N LEU A 174 -6.05 -17.49 75.44
CA LEU A 174 -5.27 -18.65 75.80
C LEU A 174 -5.78 -19.28 77.10
N TYR A 175 -5.48 -20.56 77.27
CA TYR A 175 -5.76 -21.27 78.51
C TYR A 175 -4.52 -21.26 79.40
N GLY A 176 -4.75 -21.33 80.71
CA GLY A 176 -3.65 -21.52 81.64
C GLY A 176 -2.84 -20.30 81.99
N CYS A 177 -3.44 -19.12 81.95
CA CYS A 177 -2.71 -17.88 82.22
C CYS A 177 -3.19 -17.21 83.50
N GLN A 178 -2.23 -16.51 84.14
CA GLN A 178 -2.52 -15.83 85.40
C GLN A 178 -3.52 -14.70 85.22
N ALA A 179 -3.52 -14.07 84.04
CA ALA A 179 -4.45 -13.03 83.67
C ALA A 179 -5.04 -13.33 82.30
N PRO A 180 -6.16 -12.69 81.94
CA PRO A 180 -6.68 -12.86 80.56
C PRO A 180 -5.62 -12.52 79.52
N THR A 181 -5.29 -13.48 78.65
CA THR A 181 -4.19 -13.32 77.71
C THR A 181 -4.69 -13.64 76.30
N ILE A 182 -4.32 -12.80 75.34
CA ILE A 182 -4.62 -13.04 73.93
C ILE A 182 -3.35 -13.46 73.22
N CYS A 183 -3.50 -14.41 72.31
CA CYS A 183 -2.43 -14.85 71.40
C CYS A 183 -2.93 -14.61 69.99
N PHE A 184 -2.11 -13.97 69.16
CA PHE A 184 -2.56 -13.63 67.82
C PHE A 184 -1.40 -13.67 66.85
N VAL A 185 -1.74 -13.90 65.58
CA VAL A 185 -0.81 -13.77 64.47
C VAL A 185 -1.10 -12.46 63.76
N TYR A 186 -0.04 -11.71 63.45
CA TYR A 186 -0.18 -10.42 62.79
C TYR A 186 0.82 -10.32 61.66
N GLN A 187 0.58 -9.37 60.76
CA GLN A 187 1.43 -9.16 59.60
C GLN A 187 1.93 -7.72 59.54
N ASP A 188 3.22 -7.56 59.31
CA ASP A 188 3.86 -6.26 59.05
C ASP A 188 4.82 -6.49 57.88
N PRO A 189 5.58 -5.49 57.44
CA PRO A 189 6.42 -5.69 56.25
C PRO A 189 7.44 -6.80 56.40
N GLN A 190 7.80 -7.17 57.63
CA GLN A 190 8.84 -8.15 57.84
C GLN A 190 8.33 -9.59 57.83
N GLY A 191 7.05 -9.80 57.52
CA GLY A 191 6.48 -11.13 57.55
C GLY A 191 5.38 -11.27 58.57
N ARG A 192 5.07 -12.50 58.98
CA ARG A 192 4.07 -12.77 60.00
C ARG A 192 4.73 -13.25 61.28
N HIS A 193 4.10 -12.89 62.39
CA HIS A 193 4.63 -13.12 63.72
C HIS A 193 3.49 -13.61 64.60
N VAL A 194 3.87 -14.23 65.72
CA VAL A 194 2.93 -14.58 66.78
C VAL A 194 3.38 -13.81 68.01
N LYS A 195 2.41 -13.25 68.74
CA LYS A 195 2.68 -12.33 69.84
C LYS A 195 1.58 -12.47 70.88
N THR A 196 1.90 -12.13 72.13
CA THR A 196 0.94 -12.20 73.22
C THR A 196 0.83 -10.89 73.98
N TYR A 197 -0.36 -10.66 74.53
CA TYR A 197 -0.64 -9.57 75.46
C TYR A 197 -1.50 -10.08 76.61
N GLU A 198 -1.47 -9.36 77.73
CA GLU A 198 -2.38 -9.55 78.84
C GLU A 198 -3.40 -8.41 78.83
N VAL A 199 -4.65 -8.71 79.17
CA VAL A 199 -5.75 -7.74 79.13
C VAL A 199 -6.14 -7.43 80.57
N SER A 200 -6.01 -6.16 80.97
CA SER A 200 -6.34 -5.72 82.33
C SER A 200 -7.64 -4.92 82.31
N LEU A 201 -8.71 -5.52 82.86
CA LEU A 201 -9.97 -4.80 82.98
C LEU A 201 -9.85 -3.62 83.94
N ARG A 202 -8.98 -3.72 84.93
CA ARG A 202 -8.82 -2.64 85.91
C ARG A 202 -8.13 -1.43 85.28
N GLU A 203 -7.04 -1.65 84.55
CA GLU A 203 -6.31 -0.57 83.90
C GLU A 203 -6.86 -0.20 82.52
N LYS A 204 -7.62 -1.09 81.88
CA LYS A 204 -8.16 -0.83 80.55
C LYS A 204 -7.04 -0.59 79.54
N GLU A 205 -6.06 -1.50 79.54
CA GLU A 205 -4.98 -1.49 78.57
C GLU A 205 -4.33 -2.86 78.52
N PHE A 206 -3.43 -3.03 77.55
CA PHE A 206 -2.62 -4.24 77.48
C PHE A 206 -1.38 -4.11 78.38
N ASN A 207 -0.96 -5.24 78.95
CA ASN A 207 0.32 -5.37 79.63
C ASN A 207 1.16 -6.40 78.88
N LYS A 208 2.46 -6.40 79.13
CA LYS A 208 3.35 -7.35 78.48
C LYS A 208 2.83 -8.78 78.63
N GLY A 209 2.89 -9.53 77.54
CA GLY A 209 2.34 -10.87 77.49
C GLY A 209 3.26 -11.95 78.00
N PRO A 210 2.72 -13.13 78.27
CA PRO A 210 3.52 -14.19 78.91
C PRO A 210 4.71 -14.69 78.10
N TRP A 211 4.65 -14.71 76.77
CA TRP A 211 5.83 -15.19 76.06
C TRP A 211 6.13 -14.37 74.82
N LYS A 212 7.40 -14.46 74.41
CA LYS A 212 7.93 -13.55 73.43
C LYS A 212 7.34 -13.80 72.05
N GLN A 213 7.50 -12.82 71.18
CA GLN A 213 7.10 -12.95 69.80
C GLN A 213 8.00 -13.96 69.09
N GLU A 214 7.42 -14.70 68.18
CA GLU A 214 8.12 -15.62 67.30
C GLU A 214 7.71 -15.36 65.85
N ASN A 215 8.68 -15.38 64.96
CA ASN A 215 8.39 -15.29 63.55
C ASN A 215 7.80 -16.61 63.07
N VAL A 216 6.72 -16.52 62.29
CA VAL A 216 5.97 -17.70 61.87
C VAL A 216 5.82 -17.67 60.35
N GLU A 217 5.31 -18.78 59.82
CA GLU A 217 5.10 -18.95 58.39
C GLU A 217 4.43 -17.73 57.78
N ALA A 218 4.81 -17.44 56.55
CA ALA A 218 4.27 -16.27 55.86
C ALA A 218 2.76 -16.34 55.67
N GLU A 219 2.21 -17.53 55.49
CA GLU A 219 0.77 -17.71 55.31
C GLU A 219 0.09 -18.32 56.53
N ALA A 220 0.65 -18.06 57.72
CA ALA A 220 0.00 -18.45 58.96
C ALA A 220 -1.43 -17.92 59.00
N SER A 221 -2.41 -18.83 59.12
CA SER A 221 -3.82 -18.49 58.97
C SER A 221 -4.64 -18.58 60.25
N MET A 222 -4.45 -19.61 61.07
CA MET A 222 -5.36 -19.85 62.18
C MET A 222 -4.60 -20.10 63.48
N VAL A 223 -5.22 -19.68 64.58
CA VAL A 223 -4.70 -19.84 65.93
C VAL A 223 -5.61 -20.82 66.65
N ILE A 224 -5.02 -21.88 67.22
CA ILE A 224 -5.73 -22.88 68.01
C ILE A 224 -5.28 -22.71 69.45
N ALA A 225 -6.24 -22.48 70.35
CA ALA A 225 -5.94 -22.31 71.77
C ALA A 225 -5.90 -23.69 72.42
N VAL A 226 -4.71 -24.12 72.82
CA VAL A 226 -4.54 -25.46 73.37
C VAL A 226 -5.03 -25.49 74.81
N PRO A 227 -5.67 -26.59 75.23
CA PRO A 227 -6.24 -26.63 76.59
C PRO A 227 -5.19 -26.72 77.68
N GLU A 228 -5.66 -26.68 78.93
CA GLU A 228 -4.77 -26.57 80.08
C GLU A 228 -3.70 -27.65 80.15
N PRO A 229 -3.98 -28.93 79.88
CA PRO A 229 -2.93 -29.95 80.08
C PRO A 229 -1.63 -29.63 79.37
N PHE A 230 -1.70 -29.07 78.16
CA PHE A 230 -0.53 -28.61 77.43
C PHE A 230 -0.32 -27.11 77.60
N GLY A 231 -1.38 -26.33 77.40
CA GLY A 231 -1.29 -24.88 77.40
C GLY A 231 -0.75 -24.39 76.07
N GLY A 232 -0.62 -23.07 75.96
CA GLY A 232 -0.02 -22.51 74.77
C GLY A 232 -0.97 -22.47 73.58
N ALA A 233 -0.37 -22.47 72.38
CA ALA A 233 -1.14 -22.33 71.15
C ALA A 233 -0.52 -23.12 70.00
N ILE A 234 -1.36 -23.44 69.01
CA ILE A 234 -0.94 -24.04 67.75
C ILE A 234 -1.27 -23.06 66.62
N ILE A 235 -0.35 -22.93 65.66
CA ILE A 235 -0.49 -22.02 64.52
C ILE A 235 -0.52 -22.87 63.25
N ILE A 236 -1.61 -22.76 62.49
CA ILE A 236 -1.81 -23.55 61.27
C ILE A 236 -1.48 -22.68 60.06
N GLY A 237 -0.66 -23.20 59.15
CA GLY A 237 -0.34 -22.48 57.93
C GLY A 237 -0.70 -23.21 56.65
N GLN A 238 0.00 -22.90 55.56
CA GLN A 238 -0.13 -23.64 54.31
C GLN A 238 0.76 -24.85 54.28
N GLU A 239 1.99 -24.75 54.82
CA GLU A 239 2.93 -25.85 54.80
C GLU A 239 3.21 -26.45 56.16
N SER A 240 3.03 -25.71 57.25
CA SER A 240 3.50 -26.19 58.54
C SER A 240 2.49 -25.93 59.65
N ILE A 241 2.60 -26.76 60.69
CA ILE A 241 1.87 -26.58 61.94
C ILE A 241 2.92 -26.47 63.05
N THR A 242 2.80 -25.45 63.87
CA THR A 242 3.77 -25.19 64.93
C THR A 242 3.05 -25.02 66.26
N TYR A 243 3.75 -25.37 67.34
CA TYR A 243 3.24 -25.19 68.70
C TYR A 243 4.17 -24.22 69.42
N HIS A 244 3.58 -23.25 70.11
CA HIS A 244 4.33 -22.23 70.81
C HIS A 244 3.86 -22.16 72.26
N ASN A 245 4.80 -22.06 73.19
CA ASN A 245 4.47 -21.83 74.60
C ASN A 245 5.73 -21.46 75.36
N GLY A 246 5.99 -20.16 75.48
CA GLY A 246 7.18 -19.70 76.18
C GLY A 246 8.45 -20.21 75.53
N ASP A 247 9.15 -21.12 76.22
CA ASP A 247 10.40 -21.67 75.71
C ASP A 247 10.18 -22.86 74.78
N LYS A 248 9.00 -23.48 74.79
CA LYS A 248 8.76 -24.67 73.98
C LYS A 248 8.39 -24.28 72.56
N TYR A 249 8.98 -24.97 71.59
CA TYR A 249 8.66 -24.73 70.19
C TYR A 249 8.72 -26.04 69.43
N LEU A 250 7.64 -26.37 68.72
CA LEU A 250 7.60 -27.52 67.83
C LEU A 250 7.14 -27.10 66.44
N ALA A 251 7.54 -27.87 65.44
CA ALA A 251 7.10 -27.62 64.07
C ALA A 251 7.05 -28.95 63.31
N ILE A 252 5.89 -29.29 62.78
CA ILE A 252 5.72 -30.41 61.87
C ILE A 252 5.28 -29.85 60.52
N ALA A 253 5.88 -30.34 59.44
CA ALA A 253 5.61 -29.85 58.09
C ALA A 253 5.40 -31.07 57.20
N PRO A 254 4.30 -31.79 57.39
CA PRO A 254 4.07 -33.00 56.59
C PRO A 254 3.65 -32.63 55.18
N PRO A 255 4.22 -33.27 54.16
CA PRO A 255 3.94 -32.86 52.77
C PRO A 255 2.48 -32.98 52.39
N ILE A 256 1.65 -33.68 53.17
CA ILE A 256 0.28 -33.94 52.74
C ILE A 256 -0.54 -32.66 52.79
N ILE A 257 -0.27 -31.80 53.78
CA ILE A 257 -1.09 -30.60 53.93
C ILE A 257 -0.71 -29.50 52.93
N LYS A 258 0.52 -29.49 52.40
CA LYS A 258 0.90 -28.46 51.43
C LYS A 258 -0.02 -28.46 50.22
N GLN A 259 -0.62 -29.60 49.91
CA GLN A 259 -1.43 -29.74 48.70
C GLN A 259 -2.69 -28.88 48.74
N SER A 260 -3.31 -28.72 49.90
CA SER A 260 -4.56 -27.97 49.98
C SER A 260 -4.61 -27.15 51.27
N THR A 261 -5.08 -25.91 51.13
CA THR A 261 -5.14 -24.99 52.24
C THR A 261 -6.13 -25.50 53.30
N ILE A 262 -5.71 -25.47 54.57
CA ILE A 262 -6.55 -25.88 55.69
C ILE A 262 -7.35 -24.68 56.18
N VAL A 263 -8.66 -24.85 56.33
CA VAL A 263 -9.53 -23.71 56.64
C VAL A 263 -10.30 -23.86 57.95
N CYS A 264 -10.48 -25.05 58.53
CA CYS A 264 -11.33 -25.17 59.71
C CYS A 264 -10.71 -26.10 60.76
N HIS A 265 -11.00 -25.80 62.03
CA HIS A 265 -10.45 -26.52 63.17
C HIS A 265 -11.50 -26.75 64.23
N ASN A 266 -11.35 -27.87 64.94
CA ASN A 266 -12.19 -28.20 66.08
C ASN A 266 -11.42 -29.14 67.01
N ARG A 267 -11.85 -29.20 68.27
CA ARG A 267 -11.19 -30.00 69.29
C ARG A 267 -11.96 -31.31 69.50
N VAL A 268 -11.25 -32.43 69.35
CA VAL A 268 -11.87 -33.74 69.54
C VAL A 268 -11.88 -34.11 71.02
N ASP A 269 -10.70 -34.04 71.65
CA ASP A 269 -10.54 -34.42 73.05
C ASP A 269 -10.46 -33.17 73.91
N PRO A 270 -11.34 -33.00 74.91
CA PRO A 270 -11.30 -31.76 75.71
C PRO A 270 -9.93 -31.39 76.26
N ASN A 271 -9.05 -32.35 76.50
CA ASN A 271 -7.71 -32.06 76.98
C ASN A 271 -6.75 -31.60 75.89
N GLY A 272 -7.15 -31.68 74.63
CA GLY A 272 -6.32 -31.21 73.54
C GLY A 272 -5.44 -32.26 72.90
N SER A 273 -5.59 -33.53 73.27
CA SER A 273 -4.74 -34.56 72.69
C SER A 273 -4.99 -34.70 71.20
N ARG A 274 -6.25 -34.57 70.78
CA ARG A 274 -6.65 -34.79 69.39
C ARG A 274 -7.46 -33.61 68.88
N TYR A 275 -7.14 -33.15 67.67
CA TYR A 275 -7.84 -32.06 67.00
C TYR A 275 -8.21 -32.45 65.57
N LEU A 276 -9.26 -31.83 65.03
CA LEU A 276 -9.68 -32.07 63.67
C LEU A 276 -9.38 -30.87 62.76
N LEU A 277 -8.90 -31.15 61.54
CA LEU A 277 -8.55 -30.14 60.55
C LEU A 277 -9.15 -30.52 59.20
N GLY A 278 -9.63 -29.51 58.47
CA GLY A 278 -10.15 -29.71 57.14
C GLY A 278 -9.53 -28.75 56.14
N ASP A 279 -9.54 -29.14 54.86
CA ASP A 279 -8.90 -28.34 53.83
C ASP A 279 -9.87 -28.11 52.68
N MET A 280 -9.49 -27.19 51.80
CA MET A 280 -10.38 -26.73 50.73
C MET A 280 -10.73 -27.84 49.75
N GLU A 281 -9.90 -28.89 49.63
CA GLU A 281 -10.21 -30.02 48.76
C GLU A 281 -11.14 -31.03 49.41
N GLY A 282 -11.60 -30.79 50.64
CA GLY A 282 -12.49 -31.68 51.35
C GLY A 282 -11.85 -32.75 52.20
N ARG A 283 -10.52 -32.77 52.32
CA ARG A 283 -9.87 -33.77 53.15
C ARG A 283 -9.98 -33.44 54.64
N LEU A 284 -10.22 -34.47 55.44
CA LEU A 284 -10.30 -34.36 56.89
C LEU A 284 -9.07 -35.01 57.52
N PHE A 285 -8.39 -34.25 58.38
CA PHE A 285 -7.19 -34.72 59.05
C PHE A 285 -7.44 -34.80 60.55
N MET A 286 -6.72 -35.70 61.21
CA MET A 286 -6.66 -35.77 62.67
C MET A 286 -5.29 -35.26 63.08
N LEU A 287 -5.27 -34.22 63.91
CA LEU A 287 -4.03 -33.70 64.48
C LEU A 287 -3.82 -34.37 65.83
N LEU A 288 -2.68 -35.02 66.01
CA LEU A 288 -2.40 -35.75 67.24
C LEU A 288 -1.35 -35.00 68.03
N LEU A 289 -1.65 -34.76 69.32
CA LEU A 289 -0.69 -34.16 70.23
C LEU A 289 -0.15 -35.27 71.13
N GLU A 290 1.12 -35.60 70.95
CA GLU A 290 1.76 -36.70 71.67
C GLU A 290 2.30 -36.19 73.00
N LYS A 291 1.85 -36.81 74.09
CA LYS A 291 2.23 -36.36 75.43
C LYS A 291 3.47 -37.09 75.94
N GLU A 292 4.22 -36.38 76.79
CA GLU A 292 5.37 -36.92 77.51
C GLU A 292 5.32 -36.42 78.95
N GLU A 293 5.13 -37.31 79.92
CA GLU A 293 5.10 -36.91 81.32
C GLU A 293 6.47 -37.11 81.97
N GLN A 294 6.96 -36.07 82.66
CA GLN A 294 8.23 -36.17 83.36
C GLN A 294 8.04 -36.69 84.78
N MET A 295 9.14 -37.20 85.36
CA MET A 295 9.10 -37.68 86.73
C MET A 295 8.66 -36.58 87.69
N ASP A 296 8.81 -35.32 87.26
CA ASP A 296 8.31 -34.18 88.01
C ASP A 296 6.80 -34.27 88.22
N GLY A 297 6.09 -35.00 87.38
CA GLY A 297 4.65 -34.97 87.37
C GLY A 297 4.04 -34.01 86.37
N THR A 298 4.86 -33.22 85.70
CA THR A 298 4.41 -32.23 84.72
C THR A 298 4.25 -32.86 83.34
N VAL A 299 3.13 -32.58 82.70
CA VAL A 299 2.86 -33.04 81.34
C VAL A 299 3.36 -32.00 80.33
N THR A 300 4.14 -32.44 79.36
CA THR A 300 4.65 -31.59 78.29
C THR A 300 4.20 -32.14 76.94
N LEU A 301 4.38 -31.31 75.91
CA LEU A 301 4.07 -31.72 74.54
C LEU A 301 5.34 -32.30 73.92
N LYS A 302 5.28 -33.57 73.51
CA LYS A 302 6.46 -34.22 72.96
C LYS A 302 6.58 -33.95 71.46
N ASP A 303 5.51 -34.15 70.72
CA ASP A 303 5.58 -34.03 69.27
C ASP A 303 4.17 -33.87 68.72
N LEU A 304 4.10 -33.45 67.45
CA LEU A 304 2.85 -33.35 66.71
C LEU A 304 2.89 -34.33 65.54
N ARG A 305 1.73 -34.89 65.23
CA ARG A 305 1.55 -35.83 64.13
C ARG A 305 0.26 -35.47 63.41
N VAL A 306 0.26 -35.65 62.10
CA VAL A 306 -0.94 -35.41 61.30
C VAL A 306 -1.28 -36.70 60.58
N GLU A 307 -2.55 -37.10 60.68
CA GLU A 307 -3.03 -38.33 60.05
C GLU A 307 -4.26 -38.02 59.21
N LEU A 308 -4.26 -38.52 57.97
CA LEU A 308 -5.38 -38.33 57.07
C LEU A 308 -6.49 -39.33 57.38
N LEU A 309 -7.69 -38.82 57.60
CA LEU A 309 -8.84 -39.65 57.93
C LEU A 309 -9.71 -40.02 56.73
N GLY A 310 -9.98 -39.08 55.85
CA GLY A 310 -10.82 -39.34 54.71
C GLY A 310 -11.28 -38.03 54.08
N GLU A 311 -12.41 -38.09 53.39
CA GLU A 311 -12.92 -36.95 52.65
C GLU A 311 -14.31 -36.59 53.17
N THR A 312 -14.52 -35.30 53.39
CA THR A 312 -15.81 -34.73 53.72
C THR A 312 -16.13 -33.67 52.66
N SER A 313 -17.31 -33.06 52.79
CA SER A 313 -17.58 -31.89 51.99
C SER A 313 -16.67 -30.75 52.42
N ILE A 314 -16.33 -29.89 51.45
CA ILE A 314 -15.55 -28.69 51.80
C ILE A 314 -16.33 -27.96 52.89
N ALA A 315 -15.71 -27.79 54.05
CA ALA A 315 -16.44 -27.40 55.26
C ALA A 315 -16.01 -26.03 55.76
N GLU A 316 -17.01 -25.16 55.98
CA GLU A 316 -16.73 -23.90 56.66
C GLU A 316 -16.47 -24.11 58.14
N CYS A 317 -17.23 -25.00 58.78
CA CYS A 317 -17.04 -25.26 60.20
C CYS A 317 -17.07 -26.77 60.42
N LEU A 318 -16.21 -27.26 61.29
CA LEU A 318 -16.32 -28.61 61.81
C LEU A 318 -16.70 -28.52 63.28
N THR A 319 -17.46 -29.50 63.74
CA THR A 319 -17.68 -29.66 65.18
C THR A 319 -17.86 -31.14 65.46
N TYR A 320 -17.00 -31.69 66.32
CA TYR A 320 -17.14 -33.04 66.82
C TYR A 320 -18.27 -33.07 67.83
N LEU A 321 -19.13 -34.07 67.72
CA LEU A 321 -20.25 -34.16 68.64
C LEU A 321 -20.00 -35.18 69.72
N ASP A 322 -20.07 -36.47 69.40
CA ASP A 322 -19.83 -37.47 70.42
C ASP A 322 -19.60 -38.82 69.75
N ASN A 323 -18.95 -39.72 70.47
CA ASN A 323 -18.70 -41.07 69.98
C ASN A 323 -17.82 -40.87 68.75
N GLY A 324 -18.20 -41.38 67.58
CA GLY A 324 -17.48 -41.13 66.35
C GLY A 324 -18.13 -40.12 65.43
N VAL A 325 -19.09 -39.33 65.91
CA VAL A 325 -19.89 -38.48 65.05
C VAL A 325 -19.36 -37.05 65.02
N VAL A 326 -19.22 -36.53 63.80
CA VAL A 326 -18.75 -35.18 63.52
C VAL A 326 -19.79 -34.52 62.61
N PHE A 327 -20.12 -33.25 62.90
CA PHE A 327 -20.94 -32.48 61.99
C PHE A 327 -20.05 -31.65 61.06
N VAL A 328 -20.29 -31.74 59.76
CA VAL A 328 -19.53 -31.02 58.74
C VAL A 328 -20.44 -29.91 58.22
N GLY A 329 -20.11 -28.64 58.52
CA GLY A 329 -20.88 -27.50 58.07
C GLY A 329 -20.27 -26.93 56.79
N SER A 330 -21.05 -27.02 55.73
CA SER A 330 -20.56 -26.66 54.40
C SER A 330 -21.32 -25.47 53.84
N ARG A 331 -20.57 -24.51 53.31
CA ARG A 331 -21.07 -23.34 52.60
C ARG A 331 -21.05 -23.48 51.09
N LEU A 332 -20.10 -24.25 50.56
CA LEU A 332 -19.95 -24.46 49.14
C LEU A 332 -20.62 -25.74 48.66
N GLY A 333 -20.96 -26.64 49.58
CA GLY A 333 -21.61 -27.88 49.27
C GLY A 333 -22.57 -28.31 50.36
N ASP A 334 -23.14 -29.51 50.22
CA ASP A 334 -24.05 -30.02 51.23
C ASP A 334 -23.31 -30.31 52.52
N SER A 335 -23.94 -29.99 53.64
CA SER A 335 -23.37 -30.27 54.96
C SER A 335 -23.61 -31.74 55.32
N GLN A 336 -22.92 -32.20 56.37
CA GLN A 336 -22.99 -33.63 56.64
C GLN A 336 -22.82 -34.00 58.11
N LEU A 337 -23.34 -35.19 58.43
CA LEU A 337 -22.91 -35.99 59.57
C LEU A 337 -22.10 -37.17 59.03
N VAL A 338 -20.90 -37.37 59.60
CA VAL A 338 -20.03 -38.47 59.21
C VAL A 338 -19.57 -39.16 60.48
N LYS A 339 -19.31 -40.46 60.40
CA LYS A 339 -18.79 -41.20 61.55
C LYS A 339 -17.33 -41.58 61.32
N LEU A 340 -16.48 -41.28 62.30
CA LEU A 340 -15.08 -41.66 62.27
C LEU A 340 -14.93 -43.03 62.94
N ASN A 341 -14.37 -43.98 62.21
CA ASN A 341 -14.19 -45.34 62.71
C ASN A 341 -12.73 -45.53 63.13
N VAL A 342 -12.53 -46.40 64.10
CA VAL A 342 -11.16 -46.73 64.52
C VAL A 342 -10.46 -47.55 63.45
N ASP A 343 -11.19 -48.45 62.81
CA ASP A 343 -10.66 -49.26 61.73
C ASP A 343 -11.04 -48.63 60.40
N SER A 344 -10.08 -48.61 59.49
CA SER A 344 -10.31 -48.12 58.14
C SER A 344 -11.13 -49.12 57.34
N ASN A 345 -11.81 -48.62 56.31
CA ASN A 345 -12.54 -49.51 55.42
C ASN A 345 -11.55 -50.03 54.38
N GLU A 346 -12.03 -50.84 53.43
CA GLU A 346 -11.12 -51.47 52.47
C GLU A 346 -10.46 -50.48 51.52
N GLN A 347 -10.94 -49.26 51.42
CA GLN A 347 -10.32 -48.24 50.58
C GLN A 347 -9.29 -47.42 51.33
N GLY A 348 -9.11 -47.67 52.63
CA GLY A 348 -8.21 -46.92 53.46
C GLY A 348 -8.82 -45.75 54.21
N SER A 349 -10.13 -45.55 54.10
CA SER A 349 -10.78 -44.41 54.72
C SER A 349 -11.37 -44.77 56.08
N TYR A 350 -11.26 -43.83 57.02
CA TYR A 350 -11.89 -43.97 58.32
C TYR A 350 -13.20 -43.21 58.41
N VAL A 351 -13.62 -42.54 57.33
CA VAL A 351 -14.77 -41.65 57.34
C VAL A 351 -15.87 -42.28 56.49
N VAL A 352 -17.06 -42.40 57.05
CA VAL A 352 -18.22 -42.94 56.36
C VAL A 352 -19.38 -42.00 56.59
N ALA A 353 -20.01 -41.55 55.51
CA ALA A 353 -21.10 -40.58 55.60
C ALA A 353 -22.34 -41.21 56.23
N MET A 354 -22.98 -40.46 57.12
CA MET A 354 -24.25 -40.87 57.71
C MET A 354 -25.45 -40.19 57.04
N GLU A 355 -25.54 -38.86 57.16
CA GLU A 355 -26.66 -38.10 56.63
C GLU A 355 -26.13 -36.95 55.78
N THR A 356 -26.97 -36.49 54.87
CA THR A 356 -26.61 -35.38 53.98
C THR A 356 -27.72 -34.34 54.03
N PHE A 357 -27.32 -33.10 54.34
CA PHE A 357 -28.22 -31.98 54.52
C PHE A 357 -28.13 -31.08 53.30
N THR A 358 -29.25 -30.89 52.61
CA THR A 358 -29.24 -30.12 51.37
C THR A 358 -28.74 -28.69 51.61
N ASN A 359 -27.76 -28.30 50.80
CA ASN A 359 -27.29 -26.92 50.72
C ASN A 359 -27.34 -26.52 49.25
N LEU A 360 -28.20 -25.56 48.92
CA LEU A 360 -28.22 -25.08 47.53
C LEU A 360 -26.92 -24.40 47.14
N GLY A 361 -25.97 -24.26 48.06
CA GLY A 361 -24.64 -23.77 47.77
C GLY A 361 -24.73 -22.39 47.17
N PRO A 362 -23.60 -21.91 46.65
CA PRO A 362 -23.66 -20.69 45.84
C PRO A 362 -24.49 -20.93 44.58
N ILE A 363 -25.49 -20.08 44.36
CA ILE A 363 -26.32 -20.18 43.16
C ILE A 363 -25.73 -19.20 42.17
N VAL A 364 -24.80 -19.69 41.33
CA VAL A 364 -24.13 -18.80 40.38
C VAL A 364 -25.10 -18.33 39.30
N ASP A 365 -25.93 -19.24 38.78
CA ASP A 365 -26.91 -18.89 37.77
C ASP A 365 -28.09 -19.83 37.93
N MET A 366 -29.21 -19.50 37.28
CA MET A 366 -30.36 -20.38 37.30
C MET A 366 -31.34 -19.95 36.22
N CYS A 367 -32.18 -20.90 35.82
CA CYS A 367 -33.23 -20.64 34.83
C CYS A 367 -34.51 -21.29 35.30
N VAL A 368 -35.64 -20.65 34.98
CA VAL A 368 -36.95 -21.21 35.28
C VAL A 368 -37.50 -21.74 33.96
N VAL A 369 -37.83 -23.03 33.93
CA VAL A 369 -38.35 -23.69 32.74
C VAL A 369 -39.39 -24.70 33.19
N ASP A 370 -40.48 -24.79 32.42
CA ASP A 370 -41.57 -25.71 32.69
C ASP A 370 -41.25 -27.06 32.03
N LEU A 371 -40.42 -27.84 32.73
CA LEU A 371 -40.04 -29.17 32.24
C LEU A 371 -41.21 -30.14 32.24
N GLU A 372 -42.05 -30.08 33.26
CA GLU A 372 -43.18 -31.00 33.37
C GLU A 372 -44.22 -30.75 32.28
N ARG A 373 -44.31 -29.53 31.77
CA ARG A 373 -45.33 -29.06 30.81
C ARG A 373 -46.67 -28.88 31.50
N GLN A 374 -46.67 -28.97 32.83
CA GLN A 374 -47.84 -28.73 33.67
C GLN A 374 -48.15 -27.26 33.86
N GLY A 375 -47.30 -26.37 33.39
CA GLY A 375 -47.45 -24.96 33.64
C GLY A 375 -46.89 -24.52 34.98
N GLN A 376 -46.34 -25.45 35.75
CA GLN A 376 -45.91 -25.16 37.12
C GLN A 376 -44.64 -24.33 37.11
N GLY A 377 -43.58 -24.89 36.55
CA GLY A 377 -42.30 -24.23 36.50
C GLY A 377 -41.31 -24.87 37.46
N GLN A 378 -40.17 -25.27 36.92
CA GLN A 378 -39.07 -25.86 37.68
C GLN A 378 -37.85 -24.97 37.58
N LEU A 379 -37.15 -24.88 38.69
CA LEU A 379 -35.96 -24.05 38.79
C LEU A 379 -34.74 -24.96 38.81
N VAL A 380 -33.92 -24.85 37.77
CA VAL A 380 -32.66 -25.56 37.66
C VAL A 380 -31.58 -24.54 37.99
N THR A 381 -30.81 -24.81 39.04
CA THR A 381 -29.84 -23.86 39.54
C THR A 381 -28.44 -24.40 39.37
N CYS A 382 -27.49 -23.51 39.05
CA CYS A 382 -26.08 -23.85 39.12
C CYS A 382 -25.63 -23.65 40.55
N SER A 383 -25.39 -24.75 41.27
CA SER A 383 -25.15 -24.71 42.69
C SER A 383 -23.83 -25.40 43.03
N GLY A 384 -23.18 -24.89 44.07
CA GLY A 384 -21.96 -25.46 44.56
C GLY A 384 -20.73 -24.99 43.80
N ALA A 385 -19.57 -25.41 44.30
CA ALA A 385 -18.29 -25.10 43.70
C ALA A 385 -17.38 -26.30 43.84
N PHE A 386 -16.48 -26.45 42.87
CA PHE A 386 -15.45 -27.49 42.86
C PHE A 386 -16.13 -28.86 42.96
N LYS A 387 -15.71 -29.72 43.89
CA LYS A 387 -16.24 -31.06 44.06
C LYS A 387 -17.73 -31.05 44.34
N GLU A 388 -18.22 -29.99 44.98
CA GLU A 388 -19.61 -29.92 45.38
C GLU A 388 -20.50 -29.40 44.26
N GLY A 389 -19.93 -29.13 43.09
CA GLY A 389 -20.69 -28.56 41.99
C GLY A 389 -21.85 -29.44 41.61
N SER A 390 -23.01 -28.82 41.41
CA SER A 390 -24.22 -29.58 41.18
C SER A 390 -25.21 -28.72 40.40
N LEU A 391 -26.09 -29.42 39.68
CA LEU A 391 -27.30 -28.84 39.13
C LEU A 391 -28.45 -29.30 40.03
N ARG A 392 -29.28 -28.35 40.46
CA ARG A 392 -30.36 -28.63 41.39
C ARG A 392 -31.68 -28.25 40.74
N ILE A 393 -32.55 -29.23 40.55
CA ILE A 393 -33.86 -29.02 39.94
C ILE A 393 -34.88 -28.94 41.08
N ILE A 394 -35.58 -27.81 41.16
CA ILE A 394 -36.43 -27.50 42.31
C ILE A 394 -37.86 -27.31 41.83
N ARG A 395 -38.80 -27.99 42.50
CA ARG A 395 -40.23 -27.91 42.21
C ARG A 395 -40.97 -27.82 43.55
N ASN A 396 -42.16 -27.23 43.50
CA ASN A 396 -42.99 -27.03 44.69
C ASN A 396 -44.01 -28.16 44.87
N GLY A 397 -44.14 -28.63 46.11
CA GLY A 397 -45.06 -29.69 46.44
C GLY A 397 -45.71 -29.51 47.81
N GLN A 408 -46.42 -29.38 52.35
CA GLN A 408 -45.89 -28.12 51.87
C GLN A 408 -44.38 -28.04 52.06
N LYS A 409 -43.63 -28.41 51.02
CA LYS A 409 -42.17 -28.36 51.03
C LYS A 409 -41.75 -28.28 49.56
N LEU A 410 -40.48 -27.93 49.34
CA LEU A 410 -39.95 -27.85 48.00
C LEU A 410 -39.22 -29.16 47.71
N HIS A 411 -39.47 -29.74 46.53
CA HIS A 411 -38.78 -30.95 46.10
C HIS A 411 -37.54 -30.58 45.29
N ILE A 412 -36.39 -31.11 45.69
CA ILE A 412 -35.10 -30.74 45.11
C ILE A 412 -34.37 -32.00 44.65
N ARG A 413 -33.97 -32.02 43.38
CA ARG A 413 -33.13 -33.06 42.82
C ARG A 413 -31.71 -32.55 42.59
N THR A 414 -30.72 -33.39 42.85
CA THR A 414 -29.31 -33.02 42.75
C THR A 414 -28.63 -33.80 41.64
N VAL A 415 -27.94 -33.08 40.75
CA VAL A 415 -27.14 -33.68 39.68
C VAL A 415 -25.67 -33.38 39.99
N PRO A 416 -24.90 -34.37 40.42
CA PRO A 416 -23.50 -34.09 40.78
C PRO A 416 -22.64 -33.85 39.54
N LEU A 417 -21.82 -32.80 39.62
CA LEU A 417 -20.91 -32.44 38.53
C LEU A 417 -19.44 -32.55 38.92
N TYR A 418 -19.10 -32.38 40.19
CA TYR A 418 -17.74 -32.47 40.71
C TYR A 418 -16.82 -31.41 40.09
N GLU A 419 -17.41 -30.41 39.46
CA GLU A 419 -16.69 -29.24 38.97
C GLU A 419 -17.63 -28.05 39.10
N SER A 420 -17.04 -26.86 39.07
CA SER A 420 -17.79 -25.65 39.36
C SER A 420 -18.70 -25.31 38.17
N PRO A 421 -20.00 -25.10 38.40
CA PRO A 421 -20.86 -24.58 37.33
C PRO A 421 -20.91 -23.07 37.34
N ARG A 422 -20.90 -22.49 36.13
CA ARG A 422 -20.84 -21.04 35.98
C ARG A 422 -22.14 -20.44 35.44
N LYS A 423 -22.65 -20.95 34.33
CA LYS A 423 -23.88 -20.42 33.73
C LYS A 423 -24.73 -21.56 33.18
N ILE A 424 -26.04 -21.33 33.10
CA ILE A 424 -26.97 -22.32 32.58
C ILE A 424 -28.01 -21.65 31.68
N CYS A 425 -28.45 -22.39 30.65
CA CYS A 425 -29.49 -21.94 29.73
C CYS A 425 -30.18 -23.17 29.13
N TYR A 426 -31.48 -23.04 28.89
CA TYR A 426 -32.28 -24.14 28.37
C TYR A 426 -32.55 -23.99 26.87
N GLN A 427 -32.41 -25.10 26.13
CA GLN A 427 -32.63 -25.15 24.68
C GLN A 427 -33.69 -26.21 24.43
N GLU A 428 -34.95 -25.79 24.25
CA GLU A 428 -36.03 -26.76 24.14
C GLU A 428 -35.90 -27.60 22.88
N VAL A 429 -35.51 -26.99 21.75
CA VAL A 429 -35.45 -27.71 20.48
C VAL A 429 -34.61 -28.98 20.65
N SER A 430 -33.60 -28.93 21.50
CA SER A 430 -32.68 -30.06 21.69
C SER A 430 -32.99 -30.88 22.92
N GLN A 431 -34.08 -30.59 23.61
CA GLN A 431 -34.46 -31.30 24.83
C GLN A 431 -33.27 -31.42 25.80
N CYS A 432 -32.51 -30.34 25.94
CA CYS A 432 -31.32 -30.36 26.78
C CYS A 432 -31.01 -28.96 27.30
N PHE A 433 -30.12 -28.93 28.30
CA PHE A 433 -29.57 -27.69 28.86
C PHE A 433 -28.13 -27.51 28.42
N GLY A 434 -27.67 -26.26 28.36
CA GLY A 434 -26.25 -25.94 28.24
C GLY A 434 -25.72 -25.39 29.56
N VAL A 435 -24.57 -25.92 30.01
CA VAL A 435 -23.97 -25.51 31.27
C VAL A 435 -22.49 -25.23 31.06
N LEU A 436 -22.04 -24.05 31.50
CA LEU A 436 -20.63 -23.69 31.50
C LEU A 436 -20.01 -24.15 32.82
N SER A 437 -18.81 -24.72 32.73
CA SER A 437 -18.18 -25.31 33.90
C SER A 437 -16.70 -24.96 33.92
N SER A 438 -16.12 -25.04 35.11
CA SER A 438 -14.69 -24.87 35.30
C SER A 438 -14.22 -25.92 36.29
N ARG A 439 -13.19 -26.67 35.91
CA ARG A 439 -12.58 -27.67 36.76
C ARG A 439 -11.13 -27.29 36.98
N ILE A 440 -10.57 -27.74 38.09
CA ILE A 440 -9.22 -27.36 38.49
C ILE A 440 -8.26 -28.48 38.09
N GLU A 441 -7.27 -28.14 37.27
CA GLU A 441 -6.13 -29.01 36.99
C GLU A 441 -4.88 -28.33 37.54
N VAL A 442 -3.81 -29.11 37.72
CA VAL A 442 -2.58 -28.61 38.31
C VAL A 442 -1.43 -28.92 37.36
N GLN A 443 -0.49 -27.98 37.22
CA GLN A 443 0.66 -28.19 36.37
C GLN A 443 1.41 -29.43 36.85
N ASP A 444 1.63 -30.40 35.95
CA ASP A 444 2.28 -31.65 36.34
C ASP A 444 3.62 -31.78 35.62
N THR A 445 4.33 -32.86 35.93
CA THR A 445 5.69 -33.04 35.43
C THR A 445 5.75 -33.23 33.92
N SER A 446 4.63 -33.53 33.26
CA SER A 446 4.62 -33.65 31.81
C SER A 446 4.70 -32.30 31.12
N GLY A 447 4.52 -31.20 31.85
CA GLY A 447 4.37 -29.89 31.26
C GLY A 447 2.93 -29.49 31.03
N GLY A 448 2.03 -30.46 30.94
CA GLY A 448 0.61 -30.22 30.87
C GLY A 448 0.01 -30.09 32.25
N THR A 449 -1.27 -30.45 32.35
CA THR A 449 -1.96 -30.43 33.62
C THR A 449 -2.76 -31.71 33.82
N THR A 450 -3.05 -32.00 35.10
CA THR A 450 -3.76 -33.20 35.50
C THR A 450 -4.88 -32.81 36.46
N ALA A 451 -6.07 -33.35 36.23
CA ALA A 451 -7.23 -33.05 37.06
C ALA A 451 -7.20 -33.85 38.36
N LEU A 452 -7.62 -33.20 39.45
CA LEU A 452 -7.57 -33.83 40.76
C LEU A 452 -8.54 -34.98 40.86
N ARG A 453 -9.66 -34.90 40.14
CA ARG A 453 -10.69 -35.94 40.17
C ARG A 453 -11.46 -35.89 38.87
N PRO A 454 -12.04 -37.02 38.43
CA PRO A 454 -12.91 -36.97 37.25
C PRO A 454 -14.16 -36.16 37.57
N SER A 455 -14.74 -35.55 36.53
CA SER A 455 -15.90 -34.69 36.71
C SER A 455 -16.68 -34.63 35.41
N ALA A 456 -17.76 -33.85 35.43
CA ALA A 456 -18.72 -33.85 34.34
C ALA A 456 -18.07 -33.65 32.98
N SER A 457 -17.13 -32.72 32.89
CA SER A 457 -16.53 -32.40 31.59
C SER A 457 -15.63 -33.53 31.08
N THR A 458 -15.15 -34.40 31.98
CA THR A 458 -14.34 -35.55 31.59
C THR A 458 -15.15 -36.83 31.43
N GLN A 459 -16.37 -36.88 31.96
CA GLN A 459 -17.22 -38.05 31.89
C GLN A 459 -18.36 -37.85 30.90
N ALA A 460 -18.20 -36.92 29.96
CA ALA A 460 -19.19 -36.74 28.91
C ALA A 460 -19.18 -37.93 27.96
N LEU A 461 -20.34 -38.22 27.36
CA LEU A 461 -20.40 -39.33 26.40
C LEU A 461 -19.49 -39.06 25.21
N SER A 462 -19.70 -37.95 24.52
CA SER A 462 -18.84 -37.47 23.44
C SER A 462 -18.18 -36.16 23.86
N SER A 463 -17.03 -35.86 23.29
CA SER A 463 -16.26 -34.69 23.69
C SER A 463 -15.57 -34.06 22.50
N SER A 464 -15.17 -32.80 22.69
CA SER A 464 -14.47 -32.03 21.67
C SER A 464 -13.62 -30.95 22.35
N VAL A 465 -12.55 -30.56 21.66
CA VAL A 465 -11.66 -29.51 22.14
C VAL A 465 -11.50 -28.48 21.03
N SER A 466 -11.59 -27.21 21.39
CA SER A 466 -11.50 -26.15 20.40
C SER A 466 -10.11 -26.13 19.75
N SER A 467 -10.10 -25.99 18.42
CA SER A 467 -8.86 -25.88 17.65
C SER A 467 -8.66 -24.48 17.08
N SER A 468 -9.36 -23.49 17.62
CA SER A 468 -9.32 -22.14 17.07
C SER A 468 -7.90 -21.61 17.10
N LYS A 469 -7.54 -20.91 16.04
CA LYS A 469 -6.21 -20.31 15.91
C LYS A 469 -6.27 -18.79 16.01
N LEU A 470 -7.38 -18.24 16.52
CA LEU A 470 -7.53 -16.79 16.57
C LEU A 470 -6.37 -16.15 17.32
N PHE A 471 -6.09 -16.63 18.53
CA PHE A 471 -5.00 -16.15 19.37
C PHE A 471 -3.70 -16.95 19.20
N SER A 472 -3.69 -17.93 18.30
CA SER A 472 -2.53 -18.80 18.14
C SER A 472 -1.23 -18.07 17.80
N SER A 473 -1.28 -16.82 17.32
CA SER A 473 -0.03 -16.14 16.99
C SER A 473 0.83 -15.91 18.23
N SER A 474 0.18 -15.70 19.38
CA SER A 474 0.85 -15.56 20.65
C SER A 474 2.10 -14.69 20.61
N THR A 475 3.28 -15.27 20.90
CA THR A 475 4.56 -14.56 21.03
C THR A 475 4.55 -13.83 22.39
N ALA A 476 3.55 -14.12 23.23
CA ALA A 476 3.43 -13.61 24.61
C ALA A 476 3.75 -14.72 25.59
N PRO A 477 4.81 -14.62 26.40
CA PRO A 477 5.22 -15.76 27.26
C PRO A 477 4.43 -15.83 28.57
N HIS A 478 3.97 -17.03 28.91
CA HIS A 478 3.32 -17.27 30.21
C HIS A 478 3.95 -18.51 30.83
N GLU A 479 4.91 -18.32 31.75
CA GLU A 479 5.61 -19.45 32.35
C GLU A 479 4.75 -20.21 33.36
N THR A 480 5.02 -21.51 33.43
CA THR A 480 4.29 -22.43 34.28
C THR A 480 5.23 -23.09 35.30
N SER A 481 4.80 -23.11 36.57
CA SER A 481 5.54 -23.79 37.62
C SER A 481 4.74 -25.02 38.06
N PHE A 482 5.44 -26.12 38.32
CA PHE A 482 4.79 -27.33 38.76
C PHE A 482 4.01 -27.08 40.05
N GLY A 483 2.77 -27.57 40.09
CA GLY A 483 1.92 -27.45 41.25
C GLY A 483 0.91 -26.31 41.21
N GLU A 484 1.07 -25.35 40.29
CA GLU A 484 0.12 -24.25 40.18
C GLU A 484 -1.22 -24.72 39.62
N GLU A 485 -2.29 -24.09 40.08
CA GLU A 485 -3.62 -24.41 39.62
C GLU A 485 -3.97 -23.64 38.35
N VAL A 486 -4.83 -24.26 37.53
CA VAL A 486 -5.39 -23.61 36.35
C VAL A 486 -6.87 -23.99 36.30
N GLU A 487 -7.68 -23.13 35.71
CA GLU A 487 -9.08 -23.44 35.49
C GLU A 487 -9.23 -23.91 34.04
N VAL A 488 -9.96 -24.99 33.83
CA VAL A 488 -10.26 -25.47 32.50
C VAL A 488 -11.77 -25.36 32.37
N HIS A 489 -12.22 -24.46 31.49
CA HIS A 489 -13.64 -24.19 31.32
C HIS A 489 -14.19 -25.04 30.18
N ASN A 490 -15.43 -25.51 30.35
CA ASN A 490 -16.04 -26.41 29.39
C ASN A 490 -17.52 -26.06 29.24
N LEU A 491 -18.10 -26.45 28.10
CA LEU A 491 -19.53 -26.36 27.86
C LEU A 491 -20.14 -27.76 27.92
N LEU A 492 -21.13 -27.93 28.79
CA LEU A 492 -21.77 -29.22 29.01
C LEU A 492 -23.15 -29.22 28.36
N ILE A 493 -23.40 -30.22 27.51
CA ILE A 493 -24.72 -30.48 26.96
C ILE A 493 -25.33 -31.61 27.79
N ILE A 494 -26.43 -31.31 28.47
CA ILE A 494 -27.01 -32.17 29.51
C ILE A 494 -28.47 -32.41 29.19
N ASP A 495 -28.86 -33.69 29.17
CA ASP A 495 -30.24 -34.06 28.83
C ASP A 495 -31.22 -33.62 29.91
N GLN A 496 -32.38 -33.14 29.47
CA GLN A 496 -33.35 -32.56 30.39
C GLN A 496 -34.12 -33.59 31.19
N HIS A 497 -34.15 -34.85 30.75
CA HIS A 497 -34.84 -35.90 31.47
C HIS A 497 -33.88 -36.72 32.32
N THR A 498 -32.81 -37.23 31.73
CA THR A 498 -31.83 -38.01 32.46
C THR A 498 -30.82 -37.13 33.20
N PHE A 499 -30.58 -35.92 32.72
CA PHE A 499 -29.53 -35.07 33.27
C PHE A 499 -28.18 -35.78 33.18
N GLU A 500 -27.98 -36.42 32.04
CA GLU A 500 -26.73 -37.11 31.71
C GLU A 500 -25.92 -36.17 30.83
N VAL A 501 -24.62 -36.12 31.07
CA VAL A 501 -23.76 -35.26 30.26
C VAL A 501 -23.60 -35.92 28.89
N LEU A 502 -24.23 -35.32 27.89
CA LEU A 502 -24.18 -35.87 26.55
C LEU A 502 -22.91 -35.44 25.84
N HIS A 503 -22.50 -34.20 26.05
CA HIS A 503 -21.34 -33.67 25.36
C HIS A 503 -20.66 -32.62 26.20
N ALA A 504 -19.33 -32.56 26.07
CA ALA A 504 -18.52 -31.57 26.75
C ALA A 504 -17.47 -31.04 25.79
N HIS A 505 -17.42 -29.72 25.64
CA HIS A 505 -16.48 -29.03 24.76
C HIS A 505 -15.50 -28.27 25.64
N GLN A 506 -14.20 -28.55 25.48
CA GLN A 506 -13.18 -27.90 26.29
C GLN A 506 -12.74 -26.63 25.57
N PHE A 507 -12.82 -25.50 26.26
CA PHE A 507 -12.42 -24.25 25.63
C PHE A 507 -10.90 -24.13 25.67
N LEU A 508 -10.38 -23.13 24.97
CA LEU A 508 -8.95 -23.00 24.78
C LEU A 508 -8.22 -22.83 26.11
N GLN A 509 -6.92 -23.13 26.09
CA GLN A 509 -6.09 -22.96 27.28
C GLN A 509 -6.09 -21.50 27.70
N ASN A 510 -6.29 -21.27 29.00
CA ASN A 510 -6.39 -19.94 29.60
C ASN A 510 -7.60 -19.17 29.10
N GLU A 511 -8.61 -19.87 28.59
CA GLU A 511 -9.88 -19.28 28.17
C GLU A 511 -10.94 -19.65 29.20
N TYR A 512 -11.61 -18.63 29.73
CA TYR A 512 -12.67 -18.80 30.72
C TYR A 512 -14.00 -18.45 30.06
N ALA A 513 -15.04 -19.26 30.31
CA ALA A 513 -16.36 -19.01 29.74
C ALA A 513 -17.15 -18.12 30.69
N LEU A 514 -17.62 -16.97 30.16
CA LEU A 514 -18.31 -15.98 30.97
C LEU A 514 -19.80 -15.84 30.68
N SER A 515 -20.24 -16.11 29.45
CA SER A 515 -21.63 -15.91 29.07
C SER A 515 -22.09 -17.02 28.15
N LEU A 516 -23.39 -17.33 28.21
CA LEU A 516 -23.98 -18.39 27.43
C LEU A 516 -25.45 -18.10 27.16
N VAL A 517 -25.85 -18.26 25.89
CA VAL A 517 -27.24 -18.09 25.48
C VAL A 517 -27.61 -19.15 24.44
N SER A 518 -28.91 -19.43 24.36
CA SER A 518 -29.49 -20.32 23.36
C SER A 518 -30.58 -19.56 22.62
N CYS A 519 -30.44 -19.45 21.31
CA CYS A 519 -31.40 -18.66 20.54
C CYS A 519 -31.22 -18.89 19.04
N LYS A 520 -32.22 -18.45 18.29
CA LYS A 520 -32.15 -18.31 16.84
C LYS A 520 -31.81 -16.86 16.50
N LEU A 521 -31.07 -16.65 15.41
CA LEU A 521 -30.71 -15.31 14.98
C LEU A 521 -31.12 -15.06 13.53
N GLY A 522 -31.49 -13.81 13.26
CA GLY A 522 -31.77 -13.39 11.90
C GLY A 522 -32.79 -14.28 11.22
N LYS A 523 -32.46 -14.64 9.98
CA LYS A 523 -33.28 -15.54 9.18
C LYS A 523 -32.75 -16.97 9.24
N ASP A 524 -31.91 -17.28 10.24
CA ASP A 524 -31.33 -18.61 10.38
C ASP A 524 -32.27 -19.48 11.19
N PRO A 525 -32.83 -20.55 10.62
CA PRO A 525 -33.80 -21.38 11.39
C PRO A 525 -33.15 -22.23 12.47
N ASN A 526 -31.83 -22.42 12.44
CA ASN A 526 -31.16 -23.27 13.42
C ASN A 526 -31.12 -22.61 14.78
N THR A 527 -31.29 -23.41 15.82
CA THR A 527 -31.16 -22.96 17.20
C THR A 527 -29.74 -23.25 17.68
N TYR A 528 -29.06 -22.23 18.17
CA TYR A 528 -27.65 -22.36 18.51
C TYR A 528 -27.43 -22.15 20.00
N PHE A 529 -26.34 -22.76 20.51
CA PHE A 529 -25.72 -22.35 21.76
C PHE A 529 -24.62 -21.34 21.42
N ILE A 530 -24.65 -20.17 22.04
CA ILE A 530 -23.64 -19.14 21.82
C ILE A 530 -22.96 -18.83 23.14
N VAL A 531 -21.63 -18.85 23.15
CA VAL A 531 -20.83 -18.70 24.36
C VAL A 531 -19.88 -17.52 24.16
N GLY A 532 -19.76 -16.69 25.20
CA GLY A 532 -18.81 -15.60 25.22
C GLY A 532 -17.69 -15.90 26.21
N THR A 533 -16.45 -15.77 25.73
CA THR A 533 -15.27 -16.15 26.50
C THR A 533 -14.29 -14.98 26.58
N ALA A 534 -13.27 -15.15 27.42
CA ALA A 534 -12.21 -14.16 27.58
C ALA A 534 -10.89 -14.88 27.81
N MET A 535 -9.81 -14.35 27.23
CA MET A 535 -8.49 -14.90 27.48
C MET A 535 -7.95 -14.33 28.79
N VAL A 536 -7.72 -15.21 29.75
CA VAL A 536 -7.38 -14.84 31.12
C VAL A 536 -5.90 -15.15 31.27
N TYR A 537 -5.09 -14.12 31.47
CA TYR A 537 -3.68 -14.29 31.76
C TYR A 537 -3.33 -13.58 33.07
N PRO A 538 -2.62 -14.25 33.99
CA PRO A 538 -2.39 -13.63 35.31
C PRO A 538 -1.80 -12.24 35.24
N GLU A 539 -1.08 -11.94 34.16
CA GLU A 539 -0.41 -10.65 34.04
C GLU A 539 -1.40 -9.51 33.88
N GLU A 540 -2.51 -9.73 33.18
CA GLU A 540 -3.46 -8.69 32.85
C GLU A 540 -4.47 -8.51 33.99
N ALA A 541 -4.69 -7.26 34.40
CA ALA A 541 -5.76 -6.99 35.35
C ALA A 541 -7.12 -7.12 34.65
N GLU A 542 -7.21 -6.62 33.42
CA GLU A 542 -8.37 -6.77 32.57
C GLU A 542 -8.02 -7.48 31.27
N PRO A 543 -8.73 -8.56 30.92
CA PRO A 543 -8.42 -9.27 29.67
C PRO A 543 -8.62 -8.38 28.45
N LYS A 544 -7.72 -8.51 27.48
CA LYS A 544 -7.81 -7.73 26.25
C LYS A 544 -8.12 -8.56 25.02
N GLN A 545 -8.44 -9.83 25.17
CA GLN A 545 -8.77 -10.70 24.06
C GLN A 545 -10.01 -11.52 24.45
N GLY A 546 -10.79 -11.87 23.44
CA GLY A 546 -12.00 -12.62 23.72
C GLY A 546 -12.59 -13.19 22.46
N ARG A 547 -13.43 -14.20 22.65
CA ARG A 547 -14.11 -14.90 21.58
C ARG A 547 -15.60 -14.95 21.84
N ILE A 548 -16.38 -14.79 20.76
CA ILE A 548 -17.78 -15.14 20.72
C ILE A 548 -17.89 -16.34 19.81
N VAL A 549 -18.48 -17.43 20.31
CA VAL A 549 -18.50 -18.68 19.58
C VAL A 549 -19.95 -19.14 19.38
N VAL A 550 -20.26 -19.54 18.16
CA VAL A 550 -21.57 -20.09 17.82
C VAL A 550 -21.42 -21.59 17.63
N PHE A 551 -22.14 -22.34 18.45
CA PHE A 551 -22.17 -23.79 18.39
C PHE A 551 -23.55 -24.23 17.92
N GLN A 552 -23.62 -25.41 17.31
CA GLN A 552 -24.91 -26.08 17.08
C GLN A 552 -24.83 -27.47 17.69
N TYR A 553 -25.80 -27.80 18.53
CA TYR A 553 -25.91 -29.15 19.06
C TYR A 553 -26.85 -29.94 18.16
N SER A 554 -26.31 -30.93 17.47
CA SER A 554 -27.07 -31.72 16.50
C SER A 554 -26.59 -33.15 16.52
N ASP A 555 -27.54 -34.09 16.63
CA ASP A 555 -27.24 -35.52 16.54
C ASP A 555 -26.10 -35.92 17.48
N GLY A 556 -26.19 -35.47 18.73
CA GLY A 556 -25.24 -35.91 19.73
C GLY A 556 -23.87 -35.27 19.63
N LYS A 557 -23.66 -34.38 18.68
CA LYS A 557 -22.39 -33.71 18.52
C LYS A 557 -22.60 -32.20 18.52
N LEU A 558 -21.60 -31.48 19.02
CA LEU A 558 -21.60 -30.02 19.04
C LEU A 558 -20.66 -29.58 17.93
N GLN A 559 -21.18 -28.84 16.96
CA GLN A 559 -20.41 -28.42 15.80
C GLN A 559 -20.33 -26.90 15.82
N THR A 560 -19.11 -26.40 15.72
CA THR A 560 -18.86 -24.96 15.70
C THR A 560 -19.24 -24.33 14.36
N VAL A 561 -20.07 -23.30 14.41
CA VAL A 561 -20.57 -22.67 13.20
C VAL A 561 -19.76 -21.44 12.80
N ALA A 562 -19.37 -20.62 13.77
CA ALA A 562 -18.69 -19.37 13.49
C ALA A 562 -18.04 -18.85 14.75
N GLU A 563 -17.00 -18.04 14.57
CA GLU A 563 -16.29 -17.43 15.67
C GLU A 563 -16.03 -15.96 15.38
N LYS A 564 -16.14 -15.13 16.41
CA LYS A 564 -15.92 -13.69 16.28
C LYS A 564 -14.90 -13.28 17.33
N GLU A 565 -13.85 -12.61 16.88
CA GLU A 565 -12.81 -12.13 17.77
C GLU A 565 -13.21 -10.77 18.31
N VAL A 566 -13.16 -10.63 19.63
CA VAL A 566 -13.43 -9.37 20.29
C VAL A 566 -12.18 -8.98 21.07
N LYS A 567 -12.05 -7.69 21.34
CA LYS A 567 -10.85 -7.16 21.99
C LYS A 567 -11.13 -6.91 23.47
N GLY A 568 -11.57 -7.97 24.15
CA GLY A 568 -11.88 -7.88 25.56
C GLY A 568 -12.60 -9.12 26.03
N ALA A 569 -13.30 -8.98 27.16
CA ALA A 569 -14.02 -10.08 27.80
C ALA A 569 -15.52 -9.96 27.52
N VAL A 570 -16.13 -11.07 27.10
CA VAL A 570 -17.58 -11.07 26.81
C VAL A 570 -18.28 -11.37 28.14
N TYR A 571 -18.51 -10.32 28.93
CA TYR A 571 -19.06 -10.52 30.27
C TYR A 571 -20.52 -10.99 30.22
N SER A 572 -21.32 -10.51 29.27
CA SER A 572 -22.74 -10.85 29.24
C SER A 572 -23.29 -10.75 27.83
N MET A 573 -24.23 -11.65 27.51
CA MET A 573 -24.90 -11.67 26.22
C MET A 573 -26.41 -11.89 26.39
N VAL A 574 -27.19 -11.38 25.44
CA VAL A 574 -28.64 -11.52 25.47
C VAL A 574 -29.17 -11.31 24.05
N GLU A 575 -30.10 -12.17 23.65
CA GLU A 575 -30.73 -12.03 22.33
C GLU A 575 -31.61 -10.78 22.27
N PHE A 576 -31.54 -10.07 21.14
CA PHE A 576 -32.26 -8.82 20.96
C PHE A 576 -32.93 -8.84 19.59
N ASN A 577 -34.17 -9.31 19.55
CA ASN A 577 -34.99 -9.20 18.35
C ASN A 577 -34.25 -9.71 17.11
N GLY A 578 -33.80 -10.96 17.21
CA GLY A 578 -33.07 -11.61 16.15
C GLY A 578 -31.62 -11.21 16.00
N LYS A 579 -31.13 -10.35 16.89
CA LYS A 579 -29.76 -9.87 16.90
C LYS A 579 -29.11 -10.26 18.22
N LEU A 580 -27.79 -10.31 18.23
CA LEU A 580 -27.03 -10.71 19.42
C LEU A 580 -26.46 -9.46 20.10
N LEU A 581 -26.91 -9.22 21.33
CA LEU A 581 -26.43 -8.11 22.15
C LEU A 581 -25.38 -8.62 23.13
N ALA A 582 -24.18 -8.07 23.05
CA ALA A 582 -23.06 -8.52 23.86
C ALA A 582 -22.37 -7.33 24.51
N SER A 583 -21.82 -7.58 25.69
CA SER A 583 -21.04 -6.58 26.43
C SER A 583 -19.59 -7.01 26.50
N ILE A 584 -18.71 -6.21 25.90
CA ILE A 584 -17.27 -6.47 25.90
C ILE A 584 -16.57 -5.33 26.63
N ASN A 585 -16.12 -5.59 27.86
CA ASN A 585 -15.43 -4.61 28.67
C ASN A 585 -16.26 -3.33 28.79
N SER A 586 -15.70 -2.20 28.35
CA SER A 586 -16.35 -0.90 28.40
C SER A 586 -17.38 -0.67 27.29
N THR A 587 -17.50 -1.59 26.35
CA THR A 587 -18.36 -1.45 25.18
C THR A 587 -19.60 -2.35 25.24
N VAL A 588 -20.73 -1.82 24.77
CA VAL A 588 -21.94 -2.62 24.53
C VAL A 588 -22.16 -2.61 23.01
N ARG A 589 -22.16 -3.79 22.40
CA ARG A 589 -22.19 -3.93 20.95
C ARG A 589 -23.34 -4.85 20.55
N LEU A 590 -24.03 -4.48 19.48
CA LEU A 590 -25.08 -5.29 18.87
C LEU A 590 -24.58 -5.88 17.55
N TYR A 591 -24.77 -7.18 17.39
CA TYR A 591 -24.35 -7.89 16.18
C TYR A 591 -25.56 -8.36 15.39
N GLU A 592 -25.44 -8.37 14.07
CA GLU A 592 -26.40 -9.04 13.21
C GLU A 592 -25.83 -10.36 12.70
N TRP A 593 -26.72 -11.31 12.41
CA TRP A 593 -26.36 -12.65 11.93
C TRP A 593 -26.65 -12.68 10.45
N THR A 594 -25.60 -12.77 9.64
CA THR A 594 -25.76 -12.64 8.20
C THR A 594 -26.22 -13.95 7.59
N THR A 595 -26.59 -13.89 6.31
CA THR A 595 -26.90 -15.10 5.56
C THR A 595 -25.68 -15.97 5.35
N GLU A 596 -24.48 -15.45 5.58
CA GLU A 596 -23.26 -16.26 5.54
C GLU A 596 -22.91 -16.87 6.90
N LYS A 597 -23.82 -16.81 7.86
CA LYS A 597 -23.63 -17.43 9.16
C LYS A 597 -22.36 -16.93 9.84
N GLU A 598 -22.20 -15.61 9.84
CA GLU A 598 -21.10 -14.92 10.50
C GLU A 598 -21.65 -13.67 11.19
N LEU A 599 -21.15 -13.39 12.39
CA LEU A 599 -21.59 -12.20 13.13
C LEU A 599 -20.99 -10.92 12.55
N ARG A 600 -21.81 -9.87 12.50
CA ARG A 600 -21.41 -8.57 11.98
C ARG A 600 -21.70 -7.46 12.98
N THR A 601 -20.72 -6.60 13.22
CA THR A 601 -20.89 -5.45 14.09
C THR A 601 -21.88 -4.46 13.48
N GLU A 602 -22.80 -3.97 14.31
CA GLU A 602 -23.76 -2.97 13.86
C GLU A 602 -23.61 -1.62 14.54
N CYS A 603 -23.76 -1.54 15.87
CA CYS A 603 -23.65 -0.29 16.60
C CYS A 603 -23.02 -0.55 17.95
N ASN A 604 -22.38 0.49 18.51
CA ASN A 604 -21.62 0.36 19.74
C ASN A 604 -21.97 1.48 20.71
N HIS A 605 -21.77 1.19 21.99
CA HIS A 605 -21.86 2.19 23.07
C HIS A 605 -20.68 2.04 24.00
N TYR A 606 -20.04 3.16 24.34
CA TYR A 606 -18.80 3.13 25.11
C TYR A 606 -18.87 3.83 26.46
N ASN A 607 -20.01 4.40 26.86
CA ASN A 607 -20.02 5.13 28.11
C ASN A 607 -20.27 4.19 29.30
N ASN A 608 -19.44 3.17 29.45
CA ASN A 608 -19.50 2.27 30.58
C ASN A 608 -18.07 1.95 30.99
N ILE A 609 -17.87 1.89 32.31
CA ILE A 609 -16.56 1.54 32.83
C ILE A 609 -16.32 0.04 32.64
N MET A 610 -17.29 -0.78 33.05
CA MET A 610 -17.25 -2.22 32.83
C MET A 610 -18.68 -2.75 32.81
N ALA A 611 -19.10 -3.22 31.64
CA ALA A 611 -20.48 -3.69 31.42
C ALA A 611 -20.61 -5.14 31.88
N LEU A 612 -21.01 -5.33 33.13
CA LEU A 612 -21.06 -6.66 33.71
C LEU A 612 -22.36 -7.41 33.42
N TYR A 613 -23.50 -6.73 33.34
CA TYR A 613 -24.80 -7.37 33.23
C TYR A 613 -25.67 -6.68 32.18
N LEU A 614 -26.45 -7.49 31.45
CA LEU A 614 -27.35 -7.00 30.41
C LEU A 614 -28.73 -7.64 30.52
N LYS A 615 -29.77 -6.82 30.26
CA LYS A 615 -31.17 -7.25 30.25
C LYS A 615 -31.95 -6.45 29.23
N THR A 616 -32.93 -7.10 28.57
CA THR A 616 -33.68 -6.47 27.48
C THR A 616 -35.19 -6.59 27.69
N LYS A 617 -35.93 -5.56 27.25
CA LYS A 617 -37.39 -5.63 27.11
C LYS A 617 -37.78 -4.77 25.92
N GLY A 618 -38.33 -5.40 24.87
CA GLY A 618 -38.62 -4.63 23.67
C GLY A 618 -37.32 -4.17 23.03
N ASP A 619 -37.25 -2.87 22.73
CA ASP A 619 -36.01 -2.24 22.26
C ASP A 619 -35.22 -1.57 23.37
N PHE A 620 -35.57 -1.81 24.62
CA PHE A 620 -34.89 -1.23 25.77
C PHE A 620 -33.84 -2.20 26.31
N ILE A 621 -32.73 -1.65 26.80
CA ILE A 621 -31.60 -2.42 27.30
C ILE A 621 -31.17 -1.83 28.63
N LEU A 622 -31.09 -2.68 29.66
CA LEU A 622 -30.60 -2.30 30.98
C LEU A 622 -29.20 -2.86 31.18
N VAL A 623 -28.24 -1.96 31.38
CA VAL A 623 -26.83 -2.32 31.46
C VAL A 623 -26.33 -2.04 32.88
N GLY A 624 -25.69 -3.03 33.50
CA GLY A 624 -25.14 -2.90 34.83
C GLY A 624 -23.63 -2.71 34.78
N ASP A 625 -23.17 -1.60 35.36
CA ASP A 625 -21.75 -1.26 35.42
C ASP A 625 -21.19 -1.70 36.76
N LEU A 626 -19.86 -1.83 36.82
CA LEU A 626 -19.24 -2.27 38.06
C LEU A 626 -19.47 -1.27 39.18
N MET A 627 -19.37 0.02 38.89
CA MET A 627 -19.55 1.05 39.91
C MET A 627 -20.56 2.14 39.55
N ARG A 628 -21.12 2.14 38.35
CA ARG A 628 -21.99 3.21 37.88
C ARG A 628 -23.46 2.82 37.87
N SER A 629 -23.85 1.82 38.66
CA SER A 629 -25.25 1.41 38.83
C SER A 629 -25.76 0.91 37.49
N VAL A 630 -26.87 1.44 36.98
CA VAL A 630 -27.50 0.91 35.77
C VAL A 630 -27.82 2.04 34.82
N LEU A 631 -27.78 1.71 33.53
CA LEU A 631 -28.09 2.63 32.44
C LEU A 631 -29.23 2.04 31.64
N LEU A 632 -30.19 2.88 31.25
CA LEU A 632 -31.31 2.46 30.41
C LEU A 632 -30.93 2.85 28.98
N LEU A 633 -30.37 1.90 28.23
CA LEU A 633 -30.06 2.09 26.83
C LEU A 633 -31.24 1.70 25.95
N ALA A 634 -31.26 2.24 24.73
CA ALA A 634 -32.27 1.90 23.75
C ALA A 634 -31.67 1.91 22.34
N TYR A 635 -32.17 1.00 21.51
CA TYR A 635 -31.83 0.94 20.09
C TYR A 635 -32.94 1.63 19.30
N LYS A 636 -32.56 2.66 18.53
CA LYS A 636 -33.52 3.35 17.67
C LYS A 636 -33.36 2.81 16.26
N PRO A 637 -34.32 2.02 15.74
CA PRO A 637 -34.06 1.35 14.45
C PRO A 637 -33.82 2.32 13.31
N MET A 638 -34.54 3.44 13.26
CA MET A 638 -34.41 4.37 12.14
C MET A 638 -32.98 4.90 12.07
N GLU A 639 -32.39 5.20 13.24
CA GLU A 639 -31.04 5.74 13.26
C GLU A 639 -29.98 4.65 13.20
N GLY A 640 -30.31 3.46 13.67
CA GLY A 640 -29.35 2.37 13.69
C GLY A 640 -28.24 2.53 14.69
N ASN A 641 -28.51 3.14 15.85
CA ASN A 641 -27.49 3.39 16.86
C ASN A 641 -28.16 3.31 18.23
N PHE A 642 -27.33 3.25 19.27
CA PHE A 642 -27.82 3.21 20.64
C PHE A 642 -28.03 4.63 21.16
N GLU A 643 -28.95 4.77 22.13
CA GLU A 643 -29.19 6.04 22.80
C GLU A 643 -29.39 5.85 24.29
N GLU A 644 -28.73 6.70 25.07
CA GLU A 644 -28.82 6.66 26.52
C GLU A 644 -30.14 7.33 26.94
N ILE A 645 -31.05 6.55 27.51
CA ILE A 645 -32.32 7.11 27.95
C ILE A 645 -32.17 7.76 29.33
N ALA A 646 -31.60 7.03 30.27
CA ALA A 646 -31.42 7.51 31.63
C ALA A 646 -30.40 6.63 32.35
N ARG A 647 -29.76 7.23 33.36
CA ARG A 647 -28.75 6.56 34.16
C ARG A 647 -28.98 6.87 35.63
N ASP A 648 -28.62 5.90 36.49
CA ASP A 648 -28.59 6.12 37.93
C ASP A 648 -27.22 6.69 38.28
N PHE A 649 -27.16 8.00 38.54
CA PHE A 649 -25.87 8.63 38.81
C PHE A 649 -25.31 8.22 40.17
N ASN A 650 -26.17 7.94 41.15
CA ASN A 650 -25.68 7.49 42.45
C ASN A 650 -24.81 6.25 42.26
N PRO A 651 -23.61 6.21 42.84
CA PRO A 651 -22.71 5.07 42.56
C PRO A 651 -23.01 3.85 43.41
N ASN A 652 -23.10 2.69 42.74
CA ASN A 652 -23.29 1.41 43.40
C ASN A 652 -22.47 0.33 42.69
N TRP A 653 -22.15 -0.73 43.44
CA TRP A 653 -21.49 -1.93 42.92
C TRP A 653 -22.55 -3.00 42.62
N MET A 654 -22.79 -3.27 41.34
CA MET A 654 -23.82 -4.21 40.94
C MET A 654 -23.37 -5.66 40.99
N SER A 655 -24.26 -6.53 41.49
CA SER A 655 -24.06 -7.98 41.42
C SER A 655 -25.08 -8.68 40.52
N ALA A 656 -26.23 -8.06 40.27
CA ALA A 656 -27.25 -8.57 39.37
C ALA A 656 -28.30 -7.49 39.17
N VAL A 657 -28.91 -7.49 37.99
CA VAL A 657 -29.95 -6.53 37.65
C VAL A 657 -31.13 -7.27 37.04
N GLU A 658 -32.26 -6.57 36.96
CA GLU A 658 -33.46 -7.12 36.32
C GLU A 658 -34.41 -5.98 35.99
N ILE A 659 -35.16 -6.17 34.91
CA ILE A 659 -36.19 -5.22 34.47
C ILE A 659 -37.52 -5.70 35.02
N LEU A 660 -38.20 -4.84 35.78
CA LEU A 660 -39.51 -5.17 36.32
C LEU A 660 -40.65 -4.82 35.36
N ASP A 661 -40.64 -3.60 34.84
CA ASP A 661 -41.58 -3.14 33.81
C ASP A 661 -40.90 -1.99 33.08
N ASP A 662 -41.62 -1.38 32.13
CA ASP A 662 -40.97 -0.41 31.26
C ASP A 662 -40.38 0.75 32.03
N ASP A 663 -40.85 1.00 33.26
CA ASP A 663 -40.35 2.14 34.02
C ASP A 663 -39.56 1.75 35.27
N ASN A 664 -39.75 0.56 35.83
CA ASN A 664 -39.06 0.17 37.06
C ASN A 664 -37.93 -0.80 36.75
N PHE A 665 -36.78 -0.60 37.41
CA PHE A 665 -35.59 -1.42 37.20
C PHE A 665 -34.99 -1.82 38.55
N LEU A 666 -34.69 -3.10 38.70
CA LEU A 666 -34.23 -3.67 39.97
C LEU A 666 -32.76 -4.04 39.87
N GLY A 667 -32.03 -3.75 40.95
CA GLY A 667 -30.61 -4.02 40.99
C GLY A 667 -30.20 -4.54 42.36
N ALA A 668 -29.06 -5.20 42.37
CA ALA A 668 -28.51 -5.81 43.58
C ALA A 668 -27.11 -5.26 43.82
N GLU A 669 -26.81 -4.94 45.07
CA GLU A 669 -25.53 -4.32 45.40
C GLU A 669 -24.65 -5.37 46.08
N ASN A 670 -23.34 -5.16 45.97
CA ASN A 670 -22.41 -6.08 46.63
C ASN A 670 -22.42 -5.95 48.14
N ALA A 671 -23.14 -4.96 48.69
CA ALA A 671 -23.28 -4.76 50.12
C ALA A 671 -24.54 -5.42 50.67
N PHE A 672 -25.04 -6.46 49.99
CA PHE A 672 -26.25 -7.16 50.40
C PHE A 672 -27.46 -6.23 50.43
N ASN A 673 -27.56 -5.38 49.40
CA ASN A 673 -28.60 -4.37 49.28
C ASN A 673 -29.32 -4.45 47.94
N LEU A 674 -30.59 -4.04 47.95
CA LEU A 674 -31.42 -3.98 46.75
C LEU A 674 -32.04 -2.60 46.57
N PHE A 675 -32.05 -2.13 45.32
CA PHE A 675 -32.65 -0.84 44.98
C PHE A 675 -33.44 -0.96 43.68
N VAL A 676 -34.41 -0.06 43.52
CA VAL A 676 -35.28 -0.02 42.35
C VAL A 676 -35.27 1.39 41.79
N CYS A 677 -34.89 1.54 40.53
CA CYS A 677 -34.85 2.83 39.87
C CYS A 677 -36.03 2.98 38.92
N GLN A 678 -36.48 4.22 38.73
CA GLN A 678 -37.56 4.54 37.81
C GLN A 678 -37.21 5.83 37.09
N LYS A 679 -37.65 5.93 35.85
CA LYS A 679 -37.54 7.18 35.09
C LYS A 679 -38.35 8.26 35.78
N ASP A 680 -37.81 9.48 35.83
CA ASP A 680 -38.50 10.53 36.56
C ASP A 680 -39.83 10.88 35.89
N SER A 681 -40.00 10.49 34.64
CA SER A 681 -41.21 10.67 33.85
C SER A 681 -41.71 12.11 33.76
N ALA A 682 -40.99 13.08 34.31
CA ALA A 682 -41.32 14.48 34.15
C ALA A 682 -40.61 14.94 32.88
N ALA A 683 -41.37 15.21 31.83
CA ALA A 683 -40.79 15.56 30.53
C ALA A 683 -40.48 17.05 30.41
N THR A 684 -40.63 17.83 31.48
CA THR A 684 -40.33 19.26 31.44
C THR A 684 -38.94 19.53 30.88
N THR A 685 -37.91 18.95 31.50
CA THR A 685 -36.53 19.06 31.05
C THR A 685 -36.00 17.71 30.55
N ASP A 686 -35.11 17.75 29.56
CA ASP A 686 -34.50 16.51 29.09
C ASP A 686 -33.70 15.83 30.20
N GLU A 687 -33.11 16.64 31.09
CA GLU A 687 -32.26 16.13 32.16
C GLU A 687 -33.05 15.29 33.15
N GLU A 688 -34.28 15.69 33.45
CA GLU A 688 -35.11 14.94 34.40
C GLU A 688 -35.36 13.53 33.90
N ARG A 689 -35.64 13.38 32.60
CA ARG A 689 -35.82 12.05 32.05
C ARG A 689 -34.55 11.23 32.22
N GLN A 690 -33.40 11.88 32.06
CA GLN A 690 -32.13 11.17 32.07
C GLN A 690 -31.71 10.75 33.47
N HIS A 691 -32.35 11.25 34.51
CA HIS A 691 -31.94 10.91 35.87
C HIS A 691 -32.85 9.77 36.31
N LEU A 692 -32.27 8.59 36.50
CA LEU A 692 -32.97 7.48 37.12
C LEU A 692 -32.97 7.72 38.62
N GLN A 693 -34.15 7.87 39.21
CA GLN A 693 -34.29 8.16 40.62
C GLN A 693 -34.48 6.84 41.36
N GLU A 694 -33.63 6.60 42.35
CA GLU A 694 -33.79 5.42 43.19
C GLU A 694 -35.00 5.62 44.09
N VAL A 695 -36.10 4.92 43.79
CA VAL A 695 -37.32 5.05 44.58
C VAL A 695 -37.49 3.88 45.55
N GLY A 696 -36.72 2.80 45.38
CA GLY A 696 -36.75 1.68 46.28
C GLY A 696 -35.38 1.38 46.88
N LEU A 697 -35.34 1.19 48.20
CA LEU A 697 -34.11 0.84 48.91
C LEU A 697 -34.43 -0.24 49.93
N PHE A 698 -33.60 -1.27 50.00
CA PHE A 698 -33.87 -2.43 50.85
C PHE A 698 -32.56 -3.16 51.13
N HIS A 699 -32.41 -3.67 52.35
CA HIS A 699 -31.25 -4.47 52.73
C HIS A 699 -31.70 -5.93 52.83
N LEU A 700 -31.41 -6.70 51.77
CA LEU A 700 -31.81 -8.10 51.73
C LEU A 700 -31.03 -8.93 52.75
N GLY A 701 -29.75 -8.68 52.88
CA GLY A 701 -28.90 -9.52 53.71
C GLY A 701 -28.26 -10.69 52.99
N GLU A 702 -28.51 -10.84 51.70
CA GLU A 702 -27.93 -11.86 50.86
C GLU A 702 -27.34 -11.25 49.60
N PHE A 703 -26.39 -11.97 49.02
CA PHE A 703 -25.65 -11.54 47.83
C PHE A 703 -26.36 -12.17 46.64
N VAL A 704 -27.08 -11.34 45.88
CA VAL A 704 -27.85 -11.84 44.75
C VAL A 704 -26.92 -11.96 43.53
N ASN A 705 -26.82 -13.17 42.99
CA ASN A 705 -26.07 -13.39 41.76
C ASN A 705 -26.95 -13.40 40.51
N VAL A 706 -28.18 -13.87 40.60
CA VAL A 706 -29.01 -14.07 39.42
C VAL A 706 -30.45 -13.66 39.72
N PHE A 707 -31.02 -12.92 38.78
CA PHE A 707 -32.42 -12.49 38.77
C PHE A 707 -33.07 -13.17 37.56
N CYS A 708 -34.20 -13.83 37.77
CA CYS A 708 -34.84 -14.59 36.68
C CYS A 708 -36.35 -14.48 36.79
N HIS A 709 -36.98 -14.04 35.72
CA HIS A 709 -38.44 -13.99 35.67
C HIS A 709 -39.02 -15.40 35.69
N GLY A 710 -40.07 -15.60 36.47
CA GLY A 710 -40.75 -16.88 36.53
C GLY A 710 -41.32 -17.11 37.91
N SER A 711 -42.19 -18.11 38.00
CA SER A 711 -42.75 -18.51 39.27
C SER A 711 -42.61 -20.01 39.42
N LEU A 712 -42.07 -20.42 40.56
CA LEU A 712 -41.99 -21.84 40.91
C LEU A 712 -43.35 -22.38 41.31
N VAL A 713 -44.15 -21.57 41.99
CA VAL A 713 -45.46 -22.03 42.43
C VAL A 713 -46.28 -22.33 41.18
N MET A 714 -47.16 -23.31 41.30
CA MET A 714 -47.96 -23.71 40.15
C MET A 714 -48.75 -22.51 39.62
N GLN A 715 -48.64 -22.29 38.30
CA GLN A 715 -49.40 -21.26 37.61
C GLN A 715 -50.50 -21.92 36.79
N ASN A 716 -51.74 -21.67 37.18
CA ASN A 716 -52.92 -22.13 36.47
C ASN A 716 -53.78 -20.94 36.09
N LEU A 717 -54.49 -21.06 34.97
CA LEU A 717 -55.38 -19.98 34.58
C LEU A 717 -56.43 -19.70 35.65
N GLY A 718 -56.86 -20.73 36.39
CA GLY A 718 -57.81 -20.67 37.49
C GLY A 718 -57.33 -20.13 38.83
N GLU A 719 -56.06 -19.82 39.00
CA GLU A 719 -55.56 -19.35 40.30
C GLU A 719 -56.15 -17.98 40.63
N THR A 720 -56.68 -17.83 41.83
CA THR A 720 -57.18 -16.54 42.29
C THR A 720 -56.12 -15.47 42.10
N SER A 721 -56.47 -14.39 41.42
CA SER A 721 -55.49 -13.36 41.10
C SER A 721 -55.06 -12.68 42.41
N THR A 722 -53.78 -12.81 42.73
CA THR A 722 -53.22 -12.25 43.95
C THR A 722 -53.09 -10.74 43.84
N PRO A 723 -53.01 -10.03 44.98
CA PRO A 723 -52.73 -8.59 44.93
C PRO A 723 -51.41 -8.28 44.25
N THR A 724 -50.43 -9.15 44.41
CA THR A 724 -49.10 -8.97 43.85
C THR A 724 -49.13 -9.18 42.34
N GLN A 725 -48.38 -8.37 41.60
CA GLN A 725 -48.29 -8.51 40.15
C GLN A 725 -46.83 -8.61 39.71
N GLY A 726 -46.54 -9.60 38.87
CA GLY A 726 -45.20 -9.89 38.41
C GLY A 726 -44.51 -10.95 39.24
N SER A 727 -43.41 -11.48 38.72
CA SER A 727 -42.69 -12.53 39.44
C SER A 727 -41.24 -12.57 38.98
N VAL A 728 -40.33 -12.17 39.88
CA VAL A 728 -38.89 -12.28 39.69
C VAL A 728 -38.34 -13.13 40.83
N LEU A 729 -37.72 -14.24 40.50
CA LEU A 729 -37.01 -15.07 41.47
C LEU A 729 -35.54 -14.69 41.47
N PHE A 730 -34.92 -14.71 42.66
CA PHE A 730 -33.49 -14.43 42.74
C PHE A 730 -32.75 -15.48 43.55
N GLY A 731 -31.54 -15.79 43.10
CA GLY A 731 -30.66 -16.73 43.77
C GLY A 731 -29.53 -15.99 44.46
N THR A 732 -29.00 -16.59 45.51
CA THR A 732 -28.00 -15.93 46.34
C THR A 732 -26.86 -16.89 46.66
N VAL A 733 -25.81 -16.33 47.26
CA VAL A 733 -24.62 -17.11 47.58
C VAL A 733 -24.89 -18.12 48.69
N ASN A 734 -25.78 -17.81 49.63
CA ASN A 734 -26.03 -18.70 50.76
C ASN A 734 -27.16 -19.69 50.49
N GLY A 735 -27.59 -19.83 49.24
CA GLY A 735 -28.63 -20.75 48.88
C GLY A 735 -30.03 -20.20 49.00
N MET A 736 -30.18 -19.03 49.59
CA MET A 736 -31.48 -18.40 49.73
C MET A 736 -32.04 -18.08 48.35
N ILE A 737 -33.32 -18.39 48.15
CA ILE A 737 -34.04 -18.07 46.93
C ILE A 737 -35.21 -17.17 47.31
N GLY A 738 -35.35 -16.04 46.62
CA GLY A 738 -36.37 -15.07 46.95
C GLY A 738 -37.18 -14.66 45.73
N LEU A 739 -38.37 -14.11 46.00
CA LEU A 739 -39.29 -13.69 44.97
C LEU A 739 -39.59 -12.20 45.19
N VAL A 740 -39.49 -11.42 44.11
CA VAL A 740 -39.81 -10.00 44.13
C VAL A 740 -41.05 -9.79 43.28
N THR A 741 -41.98 -8.95 43.74
CA THR A 741 -43.20 -8.68 43.00
C THR A 741 -43.68 -7.27 43.33
N SER A 742 -44.56 -6.74 42.48
CA SER A 742 -45.04 -5.38 42.60
C SER A 742 -46.42 -5.30 43.25
N LEU A 743 -46.72 -4.10 43.80
CA LEU A 743 -47.97 -3.83 44.47
C LEU A 743 -48.59 -2.56 43.90
N SER A 744 -49.89 -2.40 44.12
CA SER A 744 -50.54 -1.11 43.90
C SER A 744 -50.29 -0.20 45.09
N GLU A 745 -50.41 1.11 44.85
CA GLU A 745 -50.18 2.05 45.94
C GLU A 745 -51.02 1.69 47.16
N SER A 746 -52.29 1.35 46.93
CA SER A 746 -53.18 0.99 48.02
C SER A 746 -52.67 -0.20 48.80
N TRP A 747 -52.22 -1.25 48.11
CA TRP A 747 -51.83 -2.47 48.80
C TRP A 747 -50.54 -2.26 49.59
N TYR A 748 -49.61 -1.51 49.03
CA TYR A 748 -48.39 -1.15 49.74
C TYR A 748 -48.72 -0.47 51.06
N ASN A 749 -49.48 0.63 51.00
CA ASN A 749 -49.77 1.39 52.22
C ASN A 749 -50.37 0.50 53.29
N LEU A 750 -51.31 -0.36 52.89
CA LEU A 750 -51.90 -1.29 53.85
C LEU A 750 -50.83 -2.19 54.46
N LEU A 751 -49.99 -2.78 53.62
CA LEU A 751 -48.99 -3.71 54.14
C LEU A 751 -47.89 -2.95 54.89
N LEU A 752 -47.55 -1.75 54.44
CA LEU A 752 -46.57 -0.94 55.17
C LEU A 752 -47.09 -0.53 56.54
N ASP A 753 -48.32 0.01 56.59
CA ASP A 753 -48.90 0.39 57.87
C ASP A 753 -48.97 -0.80 58.81
N MET A 754 -49.22 -1.99 58.26
CA MET A 754 -49.26 -3.20 59.07
C MET A 754 -47.89 -3.58 59.59
N GLN A 755 -46.85 -3.40 58.79
CA GLN A 755 -45.51 -3.71 59.29
C GLN A 755 -45.21 -2.91 60.56
N ASN A 756 -45.44 -1.59 60.50
CA ASN A 756 -45.14 -0.74 61.64
C ASN A 756 -45.91 -1.19 62.86
N ARG A 757 -47.13 -1.70 62.66
CA ARG A 757 -47.91 -2.26 63.76
C ARG A 757 -47.31 -3.58 64.21
N LEU A 758 -46.90 -4.42 63.26
CA LEU A 758 -46.30 -5.71 63.62
C LEU A 758 -44.97 -5.52 64.35
N ASN A 759 -44.19 -4.53 63.97
CA ASN A 759 -42.89 -4.35 64.62
C ASN A 759 -43.06 -3.96 66.08
N LYS A 760 -44.11 -3.21 66.41
CA LYS A 760 -44.35 -2.88 67.82
C LYS A 760 -44.78 -4.11 68.61
N VAL A 761 -45.39 -5.09 67.94
CA VAL A 761 -45.96 -6.25 68.63
C VAL A 761 -44.95 -7.38 68.72
N ILE A 762 -44.20 -7.65 67.66
CA ILE A 762 -43.38 -8.85 67.60
C ILE A 762 -42.07 -8.60 68.33
N LYS A 763 -41.66 -9.56 69.15
CA LYS A 763 -40.44 -9.49 69.94
C LYS A 763 -39.28 -10.02 69.14
N SER A 764 -38.23 -9.19 69.00
CA SER A 764 -37.08 -9.57 68.21
C SER A 764 -36.01 -10.21 69.07
N VAL A 765 -35.33 -11.21 68.49
CA VAL A 765 -34.20 -11.83 69.19
C VAL A 765 -33.06 -10.83 69.23
N GLY A 766 -32.49 -10.63 70.41
CA GLY A 766 -31.48 -9.62 70.58
C GLY A 766 -32.01 -8.22 70.65
N LYS A 767 -33.34 -8.05 70.60
CA LYS A 767 -33.96 -6.73 70.63
C LYS A 767 -33.39 -5.84 69.52
N ILE A 768 -33.33 -6.39 68.31
CA ILE A 768 -32.85 -5.67 67.15
C ILE A 768 -34.06 -5.04 66.45
N GLU A 769 -34.00 -3.72 66.26
CA GLU A 769 -35.08 -3.02 65.56
C GLU A 769 -35.16 -3.47 64.10
N HIS A 770 -36.36 -3.85 63.68
CA HIS A 770 -36.57 -4.30 62.30
C HIS A 770 -36.24 -3.18 61.32
N SER A 771 -36.65 -1.95 61.63
CA SER A 771 -36.39 -0.83 60.73
C SER A 771 -34.90 -0.64 60.49
N PHE A 772 -34.08 -0.88 61.52
CA PHE A 772 -32.62 -0.76 61.36
C PHE A 772 -32.08 -1.87 60.47
N TRP A 773 -32.59 -3.08 60.64
CA TRP A 773 -32.10 -4.23 59.88
C TRP A 773 -32.30 -4.06 58.39
N ARG A 774 -33.48 -3.60 57.97
CA ARG A 774 -33.75 -3.41 56.55
C ARG A 774 -33.19 -2.11 55.99
N SER A 775 -32.64 -1.25 56.83
CA SER A 775 -32.06 0.00 56.35
C SER A 775 -30.91 -0.30 55.38
N PHE A 776 -31.00 0.28 54.18
CA PHE A 776 -29.90 0.22 53.21
C PHE A 776 -28.60 0.56 53.93
N HIS A 777 -27.57 -0.26 53.75
CA HIS A 777 -26.34 -0.07 54.54
C HIS A 777 -25.12 -0.44 53.71
N THR A 778 -24.31 0.58 53.45
CA THR A 778 -22.95 0.46 52.95
C THR A 778 -22.03 0.92 54.08
N GLU A 779 -20.71 0.69 53.93
CA GLU A 779 -19.81 1.20 54.94
C GLU A 779 -19.94 2.72 55.10
N ARG A 780 -20.34 3.41 54.03
CA ARG A 780 -20.37 4.86 54.00
C ARG A 780 -21.74 5.42 54.29
N LYS A 781 -22.80 4.68 53.97
CA LYS A 781 -24.16 5.19 54.11
C LYS A 781 -25.10 4.22 54.79
N THR A 782 -26.10 4.80 55.44
CA THR A 782 -27.23 4.04 56.00
C THR A 782 -28.50 4.85 55.74
N GLU A 783 -29.43 4.26 54.99
CA GLU A 783 -30.70 4.92 54.69
C GLU A 783 -31.87 4.06 55.16
N PRO A 784 -32.98 4.68 55.53
CA PRO A 784 -34.18 3.89 55.84
C PRO A 784 -34.68 3.23 54.57
N ALA A 785 -35.22 2.03 54.73
CA ALA A 785 -35.76 1.30 53.59
C ALA A 785 -36.93 2.07 52.99
N THR A 786 -37.15 1.87 51.70
CA THR A 786 -38.28 2.52 51.04
C THR A 786 -38.75 1.71 49.84
N GLY A 787 -40.05 1.73 49.61
CA GLY A 787 -40.64 1.08 48.46
C GLY A 787 -40.73 -0.42 48.52
N PHE A 788 -40.40 -1.03 49.65
CA PHE A 788 -40.32 -2.47 49.78
C PHE A 788 -41.08 -2.93 51.01
N ILE A 789 -41.81 -4.04 50.86
CA ILE A 789 -42.54 -4.65 51.96
C ILE A 789 -41.82 -5.95 52.31
N ASP A 790 -41.34 -6.04 53.55
CA ASP A 790 -40.70 -7.28 53.98
C ASP A 790 -41.78 -8.35 54.05
N GLY A 791 -41.87 -9.17 53.00
CA GLY A 791 -42.91 -10.17 52.96
C GLY A 791 -42.86 -11.11 54.15
N ASP A 792 -41.64 -11.43 54.60
CA ASP A 792 -41.50 -12.35 55.73
C ASP A 792 -42.10 -11.75 56.99
N LEU A 793 -41.93 -10.44 57.19
CA LEU A 793 -42.56 -9.80 58.34
C LEU A 793 -44.08 -9.85 58.21
N ILE A 794 -44.58 -9.62 57.00
CA ILE A 794 -46.02 -9.71 56.78
C ILE A 794 -46.49 -11.14 56.99
N GLU A 795 -45.72 -12.11 56.51
CA GLU A 795 -46.12 -13.50 56.64
C GLU A 795 -45.98 -14.03 58.06
N SER A 796 -45.33 -13.29 58.96
CA SER A 796 -45.25 -13.72 60.36
C SER A 796 -46.51 -13.37 61.15
N PHE A 797 -47.39 -12.53 60.58
CA PHE A 797 -48.67 -12.24 61.22
C PHE A 797 -49.45 -13.51 61.54
N LEU A 798 -49.37 -14.50 60.65
CA LEU A 798 -50.09 -15.75 60.83
C LEU A 798 -49.55 -16.61 61.97
N ASP A 799 -48.37 -16.30 62.49
CA ASP A 799 -47.75 -17.11 63.53
C ASP A 799 -47.78 -16.48 64.91
N ILE A 800 -48.28 -15.24 65.03
CA ILE A 800 -48.37 -14.57 66.33
C ILE A 800 -49.68 -14.95 67.01
N SER A 801 -49.68 -14.96 68.34
CA SER A 801 -50.83 -15.42 69.11
C SER A 801 -52.05 -14.52 68.87
N ARG A 802 -53.23 -15.07 69.14
CA ARG A 802 -54.46 -14.33 68.89
C ARG A 802 -54.50 -12.98 69.58
N PRO A 803 -54.13 -12.85 70.86
CA PRO A 803 -54.12 -11.51 71.48
C PRO A 803 -53.31 -10.51 70.68
N LYS A 804 -52.17 -10.97 70.16
CA LYS A 804 -51.28 -10.08 69.41
C LYS A 804 -51.88 -9.70 68.07
N MET A 805 -52.57 -10.63 67.43
CA MET A 805 -53.22 -10.34 66.15
C MET A 805 -54.23 -9.21 66.28
N GLN A 806 -55.08 -9.30 67.29
CA GLN A 806 -56.11 -8.28 67.50
C GLN A 806 -55.46 -6.95 67.88
N GLU A 807 -54.38 -7.00 68.66
CA GLU A 807 -53.65 -5.78 69.00
C GLU A 807 -53.11 -5.11 67.74
N VAL A 808 -52.72 -5.90 66.74
CA VAL A 808 -52.17 -5.35 65.52
C VAL A 808 -53.24 -4.62 64.72
N VAL A 809 -54.43 -5.21 64.62
CA VAL A 809 -55.46 -4.66 63.75
C VAL A 809 -56.19 -3.47 64.33
N ALA A 810 -55.93 -3.13 65.59
CA ALA A 810 -56.64 -2.02 66.21
C ALA A 810 -56.39 -0.73 65.44
N ASN A 811 -57.48 -0.02 65.15
CA ASN A 811 -57.43 1.28 64.48
C ASN A 811 -56.75 1.20 63.13
N LEU A 812 -56.95 0.12 62.39
CA LEU A 812 -56.35 -0.06 61.08
C LEU A 812 -57.42 0.17 60.02
N GLN A 813 -57.14 1.10 59.11
CA GLN A 813 -58.04 1.51 58.05
C GLN A 813 -57.48 1.26 56.66
N TYR A 814 -58.35 0.83 55.74
CA TYR A 814 -58.01 0.55 54.35
C TYR A 814 -58.25 1.84 53.55
N ASP A 815 -57.71 1.90 52.32
CA ASP A 815 -57.88 3.09 51.50
C ASP A 815 -57.92 2.75 50.00
N ASP A 816 -58.55 3.62 49.22
CA ASP A 816 -58.66 3.52 47.76
C ASP A 816 -59.44 2.29 47.30
N GLY A 817 -60.29 1.72 48.16
CA GLY A 817 -60.99 0.49 47.85
C GLY A 817 -62.42 0.72 47.45
N SER A 818 -63.19 -0.37 47.48
CA SER A 818 -64.63 -0.22 47.29
C SER A 818 -65.19 0.73 48.34
N GLY A 819 -64.71 0.61 49.58
CA GLY A 819 -65.04 1.52 50.66
C GLY A 819 -63.79 2.31 50.98
N MET A 820 -63.87 3.65 50.90
CA MET A 820 -62.67 4.47 51.09
C MET A 820 -61.99 4.17 52.41
N LYS A 821 -62.70 4.27 53.53
CA LYS A 821 -62.15 3.87 54.83
C LYS A 821 -62.89 2.64 55.36
N ARG A 822 -62.12 1.59 55.67
CA ARG A 822 -62.68 0.31 56.09
C ARG A 822 -61.81 -0.24 57.21
N GLU A 823 -62.43 -0.52 58.35
CA GLU A 823 -61.71 -1.08 59.49
C GLU A 823 -61.31 -2.54 59.22
N ALA A 824 -60.18 -2.95 59.79
CA ALA A 824 -59.69 -4.32 59.66
C ALA A 824 -59.92 -5.12 60.93
N THR A 825 -60.26 -6.40 60.79
CA THR A 825 -60.39 -7.33 61.90
C THR A 825 -59.27 -8.37 61.80
N ALA A 826 -59.03 -9.10 62.89
CA ALA A 826 -57.98 -10.11 62.88
C ALA A 826 -58.27 -11.23 61.88
N ASP A 827 -59.54 -11.55 61.64
CA ASP A 827 -59.86 -12.56 60.63
C ASP A 827 -59.69 -12.02 59.21
N ASP A 828 -59.92 -10.72 58.99
CA ASP A 828 -59.74 -10.17 57.66
C ASP A 828 -58.29 -10.27 57.22
N LEU A 829 -57.37 -9.85 58.10
CA LEU A 829 -55.95 -9.85 57.73
C LEU A 829 -55.41 -11.26 57.60
N ILE A 830 -55.92 -12.21 58.39
CA ILE A 830 -55.47 -13.60 58.25
C ILE A 830 -55.71 -14.09 56.83
N LYS A 831 -56.85 -13.73 56.25
CA LYS A 831 -57.14 -14.12 54.87
C LYS A 831 -56.23 -13.43 53.87
N VAL A 832 -55.93 -12.15 54.09
CA VAL A 832 -55.08 -11.42 53.13
C VAL A 832 -53.69 -12.02 53.10
N VAL A 833 -53.09 -12.25 54.28
CA VAL A 833 -51.73 -12.80 54.33
C VAL A 833 -51.71 -14.19 53.71
N GLU A 834 -52.74 -14.99 54.00
CA GLU A 834 -52.82 -16.34 53.45
C GLU A 834 -52.83 -16.32 51.92
N GLU A 835 -53.45 -15.32 51.31
CA GLU A 835 -53.32 -15.18 49.86
C GLU A 835 -51.90 -14.79 49.46
N LEU A 836 -51.24 -13.96 50.28
CA LEU A 836 -49.87 -13.56 49.99
C LEU A 836 -48.89 -14.73 50.15
N THR A 837 -49.23 -15.73 50.97
CA THR A 837 -48.36 -16.89 51.09
C THR A 837 -48.46 -17.82 49.88
N ARG A 838 -49.51 -17.69 49.06
CA ARG A 838 -49.66 -18.55 47.89
C ARG A 838 -48.72 -18.14 46.77
N ILE A 839 -48.08 -16.97 46.85
CA ILE A 839 -47.18 -16.56 45.79
C ILE A 839 -45.95 -17.46 45.76
N HIS A 840 -45.45 -17.86 46.92
CA HIS A 840 -44.30 -18.77 46.97
C HIS A 840 -44.76 -20.18 47.37
N THR B 7 -7.16 31.30 15.63
CA THR B 7 -6.13 30.82 16.55
C THR B 7 -6.73 30.02 17.69
N GLU B 8 -5.86 29.41 18.50
CA GLU B 8 -6.31 28.60 19.63
C GLU B 8 -7.06 29.42 20.66
N SER B 9 -6.88 30.74 20.67
CA SER B 9 -7.41 31.60 21.71
C SER B 9 -8.84 32.08 21.42
N ASP B 10 -9.34 31.89 20.20
CA ASP B 10 -10.66 32.35 19.79
C ASP B 10 -11.66 31.29 20.24
N TRP B 11 -12.13 31.40 21.49
CA TRP B 11 -13.10 30.47 22.03
C TRP B 11 -14.50 30.95 21.67
N GLY B 12 -15.46 30.03 21.72
CA GLY B 12 -16.84 30.34 21.46
C GLY B 12 -17.27 30.30 20.00
N LYS B 13 -16.34 30.15 19.06
CA LYS B 13 -16.69 30.10 17.65
C LYS B 13 -16.84 28.66 17.16
N ARG B 14 -15.95 27.78 17.59
CA ARG B 14 -15.98 26.38 17.16
C ARG B 14 -17.27 25.72 17.61
N CYS B 15 -17.81 24.87 16.74
CA CYS B 15 -19.10 24.24 17.00
C CYS B 15 -18.89 22.89 17.68
N VAL B 16 -19.87 22.50 18.50
CA VAL B 16 -19.81 21.21 19.18
C VAL B 16 -19.93 20.04 18.21
N ASP B 17 -20.16 20.33 16.92
CA ASP B 17 -20.15 19.27 15.92
C ASP B 17 -18.81 18.53 15.92
N LYS B 18 -17.75 19.23 16.29
CA LYS B 18 -16.43 18.66 16.20
C LYS B 18 -16.17 17.56 17.23
N PHE B 19 -17.15 17.26 18.06
CA PHE B 19 -17.05 16.23 19.08
C PHE B 19 -18.20 15.25 18.95
N ASP B 20 -17.88 13.97 19.06
CA ASP B 20 -18.88 12.90 19.11
C ASP B 20 -19.16 12.52 20.56
N ILE B 21 -20.41 12.70 20.99
CA ILE B 21 -20.81 12.40 22.36
C ILE B 21 -20.83 10.89 22.59
N ILE B 22 -20.27 10.45 23.71
CA ILE B 22 -20.25 9.03 24.05
C ILE B 22 -21.37 8.70 25.03
N GLY B 23 -21.55 9.55 26.03
CA GLY B 23 -22.57 9.38 27.05
C GLY B 23 -22.38 10.48 28.07
N ILE B 24 -23.40 10.62 28.92
CA ILE B 24 -23.40 11.66 29.94
C ILE B 24 -22.73 11.08 31.18
N ILE B 25 -21.56 11.62 31.53
CA ILE B 25 -20.84 11.14 32.70
C ILE B 25 -21.57 11.55 33.98
N GLY B 26 -21.96 12.82 34.08
CA GLY B 26 -22.61 13.28 35.28
C GLY B 26 -23.44 14.53 35.06
N GLU B 27 -24.38 14.73 35.98
CA GLU B 27 -25.23 15.91 35.98
C GLU B 27 -24.59 16.93 36.91
N GLY B 28 -24.00 17.98 36.36
CA GLY B 28 -23.46 19.01 37.21
C GLY B 28 -24.61 19.76 37.86
N THR B 29 -24.33 20.34 39.02
CA THR B 29 -25.40 21.08 39.70
C THR B 29 -25.89 22.21 38.82
N TYR B 30 -24.99 22.97 38.19
CA TYR B 30 -25.44 24.06 37.34
C TYR B 30 -25.88 23.55 35.95
N GLY B 31 -25.24 22.50 35.44
CA GLY B 31 -25.60 21.92 34.15
C GLY B 31 -25.04 20.53 34.00
N GLN B 32 -25.60 19.78 33.06
CA GLN B 32 -25.14 18.41 32.85
C GLN B 32 -23.76 18.39 32.17
N VAL B 33 -22.98 17.35 32.50
CA VAL B 33 -21.65 17.13 31.92
C VAL B 33 -21.65 15.82 31.13
N TYR B 34 -21.17 15.88 29.88
CA TYR B 34 -21.17 14.75 28.96
C TYR B 34 -19.73 14.44 28.52
N LYS B 35 -19.46 13.17 28.17
CA LYS B 35 -18.15 12.77 27.65
C LYS B 35 -18.14 12.58 26.14
N ALA B 36 -17.12 13.14 25.48
CA ALA B 36 -17.05 13.11 24.01
C ALA B 36 -15.61 13.01 23.52
N LYS B 37 -15.47 12.70 22.22
CA LYS B 37 -14.18 12.59 21.55
C LYS B 37 -14.03 13.68 20.50
N ASP B 38 -12.88 14.37 20.52
CA ASP B 38 -12.60 15.37 19.49
C ASP B 38 -12.41 14.63 18.16
N LYS B 39 -13.29 14.91 17.19
CA LYS B 39 -13.28 14.14 15.96
C LYS B 39 -11.95 14.21 15.25
N ASP B 40 -11.19 15.26 15.48
CA ASP B 40 -9.95 15.51 14.75
C ASP B 40 -8.75 14.83 15.40
N THR B 41 -8.66 14.87 16.72
CA THR B 41 -7.51 14.35 17.45
C THR B 41 -7.76 13.03 18.14
N GLY B 42 -9.01 12.71 18.48
CA GLY B 42 -9.33 11.51 19.21
C GLY B 42 -9.24 11.65 20.71
N GLU B 43 -8.79 12.81 21.21
CA GLU B 43 -8.68 13.01 22.64
C GLU B 43 -10.06 13.00 23.26
N LEU B 44 -10.21 12.27 24.35
CA LEU B 44 -11.45 12.35 25.10
C LEU B 44 -11.46 13.64 25.93
N VAL B 45 -12.56 14.38 25.82
CA VAL B 45 -12.75 15.64 26.52
C VAL B 45 -14.13 15.56 27.15
N ALA B 46 -14.39 16.47 28.09
CA ALA B 46 -15.66 16.55 28.78
C ALA B 46 -16.24 17.94 28.52
N LEU B 47 -17.54 17.98 28.20
CA LEU B 47 -18.23 19.20 27.80
C LEU B 47 -19.35 19.47 28.80
N LYS B 48 -19.34 20.64 29.42
CA LYS B 48 -20.34 21.06 30.39
C LYS B 48 -21.33 22.04 29.73
N LYS B 49 -22.63 21.71 29.81
CA LYS B 49 -23.66 22.48 29.13
C LYS B 49 -24.08 23.71 29.94
N VAL B 50 -23.75 24.90 29.44
CA VAL B 50 -24.17 26.16 30.04
C VAL B 50 -25.39 26.69 29.28
N ARG B 51 -26.50 26.86 29.98
CA ARG B 51 -27.77 27.22 29.37
C ARG B 51 -28.05 28.71 29.57
N LEU B 52 -28.19 29.42 28.45
CA LEU B 52 -28.61 30.82 28.46
C LEU B 52 -30.11 30.97 28.30
N ASP B 53 -30.84 29.87 28.19
CA ASP B 53 -32.27 29.92 27.96
C ASP B 53 -33.03 30.49 29.14
N ASN B 54 -32.57 30.29 30.38
CA ASN B 54 -33.34 30.81 31.51
C ASN B 54 -33.57 32.31 31.39
N GLU B 55 -32.54 33.05 31.00
CA GLU B 55 -32.59 34.49 30.79
C GLU B 55 -33.02 35.25 32.05
N LYS B 56 -33.07 34.56 33.20
CA LYS B 56 -33.22 35.26 34.47
C LYS B 56 -32.00 36.11 34.79
N GLU B 57 -30.82 35.51 34.68
CA GLU B 57 -29.55 36.19 34.85
C GLU B 57 -28.61 35.91 33.68
N GLY B 58 -29.13 35.49 32.53
CA GLY B 58 -28.23 35.28 31.41
C GLY B 58 -27.30 34.14 31.71
N PHE B 59 -26.04 34.33 31.34
CA PHE B 59 -25.01 33.34 31.61
C PHE B 59 -24.93 33.09 33.11
N PRO B 60 -24.98 31.83 33.57
CA PRO B 60 -24.86 31.57 35.00
C PRO B 60 -23.51 32.07 35.53
N ILE B 61 -23.54 32.74 36.67
CA ILE B 61 -22.28 33.26 37.21
C ILE B 61 -21.39 32.11 37.68
N THR B 62 -21.98 30.96 38.05
CA THR B 62 -21.16 29.83 38.46
C THR B 62 -20.22 29.40 37.33
N ALA B 63 -20.76 29.31 36.11
CA ALA B 63 -19.91 29.04 34.95
C ALA B 63 -18.95 30.19 34.68
N ILE B 64 -19.40 31.43 34.89
CA ILE B 64 -18.51 32.58 34.71
C ILE B 64 -17.28 32.44 35.59
N ARG B 65 -17.47 32.10 36.86
CA ARG B 65 -16.34 31.94 37.78
C ARG B 65 -15.38 30.84 37.31
N GLU B 66 -15.92 29.71 36.84
CA GLU B 66 -15.05 28.62 36.39
C GLU B 66 -14.23 29.02 35.17
N ILE B 67 -14.80 29.85 34.29
CA ILE B 67 -14.06 30.29 33.10
C ILE B 67 -13.01 31.34 33.48
N LYS B 68 -13.41 32.35 34.24
CA LYS B 68 -12.48 33.38 34.70
C LYS B 68 -11.27 32.77 35.40
N ILE B 69 -11.49 31.79 36.28
CA ILE B 69 -10.43 31.31 37.15
C ILE B 69 -9.56 30.26 36.46
N LEU B 70 -10.17 29.29 35.76
CA LEU B 70 -9.40 28.17 35.22
C LEU B 70 -8.56 28.56 34.01
N ARG B 71 -8.87 29.67 33.33
CA ARG B 71 -7.93 30.18 32.32
C ARG B 71 -6.73 30.86 32.96
N GLN B 72 -6.81 31.22 34.24
CA GLN B 72 -5.67 31.77 34.96
C GLN B 72 -4.83 30.69 35.61
N LEU B 73 -5.44 29.61 36.07
CA LEU B 73 -4.77 28.61 36.88
C LEU B 73 -4.20 27.50 36.01
N ILE B 74 -2.89 27.32 36.14
CA ILE B 74 -2.13 26.30 35.41
C ILE B 74 -1.45 25.44 36.46
N HIS B 75 -1.90 24.20 36.60
CA HIS B 75 -1.21 23.31 37.52
C HIS B 75 -1.58 21.87 37.17
N ARG B 76 -0.63 20.97 37.39
CA ARG B 76 -0.87 19.56 37.13
C ARG B 76 -2.06 19.06 37.93
N SER B 77 -2.26 19.61 39.12
CA SER B 77 -3.32 19.20 40.01
C SER B 77 -4.56 20.09 39.88
N VAL B 78 -4.66 20.88 38.81
CA VAL B 78 -5.84 21.68 38.51
C VAL B 78 -6.31 21.31 37.11
N VAL B 79 -7.62 21.09 36.96
CA VAL B 79 -8.18 20.72 35.66
C VAL B 79 -8.00 21.85 34.65
N ASN B 80 -7.81 21.47 33.39
CA ASN B 80 -7.59 22.42 32.31
C ASN B 80 -8.82 22.53 31.44
N MET B 81 -9.39 23.73 31.39
CA MET B 81 -10.45 24.05 30.43
C MET B 81 -9.74 24.32 29.10
N LYS B 82 -9.99 23.47 28.09
CA LYS B 82 -9.24 23.65 26.85
C LYS B 82 -9.83 24.76 25.99
N GLU B 83 -11.15 24.83 25.88
CA GLU B 83 -11.82 25.84 25.07
C GLU B 83 -13.32 25.81 25.37
N ILE B 84 -14.06 26.69 24.71
CA ILE B 84 -15.52 26.75 24.83
C ILE B 84 -16.10 26.66 23.43
N VAL B 85 -17.09 25.78 23.25
CA VAL B 85 -17.71 25.53 21.96
C VAL B 85 -19.20 25.80 22.09
N THR B 86 -19.86 25.97 20.94
CA THR B 86 -21.25 26.37 20.92
C THR B 86 -22.07 25.50 19.98
N ASP B 87 -23.37 25.44 20.27
CA ASP B 87 -24.34 24.80 19.40
C ASP B 87 -24.40 25.55 18.07
N LYS B 88 -24.90 24.87 17.03
CA LYS B 88 -25.04 25.54 15.74
C LYS B 88 -25.91 26.77 16.00
N GLN B 89 -25.35 27.96 15.86
CA GLN B 89 -26.06 29.19 16.14
C GLN B 89 -27.02 29.53 15.00
N ASP B 90 -28.12 30.21 15.34
CA ASP B 90 -29.07 30.60 14.31
C ASP B 90 -28.40 31.62 13.40
N ALA B 91 -28.59 31.48 12.09
CA ALA B 91 -27.90 32.34 11.15
C ALA B 91 -28.47 33.75 11.17
N LEU B 92 -27.61 34.73 11.45
CA LEU B 92 -27.95 36.15 11.46
C LEU B 92 -29.25 36.46 12.19
N ASP B 93 -29.39 35.90 13.40
CA ASP B 93 -30.56 36.23 14.20
C ASP B 93 -30.24 35.87 15.66
N PHE B 94 -29.37 36.67 16.28
CA PHE B 94 -28.93 36.39 17.65
C PHE B 94 -30.09 36.45 18.65
N LYS B 95 -31.09 37.31 18.42
CA LYS B 95 -32.23 37.34 19.35
C LYS B 95 -32.99 36.02 19.35
N LYS B 96 -33.21 35.42 18.18
CA LYS B 96 -33.87 34.11 18.18
C LYS B 96 -32.95 33.04 18.78
N ASP B 97 -31.63 33.18 18.59
CA ASP B 97 -30.71 32.16 19.05
C ASP B 97 -30.86 31.93 20.56
N LYS B 98 -31.03 30.66 20.92
CA LYS B 98 -31.08 30.22 22.31
C LYS B 98 -30.06 29.11 22.53
N GLY B 99 -29.13 28.95 21.60
CA GLY B 99 -28.22 27.83 21.70
C GLY B 99 -27.37 27.94 22.94
N ALA B 100 -26.97 26.80 23.45
CA ALA B 100 -26.22 26.76 24.69
C ALA B 100 -24.74 26.70 24.36
N PHE B 101 -23.93 26.98 25.37
CA PHE B 101 -22.48 26.95 25.26
C PHE B 101 -21.98 25.76 26.07
N TYR B 102 -20.94 25.11 25.54
CA TYR B 102 -20.35 23.92 26.15
C TYR B 102 -18.90 24.22 26.48
N LEU B 103 -18.48 23.73 27.65
CA LEU B 103 -17.13 23.97 28.17
C LEU B 103 -16.23 22.76 27.99
N VAL B 104 -15.13 22.94 27.26
CA VAL B 104 -14.20 21.84 27.00
C VAL B 104 -13.26 21.68 28.20
N PHE B 105 -13.14 20.44 28.69
CA PHE B 105 -12.24 20.08 29.78
C PHE B 105 -11.58 18.74 29.48
N GLU B 106 -10.51 18.47 30.20
CA GLU B 106 -9.88 17.15 30.16
C GLU B 106 -10.80 16.11 30.77
N TYR B 107 -10.95 14.96 30.10
CA TYR B 107 -11.78 13.87 30.62
C TYR B 107 -11.05 13.17 31.77
N MET B 108 -11.80 12.74 32.78
CA MET B 108 -11.25 12.03 33.93
C MET B 108 -11.85 10.64 34.01
N ASP B 109 -11.00 9.63 34.23
CA ASP B 109 -11.49 8.25 34.23
C ASP B 109 -12.44 7.99 35.38
N HIS B 110 -12.14 8.53 36.57
CA HIS B 110 -12.95 8.26 37.75
C HIS B 110 -13.01 9.48 38.65
N ASP B 111 -13.97 9.47 39.56
CA ASP B 111 -14.10 10.48 40.61
C ASP B 111 -14.00 9.83 41.97
N LEU B 112 -13.43 10.56 42.93
CA LEU B 112 -13.14 9.97 44.23
C LEU B 112 -14.41 9.49 44.93
N MET B 113 -15.49 10.26 44.84
CA MET B 113 -16.72 9.85 45.51
C MET B 113 -17.21 8.51 44.98
N GLY B 114 -17.17 8.34 43.65
CA GLY B 114 -17.61 7.08 43.07
C GLY B 114 -16.73 5.92 43.46
N LEU B 115 -15.42 6.16 43.54
CA LEU B 115 -14.48 5.09 43.87
C LEU B 115 -14.68 4.60 45.30
N LEU B 116 -14.94 5.52 46.21
CA LEU B 116 -15.14 5.14 47.62
C LEU B 116 -16.47 4.42 47.79
N GLU B 117 -17.53 4.92 47.16
CA GLU B 117 -18.86 4.35 47.34
C GLU B 117 -18.89 2.89 46.85
N SER B 118 -18.26 2.60 45.71
CA SER B 118 -18.17 1.23 45.23
C SER B 118 -17.22 0.38 46.08
N GLY B 119 -16.49 0.98 47.00
CA GLY B 119 -15.57 0.22 47.84
C GLY B 119 -14.60 -0.58 47.03
N LEU B 120 -14.31 -0.14 45.81
CA LEU B 120 -13.52 -0.92 44.87
C LEU B 120 -12.05 -0.58 44.95
N VAL B 121 -11.68 0.36 45.79
CA VAL B 121 -10.32 0.85 45.88
C VAL B 121 -9.83 0.61 47.29
N HIS B 122 -8.55 0.27 47.39
CA HIS B 122 -7.86 0.06 48.66
C HIS B 122 -6.66 0.97 48.59
N PHE B 123 -6.54 1.87 49.55
CA PHE B 123 -5.48 2.87 49.59
C PHE B 123 -4.41 2.42 50.58
N SER B 124 -3.17 2.39 50.11
CA SER B 124 -2.03 2.22 50.99
C SER B 124 -1.61 3.58 51.52
N GLU B 125 -0.70 3.57 52.48
CA GLU B 125 -0.16 4.85 52.95
C GLU B 125 0.49 5.59 51.79
N ASP B 126 1.30 4.88 51.01
CA ASP B 126 2.01 5.51 49.89
C ASP B 126 1.04 6.06 48.86
N HIS B 127 -0.08 5.35 48.62
CA HIS B 127 -1.07 5.87 47.68
C HIS B 127 -1.62 7.20 48.19
N ILE B 128 -1.94 7.24 49.49
CA ILE B 128 -2.49 8.45 50.10
C ILE B 128 -1.47 9.58 50.01
N LYS B 129 -0.22 9.29 50.35
CA LYS B 129 0.84 10.27 50.23
C LYS B 129 0.83 10.93 48.85
N SER B 130 0.80 10.12 47.79
CA SER B 130 0.82 10.69 46.45
C SER B 130 -0.46 11.48 46.17
N PHE B 131 -1.61 10.96 46.60
CA PHE B 131 -2.88 11.67 46.42
C PHE B 131 -2.87 12.99 47.18
N MET B 132 -2.51 12.95 48.46
CA MET B 132 -2.52 14.17 49.27
C MET B 132 -1.50 15.19 48.75
N LYS B 133 -0.29 14.74 48.40
CA LYS B 133 0.73 15.68 47.94
C LYS B 133 0.28 16.44 46.69
N GLN B 134 -0.39 15.76 45.75
CA GLN B 134 -0.91 16.44 44.58
C GLN B 134 -2.00 17.44 44.97
N LEU B 135 -2.93 17.01 45.83
CA LEU B 135 -4.03 17.88 46.23
C LEU B 135 -3.50 19.14 46.92
N MET B 136 -2.56 18.98 47.85
CA MET B 136 -2.07 20.15 48.56
C MET B 136 -1.29 21.07 47.64
N GLU B 137 -0.49 20.52 46.73
CA GLU B 137 0.25 21.34 45.78
C GLU B 137 -0.70 22.15 44.92
N GLY B 138 -1.77 21.51 44.45
CA GLY B 138 -2.78 22.27 43.73
C GLY B 138 -3.43 23.34 44.59
N LEU B 139 -3.83 22.96 45.81
CA LEU B 139 -4.45 23.94 46.69
C LEU B 139 -3.50 25.09 46.99
N GLU B 140 -2.23 24.75 47.23
CA GLU B 140 -1.23 25.79 47.48
C GLU B 140 -1.12 26.73 46.29
N TYR B 141 -1.05 26.18 45.07
CA TYR B 141 -1.00 27.02 43.89
C TYR B 141 -2.17 27.99 43.88
N CYS B 142 -3.38 27.46 44.11
CA CYS B 142 -4.57 28.31 44.08
C CYS B 142 -4.58 29.27 45.26
N HIS B 143 -4.20 28.80 46.45
CA HIS B 143 -4.18 29.71 47.59
C HIS B 143 -3.12 30.79 47.42
N LYS B 144 -2.00 30.47 46.77
CA LYS B 144 -0.99 31.50 46.52
C LYS B 144 -1.49 32.55 45.54
N LYS B 145 -2.27 32.13 44.54
CA LYS B 145 -2.90 33.08 43.63
C LYS B 145 -4.09 33.79 44.28
N ASN B 146 -4.34 33.51 45.56
CA ASN B 146 -5.37 34.19 46.37
C ASN B 146 -6.78 33.89 45.88
N PHE B 147 -7.03 32.64 45.51
CA PHE B 147 -8.35 32.13 45.17
C PHE B 147 -8.75 31.10 46.22
N LEU B 148 -10.03 31.10 46.59
CA LEU B 148 -10.55 30.16 47.57
C LEU B 148 -11.54 29.25 46.87
N HIS B 149 -11.31 27.94 46.98
CA HIS B 149 -12.18 26.97 46.31
C HIS B 149 -13.59 26.99 46.88
N ARG B 150 -13.71 26.86 48.19
CA ARG B 150 -14.98 26.98 48.90
C ARG B 150 -15.94 25.84 48.63
N ASP B 151 -15.54 24.80 47.92
CA ASP B 151 -16.45 23.68 47.67
C ASP B 151 -15.69 22.36 47.65
N ILE B 152 -14.78 22.17 48.60
CA ILE B 152 -13.97 20.96 48.61
C ILE B 152 -14.86 19.79 49.00
N LYS B 153 -14.97 18.79 48.11
CA LYS B 153 -15.77 17.60 48.36
C LYS B 153 -15.11 16.38 47.75
N CYS B 154 -15.55 15.20 48.20
CA CYS B 154 -15.04 13.96 47.62
C CYS B 154 -15.46 13.83 46.16
N SER B 155 -16.69 14.24 45.83
CA SER B 155 -17.16 14.16 44.45
C SER B 155 -16.34 15.06 43.54
N ASN B 156 -15.85 16.20 44.04
CA ASN B 156 -15.14 17.13 43.18
C ASN B 156 -13.70 16.70 42.89
N ILE B 157 -13.11 15.83 43.71
CA ILE B 157 -11.77 15.35 43.40
C ILE B 157 -11.84 14.37 42.23
N LEU B 158 -11.00 14.61 41.22
CA LEU B 158 -10.98 13.80 40.02
C LEU B 158 -9.61 13.17 39.85
N LEU B 159 -9.61 11.89 39.47
CA LEU B 159 -8.41 11.07 39.39
C LEU B 159 -8.42 10.35 38.05
N ASN B 160 -7.29 10.40 37.36
CA ASN B 160 -7.11 9.57 36.17
C ASN B 160 -6.48 8.25 36.62
N ASN B 161 -6.66 7.20 35.80
CA ASN B 161 -6.18 5.89 36.22
C ASN B 161 -4.70 5.93 36.51
N SER B 162 -3.96 6.81 35.82
CA SER B 162 -2.52 6.90 36.02
C SER B 162 -2.18 7.18 37.48
N GLY B 163 -3.07 7.85 38.20
CA GLY B 163 -2.83 8.26 39.57
C GLY B 163 -2.75 9.75 39.75
N GLN B 164 -2.75 10.51 38.66
CA GLN B 164 -2.79 11.96 38.73
C GLN B 164 -4.16 12.43 39.20
N ILE B 165 -4.17 13.44 40.05
CA ILE B 165 -5.38 14.02 40.62
C ILE B 165 -5.46 15.49 40.21
N LYS B 166 -6.65 15.91 39.81
CA LYS B 166 -6.91 17.30 39.45
C LYS B 166 -8.21 17.74 40.13
N LEU B 167 -8.20 18.93 40.73
CA LEU B 167 -9.42 19.53 41.27
C LEU B 167 -10.23 20.13 40.12
N ALA B 168 -11.55 20.22 40.32
CA ALA B 168 -12.39 20.52 39.16
C ALA B 168 -13.53 21.52 39.34
N ASP B 169 -14.38 21.36 40.35
CA ASP B 169 -15.57 22.22 40.48
C ASP B 169 -15.22 23.52 41.20
N PHE B 170 -14.81 24.52 40.43
CA PHE B 170 -14.54 25.87 40.93
C PHE B 170 -15.72 26.84 40.81
N GLY B 171 -16.95 26.32 40.73
CA GLY B 171 -18.10 27.20 40.51
C GLY B 171 -18.39 28.16 41.64
N LEU B 172 -18.00 27.81 42.87
CA LEU B 172 -18.25 28.66 44.03
C LEU B 172 -17.02 29.42 44.47
N ALA B 173 -15.92 29.34 43.72
CA ALA B 173 -14.66 29.94 44.14
C ALA B 173 -14.65 31.45 43.92
N ARG B 174 -13.97 32.16 44.83
CA ARG B 174 -13.82 33.61 44.78
C ARG B 174 -12.50 34.02 45.41
N LEU B 175 -12.03 35.21 45.01
CA LEU B 175 -10.78 35.77 45.52
C LEU B 175 -10.91 36.27 46.96
N TYR B 176 -9.81 36.15 47.71
CA TYR B 176 -9.72 36.54 49.11
C TYR B 176 -8.70 37.67 49.24
N ASN B 177 -9.07 38.73 49.96
CA ASN B 177 -8.17 39.86 50.22
C ASN B 177 -7.90 39.87 51.71
N SER B 178 -6.65 39.54 52.08
CA SER B 178 -6.23 39.54 53.47
C SER B 178 -6.40 40.92 54.08
N GLU B 179 -5.99 41.96 53.35
CA GLU B 179 -6.11 43.32 53.87
C GLU B 179 -7.57 43.73 54.08
N GLU B 180 -8.44 43.45 53.11
CA GLU B 180 -9.83 43.86 53.20
C GLU B 180 -10.74 42.64 53.07
N SER B 181 -11.07 42.01 54.19
CA SER B 181 -11.96 40.86 54.18
C SER B 181 -13.39 41.39 54.09
N ARG B 182 -14.16 40.85 53.17
CA ARG B 182 -15.49 41.33 52.83
C ARG B 182 -16.49 40.20 52.96
N PRO B 183 -17.78 40.52 53.08
CA PRO B 183 -18.78 39.46 53.21
C PRO B 183 -18.82 38.60 51.95
N TYR B 184 -18.67 37.29 52.14
CA TYR B 184 -18.75 36.34 51.05
C TYR B 184 -20.01 35.47 51.18
N ASN B 186 -22.06 32.71 52.42
CA ASN B 186 -21.89 31.97 53.68
C ASN B 186 -22.27 30.50 53.52
N LYS B 187 -21.58 29.62 54.25
CA LYS B 187 -21.89 28.19 54.28
C LYS B 187 -21.78 27.58 52.88
N VAL B 188 -20.67 27.86 52.20
CA VAL B 188 -20.53 27.41 50.82
C VAL B 188 -20.28 25.89 50.75
N ILE B 189 -19.43 25.36 51.64
CA ILE B 189 -19.03 23.95 51.50
C ILE B 189 -20.17 23.02 51.95
N THR B 190 -20.15 21.79 51.44
CA THR B 190 -21.19 20.83 51.81
C THR B 190 -21.03 20.42 53.26
N LEU B 191 -22.16 20.06 53.89
CA LEU B 191 -22.17 19.91 55.34
C LEU B 191 -21.11 18.93 55.82
N TRP B 192 -20.92 17.82 55.12
CA TRP B 192 -19.98 16.80 55.58
C TRP B 192 -18.58 17.35 55.67
N TYR B 193 -18.19 18.20 54.72
CA TYR B 193 -16.83 18.73 54.65
C TYR B 193 -16.74 20.21 55.02
N ARG B 194 -17.78 20.77 55.66
CA ARG B 194 -17.80 22.20 56.00
C ARG B 194 -16.96 22.47 57.24
N PRO B 195 -16.23 23.59 57.28
CA PRO B 195 -15.42 23.91 58.47
C PRO B 195 -16.28 24.50 59.57
N PRO B 196 -15.78 24.49 60.82
CA PRO B 196 -16.60 25.01 61.94
C PRO B 196 -16.91 26.50 61.83
N GLU B 197 -15.96 27.29 61.32
CA GLU B 197 -16.17 28.72 61.20
C GLU B 197 -17.40 29.04 60.37
N LEU B 198 -17.57 28.36 59.23
CA LEU B 198 -18.76 28.55 58.41
C LEU B 198 -20.02 28.05 59.13
N LEU B 199 -19.93 26.94 59.86
CA LEU B 199 -21.08 26.53 60.66
C LEU B 199 -21.50 27.67 61.56
N LEU B 200 -20.55 28.45 62.05
CA LEU B 200 -20.83 29.62 62.85
C LEU B 200 -20.96 30.89 62.02
N GLY B 201 -20.86 30.80 60.70
CA GLY B 201 -21.23 31.94 59.89
C GLY B 201 -20.22 33.05 59.81
N GLU B 202 -18.92 32.74 59.82
CA GLU B 202 -17.92 33.80 59.79
C GLU B 202 -18.19 34.79 58.67
N GLU B 203 -18.54 34.27 57.49
CA GLU B 203 -18.84 35.10 56.32
C GLU B 203 -17.62 35.91 55.84
N ARG B 204 -16.63 36.08 56.70
CA ARG B 204 -15.34 36.65 56.33
C ARG B 204 -14.26 35.60 56.59
N TYR B 205 -14.21 34.57 55.74
CA TYR B 205 -13.38 33.42 56.07
C TYR B 205 -12.05 33.50 55.33
N THR B 206 -11.06 32.82 55.88
CA THR B 206 -9.71 32.74 55.35
C THR B 206 -9.58 31.54 54.43
N PRO B 207 -8.42 31.40 53.78
CA PRO B 207 -8.20 30.17 52.97
C PRO B 207 -8.26 28.89 53.78
N ALA B 208 -8.18 28.95 55.10
CA ALA B 208 -8.14 27.74 55.90
C ALA B 208 -9.42 26.91 55.82
N ILE B 209 -10.49 27.46 55.24
CA ILE B 209 -11.72 26.68 55.10
C ILE B 209 -11.48 25.46 54.21
N ASP B 210 -10.76 25.65 53.11
CA ASP B 210 -10.49 24.53 52.21
C ASP B 210 -9.61 23.49 52.88
N VAL B 211 -8.71 23.94 53.75
CA VAL B 211 -7.81 23.02 54.44
C VAL B 211 -8.59 22.07 55.31
N TRP B 212 -9.61 22.56 56.02
CA TRP B 212 -10.41 21.69 56.88
C TRP B 212 -10.98 20.51 56.11
N SER B 213 -11.57 20.79 54.94
CA SER B 213 -12.16 19.74 54.13
C SER B 213 -11.13 18.70 53.73
N CYS B 214 -9.97 19.14 53.25
CA CYS B 214 -8.95 18.19 52.80
C CYS B 214 -8.52 17.27 53.92
N GLY B 215 -8.49 17.77 55.16
CA GLY B 215 -8.25 16.91 56.29
C GLY B 215 -9.35 15.86 56.44
N CYS B 216 -10.61 16.29 56.34
CA CYS B 216 -11.71 15.33 56.36
C CYS B 216 -11.51 14.26 55.30
N ILE B 217 -10.99 14.64 54.14
CA ILE B 217 -10.66 13.65 53.11
C ILE B 217 -9.52 12.76 53.60
N LEU B 218 -8.48 13.36 54.19
CA LEU B 218 -7.34 12.57 54.66
C LEU B 218 -7.83 11.47 55.58
N GLY B 219 -8.60 11.83 56.61
CA GLY B 219 -9.13 10.81 57.48
C GLY B 219 -9.99 9.79 56.74
N GLU B 220 -10.83 10.27 55.83
CA GLU B 220 -11.72 9.38 55.07
C GLU B 220 -10.95 8.38 54.22
N LEU B 221 -9.78 8.76 53.71
CA LEU B 221 -9.00 7.80 52.93
C LEU B 221 -8.51 6.65 53.82
N PHE B 222 -8.25 6.92 55.10
CA PHE B 222 -7.80 5.90 56.01
C PHE B 222 -8.94 5.05 56.56
N THR B 223 -10.11 5.65 56.77
CA THR B 223 -11.23 4.90 57.31
C THR B 223 -12.13 4.33 56.22
N LYS B 224 -12.02 4.83 54.98
CA LYS B 224 -12.89 4.47 53.86
C LYS B 224 -14.34 4.87 54.10
N LYS B 225 -14.60 5.68 55.14
CA LYS B 225 -15.90 6.21 55.52
C LYS B 225 -15.73 7.69 55.84
N PRO B 226 -16.65 8.55 55.38
CA PRO B 226 -16.53 9.98 55.74
C PRO B 226 -16.56 10.16 57.25
N ILE B 227 -15.74 11.09 57.74
CA ILE B 227 -15.55 11.23 59.18
C ILE B 227 -16.81 11.78 59.85
N PHE B 228 -17.31 12.91 59.36
CA PHE B 228 -18.45 13.59 59.97
C PHE B 228 -19.61 13.55 58.98
N GLN B 229 -20.59 12.70 59.26
CA GLN B 229 -21.80 12.57 58.47
C GLN B 229 -22.98 13.00 59.31
N ALA B 230 -23.70 14.01 58.84
CA ALA B 230 -24.85 14.53 59.57
C ALA B 230 -25.86 15.11 58.60
N ASN B 231 -27.10 15.22 59.05
CA ASN B 231 -28.16 15.84 58.27
C ASN B 231 -28.47 17.27 58.71
N LEU B 232 -27.91 17.72 59.84
CA LEU B 232 -28.18 19.04 60.38
C LEU B 232 -26.87 19.75 60.75
N GLU B 233 -26.87 21.07 60.62
CA GLU B 233 -25.66 21.84 60.91
C GLU B 233 -25.22 21.65 62.36
N LEU B 234 -26.18 21.65 63.29
CA LEU B 234 -25.83 21.47 64.70
C LEU B 234 -25.23 20.09 64.94
N ALA B 235 -25.83 19.05 64.36
CA ALA B 235 -25.33 17.70 64.55
C ALA B 235 -23.90 17.54 64.04
N GLN B 236 -23.60 18.15 62.90
CA GLN B 236 -22.23 18.13 62.37
C GLN B 236 -21.28 18.80 63.36
N LEU B 237 -21.69 19.93 63.93
CA LEU B 237 -20.88 20.58 64.96
C LEU B 237 -20.66 19.65 66.14
N GLU B 238 -21.70 18.92 66.55
CA GLU B 238 -21.57 17.95 67.63
C GLU B 238 -20.56 16.85 67.27
N LEU B 239 -20.68 16.28 66.07
CA LEU B 239 -19.77 15.21 65.69
C LEU B 239 -18.33 15.71 65.64
N ILE B 240 -18.14 16.88 65.02
CA ILE B 240 -16.82 17.51 65.02
C ILE B 240 -16.35 17.74 66.46
N SER B 241 -17.24 18.28 67.29
CA SER B 241 -16.85 18.60 68.66
C SER B 241 -16.39 17.35 69.41
N ARG B 242 -17.03 16.21 69.16
CA ARG B 242 -16.64 15.01 69.89
C ARG B 242 -15.20 14.61 69.60
N LEU B 243 -14.80 14.72 68.34
CA LEU B 243 -13.48 14.27 67.93
C LEU B 243 -12.46 15.39 68.11
N CYS B 244 -12.79 16.58 67.62
CA CYS B 244 -11.85 17.70 67.61
C CYS B 244 -11.95 18.57 68.86
N GLY B 245 -12.91 18.30 69.71
CA GLY B 245 -13.12 19.11 70.90
C GLY B 245 -14.18 20.17 70.71
N SER B 246 -14.85 20.52 71.81
CA SER B 246 -15.90 21.52 71.72
C SER B 246 -15.28 22.90 71.49
N PRO B 247 -15.90 23.72 70.66
CA PRO B 247 -15.42 25.12 70.53
C PRO B 247 -15.47 25.79 71.89
N CYS B 248 -14.33 26.36 72.30
CA CYS B 248 -14.26 27.02 73.58
C CYS B 248 -13.25 28.16 73.45
N PRO B 249 -13.35 29.19 74.28
CA PRO B 249 -12.46 30.34 74.11
C PRO B 249 -10.98 30.01 74.22
N ALA B 250 -10.59 29.02 75.03
CA ALA B 250 -9.18 28.69 75.20
C ALA B 250 -8.57 28.17 73.91
N VAL B 251 -9.31 27.36 73.16
CA VAL B 251 -8.75 26.83 71.93
C VAL B 251 -9.02 27.76 70.76
N TRP B 252 -10.00 28.65 70.87
CA TRP B 252 -10.45 29.51 69.77
C TRP B 252 -10.76 30.86 70.38
N PRO B 253 -9.72 31.68 70.61
CA PRO B 253 -9.94 32.92 71.39
C PRO B 253 -11.08 33.76 70.83
N ASP B 254 -11.22 33.80 69.52
CA ASP B 254 -12.18 34.64 68.84
C ASP B 254 -13.50 33.94 68.56
N VAL B 255 -13.71 32.75 69.14
CA VAL B 255 -14.97 32.04 68.91
C VAL B 255 -16.15 32.87 69.38
N ILE B 256 -15.95 33.71 70.41
CA ILE B 256 -17.04 34.50 70.96
C ILE B 256 -17.54 35.53 69.96
N ARG B 257 -16.70 35.99 69.04
CA ARG B 257 -17.16 36.97 68.07
C ARG B 257 -18.02 36.35 66.97
N LEU B 258 -18.03 35.05 66.85
CA LEU B 258 -18.78 34.40 65.77
C LEU B 258 -20.27 34.42 66.09
N PRO B 259 -21.11 34.68 65.09
CA PRO B 259 -22.53 34.90 65.39
C PRO B 259 -23.22 33.83 66.23
N TYR B 260 -23.07 32.55 65.88
CA TYR B 260 -23.90 31.51 66.49
C TYR B 260 -23.21 30.79 67.66
N PHE B 261 -22.10 31.31 68.18
CA PHE B 261 -21.37 30.59 69.24
C PHE B 261 -22.26 30.34 70.45
N ASN B 262 -22.96 31.37 70.93
CA ASN B 262 -23.90 31.17 72.02
C ASN B 262 -25.10 30.35 71.57
N THR B 263 -25.55 30.59 70.33
CA THR B 263 -26.73 29.91 69.80
C THR B 263 -26.47 28.42 69.63
N MET B 264 -25.43 28.06 68.87
CA MET B 264 -25.13 26.67 68.56
C MET B 264 -24.13 26.15 69.59
N LYS B 265 -24.56 25.21 70.43
CA LYS B 265 -23.68 24.66 71.44
C LYS B 265 -23.68 23.14 71.41
N PRO B 266 -22.52 22.50 71.56
CA PRO B 266 -22.51 21.03 71.70
C PRO B 266 -23.12 20.64 73.04
N LYS B 267 -23.52 19.36 73.12
CA LYS B 267 -24.13 18.87 74.36
C LYS B 267 -23.24 19.11 75.56
N LYS B 268 -21.95 18.87 75.43
CA LYS B 268 -20.97 18.98 76.49
C LYS B 268 -19.80 19.80 75.95
N GLN B 269 -18.86 20.14 76.82
CA GLN B 269 -17.59 20.68 76.32
C GLN B 269 -16.63 19.51 76.17
N TYR B 270 -16.75 18.83 75.02
CA TYR B 270 -16.00 17.61 74.80
C TYR B 270 -14.51 17.91 74.75
N ARG B 271 -13.71 16.97 75.22
CA ARG B 271 -12.26 17.07 75.06
C ARG B 271 -11.84 16.52 73.70
N ARG B 272 -10.67 16.97 73.24
CA ARG B 272 -10.16 16.49 71.96
C ARG B 272 -9.71 15.04 72.10
N ARG B 273 -10.13 14.20 71.15
CA ARG B 273 -9.82 12.78 71.14
C ARG B 273 -9.22 12.33 69.82
N LEU B 274 -8.82 13.26 68.97
CA LEU B 274 -8.43 12.91 67.61
C LEU B 274 -7.33 11.87 67.61
N ARG B 275 -6.28 12.08 68.40
CA ARG B 275 -5.18 11.13 68.43
C ARG B 275 -5.61 9.75 68.92
N GLU B 276 -6.55 9.70 69.86
CA GLU B 276 -7.04 8.43 70.36
C GLU B 276 -7.89 7.71 69.32
N GLU B 277 -8.87 8.41 68.74
CA GLU B 277 -9.79 7.75 67.82
C GLU B 277 -9.11 7.37 66.50
N PHE B 278 -8.07 8.09 66.09
CA PHE B 278 -7.32 7.75 64.89
C PHE B 278 -5.98 7.09 65.22
N SER B 279 -5.92 6.30 66.30
CA SER B 279 -4.67 5.68 66.71
C SER B 279 -4.12 4.77 65.63
N PHE B 280 -4.99 4.22 64.77
CA PHE B 280 -4.53 3.33 63.72
C PHE B 280 -3.82 4.09 62.60
N ILE B 281 -4.01 5.41 62.48
CA ILE B 281 -3.35 6.18 61.43
C ILE B 281 -1.86 6.29 61.74
N PRO B 282 -0.98 6.18 60.75
CA PRO B 282 0.46 6.36 61.02
C PRO B 282 0.76 7.69 61.68
N SER B 283 1.82 7.70 62.50
CA SER B 283 2.13 8.89 63.29
C SER B 283 2.37 10.10 62.40
N ALA B 284 3.11 9.94 61.30
CA ALA B 284 3.37 11.08 60.42
C ALA B 284 2.08 11.67 59.89
N ALA B 285 1.10 10.82 59.57
CA ALA B 285 -0.17 11.31 59.04
C ALA B 285 -1.06 11.87 60.14
N LEU B 286 -1.07 11.22 61.30
CA LEU B 286 -1.94 11.67 62.39
C LEU B 286 -1.63 13.12 62.76
N ASP B 287 -0.34 13.48 62.80
CA ASP B 287 0.02 14.86 63.09
C ASP B 287 -0.56 15.81 62.05
N LEU B 288 -0.53 15.41 60.77
CA LEU B 288 -1.12 16.23 59.73
C LEU B 288 -2.62 16.41 59.97
N LEU B 289 -3.31 15.34 60.36
CA LEU B 289 -4.74 15.44 60.63
C LEU B 289 -5.03 16.38 61.81
N ASP B 290 -4.28 16.24 62.90
CA ASP B 290 -4.50 17.12 64.05
C ASP B 290 -4.38 18.59 63.67
N HIS B 291 -3.42 18.92 62.82
CA HIS B 291 -3.23 20.30 62.41
C HIS B 291 -4.26 20.72 61.37
N MET B 292 -4.59 19.83 60.43
CA MET B 292 -5.58 20.18 59.42
C MET B 292 -6.96 20.34 60.04
N LEU B 293 -7.28 19.52 61.04
CA LEU B 293 -8.58 19.60 61.72
C LEU B 293 -8.48 20.37 63.03
N THR B 294 -7.96 21.59 62.96
CA THR B 294 -7.87 22.50 64.10
C THR B 294 -9.03 23.48 64.08
N LEU B 295 -9.68 23.65 65.23
CA LEU B 295 -10.91 24.43 65.28
C LEU B 295 -10.66 25.88 64.88
N ASP B 296 -9.60 26.47 65.41
CA ASP B 296 -9.33 27.89 65.16
C ASP B 296 -8.71 28.08 63.79
N PRO B 297 -9.37 28.79 62.87
CA PRO B 297 -8.78 28.95 61.53
C PRO B 297 -7.42 29.62 61.56
N SER B 298 -7.16 30.42 62.60
CA SER B 298 -5.88 31.11 62.68
C SER B 298 -4.76 30.18 63.12
N LYS B 299 -5.09 29.11 63.85
CA LYS B 299 -4.12 28.12 64.30
C LYS B 299 -4.07 26.92 63.37
N ARG B 300 -5.01 26.83 62.42
CA ARG B 300 -5.03 25.75 61.44
C ARG B 300 -3.88 25.92 60.45
N CYS B 301 -3.25 24.80 60.13
CA CYS B 301 -2.10 24.81 59.23
C CYS B 301 -2.47 25.33 57.85
N THR B 302 -1.45 25.77 57.11
CA THR B 302 -1.64 26.24 55.75
C THR B 302 -1.36 25.09 54.78
N ALA B 303 -1.65 25.33 53.51
CA ALA B 303 -1.34 24.32 52.50
C ALA B 303 0.17 24.10 52.41
N GLU B 304 0.96 25.17 52.42
CA GLU B 304 2.41 25.02 52.36
C GLU B 304 2.93 24.21 53.54
N GLN B 305 2.38 24.44 54.74
CA GLN B 305 2.83 23.70 55.92
C GLN B 305 2.53 22.21 55.76
N THR B 306 1.42 21.86 55.13
CA THR B 306 1.13 20.45 54.90
C THR B 306 2.16 19.83 53.95
N LEU B 307 2.54 20.58 52.90
CA LEU B 307 3.58 20.10 51.98
C LEU B 307 4.94 19.97 52.65
N GLN B 308 5.23 20.82 53.63
CA GLN B 308 6.46 20.71 54.43
C GLN B 308 6.21 19.98 55.75
N SER B 309 5.59 18.80 55.64
CA SER B 309 5.33 17.91 56.76
C SER B 309 6.10 16.61 56.54
N ASP B 310 6.40 15.92 57.65
CA ASP B 310 7.13 14.65 57.51
C ASP B 310 6.38 13.68 56.61
N PHE B 311 5.05 13.75 56.59
CA PHE B 311 4.24 12.83 55.81
C PHE B 311 4.38 13.10 54.33
N LEU B 312 4.38 14.38 53.93
CA LEU B 312 4.37 14.71 52.51
C LEU B 312 5.65 15.33 51.96
N LYS B 313 6.53 15.89 52.79
CA LYS B 313 7.68 16.60 52.25
C LYS B 313 8.56 15.68 51.41
N ASP B 314 8.77 14.44 51.85
CA ASP B 314 9.69 13.54 51.18
C ASP B 314 9.01 12.62 50.18
N VAL B 315 7.75 12.87 49.88
CA VAL B 315 7.05 12.14 48.84
C VAL B 315 7.53 12.68 47.49
N GLU B 316 7.89 11.77 46.59
CA GLU B 316 8.39 12.16 45.27
C GLU B 316 7.26 12.00 44.26
N LEU B 317 6.95 13.06 43.53
CA LEU B 317 5.86 13.01 42.56
C LEU B 317 6.21 12.13 41.36
N SER B 318 7.49 11.85 41.11
CA SER B 318 7.85 10.96 40.01
C SER B 318 7.11 9.63 40.14
N LYS B 319 7.13 9.05 41.34
CA LYS B 319 6.33 7.87 41.66
C LYS B 319 4.94 8.32 42.10
N MET B 320 3.94 8.18 41.23
CA MET B 320 2.59 8.59 41.63
C MET B 320 1.75 7.51 42.29
N ALA B 321 2.29 6.34 42.51
CA ALA B 321 1.57 5.28 43.18
C ALA B 321 0.10 5.20 42.79
N PRO B 322 -0.23 4.49 41.71
CA PRO B 322 -1.65 4.36 41.34
C PRO B 322 -2.37 3.49 42.37
N PRO B 323 -3.62 3.82 42.70
CA PRO B 323 -4.35 3.04 43.72
C PRO B 323 -4.78 1.69 43.19
N ASP B 324 -5.19 0.80 44.10
CA ASP B 324 -5.70 -0.49 43.66
C ASP B 324 -6.96 -0.18 42.85
N LEU B 325 -6.84 -0.16 41.55
CA LEU B 325 -7.93 0.29 40.70
C LEU B 325 -8.87 -0.86 40.42
N PRO B 326 -10.13 -0.58 40.07
CA PRO B 326 -11.06 -1.68 39.78
C PRO B 326 -10.50 -2.63 38.74
N HIS B 327 -10.56 -3.93 39.04
CA HIS B 327 -10.04 -4.95 38.12
C HIS B 327 -11.03 -6.09 37.97
N TRP B 328 -10.82 -6.88 36.90
CA TRP B 328 -11.79 -7.92 36.53
C TRP B 328 -11.82 -9.05 37.55
N GLN B 329 -10.67 -9.37 38.17
CA GLN B 329 -10.65 -10.32 39.27
C GLN B 329 -11.48 -9.80 40.43
N ASP B 330 -11.38 -8.51 40.71
CA ASP B 330 -12.19 -7.88 41.75
C ASP B 330 -13.68 -8.11 41.49
N CYS B 331 -14.11 -8.00 40.23
CA CYS B 331 -15.50 -8.21 39.86
C CYS B 331 -15.97 -9.59 40.28
N THR C 24 -3.14 29.97 23.16
CA THR C 24 -3.38 30.06 24.59
C THR C 24 -4.27 31.26 24.94
N LYS C 25 -3.76 32.48 24.78
CA LYS C 25 -4.49 33.71 25.08
C LYS C 25 -4.52 34.69 23.91
N PRO C 26 -5.57 35.51 23.81
CA PRO C 26 -5.73 36.39 22.65
C PRO C 26 -4.94 37.69 22.79
N CYS C 27 -4.71 38.33 21.64
CA CYS C 27 -4.06 39.64 21.61
C CYS C 27 -5.15 40.72 21.64
N TRP C 28 -5.09 41.59 22.64
CA TRP C 28 -6.10 42.63 22.80
C TRP C 28 -5.54 44.04 22.58
N TYR C 29 -4.47 44.17 21.83
CA TYR C 29 -3.85 45.47 21.61
C TYR C 29 -3.60 45.67 20.12
N TRP C 30 -3.90 46.87 19.67
CA TRP C 30 -3.77 47.29 18.28
C TRP C 30 -2.85 48.51 18.19
N ASP C 31 -2.42 48.82 16.97
CA ASP C 31 -1.68 50.04 16.69
C ASP C 31 -2.64 51.18 16.34
N LYS C 32 -2.25 52.41 16.69
CA LYS C 32 -3.08 53.57 16.39
C LYS C 32 -3.52 53.58 14.93
N LYS C 33 -2.57 53.29 14.03
CA LYS C 33 -2.88 53.29 12.61
C LYS C 33 -4.00 52.33 12.27
N ASP C 34 -4.17 51.27 13.05
CA ASP C 34 -5.16 50.26 12.74
C ASP C 34 -6.59 50.73 12.99
N LEU C 35 -6.78 51.72 13.86
CA LEU C 35 -8.12 52.19 14.19
C LEU C 35 -8.81 52.85 13.00
N ALA C 36 -8.04 53.20 11.96
CA ALA C 36 -8.63 53.71 10.73
C ALA C 36 -9.47 52.65 10.03
N HIS C 37 -9.39 51.39 10.47
CA HIS C 37 -10.04 50.27 9.80
C HIS C 37 -10.96 49.48 10.72
N THR C 38 -11.58 50.14 11.70
CA THR C 38 -12.61 49.48 12.47
C THR C 38 -13.86 49.30 11.58
N PRO C 39 -14.71 48.31 11.89
CA PRO C 39 -15.96 48.19 11.11
C PRO C 39 -16.73 49.51 11.03
N SER C 40 -16.74 50.27 12.11
CA SER C 40 -17.44 51.55 12.12
C SER C 40 -16.86 52.49 11.06
N GLN C 41 -15.53 52.55 10.96
CA GLN C 41 -14.90 53.42 9.97
C GLN C 41 -15.28 53.01 8.55
N LEU C 42 -15.19 51.71 8.25
CA LEU C 42 -15.39 51.23 6.89
C LEU C 42 -16.84 51.34 6.43
N GLU C 43 -17.78 51.44 7.36
CA GLU C 43 -19.19 51.67 7.03
C GLU C 43 -19.51 53.13 6.80
N GLY C 44 -18.51 54.02 6.84
CA GLY C 44 -18.69 55.41 6.50
C GLY C 44 -18.66 56.36 7.67
N LEU C 45 -18.50 55.86 8.89
CA LEU C 45 -18.34 56.71 10.06
C LEU C 45 -16.96 57.35 10.05
N ASP C 46 -16.90 58.67 10.31
CA ASP C 46 -15.60 59.31 10.29
C ASP C 46 -14.88 59.18 11.63
N PRO C 47 -13.57 59.42 11.65
CA PRO C 47 -12.83 59.20 12.91
C PRO C 47 -13.36 59.99 14.09
N ALA C 48 -13.77 61.24 13.88
CA ALA C 48 -14.27 62.04 15.00
C ALA C 48 -15.53 61.42 15.60
N THR C 49 -16.43 60.94 14.74
CA THR C 49 -17.70 60.40 15.24
C THR C 49 -17.50 59.11 16.03
N GLU C 50 -16.65 58.20 15.55
CA GLU C 50 -16.39 56.99 16.34
C GLU C 50 -15.73 57.33 17.68
N ALA C 51 -14.81 58.29 17.69
CA ALA C 51 -14.21 58.73 18.94
C ALA C 51 -15.27 59.26 19.89
N ARG C 52 -16.14 60.16 19.40
CA ARG C 52 -17.22 60.66 20.21
C ARG C 52 -18.16 59.53 20.64
N TYR C 53 -18.49 58.63 19.70
CA TYR C 53 -19.36 57.52 20.05
C TYR C 53 -18.75 56.67 21.15
N ARG C 54 -17.42 56.58 21.20
CA ARG C 54 -16.77 55.78 22.26
C ARG C 54 -16.81 56.52 23.59
N ARG C 55 -16.44 57.79 23.60
CA ARG C 55 -16.51 58.57 24.84
C ARG C 55 -17.90 58.49 25.45
N GLU C 56 -18.93 58.64 24.63
CA GLU C 56 -20.30 58.61 25.14
C GLU C 56 -20.63 57.24 25.71
N GLY C 57 -20.31 56.18 24.99
CA GLY C 57 -20.58 54.84 25.49
C GLY C 57 -19.83 54.54 26.76
N ALA C 58 -18.53 54.86 26.79
CA ALA C 58 -17.75 54.67 28.00
C ALA C 58 -18.33 55.47 29.15
N ARG C 59 -18.58 56.76 28.92
CA ARG C 59 -19.11 57.61 30.00
C ARG C 59 -20.48 57.16 30.44
N PHE C 60 -21.29 56.66 29.50
CA PHE C 60 -22.57 56.05 29.85
C PHE C 60 -22.36 54.88 30.79
N ILE C 61 -21.42 54.00 30.47
CA ILE C 61 -21.11 52.88 31.37
C ILE C 61 -20.65 53.41 32.73
N PHE C 62 -19.76 54.41 32.71
CA PHE C 62 -19.22 54.95 33.95
C PHE C 62 -20.32 55.56 34.82
N ASP C 63 -21.22 56.34 34.20
CA ASP C 63 -22.23 57.04 34.97
C ASP C 63 -23.29 56.08 35.50
N VAL C 64 -23.72 55.11 34.68
CA VAL C 64 -24.71 54.14 35.12
C VAL C 64 -24.20 53.37 36.33
N GLY C 65 -22.99 52.81 36.23
CA GLY C 65 -22.45 52.02 37.32
C GLY C 65 -22.15 52.84 38.55
N THR C 66 -21.73 54.10 38.37
CA THR C 66 -21.49 54.95 39.52
C THR C 66 -22.80 55.23 40.27
N ARG C 67 -23.90 55.43 39.53
CA ARG C 67 -25.18 55.60 40.19
C ARG C 67 -25.57 54.35 40.98
N LEU C 68 -25.21 53.17 40.45
CA LEU C 68 -25.52 51.91 41.11
C LEU C 68 -24.53 51.55 42.22
N GLY C 69 -23.50 52.37 42.43
CA GLY C 69 -22.55 52.12 43.50
C GLY C 69 -21.46 51.13 43.17
N LEU C 70 -21.10 50.99 41.91
CA LEU C 70 -20.19 49.93 41.50
C LEU C 70 -18.73 50.33 41.69
N HIS C 71 -17.94 49.34 42.07
CA HIS C 71 -16.49 49.46 42.23
C HIS C 71 -15.84 49.95 40.94
N TYR C 72 -14.71 50.65 41.09
CA TYR C 72 -14.07 51.25 39.92
C TYR C 72 -13.59 50.20 38.94
N ASP C 73 -13.14 49.04 39.44
CA ASP C 73 -12.74 47.96 38.53
C ASP C 73 -13.93 47.51 37.68
N THR C 74 -15.12 47.39 38.29
CA THR C 74 -16.28 46.95 37.55
C THR C 74 -16.61 47.91 36.42
N LEU C 75 -16.54 49.22 36.70
CA LEU C 75 -16.77 50.21 35.66
C LEU C 75 -15.75 50.05 34.53
N ALA C 76 -14.48 49.90 34.89
CA ALA C 76 -13.43 49.79 33.89
C ALA C 76 -13.58 48.52 33.07
N THR C 77 -13.85 47.38 33.72
CA THR C 77 -13.99 46.13 32.99
C THR C 77 -15.06 46.25 31.92
N GLY C 78 -16.23 46.77 32.28
CA GLY C 78 -17.27 47.00 31.29
C GLY C 78 -16.78 47.87 30.16
N ILE C 79 -16.04 48.94 30.49
CA ILE C 79 -15.54 49.85 29.47
C ILE C 79 -14.56 49.15 28.55
N ILE C 80 -13.75 48.25 29.10
CA ILE C 80 -12.79 47.54 28.25
C ILE C 80 -13.51 46.57 27.33
N TYR C 81 -14.49 45.84 27.86
CA TYR C 81 -15.36 45.03 27.01
C TYR C 81 -15.96 45.87 25.90
N PHE C 82 -16.52 47.03 26.27
CA PHE C 82 -17.13 47.92 25.29
C PHE C 82 -16.14 48.30 24.21
N HIS C 83 -14.96 48.79 24.61
CA HIS C 83 -13.98 49.21 23.60
C HIS C 83 -13.58 48.06 22.69
N ARG C 84 -13.32 46.88 23.27
CA ARG C 84 -12.93 45.74 22.45
C ARG C 84 -14.05 45.35 21.50
N PHE C 85 -15.29 45.38 21.98
CA PHE C 85 -16.43 44.99 21.15
C PHE C 85 -16.45 45.73 19.81
N TYR C 86 -16.32 47.05 19.84
CA TYR C 86 -16.44 47.83 18.61
C TYR C 86 -15.17 47.84 17.79
N MET C 87 -14.18 47.03 18.17
CA MET C 87 -13.12 46.64 17.25
C MET C 87 -13.57 45.52 16.30
N PHE C 88 -14.57 44.75 16.70
CA PHE C 88 -15.07 43.64 15.90
C PHE C 88 -16.44 43.94 15.27
N HIS C 89 -17.08 45.06 15.62
CA HIS C 89 -18.42 45.38 15.13
C HIS C 89 -18.52 46.86 14.80
N SER C 90 -19.60 47.22 14.10
CA SER C 90 -19.83 48.61 13.70
C SER C 90 -20.85 49.28 14.62
N PHE C 91 -20.62 50.56 14.92
CA PHE C 91 -21.56 51.32 15.71
C PHE C 91 -22.90 51.52 15.02
N LYS C 92 -22.96 51.37 13.69
CA LYS C 92 -24.23 51.56 13.00
C LYS C 92 -25.15 50.36 13.12
N GLN C 93 -24.62 49.18 13.45
CA GLN C 93 -25.43 47.97 13.60
C GLN C 93 -25.64 47.57 15.04
N PHE C 94 -24.86 48.10 15.97
CA PHE C 94 -25.02 47.80 17.40
C PHE C 94 -25.11 49.12 18.15
N PRO C 95 -26.32 49.55 18.52
CA PRO C 95 -26.45 50.77 19.33
C PRO C 95 -25.53 50.73 20.54
N ARG C 96 -24.77 51.82 20.71
CA ARG C 96 -23.74 51.83 21.73
C ARG C 96 -24.33 51.65 23.13
N TYR C 97 -25.39 52.40 23.44
CA TYR C 97 -25.90 52.38 24.80
C TYR C 97 -26.39 51.00 25.21
N VAL C 98 -27.04 50.27 24.30
CA VAL C 98 -27.39 48.88 24.61
C VAL C 98 -26.13 48.07 24.89
N THR C 99 -25.14 48.17 24.00
CA THR C 99 -23.88 47.48 24.20
C THR C 99 -23.26 47.86 25.54
N GLY C 100 -23.16 49.16 25.82
CA GLY C 100 -22.62 49.60 27.09
C GLY C 100 -23.31 48.92 28.26
N ALA C 101 -24.64 49.00 28.30
CA ALA C 101 -25.39 48.37 29.39
C ALA C 101 -25.07 46.89 29.48
N CYS C 102 -25.00 46.20 28.35
CA CYS C 102 -24.66 44.78 28.35
C CYS C 102 -23.26 44.55 28.91
N CYS C 103 -22.30 45.38 28.51
CA CYS C 103 -20.95 45.25 29.04
C CYS C 103 -20.95 45.40 30.56
N LEU C 104 -21.64 46.42 31.06
CA LEU C 104 -21.69 46.64 32.50
C LEU C 104 -22.36 45.47 33.21
N PHE C 105 -23.44 44.94 32.62
CA PHE C 105 -24.11 43.79 33.21
C PHE C 105 -23.16 42.61 33.34
N LEU C 106 -22.44 42.28 32.28
CA LEU C 106 -21.50 41.16 32.34
C LEU C 106 -20.34 41.48 33.26
N ALA C 107 -19.81 42.70 33.18
CA ALA C 107 -18.70 43.09 34.05
C ALA C 107 -19.07 42.85 35.51
N GLY C 108 -20.30 43.20 35.89
CA GLY C 108 -20.71 42.98 37.25
C GLY C 108 -20.59 41.53 37.69
N LYS C 109 -20.97 40.61 36.82
CA LYS C 109 -20.83 39.20 37.16
C LYS C 109 -19.37 38.77 37.16
N VAL C 110 -18.56 39.28 36.24
CA VAL C 110 -17.16 38.89 36.17
C VAL C 110 -16.41 39.35 37.43
N GLU C 111 -16.62 40.60 37.83
CA GLU C 111 -15.88 41.19 38.95
C GLU C 111 -16.56 40.98 40.30
N GLU C 112 -17.63 40.18 40.36
CA GLU C 112 -18.33 39.83 41.59
C GLU C 112 -18.96 41.06 42.27
N THR C 113 -19.49 41.96 41.47
CA THR C 113 -20.31 43.08 41.97
C THR C 113 -21.63 43.06 41.20
N PRO C 114 -22.37 41.95 41.28
CA PRO C 114 -23.47 41.73 40.34
C PRO C 114 -24.63 42.69 40.53
N LYS C 115 -25.33 42.96 39.42
CA LYS C 115 -26.55 43.74 39.43
C LYS C 115 -27.59 43.03 38.56
N LYS C 116 -28.85 43.24 38.89
CA LYS C 116 -29.92 42.68 38.07
C LYS C 116 -30.08 43.53 36.83
N CYS C 117 -30.33 42.87 35.71
CA CYS C 117 -30.46 43.61 34.46
C CYS C 117 -31.53 44.69 34.54
N LYS C 118 -32.65 44.40 35.20
CA LYS C 118 -33.72 45.38 35.30
C LYS C 118 -33.24 46.67 35.99
N ASP C 119 -32.34 46.54 36.96
CA ASP C 119 -31.85 47.72 37.67
C ASP C 119 -30.95 48.57 36.79
N ILE C 120 -30.15 47.93 35.94
CA ILE C 120 -29.32 48.69 35.00
C ILE C 120 -30.21 49.46 34.02
N ILE C 121 -31.28 48.82 33.53
CA ILE C 121 -32.19 49.49 32.61
C ILE C 121 -32.82 50.69 33.30
N LYS C 122 -33.31 50.48 34.54
CA LYS C 122 -33.91 51.57 35.30
C LYS C 122 -33.00 52.79 35.35
N THR C 123 -31.74 52.56 35.70
CA THR C 123 -30.78 53.66 35.79
C THR C 123 -30.48 54.24 34.41
N ALA C 124 -30.34 53.39 33.40
CA ALA C 124 -30.08 53.89 32.05
C ALA C 124 -31.20 54.80 31.58
N ARG C 125 -32.44 54.45 31.93
CA ARG C 125 -33.58 55.29 31.58
C ARG C 125 -33.51 56.62 32.32
N SER C 126 -33.12 56.59 33.59
CA SER C 126 -33.01 57.81 34.38
C SER C 126 -32.03 58.77 33.75
N LEU C 127 -30.93 58.26 33.20
CA LEU C 127 -29.87 59.13 32.72
C LEU C 127 -30.02 59.49 31.25
N LEU C 128 -30.70 58.65 30.47
CA LEU C 128 -30.85 58.88 29.04
C LEU C 128 -32.13 59.64 28.76
N ASN C 129 -32.11 60.47 27.73
CA ASN C 129 -33.31 61.17 27.29
C ASN C 129 -34.18 60.16 26.54
N ASP C 130 -35.24 60.65 25.90
CA ASP C 130 -36.17 59.75 25.22
C ASP C 130 -35.57 59.24 23.90
N VAL C 131 -34.90 60.11 23.15
CA VAL C 131 -34.30 59.67 21.89
C VAL C 131 -33.26 58.59 22.14
N GLN C 132 -32.39 58.83 23.12
CA GLN C 132 -31.31 57.90 23.40
C GLN C 132 -31.84 56.55 23.88
N PHE C 133 -32.81 56.57 24.80
CA PHE C 133 -33.37 55.33 25.28
C PHE C 133 -34.13 54.59 24.19
N GLY C 134 -34.41 55.24 23.06
CA GLY C 134 -35.04 54.55 21.95
C GLY C 134 -34.20 53.43 21.38
N GLN C 135 -32.89 53.47 21.59
CA GLN C 135 -32.03 52.39 21.12
C GLN C 135 -32.43 51.06 21.75
N PHE C 136 -32.86 51.09 23.01
CA PHE C 136 -33.23 49.87 23.72
C PHE C 136 -34.50 49.24 23.17
N GLY C 137 -35.21 49.94 22.31
CA GLY C 137 -36.34 49.37 21.62
C GLY C 137 -37.52 49.18 22.56
N ASP C 138 -38.43 48.32 22.12
CA ASP C 138 -39.69 48.14 22.83
C ASP C 138 -39.48 47.42 24.15
N ASP C 139 -38.52 46.51 24.20
CA ASP C 139 -38.19 45.73 25.39
C ASP C 139 -36.73 45.93 25.73
N PRO C 140 -36.40 46.90 26.60
CA PRO C 140 -34.99 47.14 26.91
C PRO C 140 -34.25 45.94 27.49
N LYS C 141 -34.81 45.30 28.52
CA LYS C 141 -34.12 44.16 29.13
C LYS C 141 -33.77 43.10 28.10
N GLU C 142 -34.71 42.77 27.21
CA GLU C 142 -34.46 41.72 26.22
C GLU C 142 -33.32 42.09 25.28
N GLU C 143 -33.31 43.33 24.77
CA GLU C 143 -32.26 43.72 23.85
C GLU C 143 -30.87 43.56 24.50
N VAL C 144 -30.79 43.82 25.81
CA VAL C 144 -29.52 43.70 26.52
C VAL C 144 -29.17 42.23 26.77
N MET C 145 -30.11 41.45 27.34
CA MET C 145 -29.79 40.07 27.71
C MET C 145 -29.42 39.25 26.48
N VAL C 146 -30.04 39.54 25.33
CA VAL C 146 -29.76 38.84 24.09
C VAL C 146 -28.32 39.08 23.65
N LEU C 147 -27.85 40.32 23.78
CA LEU C 147 -26.53 40.69 23.30
C LEU C 147 -25.42 39.99 24.07
N GLU C 148 -25.67 39.54 25.30
CA GLU C 148 -24.64 38.91 26.11
C GLU C 148 -23.97 37.77 25.34
N ARG C 149 -24.75 37.00 24.59
CA ARG C 149 -24.18 35.94 23.77
C ARG C 149 -23.14 36.48 22.82
N ILE C 150 -23.47 37.54 22.09
CA ILE C 150 -22.51 38.11 21.16
C ILE C 150 -21.32 38.71 21.89
N LEU C 151 -21.57 39.36 23.04
CA LEU C 151 -20.47 39.94 23.78
C LEU C 151 -19.45 38.87 24.16
N LEU C 152 -19.91 37.78 24.78
CA LEU C 152 -19.00 36.72 25.23
C LEU C 152 -18.20 36.16 24.06
N GLN C 153 -18.86 35.84 22.95
CA GLN C 153 -18.14 35.33 21.79
C GLN C 153 -17.17 36.39 21.25
N THR C 154 -17.58 37.65 21.27
CA THR C 154 -16.72 38.71 20.73
C THR C 154 -15.44 38.86 21.56
N ILE C 155 -15.57 38.89 22.89
CA ILE C 155 -14.40 39.05 23.74
C ILE C 155 -13.73 37.70 23.96
N LYS C 156 -14.11 36.72 23.16
CA LYS C 156 -13.41 35.42 23.11
C LYS C 156 -13.32 34.79 24.50
N PHE C 157 -14.34 35.03 25.33
CA PHE C 157 -14.43 34.47 26.68
C PHE C 157 -13.17 34.75 27.51
N ASP C 158 -12.40 35.78 27.12
CA ASP C 158 -11.27 36.26 27.93
C ASP C 158 -11.79 37.33 28.88
N LEU C 159 -12.28 36.90 30.04
CA LEU C 159 -12.99 37.77 30.95
C LEU C 159 -12.08 38.50 31.94
N GLN C 160 -10.94 37.90 32.32
CA GLN C 160 -10.08 38.52 33.31
C GLN C 160 -9.40 39.73 32.69
N VAL C 161 -9.49 40.87 33.37
CA VAL C 161 -8.91 42.10 32.88
C VAL C 161 -8.18 42.80 34.02
N GLU C 162 -6.99 43.32 33.70
CA GLU C 162 -6.19 44.11 34.62
C GLU C 162 -6.33 45.57 34.22
N HIS C 163 -6.26 46.45 35.20
CA HIS C 163 -6.51 47.86 34.95
C HIS C 163 -5.38 48.71 35.51
N PRO C 164 -5.16 49.91 34.96
CA PRO C 164 -4.06 50.76 35.44
C PRO C 164 -4.12 51.02 36.93
N TYR C 165 -5.30 50.92 37.55
CA TYR C 165 -5.43 51.28 38.95
C TYR C 165 -4.49 50.47 39.84
N GLN C 166 -4.51 49.14 39.68
CA GLN C 166 -3.72 48.31 40.58
C GLN C 166 -2.23 48.62 40.46
N PHE C 167 -1.78 48.96 39.25
CA PHE C 167 -0.36 49.26 39.04
C PHE C 167 0.01 50.64 39.56
N LEU C 168 -0.91 51.61 39.44
CA LEU C 168 -0.69 52.91 40.05
C LEU C 168 -0.41 52.76 41.54
N LEU C 169 -1.16 51.88 42.22
CA LEU C 169 -0.96 51.68 43.66
C LEU C 169 0.23 50.79 43.95
N LYS C 170 0.43 49.71 43.20
CA LYS C 170 1.60 48.86 43.44
C LYS C 170 2.89 49.67 43.28
N TYR C 171 2.96 50.54 42.28
CA TYR C 171 4.17 51.32 42.04
C TYR C 171 4.29 52.46 43.05
N ALA C 172 3.17 53.13 43.36
CA ALA C 172 3.22 54.23 44.31
C ALA C 172 3.66 53.75 45.68
N LYS C 173 3.29 52.52 46.06
CA LYS C 173 3.69 52.00 47.36
C LYS C 173 5.20 51.90 47.50
N GLN C 174 5.94 51.81 46.40
CA GLN C 174 7.39 51.72 46.44
C GLN C 174 8.07 53.09 46.41
N LEU C 175 7.30 54.18 46.35
CA LEU C 175 7.85 55.52 46.45
C LEU C 175 7.88 55.92 47.92
N LYS C 176 8.99 56.50 48.35
CA LYS C 176 9.15 56.99 49.71
C LYS C 176 9.65 58.43 49.67
N GLY C 177 8.95 59.30 50.38
CA GLY C 177 9.23 60.72 50.36
C GLY C 177 8.12 61.47 51.03
N ASP C 178 7.98 62.74 50.66
CA ASP C 178 6.90 63.56 51.18
C ASP C 178 5.54 62.92 50.95
N LYS C 179 4.84 62.62 52.05
CA LYS C 179 3.56 61.93 51.97
C LYS C 179 2.58 62.70 51.09
N ASN C 180 2.53 64.03 51.27
CA ASN C 180 1.56 64.85 50.57
C ASN C 180 1.87 65.00 49.09
N LYS C 181 3.15 65.09 48.73
CA LYS C 181 3.50 65.23 47.32
C LYS C 181 3.16 63.95 46.55
N ILE C 182 3.38 62.78 47.17
CA ILE C 182 3.05 61.52 46.52
C ILE C 182 1.55 61.32 46.43
N GLN C 183 0.80 61.66 47.48
CA GLN C 183 -0.65 61.53 47.40
C GLN C 183 -1.21 62.43 46.31
N LYS C 184 -0.67 63.65 46.16
CA LYS C 184 -1.12 64.50 45.06
C LYS C 184 -0.82 63.86 43.70
N LEU C 185 0.37 63.26 43.57
CA LEU C 185 0.71 62.56 42.33
C LEU C 185 -0.30 61.47 42.03
N VAL C 186 -0.62 60.66 43.04
CA VAL C 186 -1.52 59.52 42.83
C VAL C 186 -2.90 60.00 42.40
N GLN C 187 -3.49 60.92 43.17
CA GLN C 187 -4.84 61.35 42.83
C GLN C 187 -4.90 61.97 41.44
N MET C 188 -3.92 62.80 41.10
CA MET C 188 -3.91 63.39 39.76
C MET C 188 -3.79 62.29 38.71
N ALA C 189 -2.87 61.34 38.94
CA ALA C 189 -2.73 60.20 38.02
C ALA C 189 -4.01 59.38 37.98
N TRP C 190 -4.61 59.12 39.16
CA TRP C 190 -5.87 58.37 39.20
C TRP C 190 -6.91 59.02 38.32
N THR C 191 -7.06 60.35 38.43
CA THR C 191 -7.98 61.06 37.55
C THR C 191 -7.63 60.84 36.08
N PHE C 192 -6.34 60.85 35.75
CA PHE C 192 -5.95 60.62 34.36
C PHE C 192 -6.35 59.22 33.91
N VAL C 193 -6.26 58.23 34.82
CA VAL C 193 -6.73 56.89 34.46
C VAL C 193 -8.22 56.92 34.13
N ASN C 194 -9.04 57.50 35.00
CA ASN C 194 -10.48 57.56 34.74
C ASN C 194 -10.76 58.21 33.39
N ASP C 195 -10.00 59.23 33.02
CA ASP C 195 -10.24 59.94 31.77
C ASP C 195 -9.81 59.10 30.57
N SER C 196 -8.76 58.28 30.73
CA SER C 196 -8.27 57.47 29.62
C SER C 196 -9.26 56.37 29.23
N LEU C 197 -10.23 56.07 30.08
CA LEU C 197 -11.21 55.03 29.76
C LEU C 197 -12.12 55.48 28.63
N CYS C 198 -12.17 56.79 28.36
CA CYS C 198 -12.94 57.33 27.25
C CYS C 198 -12.21 57.24 25.92
N THR C 199 -10.98 56.72 25.92
CA THR C 199 -10.13 56.68 24.75
C THR C 199 -9.79 55.24 24.41
N THR C 200 -9.16 55.08 23.26
CA THR C 200 -8.69 53.79 22.78
C THR C 200 -7.33 53.39 23.34
N LEU C 201 -6.80 54.13 24.31
CA LEU C 201 -5.54 53.72 24.92
C LEU C 201 -5.66 52.33 25.52
N SER C 202 -6.82 52.01 26.10
CA SER C 202 -7.07 50.66 26.61
C SER C 202 -6.79 49.62 25.54
N LEU C 203 -6.88 49.99 24.27
CA LEU C 203 -6.66 49.08 23.16
C LEU C 203 -5.26 49.17 22.58
N GLN C 204 -4.45 50.14 23.00
CA GLN C 204 -3.12 50.32 22.44
C GLN C 204 -2.00 49.86 23.36
N TRP C 205 -2.15 50.00 24.68
CA TRP C 205 -1.05 49.79 25.61
C TRP C 205 -1.55 49.00 26.79
N GLU C 206 -0.72 48.08 27.26
CA GLU C 206 -1.05 47.31 28.46
C GLU C 206 -1.32 48.26 29.63
N PRO C 207 -2.12 47.82 30.61
CA PRO C 207 -2.41 48.71 31.75
C PRO C 207 -1.17 49.12 32.52
N GLU C 208 -0.16 48.27 32.63
CA GLU C 208 1.06 48.64 33.34
C GLU C 208 1.67 49.91 32.76
N ILE C 209 1.72 50.01 31.43
CA ILE C 209 2.28 51.20 30.79
C ILE C 209 1.41 52.41 31.10
N ILE C 210 0.08 52.23 31.08
CA ILE C 210 -0.83 53.33 31.38
C ILE C 210 -0.54 53.90 32.76
N ALA C 211 -0.38 53.02 33.76
CA ALA C 211 -0.12 53.48 35.12
C ALA C 211 1.15 54.30 35.19
N VAL C 212 2.20 53.87 34.48
CA VAL C 212 3.44 54.65 34.45
C VAL C 212 3.21 55.97 33.75
N ALA C 213 2.55 55.95 32.59
CA ALA C 213 2.35 57.17 31.82
C ALA C 213 1.64 58.23 32.66
N VAL C 214 0.62 57.83 33.43
CA VAL C 214 -0.10 58.81 34.23
C VAL C 214 0.73 59.28 35.41
N MET C 215 1.61 58.43 35.94
CA MET C 215 2.59 58.89 36.93
C MET C 215 3.53 59.92 36.30
N TYR C 216 4.02 59.61 35.10
CA TYR C 216 4.89 60.50 34.35
C TYR C 216 4.21 61.84 34.05
N LEU C 217 2.95 61.79 33.61
CA LEU C 217 2.24 63.03 33.30
C LEU C 217 2.05 63.88 34.55
N ALA C 218 1.54 63.29 35.63
CA ALA C 218 1.34 64.05 36.86
C ALA C 218 2.64 64.62 37.39
N GLY C 219 3.74 63.87 37.27
CA GLY C 219 5.03 64.38 37.69
C GLY C 219 5.45 65.61 36.94
N ARG C 220 5.32 65.57 35.62
CA ARG C 220 5.60 66.76 34.81
C ARG C 220 4.72 67.92 35.25
N LEU C 221 3.42 67.66 35.44
CA LEU C 221 2.51 68.75 35.78
C LEU C 221 2.78 69.29 37.18
N CYS C 222 3.04 68.42 38.16
CA CYS C 222 3.31 68.92 39.52
C CYS C 222 4.78 69.32 39.71
N LYS C 223 5.60 69.22 38.67
CA LYS C 223 7.02 69.55 38.75
C LYS C 223 7.72 68.74 39.85
N PHE C 224 7.38 67.44 39.92
CA PHE C 224 8.03 66.51 40.83
C PHE C 224 9.02 65.65 40.05
N GLU C 225 10.14 65.30 40.68
CA GLU C 225 11.14 64.40 40.11
C GLU C 225 11.04 63.05 40.82
N ILE C 226 10.30 62.12 40.20
CA ILE C 226 9.92 60.87 40.84
C ILE C 226 11.12 59.98 41.15
N GLN C 227 12.20 60.08 40.38
CA GLN C 227 13.34 59.20 40.63
C GLN C 227 13.81 59.33 42.09
N GLU C 228 13.71 60.53 42.66
CA GLU C 228 14.20 60.74 44.03
C GLU C 228 13.47 59.84 45.03
N TRP C 229 12.20 59.54 44.78
CA TRP C 229 11.43 58.71 45.68
C TRP C 229 11.66 57.22 45.46
N THR C 230 12.42 56.84 44.44
CA THR C 230 12.65 55.43 44.16
C THR C 230 13.86 54.91 44.92
N SER C 231 14.00 53.58 44.95
CA SER C 231 15.19 52.96 45.52
C SER C 231 16.44 53.20 44.70
N LYS C 232 16.33 53.81 43.52
CA LYS C 232 17.46 54.08 42.64
C LYS C 232 17.43 55.55 42.28
N PRO C 233 17.71 56.43 43.25
CA PRO C 233 17.43 57.87 43.05
C PRO C 233 18.27 58.51 41.95
N MET C 234 19.28 57.84 41.44
CA MET C 234 20.14 58.36 40.38
C MET C 234 19.82 57.72 39.04
N TYR C 235 18.73 56.99 38.99
CA TYR C 235 18.20 56.35 37.79
C TYR C 235 17.14 57.30 37.25
N ARG C 236 17.53 58.15 36.30
CA ARG C 236 16.65 59.21 35.84
C ARG C 236 15.42 58.66 35.14
N ARG C 237 15.55 57.52 34.47
CA ARG C 237 14.40 56.83 33.88
C ARG C 237 13.81 55.96 34.98
N TRP C 238 13.05 56.60 35.85
CA TRP C 238 12.57 55.94 37.06
C TRP C 238 11.64 54.77 36.75
N TRP C 239 10.87 54.85 35.67
CA TRP C 239 9.86 53.85 35.41
C TRP C 239 10.46 52.50 35.02
N GLU C 240 11.70 52.47 34.52
CA GLU C 240 12.24 51.23 33.98
C GLU C 240 12.30 50.13 35.03
N GLN C 241 12.37 50.47 36.32
CA GLN C 241 12.32 49.47 37.38
C GLN C 241 10.92 48.93 37.62
N PHE C 242 9.89 49.63 37.15
CA PHE C 242 8.52 49.13 37.23
C PHE C 242 8.09 48.40 35.97
N VAL C 243 8.39 48.97 34.82
CA VAL C 243 7.94 48.48 33.52
C VAL C 243 9.16 48.44 32.62
N GLN C 244 9.59 47.23 32.25
CA GLN C 244 10.75 47.10 31.40
C GLN C 244 10.39 47.37 29.93
N ASP C 245 11.35 47.96 29.22
CA ASP C 245 11.26 48.13 27.77
C ASP C 245 10.23 49.18 27.35
N VAL C 246 10.11 50.26 28.09
CA VAL C 246 9.17 51.31 27.67
C VAL C 246 9.98 52.54 27.29
N PRO C 247 10.03 52.91 26.01
CA PRO C 247 10.69 54.15 25.63
C PRO C 247 9.85 55.33 26.05
N VAL C 248 10.50 56.48 26.19
CA VAL C 248 9.76 57.69 26.49
C VAL C 248 8.76 57.96 25.38
N ASP C 249 9.12 57.55 24.15
CA ASP C 249 8.23 57.73 23.00
C ASP C 249 6.81 57.33 23.36
N VAL C 250 6.67 56.17 23.99
CA VAL C 250 5.34 55.65 24.33
C VAL C 250 4.67 56.52 25.38
N LEU C 251 5.38 56.81 26.46
CA LEU C 251 4.78 57.60 27.53
C LEU C 251 4.36 58.97 27.03
N GLU C 252 5.11 59.55 26.10
CA GLU C 252 4.73 60.85 25.54
C GLU C 252 3.50 60.72 24.64
N ASP C 253 3.46 59.69 23.80
CA ASP C 253 2.28 59.48 22.96
C ASP C 253 1.04 59.38 23.83
N ILE C 254 1.13 58.66 24.95
CA ILE C 254 -0.01 58.50 25.85
C ILE C 254 -0.37 59.85 26.47
N CYS C 255 0.62 60.56 27.03
CA CYS C 255 0.32 61.85 27.64
C CYS C 255 -0.33 62.80 26.64
N HIS C 256 0.18 62.82 25.41
CA HIS C 256 -0.41 63.66 24.37
C HIS C 256 -1.88 63.31 24.19
N GLN C 257 -2.20 62.02 24.13
CA GLN C 257 -3.58 61.59 23.93
C GLN C 257 -4.46 61.96 25.13
N ILE C 258 -3.94 61.85 26.34
CA ILE C 258 -4.77 62.20 27.52
C ILE C 258 -5.06 63.70 27.54
N LEU C 259 -4.02 64.53 27.40
CA LEU C 259 -4.23 65.97 27.48
C LEU C 259 -5.07 66.50 26.33
N ASP C 260 -5.12 65.80 25.21
CA ASP C 260 -5.97 66.22 24.10
C ASP C 260 -7.44 66.27 24.55
N LEU C 261 -7.87 65.28 25.32
CA LEU C 261 -9.24 65.27 25.80
C LEU C 261 -9.55 66.54 26.60
N TYR C 262 -8.60 66.99 27.43
CA TYR C 262 -8.82 68.22 28.20
C TYR C 262 -8.83 69.44 27.29
N SER C 263 -7.95 69.48 26.29
CA SER C 263 -7.90 70.65 25.40
C SER C 263 -9.13 70.71 24.51
N GLN C 264 -9.58 69.55 24.01
CA GLN C 264 -10.79 69.53 23.18
C GLN C 264 -11.99 69.97 24.01
N GLY C 265 -12.12 69.47 25.24
CA GLY C 265 -13.25 69.85 26.06
C GLY C 265 -13.01 71.23 26.64
N LYS C 266 -13.86 71.60 27.57
CA LYS C 266 -13.69 72.85 28.29
C LYS C 266 -12.91 72.63 29.58
N GLN C 267 -12.85 71.38 30.03
CA GLN C 267 -12.15 71.00 31.25
C GLN C 267 -10.64 71.18 31.13
N GLN C 268 -10.00 71.44 32.27
CA GLN C 268 -8.57 71.65 32.34
C GLN C 268 -7.92 70.62 33.26
N MET C 269 -6.57 70.60 33.25
CA MET C 269 -5.84 69.64 34.06
C MET C 269 -6.20 69.79 35.54
N PRO C 270 -6.35 68.68 36.28
CA PRO C 270 -6.91 68.82 37.64
C PRO C 270 -6.08 69.66 38.59
N HIS C 271 -4.77 69.45 38.61
CA HIS C 271 -3.85 70.12 39.52
C HIS C 271 -4.48 70.52 40.85
N MET D 5 -16.34 35.61 -49.90
CA MET D 5 -16.34 36.82 -49.02
C MET D 5 -17.69 36.94 -48.31
N SER D 6 -17.71 37.72 -47.23
CA SER D 6 -18.92 37.93 -46.43
C SER D 6 -19.27 39.41 -46.44
N TYR D 7 -20.56 39.70 -46.32
CA TYR D 7 -21.09 41.06 -46.46
C TYR D 7 -21.99 41.36 -45.27
N ASN D 8 -21.67 42.43 -44.55
CA ASN D 8 -22.34 42.77 -43.31
C ASN D 8 -22.51 44.29 -43.20
N TYR D 9 -23.38 44.67 -42.26
CA TYR D 9 -23.85 46.05 -42.05
C TYR D 9 -23.76 46.39 -40.57
N VAL D 10 -23.20 47.56 -40.25
CA VAL D 10 -23.03 48.00 -38.87
C VAL D 10 -23.76 49.33 -38.68
N VAL D 11 -24.66 49.39 -37.69
CA VAL D 11 -25.41 50.59 -37.37
C VAL D 11 -25.40 50.84 -35.87
N THR D 12 -25.32 52.13 -35.50
CA THR D 12 -25.26 52.54 -34.09
C THR D 12 -26.68 52.77 -33.58
N ALA D 13 -27.22 51.77 -32.86
CA ALA D 13 -28.58 51.89 -32.36
C ALA D 13 -28.68 52.93 -31.24
N GLN D 14 -27.81 52.84 -30.25
CA GLN D 14 -27.75 53.83 -29.17
C GLN D 14 -26.35 54.42 -29.15
N LYS D 15 -26.27 55.75 -29.16
CA LYS D 15 -24.98 56.42 -29.26
C LYS D 15 -24.22 56.31 -27.95
N PRO D 16 -22.90 56.51 -27.98
CA PRO D 16 -22.11 56.48 -26.74
C PRO D 16 -22.69 57.42 -25.70
N THR D 17 -22.83 56.91 -24.48
CA THR D 17 -23.39 57.68 -23.38
C THR D 17 -22.35 58.10 -22.35
N ALA D 18 -21.21 57.42 -22.30
CA ALA D 18 -20.20 57.70 -21.30
C ALA D 18 -19.47 59.00 -21.60
N VAL D 19 -19.15 59.74 -20.56
CA VAL D 19 -18.43 61.00 -20.68
C VAL D 19 -16.93 60.73 -20.61
N ASN D 20 -16.23 61.03 -21.69
CA ASN D 20 -14.78 60.85 -21.75
C ASN D 20 -14.00 62.11 -21.42
N GLY D 21 -14.61 63.28 -21.60
CA GLY D 21 -13.99 64.53 -21.16
C GLY D 21 -14.96 65.68 -21.39
N CYS D 22 -14.67 66.79 -20.71
CA CYS D 22 -15.53 67.96 -20.86
C CYS D 22 -14.78 69.23 -20.48
N VAL D 23 -15.05 70.31 -21.23
CA VAL D 23 -14.43 71.61 -21.01
C VAL D 23 -15.50 72.70 -20.98
N THR D 24 -15.10 73.87 -20.47
CA THR D 24 -15.92 75.06 -20.46
C THR D 24 -15.20 76.18 -21.20
N GLY D 25 -15.97 77.16 -21.66
CA GLY D 25 -15.37 78.28 -22.36
C GLY D 25 -16.40 79.05 -23.16
N HIS D 26 -15.89 79.78 -24.16
CA HIS D 26 -16.68 80.72 -24.97
C HIS D 26 -16.48 80.41 -26.45
N PHE D 27 -17.08 79.30 -26.86
CA PHE D 27 -16.88 78.72 -28.18
C PHE D 27 -17.89 79.19 -29.21
N THR D 28 -19.18 79.25 -28.83
CA THR D 28 -20.20 79.65 -29.78
C THR D 28 -20.29 81.16 -29.92
N SER D 29 -20.07 81.88 -28.82
CA SER D 29 -20.06 83.33 -28.82
C SER D 29 -19.18 83.79 -27.68
N ALA D 30 -18.58 84.97 -27.84
CA ALA D 30 -17.78 85.53 -26.75
C ALA D 30 -18.63 85.83 -25.53
N GLU D 31 -19.96 85.83 -25.67
CA GLU D 31 -20.88 86.12 -24.58
C GLU D 31 -21.36 84.84 -23.91
N ASP D 32 -21.64 83.81 -24.71
CA ASP D 32 -22.16 82.57 -24.16
C ASP D 32 -21.10 81.86 -23.31
N LEU D 33 -21.57 81.17 -22.27
CA LEU D 33 -20.72 80.26 -21.51
C LEU D 33 -21.06 78.86 -21.99
N ASN D 34 -20.08 78.18 -22.58
CA ASN D 34 -20.32 76.89 -23.20
C ASN D 34 -19.83 75.76 -22.29
N LEU D 35 -20.47 74.61 -22.45
CA LEU D 35 -19.99 73.34 -21.92
C LEU D 35 -19.96 72.38 -23.09
N LEU D 36 -18.77 71.92 -23.46
CA LEU D 36 -18.60 70.93 -24.52
C LEU D 36 -18.33 69.60 -23.84
N ILE D 37 -19.18 68.61 -24.12
CA ILE D 37 -19.05 67.27 -23.54
C ILE D 37 -18.66 66.32 -24.66
N ALA D 38 -17.63 65.53 -24.42
CA ALA D 38 -17.11 64.60 -25.42
C ALA D 38 -17.49 63.16 -25.05
N LYS D 39 -18.18 62.49 -25.96
CA LYS D 39 -18.35 61.05 -26.00
C LYS D 39 -17.43 60.49 -27.08
N ASN D 40 -17.24 59.16 -27.05
CA ASN D 40 -16.16 58.56 -27.82
C ASN D 40 -16.03 59.14 -29.21
N THR D 41 -17.13 59.17 -29.97
CA THR D 41 -17.15 59.74 -31.30
C THR D 41 -18.08 60.95 -31.43
N ARG D 42 -18.74 61.36 -30.35
CA ARG D 42 -19.73 62.43 -30.40
C ARG D 42 -19.28 63.62 -29.56
N LEU D 43 -19.42 64.81 -30.15
CA LEU D 43 -19.15 66.08 -29.47
C LEU D 43 -20.49 66.80 -29.29
N GLU D 44 -20.81 67.14 -28.05
CA GLU D 44 -22.05 67.82 -27.68
C GLU D 44 -21.73 69.21 -27.18
N ILE D 45 -22.43 70.22 -27.72
CA ILE D 45 -22.21 71.61 -27.36
C ILE D 45 -23.45 72.12 -26.65
N TYR D 46 -23.26 72.70 -25.46
CA TYR D 46 -24.33 73.23 -24.63
C TYR D 46 -24.04 74.70 -24.29
N VAL D 47 -25.09 75.40 -23.83
CA VAL D 47 -24.95 76.73 -23.28
C VAL D 47 -25.51 76.75 -21.86
N VAL D 48 -24.77 77.40 -20.96
CA VAL D 48 -25.09 77.40 -19.54
C VAL D 48 -26.17 78.43 -19.24
N THR D 49 -27.20 78.00 -18.53
CA THR D 49 -28.28 78.85 -18.03
C THR D 49 -28.30 78.76 -16.51
N ALA D 50 -29.23 79.48 -15.88
CA ALA D 50 -29.46 79.31 -14.46
C ALA D 50 -30.29 78.07 -14.17
N GLU D 51 -30.82 77.45 -15.21
CA GLU D 51 -31.73 76.31 -15.13
C GLU D 51 -31.05 74.97 -15.34
N GLY D 52 -30.08 74.94 -16.25
CA GLY D 52 -29.43 73.72 -16.64
C GLY D 52 -28.63 74.00 -17.90
N LEU D 53 -28.61 73.04 -18.82
CA LEU D 53 -27.84 73.16 -20.05
C LEU D 53 -28.78 73.28 -21.23
N ARG D 54 -28.51 74.23 -22.12
CA ARG D 54 -29.30 74.37 -23.33
C ARG D 54 -28.51 73.80 -24.50
N PRO D 55 -28.98 72.71 -25.13
CA PRO D 55 -28.26 72.16 -26.28
C PRO D 55 -28.31 73.11 -27.45
N VAL D 56 -27.24 73.11 -28.24
CA VAL D 56 -27.19 73.99 -29.41
C VAL D 56 -26.86 73.18 -30.66
N LYS D 57 -25.92 72.25 -30.54
CA LYS D 57 -25.46 71.51 -31.71
C LYS D 57 -24.75 70.24 -31.25
N GLU D 58 -24.92 69.18 -32.01
CA GLU D 58 -24.19 67.94 -31.80
C GLU D 58 -23.64 67.46 -33.14
N VAL D 59 -22.36 67.10 -33.16
CA VAL D 59 -21.71 66.57 -34.35
C VAL D 59 -21.05 65.24 -34.01
N GLY D 60 -20.93 64.40 -35.03
CA GLY D 60 -20.09 63.22 -34.97
C GLY D 60 -18.79 63.46 -35.71
N MET D 61 -17.73 62.80 -35.26
CA MET D 61 -16.43 62.85 -35.90
C MET D 61 -15.99 61.45 -36.31
N TYR D 62 -15.20 61.39 -37.39
CA TYR D 62 -14.65 60.12 -37.86
C TYR D 62 -13.38 59.79 -37.07
N GLY D 63 -13.57 59.60 -35.77
CA GLY D 63 -12.45 59.39 -34.88
C GLY D 63 -12.81 59.42 -33.41
N LYS D 64 -11.99 58.73 -32.62
CA LYS D 64 -12.09 58.78 -31.17
C LYS D 64 -11.43 60.04 -30.66
N ILE D 65 -12.17 60.82 -29.87
CA ILE D 65 -11.67 62.11 -29.38
C ILE D 65 -10.70 61.83 -28.25
N ALA D 66 -9.42 62.12 -28.46
CA ALA D 66 -8.39 61.93 -27.43
C ALA D 66 -8.12 63.22 -26.66
N VAL D 67 -7.91 64.33 -27.36
CA VAL D 67 -7.67 65.62 -26.73
C VAL D 67 -8.77 66.57 -27.14
N MET D 68 -9.27 67.35 -26.17
CA MET D 68 -10.27 68.38 -26.43
C MET D 68 -10.00 69.56 -25.52
N GLU D 69 -9.71 70.72 -26.10
CA GLU D 69 -9.39 71.90 -25.32
C GLU D 69 -9.87 73.14 -26.05
N LEU D 70 -10.26 74.15 -25.28
CA LEU D 70 -10.66 75.43 -25.84
C LEU D 70 -9.53 76.43 -25.59
N PHE D 71 -9.23 77.23 -26.61
CA PHE D 71 -8.17 78.22 -26.52
C PHE D 71 -8.59 79.40 -27.37
N ARG D 72 -7.98 80.56 -27.12
CA ARG D 72 -8.36 81.79 -27.81
C ARG D 72 -7.10 82.56 -28.17
N PRO D 73 -6.59 82.39 -29.39
CA PRO D 73 -5.34 83.05 -29.76
C PRO D 73 -5.50 84.55 -29.93
N LYS D 74 -4.39 85.26 -29.72
CA LYS D 74 -4.36 86.71 -29.86
C LYS D 74 -4.98 87.12 -31.19
N GLY D 75 -5.97 88.00 -31.12
CA GLY D 75 -6.66 88.47 -32.31
C GLY D 75 -8.02 87.88 -32.57
N GLU D 76 -8.40 86.80 -31.89
CA GLU D 76 -9.67 86.16 -32.13
C GLU D 76 -10.81 86.73 -31.31
N SER D 77 -12.02 86.63 -31.86
CA SER D 77 -13.22 87.12 -31.21
C SER D 77 -13.71 86.20 -30.09
N LYS D 78 -13.53 84.89 -30.25
CA LYS D 78 -14.08 83.92 -29.33
C LYS D 78 -13.22 82.68 -29.35
N ASP D 79 -13.50 81.75 -28.44
CA ASP D 79 -12.63 80.59 -28.29
C ASP D 79 -12.72 79.68 -29.50
N LEU D 80 -11.59 79.08 -29.85
CA LEU D 80 -11.50 78.00 -30.82
C LEU D 80 -11.31 76.68 -30.09
N LEU D 81 -11.62 75.59 -30.78
CA LEU D 81 -11.60 74.25 -30.20
C LEU D 81 -10.51 73.42 -30.87
N PHE D 82 -9.64 72.82 -30.06
CA PHE D 82 -8.66 71.87 -30.58
C PHE D 82 -9.08 70.44 -30.23
N ILE D 83 -8.98 69.54 -31.22
CA ILE D 83 -9.29 68.13 -31.00
C ILE D 83 -8.25 67.26 -31.70
N LEU D 84 -7.83 66.21 -31.01
CA LEU D 84 -6.94 65.18 -31.53
C LEU D 84 -7.57 63.82 -31.28
N THR D 85 -7.59 62.96 -32.30
CA THR D 85 -8.16 61.63 -32.17
C THR D 85 -7.11 60.57 -31.84
N ALA D 86 -7.60 59.38 -31.50
CA ALA D 86 -6.73 58.27 -31.16
C ALA D 86 -5.95 57.75 -32.35
N LYS D 87 -6.40 58.01 -33.57
CA LYS D 87 -5.62 57.72 -34.76
C LYS D 87 -4.72 58.88 -35.17
N TYR D 88 -4.58 59.89 -34.30
CA TYR D 88 -3.67 61.00 -34.48
C TYR D 88 -4.17 61.98 -35.54
N ASN D 89 -5.49 62.14 -35.66
CA ASN D 89 -6.08 63.19 -36.47
C ASN D 89 -6.26 64.43 -35.62
N ALA D 90 -5.57 65.51 -35.99
CA ALA D 90 -5.65 66.79 -35.29
C ALA D 90 -6.45 67.78 -36.11
N CYS D 91 -7.12 68.71 -35.44
CA CYS D 91 -7.86 69.76 -36.13
C CYS D 91 -8.16 70.89 -35.16
N ILE D 92 -8.35 72.08 -35.72
CA ILE D 92 -8.84 73.22 -34.98
C ILE D 92 -10.19 73.61 -35.57
N LEU D 93 -11.20 73.77 -34.72
CA LEU D 93 -12.57 73.95 -35.14
C LEU D 93 -13.11 75.30 -34.69
N GLU D 94 -14.04 75.82 -35.49
CA GLU D 94 -14.71 77.08 -35.20
C GLU D 94 -16.22 76.91 -35.30
N TYR D 95 -16.95 77.47 -34.34
CA TYR D 95 -18.40 77.53 -34.40
C TYR D 95 -18.79 78.74 -35.23
N LYS D 96 -19.63 78.52 -36.24
CA LYS D 96 -20.11 79.61 -37.08
C LYS D 96 -21.60 79.41 -37.32
N GLN D 97 -22.38 80.44 -37.02
CA GLN D 97 -23.84 80.35 -37.16
C GLN D 97 -24.37 81.61 -37.81
N SER D 98 -25.18 81.41 -38.86
CA SER D 98 -25.83 82.48 -39.61
C SER D 98 -27.33 82.21 -39.57
N GLY D 99 -28.03 82.86 -38.65
CA GLY D 99 -29.43 82.56 -38.45
C GLY D 99 -29.58 81.15 -37.90
N GLU D 100 -30.32 80.30 -38.60
CA GLU D 100 -30.52 78.92 -38.17
C GLU D 100 -29.47 77.96 -38.71
N SER D 101 -28.61 78.39 -39.63
CA SER D 101 -27.67 77.47 -40.26
C SER D 101 -26.44 77.36 -39.37
N ILE D 102 -26.23 76.18 -38.77
CA ILE D 102 -25.10 75.94 -37.90
C ILE D 102 -24.14 75.00 -38.61
N ASP D 103 -22.87 75.40 -38.66
CA ASP D 103 -21.82 74.60 -39.23
C ASP D 103 -20.63 74.65 -38.28
N ILE D 104 -19.79 73.63 -38.35
CA ILE D 104 -18.55 73.58 -37.60
C ILE D 104 -17.44 73.60 -38.64
N ILE D 105 -16.60 74.63 -38.58
CA ILE D 105 -15.60 74.88 -39.61
C ILE D 105 -14.26 74.30 -39.19
N THR D 106 -13.58 73.68 -40.16
CA THR D 106 -12.25 73.14 -39.94
C THR D 106 -11.22 74.21 -40.31
N ARG D 107 -10.64 74.84 -39.29
CA ARG D 107 -9.67 75.91 -39.54
C ARG D 107 -8.30 75.34 -39.85
N ALA D 108 -7.92 74.22 -39.24
CA ALA D 108 -6.64 73.57 -39.45
C ALA D 108 -6.82 72.08 -39.25
N HIS D 109 -6.06 71.28 -39.99
CA HIS D 109 -6.19 69.83 -39.84
C HIS D 109 -4.99 69.10 -40.43
N GLY D 110 -4.75 67.91 -39.89
CA GLY D 110 -3.66 67.05 -40.34
C GLY D 110 -3.53 65.87 -39.40
N ASN D 111 -2.67 64.93 -39.80
CA ASN D 111 -2.38 63.74 -39.01
C ASN D 111 -0.98 63.88 -38.43
N VAL D 112 -0.87 63.79 -37.11
CA VAL D 112 0.35 64.14 -36.40
C VAL D 112 1.16 62.91 -35.99
N GLN D 113 0.87 61.76 -36.59
CA GLN D 113 1.55 60.52 -36.23
C GLN D 113 3.01 60.52 -36.68
N ASP D 114 3.88 59.98 -35.85
CA ASP D 114 5.29 59.84 -36.17
C ASP D 114 5.54 58.47 -36.78
N ARG D 115 6.45 58.40 -37.75
CA ARG D 115 6.78 57.10 -38.30
C ARG D 115 7.32 56.18 -37.21
N ILE D 116 8.15 56.71 -36.33
CA ILE D 116 8.82 55.94 -35.30
C ILE D 116 8.57 56.59 -33.95
N GLY D 117 7.99 55.84 -33.03
CA GLY D 117 7.77 56.29 -31.67
C GLY D 117 7.10 55.21 -30.84
N ARG D 118 7.30 55.24 -29.52
CA ARG D 118 6.65 54.27 -28.65
C ARG D 118 5.47 54.94 -27.98
N PRO D 119 4.23 54.53 -28.25
CA PRO D 119 3.08 55.14 -27.57
C PRO D 119 3.23 55.07 -26.06
N SER D 120 2.92 56.17 -25.39
CA SER D 120 3.21 56.28 -23.97
C SER D 120 2.22 55.45 -23.15
N GLU D 121 2.69 55.03 -21.97
CA GLU D 121 1.89 54.19 -21.09
C GLU D 121 0.64 54.91 -20.62
N THR D 122 0.77 56.16 -20.16
CA THR D 122 -0.37 56.89 -19.66
C THR D 122 -1.18 57.58 -20.76
N GLY D 123 -0.97 57.20 -22.02
CA GLY D 123 -1.81 57.65 -23.11
C GLY D 123 -1.46 59.03 -23.62
N ILE D 124 -2.24 59.47 -24.61
CA ILE D 124 -2.02 60.79 -25.20
C ILE D 124 -2.35 61.88 -24.20
N ILE D 125 -1.49 62.89 -24.12
CA ILE D 125 -1.74 64.10 -23.36
C ILE D 125 -1.65 65.28 -24.32
N GLY D 126 -2.59 66.22 -24.20
CA GLY D 126 -2.58 67.44 -24.98
C GLY D 126 -2.74 68.69 -24.13
N ILE D 127 -1.87 69.68 -24.32
CA ILE D 127 -1.88 70.92 -23.55
C ILE D 127 -1.61 72.10 -24.48
N ILE D 128 -2.06 73.29 -24.04
CA ILE D 128 -1.89 74.50 -24.82
C ILE D 128 -1.32 75.61 -23.94
N ASP D 129 -0.45 76.42 -24.53
CA ASP D 129 0.21 77.52 -23.84
C ASP D 129 -0.83 78.51 -23.31
N PRO D 130 -0.60 79.12 -22.14
CA PRO D 130 -1.57 80.11 -21.66
C PRO D 130 -1.71 81.28 -22.60
N GLU D 131 -0.62 81.66 -23.26
CA GLU D 131 -0.60 82.70 -24.26
C GLU D 131 -0.93 82.15 -25.64
N CYS D 132 -1.42 80.92 -25.71
CA CYS D 132 -1.86 80.29 -26.94
C CYS D 132 -0.81 80.45 -28.05
N ARG D 133 0.43 80.20 -27.68
CA ARG D 133 1.52 80.22 -28.65
C ARG D 133 1.72 78.88 -29.33
N MET D 134 1.39 77.78 -28.67
CA MET D 134 1.68 76.46 -29.23
C MET D 134 0.76 75.44 -28.57
N ILE D 135 0.66 74.28 -29.22
CA ILE D 135 -0.03 73.12 -28.70
C ILE D 135 1.03 72.08 -28.34
N GLY D 136 1.02 71.62 -27.09
CA GLY D 136 1.92 70.57 -26.67
C GLY D 136 1.24 69.22 -26.74
N LEU D 137 1.96 68.25 -27.31
CA LEU D 137 1.45 66.88 -27.42
C LEU D 137 2.47 65.89 -26.88
N ARG D 138 2.01 64.98 -26.03
CA ARG D 138 2.83 63.86 -25.56
C ARG D 138 2.21 62.61 -26.17
N LEU D 139 2.75 62.19 -27.31
CA LEU D 139 2.28 61.01 -28.01
C LEU D 139 3.14 59.78 -27.77
N TYR D 140 4.44 59.96 -27.67
CA TYR D 140 5.38 58.85 -27.56
C TYR D 140 6.34 59.10 -26.40
N ASP D 141 6.80 58.01 -25.79
CA ASP D 141 7.83 58.12 -24.78
C ASP D 141 9.06 58.83 -25.36
N GLY D 142 9.62 59.74 -24.58
CA GLY D 142 10.86 60.37 -24.96
C GLY D 142 10.79 61.40 -26.05
N LEU D 143 9.62 61.69 -26.58
CA LEU D 143 9.46 62.70 -27.62
C LEU D 143 8.30 63.61 -27.23
N PHE D 144 8.52 64.91 -27.38
CA PHE D 144 7.53 65.96 -27.13
C PHE D 144 7.32 66.68 -28.45
N LYS D 145 6.07 66.70 -28.91
CA LYS D 145 5.71 67.29 -30.19
C LYS D 145 5.09 68.67 -29.97
N VAL D 146 5.52 69.63 -30.77
CA VAL D 146 5.05 71.01 -30.67
C VAL D 146 4.38 71.42 -31.97
N ILE D 147 3.12 71.81 -31.88
CA ILE D 147 2.42 72.48 -32.98
C ILE D 147 2.37 73.97 -32.67
N PRO D 148 3.10 74.81 -33.40
CA PRO D 148 3.02 76.26 -33.15
C PRO D 148 1.69 76.84 -33.61
N LEU D 149 1.11 77.72 -32.79
CA LEU D 149 -0.17 78.35 -33.09
C LEU D 149 0.09 79.61 -33.92
N ASP D 150 0.59 79.36 -35.13
CA ASP D 150 0.79 80.38 -36.15
C ASP D 150 -0.48 80.58 -36.96
N ARG D 151 -0.65 81.80 -37.48
CA ARG D 151 -1.84 82.08 -38.27
C ARG D 151 -1.88 81.23 -39.52
N ASP D 152 -0.71 80.97 -40.12
CA ASP D 152 -0.61 80.25 -41.39
C ASP D 152 -0.46 78.74 -41.22
N ASN D 153 -0.31 78.23 -40.00
CA ASN D 153 -0.05 76.82 -39.78
C ASN D 153 -1.37 76.05 -39.97
N LYS D 154 -1.86 76.10 -41.21
CA LYS D 154 -3.13 75.47 -41.55
C LYS D 154 -3.03 73.96 -41.68
N GLU D 155 -1.83 73.41 -41.82
CA GLU D 155 -1.62 71.97 -41.85
C GLU D 155 -1.21 71.40 -40.49
N LEU D 156 -1.14 72.24 -39.45
CA LEU D 156 -0.76 71.78 -38.12
C LEU D 156 0.59 71.04 -38.17
N LYS D 157 1.55 71.65 -38.85
CA LYS D 157 2.91 71.12 -38.89
C LYS D 157 3.53 71.18 -37.50
N ALA D 158 4.42 70.23 -37.22
CA ALA D 158 4.99 70.14 -35.89
C ALA D 158 6.41 69.59 -35.94
N PHE D 159 7.12 69.81 -34.83
CA PHE D 159 8.47 69.31 -34.62
C PHE D 159 8.51 68.64 -33.26
N ASN D 160 9.45 67.71 -33.08
CA ASN D 160 9.63 67.01 -31.81
C ASN D 160 10.85 67.55 -31.08
N ILE D 161 10.76 67.64 -29.76
CA ILE D 161 11.89 68.00 -28.91
C ILE D 161 12.25 66.74 -28.13
N ARG D 162 13.50 66.29 -28.25
CA ARG D 162 13.90 65.07 -27.54
C ARG D 162 13.74 65.29 -26.04
N LEU D 163 13.19 64.27 -25.37
CA LEU D 163 12.92 64.34 -23.93
C LEU D 163 13.65 63.21 -23.21
N GLU D 164 14.52 63.59 -22.27
CA GLU D 164 15.27 62.57 -21.54
C GLU D 164 14.35 61.69 -20.69
N GLU D 165 13.36 62.29 -20.03
CA GLU D 165 12.49 61.55 -19.13
C GLU D 165 11.52 60.75 -20.00
N LEU D 166 11.79 59.45 -20.12
CA LEU D 166 11.05 58.63 -21.07
C LEU D 166 9.64 58.35 -20.58
N HIS D 167 9.49 58.12 -19.29
CA HIS D 167 8.22 57.70 -18.69
C HIS D 167 7.63 58.90 -17.94
N VAL D 168 6.77 59.65 -18.61
CA VAL D 168 6.14 60.82 -18.02
C VAL D 168 4.75 60.43 -17.56
N ILE D 169 4.39 60.88 -16.36
CA ILE D 169 3.08 60.60 -15.78
C ILE D 169 2.07 61.65 -16.23
N ASP D 170 2.40 62.92 -16.08
CA ASP D 170 1.51 64.01 -16.47
C ASP D 170 2.33 65.25 -16.76
N VAL D 171 1.79 66.13 -17.62
CA VAL D 171 2.46 67.38 -17.96
C VAL D 171 1.40 68.45 -18.19
N LYS D 172 1.76 69.69 -17.84
CA LYS D 172 0.93 70.87 -18.06
C LYS D 172 1.83 72.05 -18.38
N PHE D 173 1.33 72.98 -19.19
CA PHE D 173 1.99 74.28 -19.32
C PHE D 173 1.71 75.12 -18.07
N LEU D 174 2.72 75.88 -17.64
CA LEU D 174 2.59 76.69 -16.44
C LEU D 174 2.19 78.14 -16.72
N TYR D 175 1.58 78.75 -15.70
CA TYR D 175 1.21 80.16 -15.72
C TYR D 175 2.27 81.01 -15.04
N GLY D 176 2.32 82.28 -15.43
CA GLY D 176 3.16 83.26 -14.77
C GLY D 176 4.63 83.18 -15.12
N CYS D 177 4.95 82.61 -16.28
CA CYS D 177 6.32 82.44 -16.71
C CYS D 177 6.54 83.30 -17.94
N GLN D 178 7.73 83.88 -18.06
CA GLN D 178 7.99 84.73 -19.23
C GLN D 178 8.13 83.92 -20.50
N ALA D 179 8.69 82.73 -20.41
CA ALA D 179 8.85 81.84 -21.54
C ALA D 179 7.90 80.66 -21.35
N PRO D 180 7.51 80.00 -22.44
CA PRO D 180 6.67 78.79 -22.29
C PRO D 180 7.36 77.75 -21.43
N THR D 181 6.68 77.34 -20.36
CA THR D 181 7.26 76.42 -19.39
C THR D 181 6.34 75.22 -19.23
N ILE D 182 6.92 74.02 -19.28
CA ILE D 182 6.19 72.80 -19.01
C ILE D 182 6.65 72.29 -17.65
N CYS D 183 5.69 71.85 -16.85
CA CYS D 183 5.95 71.19 -15.57
C CYS D 183 5.32 69.81 -15.64
N PHE D 184 6.08 68.79 -15.26
CA PHE D 184 5.58 67.43 -15.39
C PHE D 184 6.14 66.55 -14.29
N VAL D 185 5.39 65.50 -13.99
CA VAL D 185 5.84 64.44 -13.10
C VAL D 185 6.29 63.28 -13.96
N TYR D 186 7.44 62.72 -13.63
CA TYR D 186 8.00 61.61 -14.39
C TYR D 186 8.46 60.54 -13.40
N GLN D 187 8.67 59.35 -13.93
CA GLN D 187 9.09 58.21 -13.12
C GLN D 187 10.39 57.66 -13.68
N ASP D 188 11.35 57.44 -12.79
CA ASP D 188 12.61 56.80 -13.15
C ASP D 188 12.84 55.76 -12.06
N PRO D 189 13.94 55.01 -12.11
CA PRO D 189 14.18 54.01 -11.05
C PRO D 189 14.29 54.62 -9.66
N GLN D 190 14.55 55.92 -9.54
CA GLN D 190 14.77 56.55 -8.25
C GLN D 190 13.46 57.04 -7.60
N GLY D 191 12.31 56.73 -8.20
CA GLY D 191 11.04 57.21 -7.69
C GLY D 191 10.34 58.13 -8.67
N ARG D 192 9.40 58.93 -8.19
CA ARG D 192 8.73 59.92 -9.03
C ARG D 192 9.22 61.31 -8.64
N HIS D 193 9.36 62.16 -9.65
CA HIS D 193 9.93 63.48 -9.50
C HIS D 193 9.09 64.47 -10.30
N VAL D 194 9.23 65.75 -9.95
CA VAL D 194 8.62 66.84 -10.68
C VAL D 194 9.75 67.71 -11.23
N LYS D 195 9.59 68.17 -12.47
CA LYS D 195 10.64 68.87 -13.18
C LYS D 195 9.99 69.87 -14.12
N THR D 196 10.74 70.91 -14.46
CA THR D 196 10.27 71.94 -15.37
C THR D 196 11.25 72.04 -16.55
N TYR D 197 10.68 72.39 -17.71
CA TYR D 197 11.48 72.75 -18.87
C TYR D 197 10.87 74.01 -19.47
N GLU D 198 11.68 74.77 -20.20
CA GLU D 198 11.19 75.86 -21.03
C GLU D 198 11.25 75.47 -22.51
N VAL D 199 10.24 75.88 -23.25
CA VAL D 199 10.09 75.52 -24.66
C VAL D 199 10.36 76.76 -25.50
N SER D 200 11.37 76.69 -26.36
CA SER D 200 11.71 77.78 -27.27
C SER D 200 11.27 77.38 -28.68
N LEU D 201 10.23 78.05 -29.18
CA LEU D 201 9.79 77.79 -30.54
C LEU D 201 10.84 78.20 -31.57
N ARG D 202 11.63 79.22 -31.27
CA ARG D 202 12.62 79.69 -32.23
C ARG D 202 13.73 78.68 -32.40
N GLU D 203 14.25 78.16 -31.29
CA GLU D 203 15.33 77.18 -31.37
C GLU D 203 14.81 75.77 -31.61
N LYS D 204 13.53 75.52 -31.36
CA LYS D 204 12.96 74.18 -31.47
C LYS D 204 13.65 73.21 -30.50
N GLU D 205 13.76 73.63 -29.24
CA GLU D 205 14.34 72.75 -28.22
C GLU D 205 13.99 73.26 -26.83
N PHE D 206 14.35 72.44 -25.83
CA PHE D 206 14.17 72.79 -24.44
C PHE D 206 15.35 73.63 -23.93
N ASN D 207 15.05 74.57 -23.04
CA ASN D 207 16.04 75.28 -22.26
C ASN D 207 15.80 75.02 -20.77
N LYS D 208 16.80 75.34 -19.96
CA LYS D 208 16.73 75.13 -18.52
C LYS D 208 15.43 75.68 -17.95
N GLY D 209 14.82 74.92 -17.04
CA GLY D 209 13.52 75.27 -16.51
C GLY D 209 13.60 76.21 -15.32
N PRO D 210 12.47 76.88 -15.02
CA PRO D 210 12.50 77.89 -13.96
C PRO D 210 12.78 77.34 -12.57
N TRP D 211 12.40 76.12 -12.24
CA TRP D 211 12.73 75.62 -10.91
C TRP D 211 13.15 74.15 -10.92
N LYS D 212 13.87 73.79 -9.86
CA LYS D 212 14.61 72.55 -9.75
C LYS D 212 13.69 71.35 -9.64
N GLN D 213 14.28 70.18 -9.92
CA GLN D 213 13.56 68.94 -9.74
C GLN D 213 13.29 68.77 -8.25
N GLU D 214 12.16 68.17 -7.92
CA GLU D 214 11.89 67.80 -6.55
C GLU D 214 11.44 66.34 -6.55
N ASN D 215 11.93 65.55 -5.60
CA ASN D 215 11.43 64.20 -5.44
C ASN D 215 10.02 64.29 -4.85
N VAL D 216 9.06 63.58 -5.45
CA VAL D 216 7.66 63.70 -5.05
C VAL D 216 7.07 62.33 -4.76
N GLU D 217 5.83 62.37 -4.25
CA GLU D 217 5.13 61.15 -3.85
C GLU D 217 5.24 60.07 -4.92
N ALA D 218 5.38 58.83 -4.45
CA ALA D 218 5.53 57.69 -5.35
C ALA D 218 4.31 57.51 -6.23
N GLU D 219 3.14 57.91 -5.74
CA GLU D 219 1.89 57.78 -6.48
C GLU D 219 1.42 59.10 -7.07
N ALA D 220 2.35 60.03 -7.30
CA ALA D 220 1.98 61.29 -7.93
C ALA D 220 1.23 61.03 -9.22
N SER D 221 -0.01 61.51 -9.28
CA SER D 221 -0.91 61.20 -10.38
C SER D 221 -1.17 62.37 -11.30
N MET D 222 -1.37 63.59 -10.79
CA MET D 222 -1.83 64.69 -11.62
C MET D 222 -1.10 65.99 -11.32
N VAL D 223 -0.93 66.79 -12.38
CA VAL D 223 -0.31 68.10 -12.32
C VAL D 223 -1.35 69.17 -12.60
N ILE D 224 -1.43 70.16 -11.71
CA ILE D 224 -2.32 71.31 -11.84
C ILE D 224 -1.49 72.57 -12.03
N ALA D 225 -1.70 73.29 -13.14
CA ALA D 225 -1.01 74.56 -13.38
C ALA D 225 -1.88 75.68 -12.78
N VAL D 226 -1.40 76.28 -11.70
CA VAL D 226 -2.15 77.28 -10.93
C VAL D 226 -2.04 78.64 -11.62
N PRO D 227 -3.09 79.48 -11.58
CA PRO D 227 -3.02 80.74 -12.34
C PRO D 227 -2.02 81.73 -11.75
N GLU D 228 -1.83 82.82 -12.49
CA GLU D 228 -0.76 83.76 -12.17
C GLU D 228 -0.83 84.32 -10.75
N PRO D 229 -1.97 84.67 -10.18
CA PRO D 229 -1.95 85.24 -8.82
C PRO D 229 -1.21 84.36 -7.81
N PHE D 230 -1.35 83.02 -7.90
CA PHE D 230 -0.56 82.11 -7.08
C PHE D 230 0.68 81.59 -7.83
N GLY D 231 0.51 81.12 -9.07
CA GLY D 231 1.62 80.58 -9.83
C GLY D 231 2.01 79.18 -9.41
N GLY D 232 3.02 78.64 -10.10
CA GLY D 232 3.53 77.34 -9.71
C GLY D 232 2.60 76.21 -10.13
N ALA D 233 2.70 75.09 -9.40
CA ALA D 233 1.91 73.90 -9.71
C ALA D 233 1.54 73.16 -8.44
N ILE D 234 0.44 72.40 -8.51
CA ILE D 234 0.02 71.50 -7.44
C ILE D 234 0.09 70.07 -7.97
N ILE D 235 0.55 69.16 -7.13
CA ILE D 235 0.73 67.76 -7.50
C ILE D 235 -0.19 66.92 -6.63
N ILE D 236 -1.09 66.16 -7.26
CA ILE D 236 -2.06 65.33 -6.56
C ILE D 236 -1.54 63.90 -6.50
N GLY D 237 -1.54 63.33 -5.31
CA GLY D 237 -1.08 61.96 -5.16
C GLY D 237 -2.13 61.02 -4.58
N GLN D 238 -1.66 59.94 -3.97
CA GLN D 238 -2.51 58.99 -3.27
C GLN D 238 -2.73 59.42 -1.82
N GLU D 239 -1.68 59.89 -1.17
CA GLU D 239 -1.73 60.31 0.23
C GLU D 239 -1.59 61.81 0.44
N SER D 240 -0.94 62.53 -0.47
CA SER D 240 -0.58 63.92 -0.21
C SER D 240 -0.82 64.79 -1.44
N ILE D 241 -0.99 66.09 -1.17
CA ILE D 241 -1.08 67.14 -2.17
C ILE D 241 0.04 68.13 -1.88
N THR D 242 0.80 68.48 -2.92
CA THR D 242 1.95 69.37 -2.74
C THR D 242 1.86 70.54 -3.70
N TYR D 243 2.41 71.67 -3.28
CA TYR D 243 2.52 72.86 -4.13
C TYR D 243 3.99 73.17 -4.33
N HIS D 244 4.36 73.45 -5.57
CA HIS D 244 5.74 73.77 -5.94
C HIS D 244 5.75 75.05 -6.76
N ASN D 245 6.70 75.93 -6.45
CA ASN D 245 6.92 77.13 -7.26
C ASN D 245 8.27 77.74 -6.88
N GLY D 246 9.33 77.34 -7.58
CA GLY D 246 10.64 77.85 -7.27
C GLY D 246 11.06 77.56 -5.85
N ASP D 247 11.13 78.60 -5.02
CA ASP D 247 11.57 78.46 -3.64
C ASP D 247 10.46 77.99 -2.71
N LYS D 248 9.19 78.15 -3.11
CA LYS D 248 8.08 77.82 -2.23
C LYS D 248 7.73 76.34 -2.35
N TYR D 249 7.48 75.71 -1.20
CA TYR D 249 7.07 74.31 -1.13
C TYR D 249 6.08 74.15 0.01
N LEU D 250 4.91 73.58 -0.30
CA LEU D 250 3.91 73.20 0.69
C LEU D 250 3.53 71.74 0.46
N ALA D 251 3.11 71.09 1.53
CA ALA D 251 2.62 69.71 1.44
C ALA D 251 1.57 69.49 2.52
N ILE D 252 0.36 69.12 2.11
CA ILE D 252 -0.70 68.73 3.02
C ILE D 252 -1.03 67.28 2.77
N ALA D 253 -1.17 66.50 3.85
CA ALA D 253 -1.43 65.07 3.77
C ALA D 253 -2.56 64.72 4.71
N PRO D 254 -3.79 65.13 4.38
CA PRO D 254 -4.93 64.83 5.25
C PRO D 254 -5.32 63.37 5.17
N PRO D 255 -5.66 62.74 6.29
CA PRO D 255 -5.94 61.30 6.26
C PRO D 255 -7.13 60.93 5.39
N ILE D 256 -7.94 61.90 4.96
CA ILE D 256 -9.21 61.60 4.31
C ILE D 256 -9.02 61.09 2.89
N ILE D 257 -8.04 61.64 2.17
CA ILE D 257 -7.92 61.30 0.75
C ILE D 257 -7.27 59.94 0.53
N LYS D 258 -6.47 59.48 1.49
CA LYS D 258 -5.82 58.17 1.37
C LYS D 258 -6.85 57.05 1.24
N GLN D 259 -8.06 57.27 1.73
CA GLN D 259 -9.07 56.22 1.69
C GLN D 259 -9.42 55.81 0.26
N SER D 260 -9.41 56.76 -0.68
CA SER D 260 -9.74 56.45 -2.06
C SER D 260 -8.93 57.35 -2.98
N THR D 261 -8.48 56.77 -4.09
CA THR D 261 -7.66 57.50 -5.05
C THR D 261 -8.43 58.65 -5.68
N ILE D 262 -7.78 59.82 -5.73
CA ILE D 262 -8.33 61.00 -6.39
C ILE D 262 -7.96 60.95 -7.86
N VAL D 263 -8.95 61.11 -8.73
CA VAL D 263 -8.75 60.87 -10.15
C VAL D 263 -8.99 62.09 -11.03
N CYS D 264 -9.71 63.11 -10.58
CA CYS D 264 -10.07 64.24 -11.45
C CYS D 264 -10.00 65.56 -10.71
N HIS D 265 -9.70 66.63 -11.46
CA HIS D 265 -9.60 67.98 -10.90
C HIS D 265 -10.23 69.02 -11.83
N ASN D 266 -10.68 70.13 -11.23
CA ASN D 266 -11.14 71.29 -11.98
C ASN D 266 -11.00 72.55 -11.12
N ARG D 267 -10.91 73.70 -11.79
CA ARG D 267 -10.67 74.99 -11.13
C ARG D 267 -11.99 75.74 -11.00
N VAL D 268 -12.33 76.12 -9.78
CA VAL D 268 -13.56 76.86 -9.50
C VAL D 268 -13.35 78.36 -9.70
N ASP D 269 -12.32 78.91 -9.07
CA ASP D 269 -12.08 80.35 -9.06
C ASP D 269 -10.98 80.69 -10.06
N PRO D 270 -11.23 81.56 -11.03
CA PRO D 270 -10.20 81.86 -12.03
C PRO D 270 -8.82 82.20 -11.46
N ASN D 271 -8.75 82.78 -10.25
CA ASN D 271 -7.45 83.08 -9.67
C ASN D 271 -6.78 81.89 -8.99
N GLY D 272 -7.45 80.75 -8.88
CA GLY D 272 -6.83 79.58 -8.30
C GLY D 272 -7.06 79.39 -6.82
N SER D 273 -7.91 80.21 -6.20
CA SER D 273 -8.14 80.09 -4.77
C SER D 273 -8.79 78.75 -4.42
N ARG D 274 -9.70 78.27 -5.27
CA ARG D 274 -10.46 77.05 -5.00
C ARG D 274 -10.38 76.10 -6.18
N TYR D 275 -10.18 74.81 -5.88
CA TYR D 275 -10.14 73.74 -6.88
C TYR D 275 -11.07 72.61 -6.44
N LEU D 276 -11.55 71.84 -7.41
CA LEU D 276 -12.44 70.72 -7.16
C LEU D 276 -11.74 69.39 -7.38
N LEU D 277 -12.01 68.43 -6.51
CA LEU D 277 -11.41 67.11 -6.60
C LEU D 277 -12.44 66.01 -6.45
N GLY D 278 -12.29 64.95 -7.24
CA GLY D 278 -13.12 63.77 -7.11
C GLY D 278 -12.26 62.52 -7.05
N ASP D 279 -12.79 61.49 -6.41
CA ASP D 279 -12.09 60.24 -6.19
C ASP D 279 -12.98 59.07 -6.57
N MET D 280 -12.38 57.86 -6.57
CA MET D 280 -13.09 56.69 -7.05
C MET D 280 -14.34 56.40 -6.24
N GLU D 281 -14.40 56.84 -4.98
CA GLU D 281 -15.61 56.68 -4.19
C GLU D 281 -16.64 57.73 -4.52
N GLY D 282 -16.31 58.64 -5.42
CA GLY D 282 -17.23 59.69 -5.77
C GLY D 282 -17.19 60.83 -4.80
N ARG D 283 -16.32 60.76 -3.79
CA ARG D 283 -16.30 61.80 -2.79
C ARG D 283 -15.81 63.06 -3.48
N LEU D 284 -16.54 64.15 -3.27
CA LEU D 284 -16.25 65.41 -3.91
C LEU D 284 -15.63 66.32 -2.86
N PHE D 285 -14.44 66.83 -3.15
CA PHE D 285 -13.68 67.66 -2.24
C PHE D 285 -13.48 69.05 -2.82
N MET D 286 -13.27 70.02 -1.92
CA MET D 286 -12.83 71.36 -2.29
C MET D 286 -11.40 71.56 -1.79
N LEU D 287 -10.49 71.87 -2.72
CA LEU D 287 -9.12 72.22 -2.40
C LEU D 287 -9.00 73.74 -2.32
N LEU D 288 -8.51 74.22 -1.18
CA LEU D 288 -8.47 75.64 -0.86
C LEU D 288 -7.02 76.10 -0.83
N LEU D 289 -6.72 77.18 -1.55
CA LEU D 289 -5.41 77.82 -1.50
C LEU D 289 -5.55 79.09 -0.66
N GLU D 290 -4.97 79.08 0.53
CA GLU D 290 -5.07 80.21 1.44
C GLU D 290 -3.97 81.20 1.09
N LYS D 291 -4.36 82.42 0.76
CA LYS D 291 -3.45 83.44 0.27
C LYS D 291 -2.89 84.26 1.42
N GLU D 292 -1.69 84.80 1.21
CA GLU D 292 -1.06 85.72 2.15
C GLU D 292 -0.47 86.88 1.36
N GLU D 293 -0.98 88.09 1.61
CA GLU D 293 -0.46 89.26 0.93
C GLU D 293 0.80 89.71 1.68
N GLN D 294 1.87 89.96 0.95
CA GLN D 294 3.10 90.42 1.57
C GLN D 294 3.07 91.94 1.70
N MET D 295 3.94 92.47 2.57
CA MET D 295 4.03 93.92 2.65
C MET D 295 4.39 94.54 1.30
N ASP D 296 4.96 93.73 0.41
CA ASP D 296 5.27 94.20 -0.95
C ASP D 296 4.01 94.60 -1.72
N GLY D 297 2.88 94.01 -1.38
CA GLY D 297 1.70 94.04 -2.22
C GLY D 297 1.57 92.80 -3.09
N THR D 298 2.59 91.95 -3.09
CA THR D 298 2.59 90.68 -3.80
C THR D 298 1.93 89.62 -2.93
N VAL D 299 1.35 88.62 -3.60
CA VAL D 299 0.65 87.53 -2.92
C VAL D 299 1.41 86.22 -3.05
N THR D 300 1.54 85.51 -1.93
CA THR D 300 2.12 84.18 -1.85
C THR D 300 1.08 83.22 -1.28
N LEU D 301 1.38 81.93 -1.39
CA LEU D 301 0.50 80.88 -0.88
C LEU D 301 0.91 80.50 0.54
N LYS D 302 0.01 80.66 1.49
CA LYS D 302 0.31 80.37 2.89
C LYS D 302 0.07 78.91 3.23
N ASP D 303 -1.07 78.36 2.81
CA ASP D 303 -1.42 77.01 3.23
C ASP D 303 -2.43 76.39 2.26
N LEU D 304 -2.61 75.08 2.39
CA LEU D 304 -3.58 74.32 1.62
C LEU D 304 -4.58 73.70 2.59
N ARG D 305 -5.84 73.59 2.16
CA ARG D 305 -6.88 72.98 2.96
C ARG D 305 -7.77 72.15 2.04
N VAL D 306 -8.29 71.05 2.58
CA VAL D 306 -9.21 70.18 1.86
C VAL D 306 -10.48 70.05 2.69
N GLU D 307 -11.62 70.21 2.04
CA GLU D 307 -12.92 70.07 2.67
C GLU D 307 -13.78 69.10 1.87
N LEU D 308 -14.43 68.17 2.57
CA LEU D 308 -15.32 67.21 1.92
C LEU D 308 -16.66 67.89 1.63
N LEU D 309 -17.08 67.86 0.38
CA LEU D 309 -18.35 68.46 0.01
C LEU D 309 -19.50 67.47 0.05
N GLY D 310 -19.28 66.25 -0.43
CA GLY D 310 -20.32 65.25 -0.39
C GLY D 310 -19.99 64.10 -1.32
N GLU D 311 -21.04 63.43 -1.77
CA GLU D 311 -20.91 62.25 -2.63
C GLU D 311 -21.58 62.55 -3.95
N THR D 312 -20.87 62.23 -5.03
CA THR D 312 -21.39 62.32 -6.38
C THR D 312 -21.21 60.95 -7.02
N SER D 313 -21.66 60.83 -8.27
CA SER D 313 -21.33 59.67 -9.06
C SER D 313 -19.83 59.67 -9.35
N ILE D 314 -19.27 58.47 -9.53
CA ILE D 314 -17.87 58.38 -9.87
C ILE D 314 -17.61 59.24 -11.11
N ALA D 315 -16.62 60.12 -11.02
CA ALA D 315 -16.43 61.16 -12.02
C ALA D 315 -15.14 60.91 -12.80
N GLU D 316 -15.27 60.85 -14.14
CA GLU D 316 -14.08 60.87 -14.98
C GLU D 316 -13.48 62.27 -15.01
N CYS D 317 -14.32 63.30 -15.12
CA CYS D 317 -13.91 64.69 -15.13
C CYS D 317 -14.97 65.54 -14.44
N LEU D 318 -14.51 66.58 -13.75
CA LEU D 318 -15.38 67.61 -13.22
C LEU D 318 -15.20 68.91 -13.98
N THR D 319 -16.27 69.72 -14.04
CA THR D 319 -16.16 71.09 -14.51
C THR D 319 -17.16 71.96 -13.77
N TYR D 320 -16.66 73.02 -13.14
CA TYR D 320 -17.52 74.00 -12.51
C TYR D 320 -18.12 74.88 -13.60
N LEU D 321 -19.42 75.14 -13.53
CA LEU D 321 -20.07 75.98 -14.52
C LEU D 321 -20.26 77.38 -13.95
N ASP D 322 -21.22 77.57 -13.05
CA ASP D 322 -21.38 78.90 -12.46
C ASP D 322 -22.50 78.82 -11.41
N ASN D 323 -22.42 79.74 -10.45
CA ASN D 323 -23.47 79.89 -9.44
C ASN D 323 -23.67 78.61 -8.63
N GLY D 324 -22.57 77.92 -8.38
CA GLY D 324 -22.59 76.73 -7.55
C GLY D 324 -22.98 75.45 -8.25
N VAL D 325 -23.09 75.47 -9.57
CA VAL D 325 -23.53 74.32 -10.36
C VAL D 325 -22.30 73.66 -10.97
N VAL D 326 -22.21 72.34 -10.83
CA VAL D 326 -21.08 71.56 -11.34
C VAL D 326 -21.60 70.42 -12.19
N PHE D 327 -20.95 70.18 -13.33
CA PHE D 327 -21.24 69.02 -14.16
C PHE D 327 -20.31 67.88 -13.77
N VAL D 328 -20.90 66.71 -13.49
CA VAL D 328 -20.15 65.53 -13.11
C VAL D 328 -20.19 64.60 -14.32
N GLY D 329 -19.06 64.47 -15.01
CA GLY D 329 -18.98 63.63 -16.18
C GLY D 329 -18.45 62.26 -15.80
N SER D 330 -19.28 61.24 -15.96
CA SER D 330 -18.98 59.91 -15.46
C SER D 330 -18.90 58.91 -16.61
N ARG D 331 -17.91 58.02 -16.53
CA ARG D 331 -17.79 56.91 -17.46
C ARG D 331 -18.34 55.60 -16.90
N LEU D 332 -18.39 55.47 -15.58
CA LEU D 332 -18.88 54.26 -14.91
C LEU D 332 -20.32 54.36 -14.42
N GLY D 333 -20.87 55.57 -14.33
CA GLY D 333 -22.24 55.75 -13.89
C GLY D 333 -22.95 56.91 -14.57
N ASP D 334 -24.16 57.25 -14.12
CA ASP D 334 -24.87 58.37 -14.71
C ASP D 334 -24.15 59.68 -14.40
N SER D 335 -24.10 60.56 -15.40
CA SER D 335 -23.50 61.87 -15.25
C SER D 335 -24.51 62.79 -14.54
N GLN D 336 -24.03 63.97 -14.14
CA GLN D 336 -24.88 64.78 -13.28
C GLN D 336 -24.68 66.28 -13.45
N LEU D 337 -25.74 67.04 -13.12
CA LEU D 337 -25.64 68.42 -12.66
C LEU D 337 -25.90 68.43 -11.16
N VAL D 338 -25.01 69.06 -10.40
CA VAL D 338 -25.19 69.14 -8.95
C VAL D 338 -25.02 70.58 -8.49
N LYS D 339 -25.72 70.90 -7.40
CA LYS D 339 -25.65 72.22 -6.78
C LYS D 339 -24.80 72.15 -5.54
N LEU D 340 -23.83 73.04 -5.46
CA LEU D 340 -22.99 73.21 -4.28
C LEU D 340 -23.58 74.33 -3.43
N ASN D 341 -23.89 74.03 -2.17
CA ASN D 341 -24.49 74.98 -1.26
C ASN D 341 -23.47 75.48 -0.24
N VAL D 342 -23.67 76.70 0.23
CA VAL D 342 -22.79 77.26 1.27
C VAL D 342 -23.05 76.60 2.62
N ASP D 343 -24.31 76.35 2.94
CA ASP D 343 -24.68 75.65 4.17
C ASP D 343 -24.92 74.17 3.84
N SER D 344 -24.47 73.31 4.75
CA SER D 344 -24.70 71.87 4.61
C SER D 344 -26.15 71.54 4.93
N ASN D 345 -26.61 70.42 4.39
CA ASN D 345 -27.96 69.95 4.68
C ASN D 345 -27.95 69.14 5.97
N GLU D 346 -29.08 68.50 6.30
CA GLU D 346 -29.18 67.81 7.57
C GLU D 346 -28.25 66.61 7.68
N GLN D 347 -27.73 66.13 6.54
CA GLN D 347 -26.84 64.97 6.52
C GLN D 347 -25.37 65.35 6.56
N GLY D 348 -25.07 66.64 6.56
CA GLY D 348 -23.70 67.10 6.50
C GLY D 348 -23.21 67.34 5.09
N SER D 349 -24.07 67.18 4.10
CA SER D 349 -23.66 67.30 2.71
C SER D 349 -23.91 68.71 2.19
N TYR D 350 -22.97 69.21 1.41
CA TYR D 350 -23.11 70.47 0.71
C TYR D 350 -23.52 70.29 -0.75
N VAL D 351 -23.77 69.06 -1.18
CA VAL D 351 -24.02 68.72 -2.58
C VAL D 351 -25.44 68.22 -2.73
N VAL D 352 -26.16 68.78 -3.70
CA VAL D 352 -27.52 68.35 -4.01
C VAL D 352 -27.59 68.14 -5.52
N ALA D 353 -28.05 66.96 -5.92
CA ALA D 353 -28.18 66.66 -7.34
C ALA D 353 -29.28 67.52 -7.95
N MET D 354 -29.02 68.06 -9.13
CA MET D 354 -30.03 68.77 -9.91
C MET D 354 -30.63 67.83 -10.96
N GLU D 355 -29.80 67.35 -11.88
CA GLU D 355 -30.25 66.52 -12.97
C GLU D 355 -29.37 65.27 -13.07
N THR D 356 -29.91 64.25 -13.72
CA THR D 356 -29.20 62.99 -13.97
C THR D 356 -29.27 62.66 -15.45
N PHE D 357 -28.10 62.41 -16.06
CA PHE D 357 -27.96 62.11 -17.47
C PHE D 357 -27.71 60.63 -17.67
N THR D 358 -28.60 59.96 -18.39
CA THR D 358 -28.50 58.52 -18.54
C THR D 358 -27.15 58.14 -19.17
N ASN D 359 -26.42 57.27 -18.48
CA ASN D 359 -25.21 56.67 -19.00
C ASN D 359 -25.32 55.16 -18.87
N LEU D 360 -25.37 54.47 -20.01
CA LEU D 360 -25.39 53.02 -19.95
C LEU D 360 -24.07 52.45 -19.43
N GLY D 361 -23.04 53.29 -19.32
CA GLY D 361 -21.82 52.88 -18.67
C GLY D 361 -21.21 51.67 -19.34
N PRO D 362 -20.24 51.08 -18.67
CA PRO D 362 -19.72 49.78 -19.15
C PRO D 362 -20.86 48.76 -19.19
N ILE D 363 -21.03 48.13 -20.35
CA ILE D 363 -22.02 47.07 -20.51
C ILE D 363 -21.24 45.76 -20.41
N VAL D 364 -21.19 45.20 -19.20
CA VAL D 364 -20.40 43.98 -19.01
C VAL D 364 -21.08 42.81 -19.72
N ASP D 365 -22.40 42.68 -19.58
CA ASP D 365 -23.16 41.60 -20.21
C ASP D 365 -24.56 42.12 -20.50
N MET D 366 -25.30 41.36 -21.32
CA MET D 366 -26.68 41.73 -21.62
C MET D 366 -27.43 40.54 -22.20
N CYS D 367 -28.75 40.58 -22.04
CA CYS D 367 -29.65 39.55 -22.57
C CYS D 367 -30.86 40.23 -23.18
N VAL D 368 -31.37 39.63 -24.24
CA VAL D 368 -32.59 40.06 -24.90
C VAL D 368 -33.73 39.17 -24.46
N VAL D 369 -34.78 39.78 -23.94
CA VAL D 369 -35.93 39.03 -23.45
C VAL D 369 -37.17 39.79 -23.85
N ASP D 370 -38.15 39.07 -24.38
CA ASP D 370 -39.45 39.66 -24.65
C ASP D 370 -40.17 39.52 -23.31
N LEU D 371 -39.85 40.45 -22.40
CA LEU D 371 -40.56 40.46 -21.14
C LEU D 371 -42.04 40.55 -21.43
N GLU D 372 -42.36 41.29 -22.44
CA GLU D 372 -43.73 41.43 -22.83
C GLU D 372 -44.23 40.14 -23.49
N ARG D 373 -43.36 39.38 -24.16
CA ARG D 373 -43.72 38.15 -24.90
C ARG D 373 -44.38 38.52 -26.26
N GLN D 374 -44.56 39.79 -26.59
CA GLN D 374 -44.99 40.27 -27.90
C GLN D 374 -43.74 40.18 -28.77
N GLY D 375 -43.84 40.58 -30.03
CA GLY D 375 -42.62 40.52 -30.80
C GLY D 375 -41.56 41.50 -30.32
N GLN D 376 -41.96 42.38 -29.41
CA GLN D 376 -41.08 43.46 -28.99
C GLN D 376 -40.02 42.87 -28.09
N GLY D 377 -38.76 43.18 -28.40
CA GLY D 377 -37.62 42.70 -27.64
C GLY D 377 -37.11 43.78 -26.70
N GLN D 378 -36.85 43.39 -25.45
CA GLN D 378 -36.31 44.31 -24.46
C GLN D 378 -34.91 43.85 -24.09
N LEU D 379 -33.99 44.80 -23.91
CA LEU D 379 -32.60 44.50 -23.61
C LEU D 379 -32.35 44.88 -22.16
N VAL D 380 -32.01 43.88 -21.35
CA VAL D 380 -31.63 44.09 -19.95
C VAL D 380 -30.12 43.91 -19.86
N THR D 381 -29.43 44.97 -19.41
CA THR D 381 -27.97 45.00 -19.40
C THR D 381 -27.42 45.08 -17.99
N CYS D 382 -26.27 44.45 -17.78
CA CYS D 382 -25.45 44.68 -16.59
C CYS D 382 -24.57 45.90 -16.86
N SER D 383 -24.88 47.02 -16.23
CA SER D 383 -24.25 48.30 -16.54
C SER D 383 -23.65 48.92 -15.29
N GLY D 384 -22.56 49.65 -15.50
CA GLY D 384 -21.91 50.35 -14.41
C GLY D 384 -20.97 49.45 -13.62
N ALA D 385 -20.28 50.09 -12.67
CA ALA D 385 -19.38 49.39 -11.77
C ALA D 385 -19.43 50.05 -10.40
N PHE D 386 -19.12 49.27 -9.38
CA PHE D 386 -18.99 49.75 -8.01
C PHE D 386 -20.30 50.39 -7.56
N LYS D 387 -20.27 51.62 -7.04
CA LYS D 387 -21.46 52.29 -6.53
C LYS D 387 -22.52 52.44 -7.61
N GLU D 388 -22.10 52.67 -8.84
CA GLU D 388 -23.01 52.98 -9.93
C GLU D 388 -23.52 51.74 -10.67
N GLY D 389 -23.18 50.54 -10.22
CA GLY D 389 -23.64 49.34 -10.89
C GLY D 389 -25.14 49.23 -10.96
N SER D 390 -25.67 48.89 -12.13
CA SER D 390 -27.11 48.89 -12.33
C SER D 390 -27.48 47.90 -13.42
N LEU D 391 -28.74 47.47 -13.36
CA LEU D 391 -29.37 46.73 -14.44
C LEU D 391 -30.22 47.73 -15.20
N ARG D 392 -30.06 47.79 -16.53
CA ARG D 392 -30.79 48.76 -17.34
C ARG D 392 -31.63 48.00 -18.36
N ILE D 393 -32.94 48.17 -18.28
CA ILE D 393 -33.87 47.54 -19.20
C ILE D 393 -34.21 48.57 -20.28
N ILE D 394 -33.90 48.23 -21.52
CA ILE D 394 -33.98 49.13 -22.65
C ILE D 394 -34.99 48.51 -23.60
N ARG D 395 -35.95 49.31 -24.04
CA ARG D 395 -36.96 48.85 -24.97
C ARG D 395 -37.08 49.90 -26.04
N ASN D 396 -37.47 49.48 -27.24
CA ASN D 396 -37.68 50.43 -28.32
C ASN D 396 -39.11 50.93 -28.12
N GLY D 397 -39.29 52.24 -28.14
CA GLY D 397 -40.57 52.81 -27.81
C GLY D 397 -41.43 53.02 -29.03
N ILE D 398 -42.64 53.51 -28.78
CA ILE D 398 -43.59 53.76 -29.86
C ILE D 398 -44.33 55.06 -29.57
N GLN D 408 -38.57 59.83 -31.64
CA GLN D 408 -38.10 58.45 -31.58
C GLN D 408 -36.93 58.38 -30.58
N LYS D 409 -37.09 57.54 -29.57
CA LYS D 409 -36.10 57.37 -28.51
C LYS D 409 -36.27 55.97 -27.93
N LEU D 410 -35.25 55.52 -27.21
CA LEU D 410 -35.29 54.27 -26.46
C LEU D 410 -35.69 54.59 -25.02
N HIS D 411 -36.67 53.85 -24.49
CA HIS D 411 -37.07 54.03 -23.11
C HIS D 411 -36.25 53.11 -22.23
N ILE D 412 -35.61 53.70 -21.23
CA ILE D 412 -34.62 53.02 -20.40
C ILE D 412 -35.11 53.06 -18.97
N ARG D 413 -35.24 51.89 -18.37
CA ARG D 413 -35.51 51.74 -16.95
C ARG D 413 -34.22 51.33 -16.26
N THR D 414 -33.95 51.93 -15.11
CA THR D 414 -32.73 51.69 -14.37
C THR D 414 -33.06 50.99 -13.06
N VAL D 415 -32.40 49.86 -12.81
CA VAL D 415 -32.53 49.11 -11.57
C VAL D 415 -31.20 49.26 -10.82
N PRO D 416 -31.15 50.07 -9.76
CA PRO D 416 -29.87 50.32 -9.08
C PRO D 416 -29.50 49.13 -8.21
N LEU D 417 -28.23 48.72 -8.30
CA LEU D 417 -27.70 47.61 -7.52
C LEU D 417 -26.66 48.03 -6.50
N TYR D 418 -25.97 49.14 -6.75
CA TYR D 418 -24.96 49.70 -5.85
C TYR D 418 -23.77 48.77 -5.63
N GLU D 419 -23.58 47.81 -6.51
CA GLU D 419 -22.42 46.95 -6.55
C GLU D 419 -22.18 46.58 -8.00
N SER D 420 -20.97 46.10 -8.29
CA SER D 420 -20.62 45.88 -9.70
C SER D 420 -21.39 44.68 -10.23
N PRO D 421 -22.15 44.84 -11.31
CA PRO D 421 -22.79 43.68 -11.95
C PRO D 421 -21.85 43.09 -12.98
N ARG D 422 -21.80 41.76 -13.07
CA ARG D 422 -20.85 41.16 -14.01
C ARG D 422 -21.51 40.38 -15.15
N LYS D 423 -22.41 39.45 -14.86
CA LYS D 423 -23.07 38.68 -15.91
C LYS D 423 -24.55 38.53 -15.56
N ILE D 424 -25.36 38.35 -16.59
CA ILE D 424 -26.81 38.23 -16.43
C ILE D 424 -27.33 37.08 -17.27
N CYS D 425 -28.38 36.43 -16.76
CA CYS D 425 -29.00 35.32 -17.45
C CYS D 425 -30.48 35.31 -17.08
N TYR D 426 -31.31 35.03 -18.07
CA TYR D 426 -32.75 35.02 -17.90
C TYR D 426 -33.23 33.60 -17.77
N GLN D 427 -34.08 33.35 -16.78
CA GLN D 427 -34.66 32.03 -16.51
C GLN D 427 -36.17 32.21 -16.60
N GLU D 428 -36.76 31.85 -17.74
CA GLU D 428 -38.19 32.05 -17.90
C GLU D 428 -38.99 31.26 -16.87
N VAL D 429 -38.59 30.01 -16.63
CA VAL D 429 -39.39 29.14 -15.77
C VAL D 429 -39.68 29.80 -14.44
N SER D 430 -38.72 30.58 -13.92
CA SER D 430 -38.87 31.25 -12.63
C SER D 430 -39.22 32.72 -12.78
N GLN D 431 -39.54 33.17 -13.99
CA GLN D 431 -39.88 34.58 -14.26
C GLN D 431 -38.88 35.51 -13.59
N CYS D 432 -37.60 35.19 -13.73
CA CYS D 432 -36.57 35.94 -13.04
C CYS D 432 -35.26 35.89 -13.81
N PHE D 433 -34.36 36.81 -13.45
CA PHE D 433 -33.02 36.84 -13.99
C PHE D 433 -32.04 36.35 -12.92
N GLY D 434 -30.94 35.77 -13.38
CA GLY D 434 -29.80 35.50 -12.52
C GLY D 434 -28.71 36.49 -12.90
N VAL D 435 -28.14 37.13 -11.88
CA VAL D 435 -27.10 38.14 -12.09
C VAL D 435 -25.92 37.85 -11.17
N LEU D 436 -24.74 37.76 -11.76
CA LEU D 436 -23.50 37.65 -11.00
C LEU D 436 -22.99 39.05 -10.71
N SER D 437 -22.63 39.31 -9.45
CA SER D 437 -22.21 40.63 -9.03
C SER D 437 -21.08 40.51 -8.00
N SER D 438 -20.32 41.60 -7.85
CA SER D 438 -19.26 41.65 -6.86
C SER D 438 -19.23 43.02 -6.20
N ARG D 439 -19.04 43.03 -4.89
CA ARG D 439 -18.91 44.23 -4.07
C ARG D 439 -17.54 44.25 -3.43
N ILE D 440 -17.09 45.44 -3.05
CA ILE D 440 -15.78 45.63 -2.43
C ILE D 440 -15.96 45.69 -0.93
N GLU D 441 -15.28 44.80 -0.21
CA GLU D 441 -15.12 44.91 1.23
C GLU D 441 -13.65 45.17 1.54
N VAL D 442 -13.39 45.67 2.74
CA VAL D 442 -12.05 46.08 3.15
C VAL D 442 -11.70 45.39 4.45
N GLN D 443 -10.43 44.99 4.55
CA GLN D 443 -9.93 44.33 5.75
C GLN D 443 -10.10 45.24 6.96
N ASP D 444 -10.75 44.71 7.99
CA ASP D 444 -11.07 45.46 9.20
C ASP D 444 -10.33 44.90 10.40
N THR D 445 -10.44 45.63 11.52
CA THR D 445 -9.70 45.26 12.72
C THR D 445 -10.19 43.94 13.31
N SER D 446 -11.39 43.50 12.96
CA SER D 446 -11.86 42.22 13.47
C SER D 446 -11.17 41.04 12.78
N GLY D 447 -10.46 41.29 11.68
CA GLY D 447 -9.92 40.25 10.85
C GLY D 447 -10.77 39.87 9.66
N GLY D 448 -12.06 40.16 9.69
CA GLY D 448 -12.92 39.92 8.56
C GLY D 448 -12.84 41.07 7.58
N THR D 449 -13.93 41.30 6.85
CA THR D 449 -14.02 42.42 5.92
C THR D 449 -15.37 43.11 6.16
N THR D 450 -15.42 44.37 5.79
CA THR D 450 -16.59 45.21 6.01
C THR D 450 -16.95 45.91 4.71
N ALA D 451 -18.23 45.92 4.38
CA ALA D 451 -18.69 46.53 3.14
C ALA D 451 -18.70 48.04 3.26
N LEU D 452 -18.26 48.72 2.19
CA LEU D 452 -18.17 50.18 2.25
C LEU D 452 -19.55 50.81 2.26
N ARG D 453 -20.50 50.20 1.56
CA ARG D 453 -21.85 50.74 1.47
C ARG D 453 -22.79 49.57 1.29
N PRO D 454 -24.02 49.68 1.79
CA PRO D 454 -25.00 48.63 1.53
C PRO D 454 -25.29 48.53 0.05
N SER D 455 -25.61 47.32 -0.40
CA SER D 455 -25.86 47.09 -1.81
C SER D 455 -26.72 45.85 -1.98
N ALA D 456 -27.02 45.53 -3.25
CA ALA D 456 -28.03 44.53 -3.56
C ALA D 456 -27.80 43.22 -2.83
N SER D 457 -26.55 42.75 -2.78
CA SER D 457 -26.29 41.44 -2.19
C SER D 457 -26.40 41.46 -0.67
N THR D 458 -26.26 42.63 -0.03
CA THR D 458 -26.33 42.75 1.41
C THR D 458 -27.72 43.10 1.91
N GLN D 459 -28.58 43.60 1.02
CA GLN D 459 -29.93 44.02 1.38
C GLN D 459 -30.96 43.06 0.78
N ALA D 460 -30.51 41.88 0.35
CA ALA D 460 -31.41 40.90 -0.24
C ALA D 460 -32.34 40.30 0.80
N LEU D 461 -33.54 39.96 0.33
CA LEU D 461 -34.58 39.40 1.19
C LEU D 461 -34.16 38.07 1.80
N SER D 462 -33.80 37.11 0.97
CA SER D 462 -33.25 35.84 1.42
C SER D 462 -31.79 35.79 1.01
N SER D 463 -30.97 35.13 1.83
CA SER D 463 -29.54 35.11 1.58
C SER D 463 -28.96 33.77 1.99
N SER D 464 -27.81 33.45 1.41
CA SER D 464 -27.11 32.20 1.69
C SER D 464 -25.64 32.35 1.31
N VAL D 465 -24.80 31.53 1.94
CA VAL D 465 -23.36 31.51 1.70
C VAL D 465 -22.93 30.09 1.40
N SER D 466 -22.07 29.92 0.40
CA SER D 466 -21.61 28.58 0.07
C SER D 466 -20.87 27.97 1.24
N SER D 467 -21.15 26.70 1.49
CA SER D 467 -20.50 25.93 2.53
C SER D 467 -19.54 24.90 1.94
N SER D 468 -19.15 25.11 0.68
CA SER D 468 -18.33 24.13 -0.02
C SER D 468 -17.03 23.91 0.72
N LYS D 469 -16.64 22.63 0.83
CA LYS D 469 -15.40 22.26 1.48
C LYS D 469 -14.40 21.69 0.49
N LEU D 470 -14.67 21.85 -0.81
CA LEU D 470 -13.81 21.29 -1.85
C LEU D 470 -12.38 21.77 -1.69
N PHE D 471 -12.18 23.07 -1.54
CA PHE D 471 -10.85 23.60 -1.34
C PHE D 471 -10.42 23.53 0.11
N SER D 472 -11.35 23.21 1.01
CA SER D 472 -11.05 22.95 2.41
C SER D 472 -10.05 23.98 2.91
N SER D 473 -9.02 23.56 3.64
CA SER D 473 -7.92 24.42 4.04
C SER D 473 -6.65 23.96 3.34
N SER D 474 -6.78 23.05 2.37
CA SER D 474 -5.65 22.60 1.57
C SER D 474 -4.80 23.78 1.12
N THR D 475 -5.43 24.80 0.57
CA THR D 475 -4.70 26.00 0.16
C THR D 475 -4.25 26.76 1.40
N ALA D 476 -2.97 27.11 1.45
CA ALA D 476 -2.44 27.88 2.57
C ALA D 476 -3.04 29.28 2.59
N PRO D 477 -3.36 29.82 3.77
CA PRO D 477 -3.96 31.16 3.84
C PRO D 477 -2.90 32.23 3.59
N HIS D 478 -3.31 33.29 2.91
CA HIS D 478 -2.42 34.36 2.52
C HIS D 478 -2.54 35.54 3.48
N GLU D 479 -1.45 36.29 3.58
CA GLU D 479 -1.38 37.33 4.58
C GLU D 479 -2.37 38.43 4.20
N THR D 480 -3.10 38.92 5.20
CA THR D 480 -4.08 39.97 5.02
C THR D 480 -3.69 41.16 5.87
N SER D 481 -3.64 42.33 5.26
CA SER D 481 -3.29 43.57 5.92
C SER D 481 -4.52 44.45 6.02
N PHE D 482 -4.66 45.16 7.14
CA PHE D 482 -5.82 46.01 7.33
C PHE D 482 -5.87 47.07 6.25
N GLY D 483 -7.06 47.31 5.70
CA GLY D 483 -7.26 48.30 4.68
C GLY D 483 -7.22 47.79 3.27
N GLU D 484 -6.74 46.57 3.03
CA GLU D 484 -6.72 46.04 1.68
C GLU D 484 -8.13 45.72 1.21
N GLU D 485 -8.35 45.93 -0.08
CA GLU D 485 -9.64 45.66 -0.71
C GLU D 485 -9.69 44.21 -1.14
N VAL D 486 -10.90 43.64 -1.09
CA VAL D 486 -11.16 42.30 -1.60
C VAL D 486 -12.54 42.34 -2.27
N GLU D 487 -12.72 41.47 -3.25
CA GLU D 487 -13.99 41.36 -3.95
C GLU D 487 -14.80 40.21 -3.37
N VAL D 488 -16.09 40.44 -3.16
CA VAL D 488 -17.02 39.43 -2.68
C VAL D 488 -18.07 39.21 -3.76
N HIS D 489 -18.12 38.00 -4.30
CA HIS D 489 -19.00 37.67 -5.41
C HIS D 489 -20.27 37.00 -4.94
N ASN D 490 -21.36 37.30 -5.63
CA ASN D 490 -22.68 36.79 -5.29
C ASN D 490 -23.46 36.44 -6.55
N LEU D 491 -24.45 35.56 -6.37
CA LEU D 491 -25.46 35.26 -7.37
C LEU D 491 -26.74 35.94 -6.91
N LEU D 492 -27.29 36.82 -7.73
CA LEU D 492 -28.53 37.53 -7.39
C LEU D 492 -29.67 36.98 -8.22
N ILE D 493 -30.75 36.63 -7.54
CA ILE D 493 -32.01 36.24 -8.18
C ILE D 493 -32.93 37.45 -8.14
N ILE D 494 -33.37 37.90 -9.32
CA ILE D 494 -34.08 39.17 -9.50
C ILE D 494 -35.37 38.94 -10.27
N ASP D 495 -36.48 39.46 -9.75
CA ASP D 495 -37.77 39.29 -10.39
C ASP D 495 -37.81 40.05 -11.71
N GLN D 496 -38.44 39.44 -12.72
CA GLN D 496 -38.39 39.98 -14.07
C GLN D 496 -39.26 41.21 -14.25
N HIS D 497 -40.21 41.44 -13.36
CA HIS D 497 -41.09 42.60 -13.44
C HIS D 497 -40.77 43.66 -12.39
N THR D 498 -40.70 43.28 -11.12
CA THR D 498 -40.40 44.23 -10.06
C THR D 498 -38.92 44.55 -9.99
N PHE D 499 -38.07 43.62 -10.44
CA PHE D 499 -36.62 43.79 -10.32
C PHE D 499 -36.24 43.99 -8.86
N GLU D 500 -36.85 43.18 -8.00
CA GLU D 500 -36.56 43.12 -6.58
C GLU D 500 -35.63 41.94 -6.34
N VAL D 501 -34.63 42.13 -5.50
CA VAL D 501 -33.67 41.07 -5.22
C VAL D 501 -34.33 40.06 -4.29
N LEU D 502 -34.61 38.87 -4.83
CA LEU D 502 -35.33 37.84 -4.11
C LEU D 502 -34.40 37.02 -3.24
N HIS D 503 -33.19 36.75 -3.73
CA HIS D 503 -32.22 35.94 -3.02
C HIS D 503 -30.83 36.41 -3.42
N ALA D 504 -29.89 36.29 -2.49
CA ALA D 504 -28.49 36.60 -2.78
C ALA D 504 -27.66 35.48 -2.19
N HIS D 505 -26.87 34.82 -3.02
CA HIS D 505 -26.01 33.72 -2.60
C HIS D 505 -24.57 34.19 -2.71
N GLN D 506 -23.86 34.16 -1.59
CA GLN D 506 -22.47 34.60 -1.52
C GLN D 506 -21.52 33.43 -1.67
N PHE D 507 -20.59 33.56 -2.60
CA PHE D 507 -19.62 32.52 -2.88
C PHE D 507 -18.47 32.53 -1.88
N LEU D 508 -17.60 31.54 -2.02
CA LEU D 508 -16.52 31.34 -1.08
C LEU D 508 -15.59 32.54 -1.07
N GLN D 509 -14.85 32.66 0.03
CA GLN D 509 -13.85 33.71 0.15
C GLN D 509 -12.81 33.57 -0.95
N ASN D 510 -12.53 34.67 -1.65
CA ASN D 510 -11.57 34.70 -2.74
C ASN D 510 -12.03 33.90 -3.95
N GLU D 511 -13.32 33.65 -4.06
CA GLU D 511 -13.91 32.97 -5.20
C GLU D 511 -14.58 33.98 -6.09
N TYR D 512 -14.23 33.97 -7.37
CA TYR D 512 -14.84 34.87 -8.34
C TYR D 512 -15.81 34.11 -9.23
N ALA D 513 -17.00 34.68 -9.42
CA ALA D 513 -17.99 34.12 -10.32
C ALA D 513 -17.73 34.74 -11.69
N LEU D 514 -17.44 33.89 -12.67
CA LEU D 514 -17.06 34.36 -13.99
C LEU D 514 -18.07 34.07 -15.08
N SER D 515 -18.87 33.01 -14.94
CA SER D 515 -19.78 32.57 -15.99
C SER D 515 -21.09 32.12 -15.36
N LEU D 516 -22.16 32.24 -16.13
CA LEU D 516 -23.49 31.92 -15.65
C LEU D 516 -24.36 31.45 -16.81
N VAL D 517 -25.12 30.39 -16.58
CA VAL D 517 -26.08 29.89 -17.58
C VAL D 517 -27.37 29.50 -16.86
N SER D 518 -28.46 29.51 -17.62
CA SER D 518 -29.75 28.99 -17.19
C SER D 518 -30.22 27.98 -18.21
N CYS D 519 -30.44 26.73 -17.78
CA CYS D 519 -30.77 25.70 -18.76
C CYS D 519 -31.27 24.43 -18.08
N LYS D 520 -31.86 23.55 -18.90
CA LYS D 520 -32.15 22.17 -18.55
C LYS D 520 -31.04 21.28 -19.10
N LEU D 521 -30.69 20.22 -18.38
CA LEU D 521 -29.65 19.32 -18.84
C LEU D 521 -30.07 17.86 -18.84
N GLY D 522 -29.49 17.09 -19.76
CA GLY D 522 -29.71 15.65 -19.77
C GLY D 522 -31.18 15.32 -19.82
N LYS D 523 -31.59 14.41 -18.95
CA LYS D 523 -32.99 14.03 -18.80
C LYS D 523 -33.64 14.64 -17.57
N ASP D 524 -33.03 15.70 -17.01
CA ASP D 524 -33.58 16.38 -15.84
C ASP D 524 -34.49 17.50 -16.29
N PRO D 525 -35.80 17.47 -15.98
CA PRO D 525 -36.68 18.55 -16.43
C PRO D 525 -36.48 19.84 -15.66
N ASN D 526 -35.79 19.80 -14.52
CA ASN D 526 -35.60 20.99 -13.71
C ASN D 526 -34.67 21.96 -14.41
N THR D 527 -35.01 23.25 -14.34
CA THR D 527 -34.21 24.31 -14.92
C THR D 527 -33.33 24.92 -13.83
N TYR D 528 -32.03 24.98 -14.09
CA TYR D 528 -31.05 25.38 -13.09
C TYR D 528 -30.33 26.67 -13.48
N PHE D 529 -29.85 27.38 -12.46
CA PHE D 529 -28.79 28.37 -12.63
C PHE D 529 -27.46 27.68 -12.34
N ILE D 530 -26.52 27.77 -13.29
CA ILE D 530 -25.19 27.15 -13.15
C ILE D 530 -24.15 28.25 -13.26
N VAL D 531 -23.20 28.26 -12.32
CA VAL D 531 -22.19 29.30 -12.24
C VAL D 531 -20.80 28.67 -12.32
N GLY D 532 -19.94 29.28 -13.12
CA GLY D 532 -18.54 28.89 -13.23
C GLY D 532 -17.66 29.91 -12.54
N THR D 533 -16.77 29.41 -11.68
CA THR D 533 -16.02 30.25 -10.76
C THR D 533 -14.52 30.03 -10.91
N ALA D 534 -13.75 30.86 -10.21
CA ALA D 534 -12.30 30.72 -10.15
C ALA D 534 -11.80 31.13 -8.78
N MET D 535 -10.84 30.38 -8.24
CA MET D 535 -10.19 30.77 -6.99
C MET D 535 -9.08 31.75 -7.32
N VAL D 536 -9.22 32.98 -6.85
CA VAL D 536 -8.30 34.06 -7.14
C VAL D 536 -7.49 34.30 -5.87
N TYR D 537 -6.19 34.03 -5.97
CA TYR D 537 -5.24 34.34 -4.92
C TYR D 537 -4.20 35.28 -5.50
N PRO D 538 -3.88 36.38 -4.82
CA PRO D 538 -3.00 37.40 -5.44
C PRO D 538 -1.69 36.86 -5.96
N GLU D 539 -1.16 35.79 -5.38
CA GLU D 539 0.15 35.29 -5.77
C GLU D 539 0.12 34.62 -7.14
N GLU D 540 -0.96 33.92 -7.46
CA GLU D 540 -0.99 33.08 -8.65
C GLU D 540 -1.25 33.91 -9.88
N ALA D 541 -0.53 33.60 -10.97
CA ALA D 541 -0.78 34.27 -12.23
C ALA D 541 -2.09 33.83 -12.89
N GLU D 542 -2.30 32.53 -13.00
CA GLU D 542 -3.53 31.99 -13.54
C GLU D 542 -4.17 31.14 -12.45
N PRO D 543 -5.47 31.29 -12.19
CA PRO D 543 -6.07 30.50 -11.12
C PRO D 543 -5.83 29.02 -11.38
N LYS D 544 -5.55 28.28 -10.31
CA LYS D 544 -5.32 26.85 -10.41
C LYS D 544 -6.45 26.06 -9.76
N GLN D 545 -7.50 26.75 -9.29
CA GLN D 545 -8.65 26.11 -8.69
C GLN D 545 -9.95 26.78 -9.13
N GLY D 546 -11.01 25.98 -9.17
CA GLY D 546 -12.30 26.47 -9.62
C GLY D 546 -13.42 25.51 -9.33
N ARG D 547 -14.64 26.05 -9.38
CA ARG D 547 -15.86 25.29 -9.15
C ARG D 547 -16.90 25.58 -10.23
N ILE D 548 -17.64 24.56 -10.61
CA ILE D 548 -18.90 24.69 -11.35
C ILE D 548 -20.01 24.33 -10.38
N VAL D 549 -20.99 25.23 -10.20
CA VAL D 549 -22.02 25.07 -9.19
C VAL D 549 -23.38 25.09 -9.85
N VAL D 550 -24.23 24.12 -9.49
CA VAL D 550 -25.60 24.02 -9.99
C VAL D 550 -26.56 24.43 -8.88
N PHE D 551 -27.37 25.45 -9.16
CA PHE D 551 -28.40 25.92 -8.26
C PHE D 551 -29.76 25.66 -8.87
N GLN D 552 -30.78 25.51 -8.02
CA GLN D 552 -32.16 25.54 -8.47
C GLN D 552 -32.92 26.59 -7.67
N TYR D 553 -33.57 27.52 -8.33
CA TYR D 553 -34.44 28.47 -7.65
C TYR D 553 -35.89 27.98 -7.79
N SER D 554 -36.49 27.55 -6.69
CA SER D 554 -37.84 27.02 -6.68
C SER D 554 -38.47 27.35 -5.34
N ASP D 555 -39.72 27.82 -5.37
CA ASP D 555 -40.49 28.15 -4.18
C ASP D 555 -39.74 29.15 -3.30
N GLY D 556 -39.22 30.20 -3.92
CA GLY D 556 -38.65 31.29 -3.17
C GLY D 556 -37.31 31.01 -2.54
N LYS D 557 -36.75 29.84 -2.74
CA LYS D 557 -35.50 29.44 -2.11
C LYS D 557 -34.54 28.90 -3.16
N LEU D 558 -33.26 29.16 -2.93
CA LEU D 558 -32.19 28.72 -3.81
C LEU D 558 -31.48 27.53 -3.18
N GLN D 559 -31.40 26.42 -3.90
CA GLN D 559 -30.84 25.19 -3.39
C GLN D 559 -29.61 24.84 -4.22
N THR D 560 -28.49 24.58 -3.55
CA THR D 560 -27.30 24.12 -4.24
C THR D 560 -27.54 22.68 -4.64
N VAL D 561 -27.51 22.39 -5.93
CA VAL D 561 -27.85 21.04 -6.38
C VAL D 561 -26.60 20.20 -6.56
N ALA D 562 -25.53 20.78 -7.06
CA ALA D 562 -24.33 20.01 -7.33
C ALA D 562 -23.15 20.94 -7.51
N GLU D 563 -21.96 20.43 -7.19
CA GLU D 563 -20.72 21.17 -7.36
C GLU D 563 -19.67 20.23 -7.93
N LYS D 564 -18.86 20.78 -8.83
CA LYS D 564 -17.80 20.04 -9.52
C LYS D 564 -16.52 20.84 -9.36
N GLU D 565 -15.45 20.17 -8.91
CA GLU D 565 -14.18 20.85 -8.75
C GLU D 565 -13.40 20.78 -10.06
N VAL D 566 -12.93 21.93 -10.53
CA VAL D 566 -12.07 22.01 -11.71
C VAL D 566 -10.76 22.66 -11.28
N LYS D 567 -9.74 22.47 -12.12
CA LYS D 567 -8.39 22.94 -11.83
C LYS D 567 -8.07 24.23 -12.60
N GLY D 568 -8.92 25.24 -12.47
CA GLY D 568 -8.69 26.50 -13.15
C GLY D 568 -9.90 27.40 -13.09
N ALA D 569 -9.93 28.39 -13.97
CA ALA D 569 -10.99 29.39 -13.99
C ALA D 569 -12.00 29.06 -15.08
N VAL D 570 -13.28 29.01 -14.70
CA VAL D 570 -14.35 28.71 -15.65
C VAL D 570 -14.77 30.02 -16.28
N TYR D 571 -14.04 30.40 -17.34
CA TYR D 571 -14.27 31.69 -17.97
C TYR D 571 -15.61 31.74 -18.69
N SER D 572 -16.06 30.61 -19.26
CA SER D 572 -17.27 30.61 -20.08
C SER D 572 -18.00 29.28 -20.06
N MET D 573 -19.33 29.33 -20.10
CA MET D 573 -20.18 28.15 -20.17
C MET D 573 -21.32 28.41 -21.16
N VAL D 574 -21.83 27.33 -21.78
CA VAL D 574 -22.96 27.45 -22.71
C VAL D 574 -23.59 26.07 -22.88
N GLU D 575 -24.92 26.04 -22.86
CA GLU D 575 -25.62 24.77 -23.02
C GLU D 575 -25.39 24.24 -24.43
N PHE D 576 -25.12 22.94 -24.53
CA PHE D 576 -24.78 22.28 -25.81
C PHE D 576 -25.49 20.94 -25.87
N ASN D 577 -26.60 20.89 -26.61
CA ASN D 577 -27.33 19.64 -26.86
C ASN D 577 -27.57 18.88 -25.56
N GLY D 578 -28.13 19.58 -24.59
CA GLY D 578 -28.42 18.94 -23.32
C GLY D 578 -27.23 18.67 -22.43
N LYS D 579 -26.04 19.12 -22.82
CA LYS D 579 -24.80 18.93 -22.08
C LYS D 579 -24.23 20.31 -21.75
N LEU D 580 -23.36 20.36 -20.76
CA LEU D 580 -22.79 21.62 -20.29
C LEU D 580 -21.41 21.79 -20.91
N LEU D 581 -21.26 22.81 -21.75
CA LEU D 581 -19.99 23.14 -22.39
C LEU D 581 -19.34 24.26 -21.59
N ALA D 582 -18.16 23.98 -21.03
CA ALA D 582 -17.47 24.91 -20.16
C ALA D 582 -16.01 25.03 -20.57
N SER D 583 -15.43 26.20 -20.35
CA SER D 583 -14.03 26.47 -20.64
C SER D 583 -13.28 26.72 -19.33
N ILE D 584 -12.28 25.89 -19.05
CA ILE D 584 -11.43 25.97 -17.86
C ILE D 584 -10.01 26.28 -18.34
N ASN D 585 -9.58 27.55 -18.22
CA ASN D 585 -8.26 27.96 -18.70
C ASN D 585 -8.10 27.55 -20.16
N SER D 586 -7.09 26.72 -20.46
CA SER D 586 -6.86 26.32 -21.85
C SER D 586 -7.77 25.20 -22.33
N THR D 587 -8.48 24.54 -21.43
CA THR D 587 -9.22 23.33 -21.75
C THR D 587 -10.67 23.72 -22.04
N VAL D 588 -11.25 23.09 -23.05
CA VAL D 588 -12.67 23.18 -23.34
C VAL D 588 -13.28 21.80 -23.13
N ARG D 589 -14.26 21.70 -22.23
CA ARG D 589 -14.81 20.41 -21.83
C ARG D 589 -16.31 20.35 -22.05
N LEU D 590 -16.79 19.19 -22.49
CA LEU D 590 -18.22 18.89 -22.57
C LEU D 590 -18.55 17.93 -21.43
N TYR D 591 -19.54 18.29 -20.62
CA TYR D 591 -19.97 17.48 -19.48
C TYR D 591 -21.37 16.93 -19.77
N GLU D 592 -21.64 15.71 -19.28
CA GLU D 592 -22.99 15.16 -19.27
C GLU D 592 -23.56 15.23 -17.85
N TRP D 593 -24.88 15.31 -17.77
CA TRP D 593 -25.61 15.38 -16.50
C TRP D 593 -26.22 14.01 -16.26
N THR D 594 -25.73 13.32 -15.24
CA THR D 594 -26.11 11.93 -15.02
C THR D 594 -27.46 11.86 -14.29
N THR D 595 -28.00 10.65 -14.23
CA THR D 595 -29.19 10.39 -13.45
C THR D 595 -28.94 10.55 -11.95
N GLU D 596 -27.69 10.60 -11.52
CA GLU D 596 -27.34 10.88 -10.13
C GLU D 596 -27.15 12.37 -9.86
N LYS D 597 -27.49 13.24 -10.82
CA LYS D 597 -27.43 14.69 -10.65
C LYS D 597 -26.01 15.15 -10.27
N GLU D 598 -25.02 14.63 -10.98
CA GLU D 598 -23.62 15.03 -10.83
C GLU D 598 -23.00 15.13 -12.22
N LEU D 599 -22.16 16.14 -12.42
CA LEU D 599 -21.53 16.36 -13.70
C LEU D 599 -20.43 15.33 -13.97
N ARG D 600 -20.38 14.83 -15.19
CA ARG D 600 -19.40 13.84 -15.62
C ARG D 600 -18.71 14.35 -16.88
N THR D 601 -17.38 14.36 -16.86
CA THR D 601 -16.61 14.75 -18.03
C THR D 601 -16.81 13.72 -19.14
N GLU D 602 -17.03 14.20 -20.37
CA GLU D 602 -17.18 13.31 -21.52
C GLU D 602 -15.96 13.38 -22.41
N CYS D 603 -15.66 14.56 -22.96
CA CYS D 603 -14.51 14.74 -23.84
C CYS D 603 -13.94 16.12 -23.60
N ASN D 604 -12.67 16.30 -23.99
CA ASN D 604 -11.95 17.54 -23.78
C ASN D 604 -11.24 17.99 -25.04
N HIS D 605 -10.99 19.30 -25.13
CA HIS D 605 -10.14 19.90 -26.15
C HIS D 605 -9.18 20.84 -25.45
N TYR D 606 -7.88 20.73 -25.76
CA TYR D 606 -6.88 21.46 -25.01
C TYR D 606 -6.03 22.44 -25.83
N ASN D 607 -6.23 22.54 -27.14
CA ASN D 607 -5.34 23.35 -27.98
C ASN D 607 -5.74 24.83 -27.94
N ASN D 608 -5.67 25.39 -26.73
CA ASN D 608 -5.98 26.79 -26.48
C ASN D 608 -5.04 27.37 -25.43
N ILE D 609 -4.72 28.66 -25.58
CA ILE D 609 -3.96 29.35 -24.54
C ILE D 609 -4.88 29.83 -23.41
N MET D 610 -5.96 30.51 -23.75
CA MET D 610 -6.94 30.92 -22.74
C MET D 610 -8.30 30.99 -23.42
N ALA D 611 -9.17 30.02 -23.11
CA ALA D 611 -10.48 29.91 -23.75
C ALA D 611 -11.44 30.83 -23.03
N LEU D 612 -11.51 32.07 -23.48
CA LEU D 612 -12.29 33.10 -22.83
C LEU D 612 -13.75 33.11 -23.23
N TYR D 613 -14.07 32.77 -24.48
CA TYR D 613 -15.42 32.92 -24.98
C TYR D 613 -15.90 31.68 -25.70
N LEU D 614 -17.18 31.38 -25.54
CA LEU D 614 -17.81 30.23 -26.17
C LEU D 614 -19.15 30.64 -26.77
N LYS D 615 -19.43 30.12 -27.97
CA LYS D 615 -20.71 30.29 -28.65
C LYS D 615 -20.96 29.00 -29.41
N THR D 616 -22.23 28.59 -29.49
CA THR D 616 -22.57 27.31 -30.12
C THR D 616 -23.74 27.46 -31.11
N LYS D 617 -23.68 26.64 -32.16
CA LYS D 617 -24.78 26.46 -33.10
C LYS D 617 -24.78 25.01 -33.55
N GLY D 618 -25.86 24.28 -33.29
CA GLY D 618 -25.88 22.88 -33.65
C GLY D 618 -24.84 22.10 -32.86
N ASP D 619 -24.02 21.32 -33.55
CA ASP D 619 -22.91 20.61 -32.93
C ASP D 619 -21.58 21.33 -33.11
N PHE D 620 -21.58 22.55 -33.62
CA PHE D 620 -20.41 23.37 -33.85
C PHE D 620 -20.15 24.30 -32.66
N ILE D 621 -18.88 24.55 -32.38
CA ILE D 621 -18.47 25.41 -31.26
C ILE D 621 -17.42 26.40 -31.73
N LEU D 622 -17.65 27.67 -31.44
CA LEU D 622 -16.68 28.74 -31.71
C LEU D 622 -16.01 29.13 -30.39
N VAL D 623 -14.71 28.95 -30.31
CA VAL D 623 -13.97 29.19 -29.07
C VAL D 623 -13.06 30.40 -29.30
N GLY D 624 -13.21 31.40 -28.44
CA GLY D 624 -12.41 32.62 -28.53
C GLY D 624 -11.27 32.57 -27.54
N ASP D 625 -10.06 32.76 -28.05
CA ASP D 625 -8.84 32.72 -27.27
C ASP D 625 -8.30 34.14 -27.07
N LEU D 626 -7.44 34.27 -26.05
CA LEU D 626 -6.89 35.58 -25.75
C LEU D 626 -6.01 36.09 -26.89
N MET D 627 -5.17 35.22 -27.47
CA MET D 627 -4.27 35.63 -28.53
C MET D 627 -4.39 34.81 -29.81
N ARG D 628 -5.18 33.74 -29.81
CA ARG D 628 -5.24 32.85 -30.96
C ARG D 628 -6.54 33.00 -31.74
N SER D 629 -7.20 34.15 -31.61
CA SER D 629 -8.38 34.50 -32.40
C SER D 629 -9.49 33.51 -32.04
N VAL D 630 -10.08 32.81 -33.01
CA VAL D 630 -11.24 31.96 -32.78
C VAL D 630 -10.98 30.63 -33.44
N LEU D 631 -11.51 29.58 -32.83
CA LEU D 631 -11.39 28.22 -33.32
C LEU D 631 -12.79 27.66 -33.55
N LEU D 632 -12.97 26.98 -34.68
CA LEU D 632 -14.23 26.33 -35.02
C LEU D 632 -14.10 24.88 -34.63
N LEU D 633 -14.61 24.54 -33.46
CA LEU D 633 -14.64 23.16 -33.02
C LEU D 633 -15.96 22.52 -33.46
N ALA D 634 -15.98 21.20 -33.50
CA ALA D 634 -17.20 20.46 -33.76
C ALA D 634 -17.21 19.26 -32.84
N TYR D 635 -18.39 18.89 -32.40
CA TYR D 635 -18.60 17.71 -31.59
C TYR D 635 -18.96 16.57 -32.53
N LYS D 636 -18.16 15.52 -32.51
CA LYS D 636 -18.51 14.37 -33.34
C LYS D 636 -19.21 13.36 -32.47
N PRO D 637 -20.56 13.28 -32.53
CA PRO D 637 -21.28 12.40 -31.61
C PRO D 637 -20.94 10.92 -31.79
N MET D 638 -20.67 10.49 -33.02
CA MET D 638 -20.37 9.06 -33.21
C MET D 638 -19.18 8.63 -32.37
N GLU D 639 -18.16 9.48 -32.27
CA GLU D 639 -16.99 9.17 -31.47
C GLU D 639 -17.08 9.67 -30.03
N GLY D 640 -17.86 10.71 -29.78
CA GLY D 640 -17.92 11.30 -28.45
C GLY D 640 -16.75 12.17 -28.08
N ASN D 641 -16.24 12.96 -29.03
CA ASN D 641 -15.08 13.81 -28.83
C ASN D 641 -15.15 15.01 -29.77
N PHE D 642 -14.23 15.96 -29.56
CA PHE D 642 -14.13 17.13 -30.40
C PHE D 642 -13.21 16.89 -31.59
N GLU D 643 -13.43 17.64 -32.66
CA GLU D 643 -12.57 17.68 -33.84
C GLU D 643 -12.36 19.14 -34.21
N GLU D 644 -11.13 19.51 -34.51
CA GLU D 644 -10.80 20.87 -34.90
C GLU D 644 -11.16 21.06 -36.38
N ILE D 645 -12.13 21.96 -36.65
CA ILE D 645 -12.55 22.17 -38.03
C ILE D 645 -11.65 23.19 -38.71
N ALA D 646 -11.48 24.36 -38.10
CA ALA D 646 -10.65 25.40 -38.70
C ALA D 646 -10.34 26.46 -37.65
N ARG D 647 -9.22 27.17 -37.86
CA ARG D 647 -8.78 28.20 -36.93
C ARG D 647 -8.36 29.45 -37.70
N ASP D 648 -8.58 30.62 -37.09
CA ASP D 648 -8.07 31.88 -37.61
C ASP D 648 -6.65 32.03 -37.08
N PHE D 649 -5.67 31.81 -37.94
CA PHE D 649 -4.28 31.86 -37.50
C PHE D 649 -3.81 33.27 -37.15
N ASN D 650 -4.36 34.29 -37.80
CA ASN D 650 -3.97 35.66 -37.47
C ASN D 650 -4.20 35.95 -35.99
N PRO D 651 -3.21 36.48 -35.27
CA PRO D 651 -3.39 36.67 -33.81
C PRO D 651 -4.13 37.97 -33.52
N ASN D 652 -5.14 37.88 -32.66
CA ASN D 652 -5.89 39.05 -32.25
C ASN D 652 -6.21 38.92 -30.77
N TRP D 653 -6.42 40.05 -30.10
CA TRP D 653 -6.82 40.05 -28.70
C TRP D 653 -8.35 40.06 -28.74
N MET D 654 -8.95 38.89 -28.53
CA MET D 654 -10.39 38.76 -28.66
C MET D 654 -11.06 39.31 -27.41
N SER D 655 -12.12 40.09 -27.62
CA SER D 655 -12.94 40.59 -26.53
C SER D 655 -14.32 39.96 -26.49
N ALA D 656 -14.81 39.46 -27.61
CA ALA D 656 -16.11 38.81 -27.69
C ALA D 656 -16.23 38.21 -29.09
N VAL D 657 -16.97 37.11 -29.18
CA VAL D 657 -17.17 36.41 -30.44
C VAL D 657 -18.67 36.15 -30.61
N GLU D 658 -19.04 35.77 -31.83
CA GLU D 658 -20.41 35.38 -32.11
C GLU D 658 -20.44 34.58 -33.40
N ILE D 659 -21.40 33.67 -33.49
CA ILE D 659 -21.65 32.91 -34.70
C ILE D 659 -22.76 33.62 -35.45
N LEU D 660 -22.51 33.99 -36.69
CA LEU D 660 -23.52 34.62 -37.52
C LEU D 660 -24.38 33.57 -38.22
N ASP D 661 -23.73 32.59 -38.84
CA ASP D 661 -24.40 31.48 -39.48
C ASP D 661 -23.40 30.33 -39.54
N ASP D 662 -23.77 29.26 -40.25
CA ASP D 662 -22.95 28.05 -40.25
C ASP D 662 -21.55 28.29 -40.83
N ASP D 663 -21.37 29.34 -41.62
CA ASP D 663 -20.10 29.60 -42.28
C ASP D 663 -19.40 30.87 -41.81
N ASN D 664 -20.13 31.82 -41.24
CA ASN D 664 -19.56 33.10 -40.83
C ASN D 664 -19.43 33.21 -39.31
N PHE D 665 -18.32 33.79 -38.85
CA PHE D 665 -18.00 33.97 -37.45
C PHE D 665 -17.52 35.39 -37.22
N LEU D 666 -18.10 36.06 -36.22
CA LEU D 666 -17.86 37.47 -35.95
C LEU D 666 -17.08 37.64 -34.66
N GLY D 667 -16.10 38.55 -34.69
CA GLY D 667 -15.25 38.78 -33.54
C GLY D 667 -14.91 40.24 -33.33
N ALA D 668 -14.50 40.56 -32.10
CA ALA D 668 -14.12 41.91 -31.69
C ALA D 668 -12.73 41.88 -31.07
N GLU D 669 -11.92 42.89 -31.37
CA GLU D 669 -10.54 42.97 -30.91
C GLU D 669 -10.39 44.09 -29.89
N ASN D 670 -9.36 43.97 -29.05
CA ASN D 670 -9.12 45.01 -28.06
C ASN D 670 -8.67 46.32 -28.69
N ALA D 671 -8.44 46.34 -30.00
CA ALA D 671 -8.08 47.56 -30.72
C ALA D 671 -9.29 48.26 -31.30
N PHE D 672 -10.46 48.05 -30.72
CA PHE D 672 -11.69 48.64 -31.21
C PHE D 672 -11.93 48.24 -32.66
N ASN D 673 -11.64 46.97 -32.98
CA ASN D 673 -11.78 46.45 -34.32
C ASN D 673 -12.72 45.25 -34.33
N LEU D 674 -13.40 45.05 -35.46
CA LEU D 674 -14.30 43.93 -35.67
C LEU D 674 -13.87 43.19 -36.93
N PHE D 675 -13.87 41.87 -36.89
CA PHE D 675 -13.50 41.07 -38.05
C PHE D 675 -14.46 39.90 -38.19
N VAL D 676 -14.60 39.41 -39.42
CA VAL D 676 -15.47 38.27 -39.73
C VAL D 676 -14.69 37.27 -40.56
N CYS D 677 -14.44 36.09 -40.00
CA CYS D 677 -13.75 35.01 -40.69
C CYS D 677 -14.73 33.88 -41.00
N GLN D 678 -14.44 33.15 -42.07
CA GLN D 678 -15.33 32.08 -42.52
C GLN D 678 -14.55 30.89 -43.05
N LYS D 679 -15.22 29.73 -43.07
CA LYS D 679 -14.67 28.54 -43.70
C LYS D 679 -14.38 28.83 -45.17
N ASP D 680 -13.20 28.41 -45.62
CA ASP D 680 -12.75 28.76 -46.97
C ASP D 680 -13.58 28.06 -48.04
N SER D 681 -13.80 26.76 -47.90
CA SER D 681 -14.61 26.01 -48.86
C SER D 681 -14.06 26.16 -50.27
N ALA D 682 -12.73 26.23 -50.39
CA ALA D 682 -12.08 26.32 -51.69
C ALA D 682 -10.82 25.49 -51.75
N ALA D 683 -10.47 25.08 -52.97
CA ALA D 683 -9.32 24.25 -53.32
C ALA D 683 -9.39 22.84 -52.76
N THR D 684 -10.43 22.50 -52.02
CA THR D 684 -10.65 21.16 -51.48
C THR D 684 -9.37 20.51 -50.94
N THR D 685 -8.57 21.28 -50.19
CA THR D 685 -7.37 20.80 -49.54
C THR D 685 -7.62 20.77 -48.04
N ASP D 686 -7.14 19.72 -47.36
CA ASP D 686 -7.36 19.66 -45.91
C ASP D 686 -6.72 20.83 -45.20
N GLU D 687 -5.58 21.29 -45.70
CA GLU D 687 -4.90 22.46 -45.15
C GLU D 687 -5.73 23.72 -45.39
N GLU D 688 -6.28 23.85 -46.59
CA GLU D 688 -7.13 25.00 -46.89
C GLU D 688 -8.41 24.98 -46.06
N ARG D 689 -9.01 23.79 -45.88
CA ARG D 689 -10.22 23.66 -45.08
C ARG D 689 -10.01 24.13 -43.64
N GLN D 690 -8.86 23.79 -43.06
CA GLN D 690 -8.60 24.14 -41.67
C GLN D 690 -8.23 25.62 -41.48
N HIS D 691 -8.10 26.41 -42.53
CA HIS D 691 -7.74 27.81 -42.42
C HIS D 691 -9.02 28.66 -42.46
N LEU D 692 -9.34 29.29 -41.33
CA LEU D 692 -10.40 30.30 -41.28
C LEU D 692 -9.81 31.62 -41.78
N GLN D 693 -10.36 32.16 -42.86
CA GLN D 693 -9.81 33.36 -43.48
C GLN D 693 -10.58 34.60 -43.03
N GLU D 694 -9.84 35.61 -42.58
CA GLU D 694 -10.43 36.90 -42.23
C GLU D 694 -10.89 37.58 -43.51
N VAL D 695 -12.22 37.64 -43.72
CA VAL D 695 -12.78 38.23 -44.91
C VAL D 695 -13.44 39.59 -44.64
N GLY D 696 -13.72 39.92 -43.39
CA GLY D 696 -14.28 41.21 -43.04
C GLY D 696 -13.44 41.97 -42.02
N LEU D 697 -13.22 43.26 -42.28
CA LEU D 697 -12.44 44.12 -41.39
C LEU D 697 -13.12 45.47 -41.22
N PHE D 698 -13.19 45.95 -39.99
CA PHE D 698 -13.92 47.19 -39.68
C PHE D 698 -13.38 47.74 -38.37
N HIS D 699 -13.31 49.07 -38.27
CA HIS D 699 -12.92 49.74 -37.04
C HIS D 699 -14.17 50.33 -36.41
N LEU D 700 -14.72 49.64 -35.41
CA LEU D 700 -15.92 50.13 -34.75
C LEU D 700 -15.66 51.42 -33.98
N GLY D 701 -14.54 51.49 -33.28
CA GLY D 701 -14.23 52.60 -32.43
C GLY D 701 -14.75 52.47 -31.02
N GLU D 702 -15.43 51.37 -30.71
CA GLU D 702 -15.94 51.10 -29.37
C GLU D 702 -15.42 49.71 -28.99
N PHE D 703 -15.36 49.44 -27.69
CA PHE D 703 -14.86 48.18 -27.16
C PHE D 703 -16.06 47.27 -26.91
N VAL D 704 -16.17 46.22 -27.72
CA VAL D 704 -17.30 45.30 -27.61
C VAL D 704 -17.03 44.32 -26.47
N ASN D 705 -17.95 44.29 -25.50
CA ASN D 705 -17.87 43.30 -24.42
C ASN D 705 -18.77 42.09 -24.64
N VAL D 706 -19.94 42.26 -25.27
CA VAL D 706 -20.91 41.18 -25.36
C VAL D 706 -21.59 41.20 -26.73
N PHE D 707 -21.79 40.02 -27.29
CA PHE D 707 -22.51 39.82 -28.55
C PHE D 707 -23.78 39.03 -28.24
N CYS D 708 -24.93 39.52 -28.70
CA CYS D 708 -26.21 38.89 -28.37
C CYS D 708 -27.13 38.93 -29.56
N HIS D 709 -27.61 37.75 -29.97
CA HIS D 709 -28.60 37.64 -31.03
C HIS D 709 -29.93 38.21 -30.54
N GLY D 710 -30.57 39.02 -31.36
CA GLY D 710 -31.88 39.58 -31.03
C GLY D 710 -32.06 40.96 -31.63
N SER D 711 -33.32 41.39 -31.68
CA SER D 711 -33.69 42.70 -32.19
C SER D 711 -34.68 43.40 -31.27
N LEU D 712 -34.44 44.69 -31.03
CA LEU D 712 -35.35 45.47 -30.20
C LEU D 712 -36.65 45.77 -30.95
N VAL D 713 -36.56 46.02 -32.26
CA VAL D 713 -37.74 46.39 -33.03
C VAL D 713 -38.72 45.20 -33.08
N MET D 714 -40.01 45.53 -33.12
CA MET D 714 -41.05 44.52 -33.15
C MET D 714 -40.90 43.61 -34.36
N GLN D 715 -41.02 42.30 -34.13
CA GLN D 715 -40.98 41.29 -35.18
C GLN D 715 -42.41 40.81 -35.39
N ASN D 716 -42.90 40.90 -36.62
CA ASN D 716 -44.26 40.46 -36.93
C ASN D 716 -44.14 39.09 -37.59
N LEU D 717 -44.96 38.14 -37.16
CA LEU D 717 -44.85 36.77 -37.66
C LEU D 717 -45.08 36.73 -39.17
N GLY D 718 -45.76 37.73 -39.72
CA GLY D 718 -45.95 37.77 -41.14
C GLY D 718 -44.64 38.02 -41.84
N GLU D 719 -44.37 37.26 -42.90
CA GLU D 719 -43.09 37.33 -43.59
C GLU D 719 -42.95 38.67 -44.31
N THR D 720 -41.81 39.32 -44.06
CA THR D 720 -41.45 40.59 -44.69
C THR D 720 -40.07 40.42 -45.31
N SER D 721 -39.96 40.68 -46.61
CA SER D 721 -38.66 40.54 -47.28
C SER D 721 -37.78 41.74 -46.93
N THR D 722 -37.13 41.65 -45.77
CA THR D 722 -36.21 42.72 -45.41
C THR D 722 -34.91 42.54 -46.19
N PRO D 723 -34.20 43.63 -46.51
CA PRO D 723 -32.87 43.46 -47.14
C PRO D 723 -31.87 42.82 -46.19
N THR D 724 -31.90 43.21 -44.93
CA THR D 724 -30.97 42.69 -43.94
C THR D 724 -31.39 41.29 -43.51
N GLN D 725 -30.39 40.43 -43.33
CA GLN D 725 -30.58 39.07 -42.85
C GLN D 725 -29.82 38.90 -41.54
N GLY D 726 -30.51 38.48 -40.50
CA GLY D 726 -29.89 38.30 -39.20
C GLY D 726 -29.89 39.57 -38.38
N SER D 727 -29.61 39.41 -37.09
CA SER D 727 -29.56 40.56 -36.18
C SER D 727 -28.75 40.20 -34.94
N VAL D 728 -27.61 40.86 -34.76
CA VAL D 728 -26.78 40.72 -33.57
C VAL D 728 -26.64 42.09 -32.92
N LEU D 729 -27.01 42.19 -31.65
CA LEU D 729 -26.78 43.39 -30.86
C LEU D 729 -25.49 43.24 -30.06
N PHE D 730 -24.74 44.33 -29.94
CA PHE D 730 -23.51 44.31 -29.14
C PHE D 730 -23.47 45.52 -28.20
N GLY D 731 -23.00 45.26 -26.98
CA GLY D 731 -22.83 46.30 -25.98
C GLY D 731 -21.36 46.63 -25.80
N THR D 732 -21.09 47.86 -25.38
CA THR D 732 -19.71 48.34 -25.33
C THR D 732 -19.41 49.07 -24.02
N VAL D 733 -18.14 49.41 -23.87
CA VAL D 733 -17.64 50.04 -22.66
C VAL D 733 -18.20 51.44 -22.48
N ASN D 734 -18.47 52.15 -23.57
CA ASN D 734 -18.95 53.52 -23.47
C ASN D 734 -20.47 53.62 -23.50
N GLY D 735 -21.18 52.50 -23.36
CA GLY D 735 -22.63 52.52 -23.37
C GLY D 735 -23.24 52.41 -24.74
N MET D 736 -22.44 52.52 -25.79
CA MET D 736 -22.93 52.37 -27.15
C MET D 736 -23.50 50.98 -27.38
N ILE D 737 -24.67 50.93 -28.02
CA ILE D 737 -25.31 49.68 -28.41
C ILE D 737 -25.44 49.68 -29.93
N GLY D 738 -24.96 48.61 -30.56
CA GLY D 738 -24.93 48.54 -31.99
C GLY D 738 -25.51 47.22 -32.49
N LEU D 739 -25.91 47.23 -33.76
CA LEU D 739 -26.55 46.08 -34.40
C LEU D 739 -25.74 45.68 -35.63
N VAL D 740 -25.44 44.40 -35.73
CA VAL D 740 -24.76 43.81 -36.88
C VAL D 740 -25.73 42.89 -37.62
N THR D 741 -25.68 42.95 -38.95
CA THR D 741 -26.53 42.13 -39.80
C THR D 741 -25.77 41.88 -41.10
N SER D 742 -26.15 40.82 -41.79
CA SER D 742 -25.50 40.40 -43.03
C SER D 742 -26.31 40.87 -44.24
N LEU D 743 -25.64 40.92 -45.39
CA LEU D 743 -26.26 41.40 -46.61
C LEU D 743 -26.10 40.38 -47.74
N SER D 744 -26.96 40.51 -48.74
CA SER D 744 -26.74 39.78 -49.98
C SER D 744 -25.70 40.52 -50.81
N GLU D 745 -25.03 39.78 -51.69
CA GLU D 745 -24.02 40.41 -52.53
C GLU D 745 -24.62 41.59 -53.30
N SER D 746 -25.86 41.44 -53.78
CA SER D 746 -26.51 42.53 -54.48
C SER D 746 -26.53 43.78 -53.62
N TRP D 747 -26.87 43.64 -52.34
CA TRP D 747 -27.05 44.78 -51.46
C TRP D 747 -25.73 45.42 -51.04
N TYR D 748 -24.71 44.61 -50.75
CA TYR D 748 -23.41 45.16 -50.37
C TYR D 748 -22.93 46.14 -51.42
N ASN D 749 -22.83 45.69 -52.67
CA ASN D 749 -22.32 46.54 -53.74
C ASN D 749 -23.08 47.85 -53.86
N LEU D 750 -24.41 47.84 -53.76
CA LEU D 750 -25.12 49.11 -53.82
C LEU D 750 -24.68 50.04 -52.69
N LEU D 751 -24.71 49.51 -51.46
CA LEU D 751 -24.46 50.35 -50.29
C LEU D 751 -23.01 50.80 -50.26
N LEU D 752 -22.08 49.95 -50.70
CA LEU D 752 -20.69 50.35 -50.81
C LEU D 752 -20.54 51.48 -51.83
N ASP D 753 -21.17 51.33 -52.99
CA ASP D 753 -21.11 52.38 -54.00
C ASP D 753 -21.62 53.70 -53.45
N MET D 754 -22.66 53.65 -52.61
CA MET D 754 -23.20 54.88 -52.03
C MET D 754 -22.22 55.50 -51.02
N GLN D 755 -21.56 54.66 -50.23
CA GLN D 755 -20.57 55.19 -49.29
C GLN D 755 -19.52 56.02 -50.03
N ASN D 756 -18.94 55.47 -51.08
CA ASN D 756 -17.95 56.22 -51.86
C ASN D 756 -18.54 57.51 -52.43
N ARG D 757 -19.83 57.50 -52.76
CA ARG D 757 -20.50 58.72 -53.24
C ARG D 757 -20.76 59.70 -52.11
N LEU D 758 -21.24 59.19 -50.98
CA LEU D 758 -21.58 60.05 -49.85
C LEU D 758 -20.33 60.74 -49.32
N ASN D 759 -19.20 60.04 -49.35
CA ASN D 759 -17.96 60.60 -48.80
C ASN D 759 -17.49 61.82 -49.59
N LYS D 760 -17.75 61.85 -50.90
CA LYS D 760 -17.40 63.03 -51.69
C LYS D 760 -18.30 64.21 -51.34
N VAL D 761 -19.52 63.94 -50.87
CA VAL D 761 -20.54 64.97 -50.66
C VAL D 761 -20.48 65.55 -49.26
N ILE D 762 -20.29 64.71 -48.25
CA ILE D 762 -20.45 65.10 -46.86
C ILE D 762 -19.15 65.69 -46.36
N LYS D 763 -19.24 66.84 -45.68
CA LYS D 763 -18.10 67.50 -45.07
C LYS D 763 -17.96 66.96 -43.66
N SER D 764 -16.81 66.37 -43.32
CA SER D 764 -16.60 65.82 -42.00
C SER D 764 -15.96 66.85 -41.08
N VAL D 765 -16.26 66.75 -39.79
CA VAL D 765 -15.62 67.63 -38.82
C VAL D 765 -14.14 67.33 -38.78
N GLY D 766 -13.32 68.37 -38.91
CA GLY D 766 -11.90 68.19 -38.99
C GLY D 766 -11.40 67.69 -40.32
N LYS D 767 -12.30 67.47 -41.27
CA LYS D 767 -11.95 66.97 -42.60
C LYS D 767 -11.15 65.67 -42.52
N ILE D 768 -11.67 64.73 -41.74
CA ILE D 768 -11.08 63.40 -41.61
C ILE D 768 -11.68 62.49 -42.68
N GLU D 769 -10.81 61.87 -43.48
CA GLU D 769 -11.26 60.94 -44.50
C GLU D 769 -11.95 59.74 -43.87
N HIS D 770 -13.17 59.45 -44.33
CA HIS D 770 -13.93 58.34 -43.77
C HIS D 770 -13.22 57.01 -43.95
N SER D 771 -12.66 56.76 -45.14
CA SER D 771 -12.02 55.49 -45.41
C SER D 771 -10.92 55.21 -44.39
N PHE D 772 -10.20 56.24 -43.95
CA PHE D 772 -9.16 56.05 -42.94
C PHE D 772 -9.76 55.71 -41.58
N TRP D 773 -10.88 56.34 -41.21
CA TRP D 773 -11.45 56.12 -39.88
C TRP D 773 -11.89 54.67 -39.69
N ARG D 774 -12.57 54.10 -40.69
CA ARG D 774 -13.02 52.72 -40.57
C ARG D 774 -11.94 51.69 -40.90
N SER D 775 -10.78 52.13 -41.38
CA SER D 775 -9.70 51.20 -41.69
C SER D 775 -9.24 50.46 -40.44
N PHE D 776 -9.19 49.14 -40.55
CA PHE D 776 -8.65 48.28 -39.49
C PHE D 776 -7.33 48.83 -38.97
N HIS D 777 -7.20 48.91 -37.65
CA HIS D 777 -6.02 49.55 -37.07
C HIS D 777 -5.62 48.87 -35.77
N THR D 778 -4.45 48.26 -35.78
CA THR D 778 -3.71 47.87 -34.60
C THR D 778 -2.44 48.73 -34.55
N GLU D 779 -1.74 48.70 -33.41
CA GLU D 779 -0.53 49.50 -33.33
C GLU D 779 0.45 49.14 -34.44
N ARG D 780 0.37 47.90 -34.93
CA ARG D 780 1.30 47.34 -35.91
C ARG D 780 0.72 47.24 -37.32
N LYS D 781 -0.60 47.12 -37.47
CA LYS D 781 -1.18 46.95 -38.79
C LYS D 781 -2.26 47.99 -39.02
N THR D 782 -2.37 48.41 -40.27
CA THR D 782 -3.42 49.32 -40.73
C THR D 782 -3.85 48.79 -42.09
N GLU D 783 -5.08 48.30 -42.17
CA GLU D 783 -5.63 47.72 -43.38
C GLU D 783 -6.91 48.46 -43.75
N PRO D 784 -7.24 48.54 -45.04
CA PRO D 784 -8.53 49.11 -45.43
C PRO D 784 -9.67 48.19 -45.01
N ALA D 785 -10.79 48.80 -44.61
CA ALA D 785 -11.96 48.02 -44.22
C ALA D 785 -12.49 47.25 -45.41
N THR D 786 -13.09 46.09 -45.14
CA THR D 786 -13.65 45.24 -46.18
C THR D 786 -14.78 44.41 -45.58
N GLY D 787 -15.81 44.17 -46.38
CA GLY D 787 -16.92 43.34 -45.99
C GLY D 787 -17.92 43.98 -45.05
N PHE D 788 -17.80 45.27 -44.77
CA PHE D 788 -18.66 45.95 -43.82
C PHE D 788 -19.19 47.25 -44.41
N ILE D 789 -20.45 47.54 -44.16
CA ILE D 789 -21.09 48.79 -44.58
C ILE D 789 -21.34 49.64 -43.35
N ASP D 790 -20.77 50.83 -43.31
CA ASP D 790 -21.03 51.74 -42.19
C ASP D 790 -22.48 52.17 -42.27
N GLY D 791 -23.33 51.53 -41.46
CA GLY D 791 -24.75 51.82 -41.49
C GLY D 791 -25.06 53.27 -41.19
N ASP D 792 -24.30 53.87 -40.27
CA ASP D 792 -24.56 55.26 -39.90
C ASP D 792 -24.33 56.20 -41.08
N LEU D 793 -23.32 55.92 -41.90
CA LEU D 793 -23.11 56.74 -43.09
C LEU D 793 -24.27 56.59 -44.07
N ILE D 794 -24.80 55.38 -44.24
CA ILE D 794 -25.92 55.18 -45.15
C ILE D 794 -27.14 55.95 -44.64
N GLU D 795 -27.37 55.94 -43.32
CA GLU D 795 -28.52 56.60 -42.72
C GLU D 795 -28.40 58.12 -42.69
N SER D 796 -27.23 58.68 -42.96
CA SER D 796 -27.12 60.13 -43.05
C SER D 796 -27.56 60.66 -44.41
N PHE D 797 -27.67 59.78 -45.42
CA PHE D 797 -28.22 60.17 -46.72
C PHE D 797 -29.57 60.83 -46.55
N LEU D 798 -30.37 60.36 -45.58
CA LEU D 798 -31.67 60.94 -45.34
C LEU D 798 -31.59 62.34 -44.75
N ASP D 799 -30.41 62.76 -44.26
CA ASP D 799 -30.26 64.04 -43.59
C ASP D 799 -29.56 65.12 -44.41
N ILE D 800 -29.04 64.80 -45.62
CA ILE D 800 -28.41 65.80 -46.47
C ILE D 800 -29.47 66.49 -47.33
N SER D 801 -29.19 67.73 -47.71
CA SER D 801 -30.19 68.53 -48.42
C SER D 801 -30.51 67.91 -49.78
N ARG D 802 -31.69 68.24 -50.30
CA ARG D 802 -32.12 67.66 -51.57
C ARG D 802 -31.07 67.86 -52.66
N PRO D 803 -30.45 69.03 -52.79
CA PRO D 803 -29.38 69.17 -53.81
C PRO D 803 -28.28 68.11 -53.71
N LYS D 804 -27.83 67.78 -52.49
CA LYS D 804 -26.75 66.82 -52.35
C LYS D 804 -27.21 65.39 -52.65
N MET D 805 -28.45 65.06 -52.30
CA MET D 805 -28.97 63.73 -52.65
C MET D 805 -28.92 63.50 -54.15
N GLN D 806 -29.32 64.50 -54.93
CA GLN D 806 -29.30 64.39 -56.38
C GLN D 806 -27.87 64.24 -56.88
N GLU D 807 -26.92 64.92 -56.23
CA GLU D 807 -25.51 64.73 -56.57
C GLU D 807 -25.05 63.30 -56.29
N VAL D 808 -25.57 62.68 -55.23
CA VAL D 808 -25.10 61.35 -54.86
C VAL D 808 -25.49 60.33 -55.91
N VAL D 809 -26.70 60.42 -56.43
CA VAL D 809 -27.21 59.44 -57.39
C VAL D 809 -26.76 59.64 -58.83
N ALA D 810 -26.01 60.69 -59.12
CA ALA D 810 -25.59 60.94 -60.49
C ALA D 810 -24.85 59.72 -61.05
N ASN D 811 -25.26 59.29 -62.25
CA ASN D 811 -24.67 58.14 -62.92
C ASN D 811 -24.75 56.86 -62.10
N LEU D 812 -25.77 56.74 -61.25
CA LEU D 812 -25.97 55.56 -60.41
C LEU D 812 -27.11 54.77 -61.03
N GLN D 813 -26.90 53.48 -61.23
CA GLN D 813 -27.93 52.65 -61.82
C GLN D 813 -28.55 51.84 -60.70
N TYR D 814 -29.87 51.72 -60.73
CA TYR D 814 -30.62 51.11 -59.65
C TYR D 814 -31.07 49.71 -60.03
N ASP D 815 -31.21 48.87 -59.02
CA ASP D 815 -31.63 47.49 -59.17
C ASP D 815 -33.06 47.45 -58.64
N ASP D 816 -34.03 47.28 -59.52
CA ASP D 816 -35.44 47.17 -59.14
C ASP D 816 -35.77 45.85 -58.46
N GLY D 817 -34.88 44.87 -58.50
CA GLY D 817 -35.20 43.53 -58.07
C GLY D 817 -35.97 42.74 -59.10
N SER D 818 -36.55 43.41 -60.09
CA SER D 818 -37.19 42.77 -61.23
C SER D 818 -36.22 42.40 -62.33
N GLY D 819 -34.92 42.46 -62.07
CA GLY D 819 -33.95 42.27 -63.10
C GLY D 819 -33.68 43.52 -63.90
N MET D 820 -34.48 44.57 -63.69
CA MET D 820 -34.38 45.80 -64.47
C MET D 820 -33.40 46.73 -63.77
N LYS D 821 -32.53 47.34 -64.54
CA LYS D 821 -31.54 48.29 -64.07
C LYS D 821 -31.83 49.65 -64.72
N ARG D 822 -32.00 50.68 -63.90
CA ARG D 822 -32.36 51.99 -64.41
C ARG D 822 -31.59 53.07 -63.65
N GLU D 823 -31.53 54.28 -64.23
CA GLU D 823 -30.90 55.38 -63.52
C GLU D 823 -31.64 55.61 -62.21
N ALA D 824 -30.90 55.95 -61.17
CA ALA D 824 -31.46 56.03 -59.83
C ALA D 824 -31.91 57.45 -59.56
N THR D 825 -33.02 57.57 -58.83
CA THR D 825 -33.53 58.86 -58.39
C THR D 825 -33.35 58.96 -56.88
N ALA D 826 -33.39 60.19 -56.38
CA ALA D 826 -33.26 60.39 -54.94
C ALA D 826 -34.39 59.72 -54.18
N ASP D 827 -35.53 59.54 -54.83
CA ASP D 827 -36.67 58.86 -54.21
C ASP D 827 -36.45 57.35 -54.09
N ASP D 828 -35.74 56.75 -55.04
CA ASP D 828 -35.44 55.32 -54.95
C ASP D 828 -34.56 55.01 -53.74
N LEU D 829 -33.46 55.75 -53.59
CA LEU D 829 -32.54 55.50 -52.48
C LEU D 829 -33.17 55.87 -51.14
N ILE D 830 -33.99 56.92 -51.10
CA ILE D 830 -34.66 57.30 -49.87
C ILE D 830 -35.56 56.18 -49.38
N LYS D 831 -36.23 55.48 -50.31
CA LYS D 831 -37.03 54.33 -49.90
C LYS D 831 -36.13 53.23 -49.36
N VAL D 832 -34.97 53.04 -49.97
CA VAL D 832 -34.05 51.99 -49.53
C VAL D 832 -33.49 52.30 -48.15
N VAL D 833 -32.96 53.51 -47.97
CA VAL D 833 -32.34 53.86 -46.69
C VAL D 833 -33.38 53.83 -45.58
N GLU D 834 -34.58 54.30 -45.86
CA GLU D 834 -35.63 54.31 -44.84
C GLU D 834 -35.94 52.89 -44.39
N GLU D 835 -35.84 51.92 -45.30
CA GLU D 835 -36.00 50.52 -44.93
C GLU D 835 -34.88 50.06 -44.00
N LEU D 836 -33.66 50.55 -44.21
CA LEU D 836 -32.56 50.17 -43.33
C LEU D 836 -32.68 50.79 -41.95
N THR D 837 -33.38 51.90 -41.80
CA THR D 837 -33.58 52.49 -40.48
C THR D 837 -34.56 51.69 -39.63
N ARG D 838 -35.31 50.76 -40.23
CA ARG D 838 -36.28 50.00 -39.47
C ARG D 838 -35.66 48.86 -38.66
N ILE D 839 -34.41 48.50 -38.96
CA ILE D 839 -33.78 47.40 -38.23
C ILE D 839 -33.50 47.80 -36.79
N HIS D 840 -33.08 49.05 -36.57
CA HIS D 840 -32.81 49.53 -35.21
C HIS D 840 -33.93 50.43 -34.72
N THR E 7 17.47 2.18 -30.54
CA THR E 7 18.20 3.22 -29.81
C THR E 7 17.60 4.58 -30.15
N GLU E 8 18.02 5.61 -29.42
CA GLU E 8 17.51 6.96 -29.68
C GLU E 8 17.93 7.47 -31.05
N SER E 9 18.91 6.86 -31.70
CA SER E 9 19.48 7.36 -32.93
C SER E 9 18.73 6.88 -34.16
N ASP E 10 17.85 5.89 -34.03
CA ASP E 10 17.14 5.30 -35.15
C ASP E 10 15.88 6.09 -35.49
N TRP E 11 16.03 7.06 -36.39
CA TRP E 11 14.92 7.89 -36.86
C TRP E 11 14.25 7.27 -38.09
N GLY E 12 13.01 7.71 -38.34
CA GLY E 12 12.25 7.29 -39.49
C GLY E 12 11.49 6.00 -39.31
N LYS E 13 11.74 5.29 -38.21
CA LYS E 13 11.15 3.99 -37.92
C LYS E 13 9.93 4.07 -37.00
N ARG E 14 10.04 4.82 -35.92
CA ARG E 14 8.97 4.90 -34.93
C ARG E 14 7.73 5.54 -35.57
N CYS E 15 6.55 5.07 -35.16
CA CYS E 15 5.29 5.52 -35.74
C CYS E 15 4.70 6.71 -34.99
N VAL E 16 4.00 7.58 -35.74
CA VAL E 16 3.37 8.74 -35.15
C VAL E 16 2.20 8.39 -34.24
N ASP E 17 1.82 7.10 -34.18
CA ASP E 17 0.85 6.69 -33.17
C ASP E 17 1.35 6.98 -31.76
N LYS E 18 2.67 7.02 -31.56
CA LYS E 18 3.26 7.25 -30.24
C LYS E 18 3.06 8.68 -29.77
N PHE E 19 2.42 9.50 -30.59
CA PHE E 19 2.08 10.87 -30.24
C PHE E 19 0.56 11.01 -30.30
N ASP E 20 0.00 11.64 -29.28
CA ASP E 20 -1.42 11.98 -29.22
C ASP E 20 -1.55 13.40 -29.75
N ILE E 21 -2.19 13.54 -30.91
CA ILE E 21 -2.29 14.85 -31.54
C ILE E 21 -3.24 15.75 -30.76
N ILE E 22 -2.81 16.98 -30.50
CA ILE E 22 -3.62 17.96 -29.80
C ILE E 22 -4.33 18.90 -30.77
N GLY E 23 -3.63 19.41 -31.78
CA GLY E 23 -4.23 20.35 -32.70
C GLY E 23 -3.19 20.92 -33.63
N ILE E 24 -3.67 21.65 -34.63
CA ILE E 24 -2.79 22.30 -35.61
C ILE E 24 -2.43 23.68 -35.08
N ILE E 25 -1.15 23.83 -34.67
CA ILE E 25 -0.65 25.11 -34.17
C ILE E 25 -0.49 26.11 -35.30
N GLY E 26 0.12 25.68 -36.40
CA GLY E 26 0.35 26.57 -37.53
C GLY E 26 0.44 25.79 -38.82
N GLU E 27 0.22 26.49 -39.93
CA GLU E 27 0.27 25.89 -41.25
C GLU E 27 1.66 26.11 -41.82
N GLY E 28 2.45 25.04 -41.88
CA GLY E 28 3.78 25.09 -42.44
C GLY E 28 3.79 25.19 -43.95
N THR E 29 4.94 25.60 -44.45
CA THR E 29 5.11 25.76 -45.90
C THR E 29 4.91 24.45 -46.64
N TYR E 30 5.73 23.46 -46.34
CA TYR E 30 5.64 22.16 -46.99
C TYR E 30 4.58 21.27 -46.36
N GLY E 31 4.30 21.46 -45.07
CA GLY E 31 3.32 20.66 -44.39
C GLY E 31 2.82 21.37 -43.15
N GLN E 32 1.67 20.92 -42.68
CA GLN E 32 1.04 21.51 -41.52
C GLN E 32 1.89 21.24 -40.28
N VAL E 33 1.81 22.13 -39.29
CA VAL E 33 2.55 21.98 -38.05
C VAL E 33 1.53 21.67 -36.96
N TYR E 34 1.75 20.58 -36.24
CA TYR E 34 0.85 20.15 -35.19
C TYR E 34 1.58 20.07 -33.84
N LYS E 35 0.84 20.35 -32.78
CA LYS E 35 1.31 20.19 -31.40
C LYS E 35 0.71 18.90 -30.86
N ALA E 36 1.54 18.05 -30.27
CA ALA E 36 1.08 16.75 -29.79
C ALA E 36 1.82 16.39 -28.51
N LYS E 37 1.29 15.40 -27.79
CA LYS E 37 1.86 14.95 -26.52
C LYS E 37 2.37 13.53 -26.68
N ASP E 38 3.61 13.29 -26.26
CA ASP E 38 4.20 11.96 -26.29
C ASP E 38 3.50 11.02 -25.33
N LYS E 39 2.96 9.92 -25.87
CA LYS E 39 2.19 9.01 -25.03
C LYS E 39 3.03 8.39 -23.93
N ASP E 40 4.33 8.25 -24.13
CA ASP E 40 5.16 7.55 -23.14
C ASP E 40 5.73 8.48 -22.08
N THR E 41 6.20 9.66 -22.46
CA THR E 41 6.86 10.56 -21.51
C THR E 41 5.96 11.71 -21.06
N GLY E 42 4.96 12.08 -21.84
CA GLY E 42 4.13 13.22 -21.52
C GLY E 42 4.64 14.54 -22.04
N GLU E 43 5.81 14.57 -22.65
CA GLU E 43 6.38 15.81 -23.16
C GLU E 43 5.54 16.33 -24.33
N LEU E 44 5.27 17.63 -24.31
CA LEU E 44 4.63 18.29 -25.44
C LEU E 44 5.64 18.48 -26.56
N VAL E 45 5.23 18.18 -27.79
CA VAL E 45 6.11 18.22 -28.95
C VAL E 45 5.38 18.94 -30.09
N ALA E 46 6.13 19.27 -31.14
CA ALA E 46 5.58 19.86 -32.35
C ALA E 46 5.91 18.95 -33.54
N LEU E 47 4.91 18.67 -34.37
CA LEU E 47 5.05 17.73 -35.48
C LEU E 47 4.81 18.46 -36.80
N LYS E 48 5.78 18.40 -37.69
CA LYS E 48 5.67 18.98 -39.02
C LYS E 48 5.36 17.87 -40.03
N LYS E 49 4.24 18.01 -40.73
CA LYS E 49 3.79 16.98 -41.65
C LYS E 49 4.55 17.12 -42.96
N VAL E 50 5.48 16.22 -43.20
CA VAL E 50 6.22 16.24 -44.46
C VAL E 50 5.52 15.32 -45.44
N ARG E 51 5.08 15.88 -46.55
CA ARG E 51 4.26 15.15 -47.51
C ARG E 51 5.13 14.74 -48.69
N LEU E 52 5.28 13.43 -48.87
CA LEU E 52 5.87 12.86 -50.08
C LEU E 52 4.82 12.43 -51.08
N ASP E 53 3.54 12.68 -50.81
CA ASP E 53 2.50 12.25 -51.74
C ASP E 53 2.59 12.99 -53.06
N ASN E 54 3.02 14.26 -53.05
CA ASN E 54 3.13 15.01 -54.30
C ASN E 54 4.05 14.28 -55.29
N GLU E 55 5.19 13.77 -54.82
CA GLU E 55 6.09 12.98 -55.64
C GLU E 55 6.50 13.73 -56.89
N LYS E 56 6.32 15.05 -56.89
CA LYS E 56 6.87 15.87 -57.97
C LYS E 56 8.39 15.74 -58.00
N GLU E 57 9.03 15.97 -56.86
CA GLU E 57 10.46 15.77 -56.68
C GLU E 57 10.72 15.00 -55.38
N GLY E 58 9.76 14.21 -54.93
CA GLY E 58 9.91 13.41 -53.72
C GLY E 58 9.95 14.24 -52.45
N PHE E 59 10.80 13.81 -51.52
CA PHE E 59 10.93 14.49 -50.23
C PHE E 59 11.26 15.97 -50.44
N PRO E 60 10.56 16.89 -49.78
CA PRO E 60 10.83 18.32 -50.02
C PRO E 60 12.27 18.68 -49.69
N ILE E 61 12.88 19.48 -50.58
CA ILE E 61 14.25 19.90 -50.36
C ILE E 61 14.34 20.82 -49.15
N THR E 62 13.29 21.60 -48.89
CA THR E 62 13.28 22.45 -47.71
C THR E 62 13.35 21.62 -46.45
N ALA E 63 12.60 20.52 -46.40
CA ALA E 63 12.68 19.61 -45.27
C ALA E 63 14.05 18.98 -45.17
N ILE E 64 14.68 18.68 -46.32
CA ILE E 64 16.01 18.07 -46.29
C ILE E 64 16.98 18.97 -45.55
N ARG E 65 17.00 20.25 -45.88
CA ARG E 65 17.94 21.17 -45.24
C ARG E 65 17.67 21.29 -43.74
N GLU E 66 16.40 21.44 -43.36
CA GLU E 66 16.08 21.64 -41.95
C GLU E 66 16.51 20.42 -41.14
N ILE E 67 16.48 19.23 -41.75
CA ILE E 67 16.92 18.03 -41.05
C ILE E 67 18.44 17.96 -41.02
N LYS E 68 19.07 18.06 -42.19
CA LYS E 68 20.53 18.04 -42.28
C LYS E 68 21.14 19.07 -41.37
N ILE E 69 20.57 20.27 -41.32
CA ILE E 69 21.21 21.37 -40.60
C ILE E 69 20.96 21.26 -39.11
N LEU E 70 19.70 21.01 -38.72
CA LEU E 70 19.38 21.04 -37.31
C LEU E 70 19.94 19.86 -36.53
N ARG E 71 20.21 18.72 -37.18
CA ARG E 71 20.92 17.65 -36.49
C ARG E 71 22.40 17.96 -36.36
N GLN E 72 22.92 18.90 -37.16
CA GLN E 72 24.31 19.32 -37.01
C GLN E 72 24.44 20.39 -35.94
N LEU E 73 23.45 21.27 -35.82
CA LEU E 73 23.53 22.44 -34.95
C LEU E 73 22.82 22.16 -33.62
N ILE E 74 23.56 22.29 -32.52
CA ILE E 74 23.04 22.11 -31.16
C ILE E 74 23.35 23.36 -30.36
N HIS E 75 22.30 24.06 -29.93
CA HIS E 75 22.47 25.28 -29.13
C HIS E 75 21.19 25.56 -28.36
N ARG E 76 21.33 26.16 -27.17
CA ARG E 76 20.16 26.49 -26.38
C ARG E 76 19.20 27.40 -27.15
N SER E 77 19.75 28.24 -28.03
CA SER E 77 18.96 29.19 -28.80
C SER E 77 18.61 28.64 -30.18
N VAL E 78 18.71 27.33 -30.38
CA VAL E 78 18.32 26.68 -31.61
C VAL E 78 17.28 25.62 -31.29
N VAL E 79 16.21 25.58 -32.10
CA VAL E 79 15.21 24.55 -31.91
C VAL E 79 15.88 23.20 -32.12
N ASN E 80 15.54 22.23 -31.29
CA ASN E 80 16.17 20.92 -31.34
C ASN E 80 15.16 19.93 -31.92
N MET E 81 15.50 19.35 -33.07
CA MET E 81 14.70 18.30 -33.68
C MET E 81 14.91 17.02 -32.88
N LYS E 82 13.85 16.53 -32.24
CA LYS E 82 13.99 15.39 -31.36
C LYS E 82 14.06 14.09 -32.15
N GLU E 83 13.20 13.93 -33.16
CA GLU E 83 13.18 12.70 -33.97
C GLU E 83 12.28 12.89 -35.17
N ILE E 84 12.22 11.84 -36.01
CA ILE E 84 11.37 11.80 -37.19
C ILE E 84 10.55 10.52 -37.14
N VAL E 85 9.23 10.66 -37.28
CA VAL E 85 8.29 9.54 -37.18
C VAL E 85 7.40 9.52 -38.41
N THR E 86 6.76 8.38 -38.64
CA THR E 86 6.01 8.14 -39.87
C THR E 86 4.61 7.62 -39.58
N ASP E 87 3.71 7.83 -40.53
CA ASP E 87 2.40 7.21 -40.48
C ASP E 87 2.55 5.69 -40.50
N LYS E 88 1.55 4.98 -39.97
CA LYS E 88 1.67 3.53 -39.92
C LYS E 88 1.80 2.99 -41.34
N GLN E 89 2.98 2.46 -41.68
CA GLN E 89 3.25 1.88 -43.00
C GLN E 89 2.72 0.45 -43.05
N ASP E 90 1.39 0.32 -42.93
CA ASP E 90 0.75 -1.00 -42.99
C ASP E 90 0.79 -1.62 -44.37
N ALA E 91 1.43 -0.99 -45.35
CA ALA E 91 1.56 -1.54 -46.69
C ALA E 91 2.62 -2.64 -46.69
N LEU E 92 2.24 -3.82 -47.16
CA LEU E 92 3.23 -4.89 -47.22
C LEU E 92 4.33 -4.60 -48.24
N ASP E 93 4.03 -3.79 -49.24
CA ASP E 93 5.00 -3.40 -50.26
C ASP E 93 5.28 -1.90 -50.14
N PHE E 94 6.56 -1.56 -50.09
CA PHE E 94 6.95 -0.15 -50.02
C PHE E 94 6.40 0.63 -51.21
N LYS E 95 6.24 -0.02 -52.36
CA LYS E 95 5.70 0.65 -53.54
C LYS E 95 4.30 1.21 -53.23
N LYS E 96 3.51 0.45 -52.48
CA LYS E 96 2.16 0.86 -52.09
C LYS E 96 2.18 2.06 -51.14
N ASP E 97 3.19 2.15 -50.27
CA ASP E 97 3.23 3.17 -49.23
C ASP E 97 3.17 4.58 -49.81
N LYS E 98 2.24 5.38 -49.27
CA LYS E 98 2.14 6.80 -49.59
C LYS E 98 2.07 7.65 -48.31
N GLY E 99 2.36 7.06 -47.16
CA GLY E 99 2.25 7.76 -45.90
C GLY E 99 3.31 8.84 -45.74
N ALA E 100 3.00 9.77 -44.85
CA ALA E 100 3.86 10.93 -44.64
C ALA E 100 4.81 10.69 -43.48
N PHE E 101 5.80 11.59 -43.39
CA PHE E 101 6.75 11.63 -42.29
C PHE E 101 6.48 12.90 -41.49
N TYR E 102 6.67 12.83 -40.18
CA TYR E 102 6.46 13.98 -39.30
C TYR E 102 7.77 14.30 -38.61
N LEU E 103 8.08 15.60 -38.52
CA LEU E 103 9.31 16.06 -37.91
C LEU E 103 8.98 16.48 -36.49
N VAL E 104 9.56 15.78 -35.53
CA VAL E 104 9.33 16.04 -34.11
C VAL E 104 10.26 17.15 -33.67
N PHE E 105 9.71 18.15 -32.97
CA PHE E 105 10.46 19.30 -32.49
C PHE E 105 10.02 19.55 -31.05
N GLU E 106 10.84 20.30 -30.31
CA GLU E 106 10.42 20.79 -29.00
C GLU E 106 9.28 21.79 -29.16
N TYR E 107 8.23 21.64 -28.34
CA TYR E 107 7.11 22.57 -28.42
C TYR E 107 7.53 23.92 -27.84
N MET E 108 7.05 24.99 -28.46
CA MET E 108 7.32 26.35 -27.99
C MET E 108 6.01 26.97 -27.55
N ASP E 109 6.03 27.60 -26.38
CA ASP E 109 4.81 28.14 -25.82
C ASP E 109 4.23 29.23 -26.70
N HIS E 110 5.08 30.08 -27.27
CA HIS E 110 4.60 31.19 -28.08
C HIS E 110 5.60 31.50 -29.18
N ASP E 111 5.15 32.27 -30.17
CA ASP E 111 6.02 32.83 -31.19
C ASP E 111 5.95 34.34 -31.07
N LEU E 112 7.07 35.02 -31.36
CA LEU E 112 7.13 36.46 -31.09
C LEU E 112 6.06 37.21 -31.88
N MET E 113 5.83 36.82 -33.14
CA MET E 113 4.85 37.53 -33.96
C MET E 113 3.46 37.47 -33.33
N GLY E 114 3.07 36.31 -32.81
CA GLY E 114 1.77 36.22 -32.17
C GLY E 114 1.69 37.11 -30.95
N LEU E 115 2.78 37.20 -30.19
CA LEU E 115 2.75 38.00 -28.98
C LEU E 115 2.65 39.49 -29.28
N LEU E 116 3.38 39.97 -30.30
CA LEU E 116 3.36 41.40 -30.59
C LEU E 116 2.04 41.81 -31.22
N GLU E 117 1.56 41.04 -32.20
CA GLU E 117 0.33 41.42 -32.91
C GLU E 117 -0.86 41.49 -31.95
N SER E 118 -0.95 40.53 -31.03
CA SER E 118 -1.99 40.57 -30.02
C SER E 118 -1.76 41.69 -29.03
N GLY E 119 -0.62 42.38 -29.14
CA GLY E 119 -0.36 43.51 -28.26
C GLY E 119 -0.40 43.16 -26.80
N LEU E 120 -0.13 41.90 -26.48
CA LEU E 120 -0.25 41.37 -25.13
C LEU E 120 1.05 41.34 -24.36
N VAL E 121 2.15 41.80 -24.92
CA VAL E 121 3.46 41.71 -24.29
C VAL E 121 4.01 43.12 -24.10
N HIS E 122 4.73 43.31 -23.01
CA HIS E 122 5.45 44.56 -22.77
C HIS E 122 6.88 44.19 -22.41
N PHE E 123 7.82 44.70 -23.19
CA PHE E 123 9.24 44.41 -23.01
C PHE E 123 9.93 45.63 -22.43
N SER E 124 10.60 45.46 -21.29
CA SER E 124 11.47 46.47 -20.71
C SER E 124 12.88 46.32 -21.26
N GLU E 125 13.75 47.27 -20.91
CA GLU E 125 15.12 47.19 -21.40
C GLU E 125 15.78 45.86 -21.01
N ASP E 126 15.65 45.45 -19.75
CA ASP E 126 16.26 44.20 -19.32
C ASP E 126 15.69 43.00 -20.06
N HIS E 127 14.39 43.03 -20.37
CA HIS E 127 13.81 41.91 -21.11
C HIS E 127 14.42 41.81 -22.49
N ILE E 128 14.59 42.95 -23.17
CA ILE E 128 15.16 42.94 -24.52
C ILE E 128 16.60 42.44 -24.46
N LYS E 129 17.38 42.95 -23.50
CA LYS E 129 18.76 42.49 -23.32
C LYS E 129 18.82 40.97 -23.29
N SER E 130 17.95 40.34 -22.48
CA SER E 130 17.96 38.89 -22.41
C SER E 130 17.53 38.26 -23.73
N PHE E 131 16.50 38.83 -24.36
CA PHE E 131 16.02 38.31 -25.63
C PHE E 131 17.11 38.39 -26.70
N MET E 132 17.68 39.59 -26.88
CA MET E 132 18.66 39.78 -27.93
C MET E 132 19.91 38.94 -27.72
N LYS E 133 20.42 38.89 -26.50
CA LYS E 133 21.65 38.13 -26.28
C LYS E 133 21.46 36.67 -26.66
N GLN E 134 20.31 36.09 -26.35
CA GLN E 134 20.01 34.73 -26.76
C GLN E 134 19.94 34.63 -28.28
N LEU E 135 19.22 35.56 -28.90
CA LEU E 135 19.08 35.54 -30.35
C LEU E 135 20.44 35.68 -31.03
N MET E 136 21.25 36.63 -30.59
CA MET E 136 22.56 36.86 -31.17
C MET E 136 23.51 35.71 -30.88
N GLU E 137 23.47 35.16 -29.66
CA GLU E 137 24.33 34.01 -29.36
C GLU E 137 23.99 32.83 -30.25
N GLY E 138 22.70 32.57 -30.46
CA GLY E 138 22.31 31.53 -31.39
C GLY E 138 22.78 31.83 -32.80
N LEU E 139 22.57 33.07 -33.24
CA LEU E 139 22.98 33.45 -34.60
C LEU E 139 24.48 33.34 -34.80
N GLU E 140 25.29 33.78 -33.84
CA GLU E 140 26.73 33.63 -34.01
C GLU E 140 27.10 32.16 -34.12
N TYR E 141 26.54 31.31 -33.25
CA TYR E 141 26.79 29.88 -33.33
C TYR E 141 26.57 29.37 -34.75
N CYS E 142 25.46 29.76 -35.36
CA CYS E 142 25.18 29.32 -36.71
C CYS E 142 26.18 29.88 -37.72
N HIS E 143 26.57 31.15 -37.55
CA HIS E 143 27.54 31.77 -38.44
C HIS E 143 28.96 31.23 -38.28
N LYS E 144 29.35 30.82 -37.08
CA LYS E 144 30.65 30.19 -36.92
C LYS E 144 30.66 28.82 -37.60
N LYS E 145 29.52 28.12 -37.60
CA LYS E 145 29.35 26.89 -38.37
C LYS E 145 29.11 27.15 -39.85
N ASN E 146 29.16 28.40 -40.29
CA ASN E 146 29.08 28.79 -41.69
C ASN E 146 27.71 28.47 -42.30
N PHE E 147 26.64 28.65 -41.52
CA PHE E 147 25.28 28.50 -42.00
C PHE E 147 24.57 29.85 -41.98
N LEU E 148 23.75 30.08 -42.99
CA LEU E 148 22.95 31.29 -43.08
C LEU E 148 21.47 30.93 -43.00
N HIS E 149 20.76 31.55 -42.06
CA HIS E 149 19.33 31.24 -41.92
C HIS E 149 18.53 31.75 -43.11
N ARG E 150 18.78 32.97 -43.52
CA ARG E 150 18.24 33.60 -44.71
C ARG E 150 16.75 33.88 -44.63
N ASP E 151 16.09 33.61 -43.50
CA ASP E 151 14.66 33.83 -43.35
C ASP E 151 14.32 34.25 -41.92
N ILE E 152 15.00 35.26 -41.40
CA ILE E 152 14.75 35.73 -40.04
C ILE E 152 13.53 36.67 -40.00
N LYS E 153 12.49 36.26 -39.24
CA LYS E 153 11.27 37.03 -39.03
C LYS E 153 10.71 36.68 -37.67
N CYS E 154 9.78 37.51 -37.20
CA CYS E 154 9.17 37.28 -35.89
C CYS E 154 8.48 35.93 -35.82
N SER E 155 7.90 35.46 -36.92
CA SER E 155 7.24 34.18 -36.89
C SER E 155 8.22 33.06 -36.59
N ASN E 156 9.45 33.15 -37.11
CA ASN E 156 10.42 32.08 -36.88
C ASN E 156 11.12 32.18 -35.53
N ILE E 157 11.21 33.37 -34.94
CA ILE E 157 11.70 33.46 -33.56
C ILE E 157 10.60 32.97 -32.63
N LEU E 158 10.94 32.04 -31.76
CA LEU E 158 10.00 31.40 -30.84
C LEU E 158 10.46 31.65 -29.41
N LEU E 159 9.50 31.90 -28.53
CA LEU E 159 9.76 32.23 -27.14
C LEU E 159 8.87 31.34 -26.29
N ASN E 160 9.46 30.62 -25.35
CA ASN E 160 8.73 29.87 -24.33
C ASN E 160 8.63 30.70 -23.04
N ASN E 161 7.67 30.31 -22.20
CA ASN E 161 7.33 31.16 -21.06
C ASN E 161 8.54 31.43 -20.17
N SER E 162 9.47 30.48 -20.08
CA SER E 162 10.63 30.65 -19.20
C SER E 162 11.48 31.86 -19.60
N GLY E 163 11.45 32.25 -20.87
CA GLY E 163 12.28 33.34 -21.35
C GLY E 163 13.36 32.91 -22.32
N GLN E 164 13.55 31.61 -22.49
CA GLN E 164 14.48 31.10 -23.49
C GLN E 164 13.94 31.42 -24.88
N ILE E 165 14.83 31.81 -25.77
CA ILE E 165 14.45 32.18 -27.12
C ILE E 165 15.07 31.14 -28.03
N LYS E 166 14.29 30.60 -28.96
CA LYS E 166 14.81 29.65 -29.92
C LYS E 166 14.40 30.01 -31.34
N LEU E 167 15.38 29.99 -32.25
CA LEU E 167 15.16 30.18 -33.68
C LEU E 167 14.72 28.87 -34.35
N ALA E 168 13.94 29.00 -35.41
CA ALA E 168 13.34 27.84 -36.06
C ALA E 168 13.17 28.09 -37.55
N ASP E 169 12.50 27.14 -38.20
CA ASP E 169 12.31 27.09 -39.64
C ASP E 169 13.63 27.36 -40.39
N PHE E 170 14.58 26.46 -40.14
CA PHE E 170 15.87 26.54 -40.81
C PHE E 170 15.83 25.87 -42.17
N GLY E 171 14.62 25.68 -42.70
CA GLY E 171 14.46 24.98 -43.97
C GLY E 171 15.08 25.68 -45.15
N LEU E 172 15.25 27.00 -45.08
CA LEU E 172 15.83 27.77 -46.16
C LEU E 172 17.30 28.07 -45.94
N ALA E 173 17.90 27.51 -44.90
CA ALA E 173 19.30 27.78 -44.56
C ALA E 173 20.23 27.05 -45.52
N ARG E 174 21.40 27.67 -45.75
CA ARG E 174 22.42 27.12 -46.64
C ARG E 174 23.82 27.41 -46.11
N LEU E 175 24.76 26.54 -46.48
CA LEU E 175 26.14 26.73 -46.07
C LEU E 175 26.76 27.89 -46.85
N TYR E 176 27.62 28.66 -46.19
CA TYR E 176 28.26 29.82 -46.79
C TYR E 176 29.75 29.60 -46.89
N ASN E 177 30.29 29.77 -48.09
CA ASN E 177 31.73 29.72 -48.33
C ASN E 177 32.18 31.04 -48.92
N SER E 178 33.01 31.77 -48.18
CA SER E 178 33.52 33.04 -48.71
C SER E 178 34.30 32.81 -50.01
N GLU E 179 35.23 31.86 -50.00
CA GLU E 179 35.96 31.51 -51.22
C GLU E 179 35.00 30.84 -52.20
N GLU E 180 35.39 30.79 -53.48
CA GLU E 180 34.58 30.15 -54.50
C GLU E 180 33.11 30.55 -54.35
N SER E 181 32.87 31.86 -54.36
CA SER E 181 31.52 32.35 -54.18
C SER E 181 30.73 32.10 -55.46
N ARG E 182 29.57 31.48 -55.31
CA ARG E 182 28.67 31.04 -56.37
C ARG E 182 27.29 31.60 -56.06
N PRO E 183 26.45 31.73 -57.09
CA PRO E 183 25.13 32.38 -56.88
C PRO E 183 24.22 31.55 -56.00
N TYR E 184 23.63 32.21 -54.99
CA TYR E 184 22.61 31.59 -54.13
C TYR E 184 21.26 32.20 -54.55
N ASN E 186 18.45 34.71 -54.61
CA ASN E 186 18.28 36.11 -54.20
C ASN E 186 16.89 36.42 -53.62
N LYS E 187 16.81 37.45 -52.77
CA LYS E 187 15.57 37.90 -52.16
C LYS E 187 14.90 36.80 -51.33
N VAL E 188 15.72 36.15 -50.50
CA VAL E 188 15.21 35.05 -49.69
C VAL E 188 14.42 35.59 -48.48
N ILE E 189 14.90 36.65 -47.84
CA ILE E 189 14.25 37.10 -46.60
C ILE E 189 12.91 37.77 -46.92
N THR E 190 12.03 37.78 -45.92
CA THR E 190 10.73 38.43 -46.10
C THR E 190 10.89 39.94 -46.26
N LEU E 191 9.99 40.53 -47.06
CA LEU E 191 10.20 41.90 -47.52
C LEU E 191 10.35 42.88 -46.37
N TRP E 192 9.57 42.70 -45.29
CA TRP E 192 9.64 43.67 -44.22
C TRP E 192 11.03 43.73 -43.59
N TYR E 193 11.69 42.59 -43.49
CA TYR E 193 13.01 42.51 -42.86
C TYR E 193 14.14 42.28 -43.86
N ARG E 194 13.91 42.48 -45.16
CA ARG E 194 14.95 42.18 -46.14
C ARG E 194 16.01 43.28 -46.16
N PRO E 195 17.29 42.92 -46.27
CA PRO E 195 18.35 43.96 -46.25
C PRO E 195 18.43 44.67 -47.58
N PRO E 196 19.07 45.84 -47.63
CA PRO E 196 19.13 46.57 -48.91
C PRO E 196 19.88 45.82 -49.99
N GLU E 197 20.93 45.06 -49.66
CA GLU E 197 21.70 44.36 -50.69
C GLU E 197 20.80 43.41 -51.48
N LEU E 198 19.93 42.66 -50.79
CA LEU E 198 19.06 41.72 -51.49
C LEU E 198 18.05 42.47 -52.36
N LEU E 199 17.51 43.58 -51.86
CA LEU E 199 16.61 44.40 -52.66
C LEU E 199 17.26 44.89 -53.94
N LEU E 200 18.56 45.21 -53.88
CA LEU E 200 19.33 45.71 -55.00
C LEU E 200 19.96 44.60 -55.84
N GLY E 201 19.58 43.35 -55.60
CA GLY E 201 19.93 42.24 -56.44
C GLY E 201 21.29 41.59 -56.21
N GLU E 202 21.77 41.58 -54.97
CA GLU E 202 22.99 40.88 -54.65
C GLU E 202 22.76 39.37 -54.70
N GLU E 203 23.38 38.70 -55.67
CA GLU E 203 23.14 37.27 -55.81
C GLU E 203 24.10 36.46 -54.95
N ARG E 204 25.22 37.06 -54.56
CA ARG E 204 26.24 36.43 -53.71
C ARG E 204 26.35 37.23 -52.42
N TYR E 205 25.55 36.87 -51.42
CA TYR E 205 25.43 37.66 -50.21
C TYR E 205 26.19 37.08 -49.01
N THR E 206 26.46 37.95 -48.05
CA THR E 206 27.17 37.63 -46.82
C THR E 206 26.20 37.20 -45.73
N PRO E 207 26.73 36.67 -44.61
CA PRO E 207 25.87 36.38 -43.45
C PRO E 207 25.20 37.61 -42.88
N ALA E 208 25.67 38.81 -43.24
CA ALA E 208 25.13 40.04 -42.69
C ALA E 208 23.66 40.23 -43.03
N ILE E 209 23.10 39.40 -43.91
CA ILE E 209 21.67 39.47 -44.18
C ILE E 209 20.88 39.12 -42.92
N ASP E 210 21.33 38.11 -42.18
CA ASP E 210 20.67 37.73 -40.94
C ASP E 210 20.83 38.80 -39.87
N VAL E 211 21.97 39.51 -39.86
CA VAL E 211 22.15 40.57 -38.87
C VAL E 211 21.16 41.71 -39.12
N TRP E 212 21.00 42.09 -40.39
CA TRP E 212 20.06 43.16 -40.73
C TRP E 212 18.68 42.81 -40.18
N SER E 213 18.24 41.56 -40.41
CA SER E 213 16.93 41.14 -39.93
C SER E 213 16.84 41.34 -38.42
N CYS E 214 17.82 40.85 -37.67
CA CYS E 214 17.80 40.98 -36.23
C CYS E 214 17.82 42.44 -35.80
N GLY E 215 18.48 43.30 -36.58
CA GLY E 215 18.39 44.72 -36.28
C GLY E 215 16.97 45.24 -36.38
N CYS E 216 16.28 44.89 -37.47
CA CYS E 216 14.87 45.25 -37.58
C CYS E 216 14.07 44.69 -36.42
N ILE E 217 14.40 43.47 -35.98
CA ILE E 217 13.71 42.88 -34.85
C ILE E 217 13.96 43.70 -33.59
N LEU E 218 15.22 44.09 -33.35
CA LEU E 218 15.52 44.88 -32.16
C LEU E 218 14.68 46.15 -32.12
N GLY E 219 14.72 46.93 -33.19
CA GLY E 219 13.92 48.15 -33.22
C GLY E 219 12.45 47.89 -33.00
N GLU E 220 11.91 46.84 -33.62
CA GLU E 220 10.50 46.54 -33.48
C GLU E 220 10.17 46.21 -32.03
N LEU E 221 11.13 45.69 -31.28
CA LEU E 221 10.94 45.40 -29.86
C LEU E 221 10.82 46.67 -29.02
N PHE E 222 11.51 47.74 -29.41
CA PHE E 222 11.43 48.99 -28.67
C PHE E 222 10.21 49.81 -29.04
N THR E 223 9.79 49.77 -30.29
CA THR E 223 8.64 50.55 -30.74
C THR E 223 7.35 49.76 -30.71
N LYS E 224 7.42 48.43 -30.60
CA LYS E 224 6.25 47.55 -30.69
C LYS E 224 5.60 47.65 -32.06
N LYS E 225 6.28 48.24 -33.04
CA LYS E 225 5.81 48.41 -34.41
C LYS E 225 6.93 48.04 -35.37
N PRO E 226 6.61 47.33 -36.46
CA PRO E 226 7.66 47.01 -37.44
C PRO E 226 8.28 48.29 -38.01
N ILE E 227 9.60 48.25 -38.19
CA ILE E 227 10.28 49.45 -38.66
C ILE E 227 9.91 49.74 -40.11
N PHE E 228 9.99 48.71 -40.97
CA PHE E 228 9.73 48.84 -42.40
C PHE E 228 8.55 47.96 -42.83
N GLN E 229 7.44 48.58 -43.19
CA GLN E 229 6.27 47.85 -43.67
C GLN E 229 6.00 48.27 -45.10
N ALA E 230 6.07 47.32 -46.04
CA ALA E 230 5.78 47.65 -47.43
C ALA E 230 5.31 46.41 -48.18
N ASN E 231 4.60 46.64 -49.28
CA ASN E 231 4.17 45.57 -50.17
C ASN E 231 4.98 45.51 -51.46
N LEU E 232 5.89 46.47 -51.69
CA LEU E 232 6.70 46.54 -52.90
C LEU E 232 8.17 46.68 -52.53
N GLU E 233 9.04 46.06 -53.34
CA GLU E 233 10.47 46.14 -53.04
C GLU E 233 10.97 47.57 -53.07
N LEU E 234 10.56 48.34 -54.07
CA LEU E 234 11.01 49.73 -54.14
C LEU E 234 10.50 50.53 -52.95
N ALA E 235 9.24 50.33 -52.56
CA ALA E 235 8.69 51.05 -51.42
C ALA E 235 9.45 50.72 -50.13
N GLN E 236 9.81 49.45 -49.94
CA GLN E 236 10.63 49.08 -48.79
C GLN E 236 11.98 49.78 -48.82
N LEU E 237 12.63 49.79 -49.99
CA LEU E 237 13.90 50.49 -50.11
C LEU E 237 13.77 51.97 -49.80
N GLU E 238 12.69 52.60 -50.26
CA GLU E 238 12.44 54.00 -49.93
C GLU E 238 12.32 54.19 -48.43
N LEU E 239 11.57 53.32 -47.75
CA LEU E 239 11.43 53.43 -46.30
C LEU E 239 12.78 53.29 -45.60
N ILE E 240 13.59 52.32 -46.02
CA ILE E 240 14.94 52.17 -45.46
C ILE E 240 15.75 53.44 -45.70
N SER E 241 15.71 53.97 -46.92
CA SER E 241 16.52 55.14 -47.26
C SER E 241 16.17 56.34 -46.39
N ARG E 242 14.89 56.54 -46.09
CA ARG E 242 14.49 57.66 -45.26
C ARG E 242 15.18 57.61 -43.90
N LEU E 243 15.35 56.42 -43.36
CA LEU E 243 15.90 56.21 -42.04
C LEU E 243 17.42 56.03 -42.04
N CYS E 244 17.92 55.14 -42.89
CA CYS E 244 19.33 54.75 -42.88
C CYS E 244 20.18 55.56 -43.86
N GLY E 245 19.56 56.39 -44.68
CA GLY E 245 20.27 57.09 -45.73
C GLY E 245 20.18 56.34 -47.05
N SER E 246 20.20 57.07 -48.15
CA SER E 246 20.06 56.41 -49.43
C SER E 246 21.33 55.64 -49.77
N PRO E 247 21.21 54.44 -50.32
CA PRO E 247 22.40 53.73 -50.79
C PRO E 247 23.12 54.56 -51.83
N CYS E 248 24.40 54.81 -51.57
CA CYS E 248 25.24 55.58 -52.46
C CYS E 248 26.68 55.20 -52.20
N PRO E 249 27.56 55.29 -53.21
CA PRO E 249 28.97 54.90 -53.01
C PRO E 249 29.60 55.62 -51.85
N ALA E 250 29.08 56.78 -51.44
CA ALA E 250 29.70 57.54 -50.38
C ALA E 250 29.83 56.72 -49.11
N VAL E 251 28.80 55.95 -48.78
CA VAL E 251 28.80 55.08 -47.60
C VAL E 251 28.94 53.60 -47.94
N TRP E 252 28.75 53.22 -49.19
CA TRP E 252 28.68 51.82 -49.63
C TRP E 252 29.43 51.72 -50.95
N PRO E 253 30.77 51.64 -50.90
CA PRO E 253 31.54 51.77 -52.15
C PRO E 253 31.13 50.83 -53.26
N ASP E 254 30.73 49.61 -52.92
CA ASP E 254 30.43 48.59 -53.93
C ASP E 254 28.97 48.55 -54.32
N VAL E 255 28.16 49.52 -53.89
CA VAL E 255 26.75 49.49 -54.25
C VAL E 255 26.58 49.56 -55.76
N ILE E 256 27.52 50.24 -56.43
CA ILE E 256 27.46 50.42 -57.87
C ILE E 256 27.56 49.11 -58.61
N ARG E 257 28.10 48.07 -57.97
CA ARG E 257 28.16 46.77 -58.62
C ARG E 257 26.81 46.06 -58.67
N LEU E 258 25.82 46.51 -57.91
CA LEU E 258 24.60 45.74 -57.78
C LEU E 258 23.70 45.95 -58.99
N PRO E 259 23.04 44.88 -59.47
CA PRO E 259 22.21 45.02 -60.68
C PRO E 259 21.20 46.15 -60.62
N TYR E 260 20.43 46.28 -59.53
CA TYR E 260 19.34 47.22 -59.46
C TYR E 260 19.72 48.55 -58.82
N PHE E 261 21.02 48.84 -58.66
CA PHE E 261 21.39 50.09 -58.02
C PHE E 261 20.80 51.29 -58.75
N ASN E 262 21.01 51.34 -60.08
CA ASN E 262 20.41 52.40 -60.88
C ASN E 262 18.91 52.22 -61.02
N THR E 263 18.44 50.98 -61.15
CA THR E 263 17.03 50.74 -61.39
C THR E 263 16.19 51.23 -60.22
N MET E 264 16.50 50.74 -59.02
CA MET E 264 15.71 51.07 -57.84
C MET E 264 16.30 52.27 -57.10
N LYS E 265 16.34 53.41 -57.77
CA LYS E 265 16.82 54.60 -57.10
C LYS E 265 15.75 55.12 -56.15
N PRO E 266 16.11 55.48 -54.92
CA PRO E 266 15.13 56.08 -54.02
C PRO E 266 14.71 57.46 -54.50
N LYS E 267 13.57 57.92 -53.98
CA LYS E 267 13.03 59.20 -54.41
C LYS E 267 14.05 60.32 -54.23
N LYS E 268 14.78 60.31 -53.11
CA LYS E 268 15.81 61.29 -52.84
C LYS E 268 17.09 60.59 -52.40
N GLN E 269 18.18 61.36 -52.33
CA GLN E 269 19.42 60.91 -51.70
C GLN E 269 19.35 61.35 -50.24
N TYR E 270 18.65 60.57 -49.44
CA TYR E 270 18.40 60.91 -48.05
C TYR E 270 19.67 60.80 -47.22
N ARG E 271 19.77 61.64 -46.20
CA ARG E 271 20.79 61.47 -45.19
C ARG E 271 20.28 60.49 -44.13
N ARG E 272 21.20 59.91 -43.37
CA ARG E 272 20.82 58.99 -42.32
C ARG E 272 20.18 59.76 -41.17
N ARG E 273 19.04 59.27 -40.68
CA ARG E 273 18.34 59.93 -39.59
C ARG E 273 18.09 58.96 -38.43
N LEU E 274 18.70 57.77 -38.46
CA LEU E 274 18.35 56.72 -37.51
C LEU E 274 18.47 57.18 -36.07
N ARG E 275 19.62 57.77 -35.72
CA ARG E 275 19.83 58.17 -34.34
C ARG E 275 18.83 59.21 -33.88
N GLU E 276 18.41 60.09 -34.78
CA GLU E 276 17.41 61.11 -34.44
C GLU E 276 16.05 60.46 -34.20
N GLU E 277 15.65 59.56 -35.10
CA GLU E 277 14.31 59.00 -35.05
C GLU E 277 14.11 58.06 -33.87
N PHE E 278 15.17 57.38 -33.42
CA PHE E 278 15.10 56.46 -32.28
C PHE E 278 15.69 57.06 -31.00
N SER E 279 15.54 58.37 -30.81
CA SER E 279 16.18 59.03 -29.67
C SER E 279 15.74 58.45 -28.33
N PHE E 280 14.53 57.87 -28.26
CA PHE E 280 14.04 57.31 -27.02
C PHE E 280 14.76 56.03 -26.62
N ILE E 281 15.44 55.37 -27.55
CA ILE E 281 16.08 54.11 -27.22
C ILE E 281 17.29 54.38 -26.33
N PRO E 282 17.54 53.56 -25.31
CA PRO E 282 18.77 53.76 -24.51
C PRO E 282 20.01 53.82 -25.39
N SER E 283 20.99 54.61 -24.95
CA SER E 283 22.17 54.84 -25.78
C SER E 283 22.90 53.54 -26.09
N ALA E 284 23.06 52.66 -25.10
CA ALA E 284 23.75 51.40 -25.35
C ALA E 284 23.04 50.59 -26.43
N ALA E 285 21.70 50.61 -26.43
CA ALA E 285 20.94 49.85 -27.42
C ALA E 285 20.92 50.58 -28.76
N LEU E 286 20.74 51.90 -28.74
CA LEU E 286 20.72 52.67 -29.98
C LEU E 286 21.98 52.45 -30.78
N ASP E 287 23.14 52.42 -30.10
CA ASP E 287 24.41 52.15 -30.76
C ASP E 287 24.39 50.79 -31.44
N LEU E 288 23.84 49.78 -30.76
CA LEU E 288 23.69 48.46 -31.39
C LEU E 288 22.82 48.53 -32.63
N LEU E 289 21.69 49.23 -32.53
CA LEU E 289 20.79 49.36 -33.67
C LEU E 289 21.50 50.02 -34.85
N ASP E 290 22.24 51.10 -34.58
CA ASP E 290 22.91 51.81 -35.65
C ASP E 290 23.82 50.89 -36.44
N HIS E 291 24.54 50.01 -35.74
CA HIS E 291 25.49 49.12 -36.42
C HIS E 291 24.79 47.98 -37.15
N MET E 292 23.75 47.41 -36.55
CA MET E 292 23.05 46.31 -37.20
C MET E 292 22.38 46.79 -38.47
N LEU E 293 21.87 48.03 -38.47
CA LEU E 293 21.21 48.63 -39.61
C LEU E 293 22.16 49.55 -40.37
N THR E 294 23.35 49.05 -40.67
CA THR E 294 24.32 49.75 -41.47
C THR E 294 24.15 49.27 -42.91
N LEU E 295 24.07 50.21 -43.85
CA LEU E 295 23.66 49.83 -45.20
C LEU E 295 24.62 48.85 -45.85
N ASP E 296 25.91 49.13 -45.77
CA ASP E 296 26.89 48.31 -46.47
C ASP E 296 27.14 47.01 -45.71
N PRO E 297 26.83 45.84 -46.28
CA PRO E 297 27.03 44.59 -45.52
C PRO E 297 28.46 44.39 -45.05
N SER E 298 29.43 44.98 -45.75
CA SER E 298 30.83 44.89 -45.32
C SER E 298 31.14 45.81 -44.14
N LYS E 299 30.34 46.84 -43.91
CA LYS E 299 30.50 47.69 -42.73
C LYS E 299 29.55 47.33 -41.60
N ARG E 300 28.52 46.53 -41.86
CA ARG E 300 27.58 46.12 -40.82
C ARG E 300 28.24 45.15 -39.85
N CYS E 301 27.97 45.35 -38.57
CA CYS E 301 28.54 44.49 -37.55
C CYS E 301 28.10 43.04 -37.73
N THR E 302 28.89 42.14 -37.15
CA THR E 302 28.61 40.72 -37.17
C THR E 302 27.85 40.31 -35.91
N ALA E 303 27.44 39.05 -35.85
CA ALA E 303 26.81 38.55 -34.64
C ALA E 303 27.76 38.62 -33.46
N GLU E 304 29.03 38.22 -33.67
CA GLU E 304 30.01 38.25 -32.59
C GLU E 304 30.17 39.66 -32.04
N GLN E 305 30.21 40.66 -32.92
CA GLN E 305 30.44 42.03 -32.47
C GLN E 305 29.29 42.54 -31.60
N THR E 306 28.05 42.17 -31.93
CA THR E 306 26.92 42.60 -31.11
C THR E 306 27.04 42.07 -29.69
N LEU E 307 27.50 40.82 -29.55
CA LEU E 307 27.72 40.27 -28.23
C LEU E 307 28.78 41.07 -27.49
N GLN E 308 29.69 41.71 -28.23
CA GLN E 308 30.72 42.59 -27.66
C GLN E 308 30.28 44.05 -27.74
N SER E 309 29.03 44.31 -27.33
CA SER E 309 28.49 45.66 -27.29
C SER E 309 28.17 46.05 -25.85
N ASP E 310 28.20 47.35 -25.55
CA ASP E 310 27.85 47.78 -24.21
C ASP E 310 26.46 47.29 -23.81
N PHE E 311 25.57 47.12 -24.80
CA PHE E 311 24.21 46.71 -24.50
C PHE E 311 24.13 45.27 -24.04
N LEU E 312 24.84 44.38 -24.73
CA LEU E 312 24.72 42.95 -24.46
C LEU E 312 25.92 42.34 -23.75
N LYS E 313 27.06 43.03 -23.76
CA LYS E 313 28.32 42.45 -23.29
C LYS E 313 28.20 41.88 -21.89
N ASP E 314 27.55 42.60 -20.98
CA ASP E 314 27.47 42.19 -19.58
C ASP E 314 26.13 41.57 -19.20
N VAL E 315 25.27 41.27 -20.18
CA VAL E 315 24.01 40.61 -19.90
C VAL E 315 24.29 39.16 -19.53
N GLU E 316 23.71 38.70 -18.44
CA GLU E 316 23.90 37.34 -17.96
C GLU E 316 22.68 36.47 -18.26
N LEU E 317 22.92 35.37 -18.97
CA LEU E 317 21.86 34.44 -19.30
C LEU E 317 21.39 33.68 -18.06
N SER E 318 22.19 33.67 -16.99
CA SER E 318 21.76 33.07 -15.74
C SER E 318 20.43 33.68 -15.30
N LYS E 319 20.32 35.01 -15.32
CA LYS E 319 19.07 35.73 -15.12
C LYS E 319 18.28 35.68 -16.43
N MET E 320 17.21 34.87 -16.46
CA MET E 320 16.43 34.74 -17.70
C MET E 320 15.67 36.03 -18.03
N ALA E 321 15.22 36.78 -17.01
CA ALA E 321 14.47 38.03 -17.18
C ALA E 321 13.36 37.83 -18.20
N PRO E 322 12.33 37.05 -17.81
CA PRO E 322 11.26 36.75 -18.80
C PRO E 322 10.35 37.95 -19.06
N PRO E 323 9.71 37.97 -20.23
CA PRO E 323 8.77 39.08 -20.52
C PRO E 323 7.49 38.94 -19.71
N ASP E 324 6.95 40.10 -19.31
CA ASP E 324 5.70 40.18 -18.55
C ASP E 324 4.46 40.10 -19.44
N LEU E 325 3.47 39.34 -18.99
CA LEU E 325 2.23 39.13 -19.72
C LEU E 325 1.04 39.51 -18.83
N PRO E 326 0.09 40.34 -19.32
CA PRO E 326 -1.08 40.67 -18.50
C PRO E 326 -1.82 39.45 -17.94
N THR F 24 23.70 10.77 -29.62
CA THR F 24 23.25 11.86 -30.50
C THR F 24 23.06 11.29 -31.92
N LYS F 25 24.11 10.75 -32.50
CA LYS F 25 24.08 10.23 -33.87
C LYS F 25 24.34 8.73 -33.90
N PRO F 26 23.80 8.01 -34.88
CA PRO F 26 23.99 6.57 -34.93
C PRO F 26 25.39 6.22 -35.46
N CYS F 27 25.83 5.01 -35.11
CA CYS F 27 27.14 4.53 -35.52
C CYS F 27 27.03 3.86 -36.88
N TRP F 28 27.83 4.33 -37.83
CA TRP F 28 27.81 3.84 -39.21
C TRP F 28 29.08 3.09 -39.59
N TYR F 29 29.73 2.45 -38.62
CA TYR F 29 30.97 1.71 -38.86
C TYR F 29 30.88 0.31 -38.27
N TRP F 30 31.36 -0.66 -39.05
CA TRP F 30 31.37 -2.08 -38.72
C TRP F 30 32.81 -2.60 -38.76
N ASP F 31 33.02 -3.80 -38.23
CA ASP F 31 34.30 -4.51 -38.34
C ASP F 31 34.27 -5.35 -39.61
N LYS F 32 35.42 -5.49 -40.27
CA LYS F 32 35.41 -6.30 -41.50
C LYS F 32 34.79 -7.67 -41.24
N LYS F 33 35.17 -8.30 -40.12
CA LYS F 33 34.66 -9.63 -39.83
C LYS F 33 33.13 -9.66 -39.85
N ASP F 34 32.49 -8.53 -39.58
CA ASP F 34 31.04 -8.47 -39.63
C ASP F 34 30.52 -8.50 -41.06
N LEU F 35 31.36 -8.16 -42.05
CA LEU F 35 30.91 -8.14 -43.42
C LEU F 35 30.58 -9.53 -43.96
N ALA F 36 31.11 -10.58 -43.35
CA ALA F 36 30.70 -11.94 -43.71
C ALA F 36 29.28 -12.23 -43.28
N HIS F 37 28.67 -11.38 -42.47
CA HIS F 37 27.35 -11.62 -41.91
C HIS F 37 26.37 -10.56 -42.39
N THR F 38 26.63 -9.98 -43.56
CA THR F 38 25.66 -9.05 -44.17
C THR F 38 24.43 -9.81 -44.62
N PRO F 39 23.30 -9.13 -44.72
CA PRO F 39 22.09 -9.81 -45.21
C PRO F 39 22.30 -10.49 -46.54
N SER F 40 23.02 -9.84 -47.44
CA SER F 40 23.26 -10.40 -48.77
C SER F 40 23.97 -11.73 -48.68
N GLN F 41 25.02 -11.81 -47.85
CA GLN F 41 25.69 -13.07 -47.65
C GLN F 41 24.74 -14.12 -47.08
N LEU F 42 23.94 -13.72 -46.10
CA LEU F 42 23.09 -14.70 -45.43
C LEU F 42 22.01 -15.22 -46.35
N GLU F 43 21.66 -14.47 -47.39
CA GLU F 43 20.71 -14.99 -48.37
C GLU F 43 21.38 -15.90 -49.39
N GLY F 44 22.69 -16.10 -49.30
CA GLY F 44 23.41 -17.03 -50.17
C GLY F 44 24.32 -16.43 -51.21
N LEU F 45 24.47 -15.10 -51.26
CA LEU F 45 25.45 -14.49 -52.15
C LEU F 45 26.86 -14.77 -51.63
N ASP F 46 27.78 -15.12 -52.54
CA ASP F 46 29.13 -15.43 -52.06
C ASP F 46 29.88 -14.12 -51.84
N PRO F 47 30.92 -14.14 -51.00
CA PRO F 47 31.55 -12.86 -50.61
C PRO F 47 32.09 -12.07 -51.77
N ALA F 48 32.74 -12.73 -52.73
CA ALA F 48 33.29 -12.02 -53.88
C ALA F 48 32.18 -11.36 -54.70
N THR F 49 31.06 -12.07 -54.89
CA THR F 49 29.97 -11.53 -55.68
C THR F 49 29.37 -10.29 -55.02
N GLU F 50 29.21 -10.31 -53.69
CA GLU F 50 28.70 -9.11 -53.04
C GLU F 50 29.67 -7.96 -53.23
N ALA F 51 30.98 -8.21 -53.10
CA ALA F 51 31.97 -7.18 -53.37
C ALA F 51 31.83 -6.64 -54.77
N ARG F 52 31.69 -7.55 -55.76
CA ARG F 52 31.48 -7.11 -57.12
C ARG F 52 30.19 -6.30 -57.25
N TYR F 53 29.11 -6.78 -56.62
CA TYR F 53 27.86 -6.04 -56.68
C TYR F 53 28.01 -4.63 -56.10
N ARG F 54 28.91 -4.47 -55.12
CA ARG F 54 29.15 -3.14 -54.55
C ARG F 54 30.00 -2.28 -55.48
N ARG F 55 31.11 -2.84 -55.96
CA ARG F 55 31.95 -2.13 -56.91
C ARG F 55 31.13 -1.65 -58.11
N GLU F 56 30.28 -2.52 -58.64
CA GLU F 56 29.47 -2.14 -59.80
C GLU F 56 28.54 -0.99 -59.47
N GLY F 57 27.84 -1.07 -58.35
CA GLY F 57 26.94 0.00 -57.96
C GLY F 57 27.66 1.31 -57.72
N ALA F 58 28.80 1.24 -57.01
CA ALA F 58 29.56 2.44 -56.74
C ALA F 58 29.99 3.13 -58.03
N ARG F 59 30.59 2.40 -58.96
CA ARG F 59 31.04 2.97 -60.22
C ARG F 59 29.89 3.47 -61.07
N PHE F 60 28.73 2.80 -61.02
CA PHE F 60 27.53 3.28 -61.68
C PHE F 60 27.12 4.66 -61.18
N ILE F 61 27.06 4.84 -59.86
CA ILE F 61 26.75 6.15 -59.30
C ILE F 61 27.81 7.17 -59.71
N PHE F 62 29.07 6.77 -59.63
CA PHE F 62 30.18 7.66 -59.99
C PHE F 62 30.09 8.09 -61.44
N ASP F 63 29.85 7.13 -62.34
CA ASP F 63 29.80 7.42 -63.76
C ASP F 63 28.53 8.16 -64.13
N VAL F 64 27.38 7.73 -63.60
CA VAL F 64 26.14 8.45 -63.89
C VAL F 64 26.26 9.90 -63.43
N GLY F 65 26.70 10.11 -62.18
CA GLY F 65 26.84 11.45 -61.67
C GLY F 65 27.91 12.24 -62.38
N THR F 66 28.99 11.57 -62.81
CA THR F 66 30.00 12.26 -63.59
C THR F 66 29.43 12.74 -64.92
N ARG F 67 28.65 11.88 -65.59
CA ARG F 67 28.01 12.26 -66.84
C ARG F 67 27.04 13.43 -66.64
N LEU F 68 26.36 13.49 -65.49
CA LEU F 68 25.43 14.58 -65.19
C LEU F 68 26.12 15.86 -64.74
N GLY F 69 27.44 15.85 -64.59
CA GLY F 69 28.16 17.04 -64.18
C GLY F 69 28.20 17.29 -62.70
N LEU F 70 28.13 16.25 -61.89
CA LEU F 70 27.97 16.41 -60.45
C LEU F 70 29.30 16.57 -59.71
N HIS F 71 29.26 17.43 -58.69
CA HIS F 71 30.38 17.66 -57.78
C HIS F 71 30.82 16.36 -57.11
N TYR F 72 32.11 16.31 -56.74
CA TYR F 72 32.68 15.08 -56.23
C TYR F 72 32.06 14.67 -54.91
N ASP F 73 31.73 15.64 -54.05
CA ASP F 73 31.08 15.30 -52.79
C ASP F 73 29.75 14.60 -53.04
N THR F 74 29.00 15.06 -54.04
CA THR F 74 27.71 14.48 -54.36
C THR F 74 27.84 13.01 -54.75
N LEU F 75 28.84 12.69 -55.57
CA LEU F 75 29.04 11.30 -55.96
C LEU F 75 29.31 10.43 -54.74
N ALA F 76 30.19 10.90 -53.85
CA ALA F 76 30.57 10.11 -52.69
C ALA F 76 29.39 9.92 -51.74
N THR F 77 28.62 10.99 -51.50
CA THR F 77 27.50 10.89 -50.58
C THR F 77 26.55 9.79 -51.02
N GLY F 78 26.17 9.79 -52.31
CA GLY F 78 25.34 8.71 -52.82
C GLY F 78 25.96 7.35 -52.63
N ILE F 79 27.26 7.22 -52.91
CA ILE F 79 27.91 5.93 -52.81
C ILE F 79 27.86 5.44 -51.37
N ILE F 80 28.06 6.36 -50.41
CA ILE F 80 28.05 5.98 -49.00
C ILE F 80 26.63 5.65 -48.56
N TYR F 81 25.63 6.42 -49.01
CA TYR F 81 24.26 5.97 -48.80
C TYR F 81 24.09 4.55 -49.34
N PHE F 82 24.55 4.33 -50.58
CA PHE F 82 24.44 3.03 -51.22
C PHE F 82 25.08 1.93 -50.37
N HIS F 83 26.34 2.13 -49.95
CA HIS F 83 27.00 1.09 -49.16
C HIS F 83 26.22 0.80 -47.88
N ARG F 84 25.78 1.86 -47.18
CA ARG F 84 25.04 1.65 -45.94
C ARG F 84 23.76 0.88 -46.19
N PHE F 85 23.07 1.19 -47.28
CA PHE F 85 21.81 0.52 -47.59
C PHE F 85 21.95 -0.99 -47.54
N TYR F 86 22.99 -1.53 -48.16
CA TYR F 86 23.13 -2.98 -48.26
C TYR F 86 23.73 -3.62 -47.02
N MET F 87 23.94 -2.83 -45.98
CA MET F 87 24.12 -3.41 -44.65
C MET F 87 22.79 -3.81 -44.03
N PHE F 88 21.68 -3.21 -44.49
CA PHE F 88 20.38 -3.49 -43.94
C PHE F 88 19.50 -4.30 -44.89
N HIS F 89 19.93 -4.51 -46.12
CA HIS F 89 19.13 -5.21 -47.12
C HIS F 89 20.05 -6.11 -47.93
N SER F 90 19.42 -7.00 -48.68
CA SER F 90 20.13 -7.96 -49.52
C SER F 90 20.15 -7.46 -50.96
N PHE F 91 21.26 -7.72 -51.65
CA PHE F 91 21.34 -7.39 -53.06
C PHE F 91 20.31 -8.15 -53.87
N LYS F 92 19.80 -9.25 -53.35
CA LYS F 92 18.82 -10.05 -54.07
C LYS F 92 17.41 -9.47 -53.99
N GLN F 93 17.15 -8.58 -53.04
CA GLN F 93 15.83 -8.00 -52.89
C GLN F 93 15.72 -6.58 -53.46
N PHE F 94 16.85 -5.89 -53.57
CA PHE F 94 16.89 -4.52 -54.07
C PHE F 94 17.92 -4.50 -55.17
N PRO F 95 17.51 -4.58 -56.44
CA PRO F 95 18.48 -4.44 -57.53
C PRO F 95 19.41 -3.26 -57.29
N ARG F 96 20.70 -3.51 -57.43
CA ARG F 96 21.71 -2.52 -57.06
C ARG F 96 21.54 -1.23 -57.88
N TYR F 97 21.40 -1.34 -59.19
CA TYR F 97 21.37 -0.15 -60.01
C TYR F 97 20.20 0.75 -59.68
N VAL F 98 19.04 0.17 -59.38
CA VAL F 98 17.90 0.98 -58.94
C VAL F 98 18.24 1.71 -57.65
N THR F 99 18.76 0.97 -56.66
CA THR F 99 19.19 1.59 -55.42
C THR F 99 20.19 2.70 -55.69
N GLY F 100 21.19 2.42 -56.53
CA GLY F 100 22.17 3.45 -56.86
C GLY F 100 21.53 4.74 -57.34
N ALA F 101 20.67 4.64 -58.36
CA ALA F 101 20.03 5.84 -58.90
C ALA F 101 19.30 6.60 -57.79
N CYS F 102 18.63 5.88 -56.90
CA CYS F 102 17.93 6.51 -55.79
C CYS F 102 18.91 7.22 -54.87
N CYS F 103 20.05 6.58 -54.58
CA CYS F 103 21.05 7.22 -53.72
C CYS F 103 21.54 8.53 -54.33
N LEU F 104 21.90 8.51 -55.62
CA LEU F 104 22.39 9.72 -56.26
C LEU F 104 21.33 10.80 -56.26
N PHE F 105 20.08 10.43 -56.53
CA PHE F 105 18.98 11.40 -56.53
C PHE F 105 18.86 12.10 -55.19
N LEU F 106 18.86 11.33 -54.10
CA LEU F 106 18.77 11.93 -52.77
C LEU F 106 20.02 12.73 -52.44
N ALA F 107 21.20 12.18 -52.76
CA ALA F 107 22.45 12.89 -52.51
C ALA F 107 22.41 14.29 -53.11
N GLY F 108 21.93 14.38 -54.35
CA GLY F 108 21.87 15.68 -55.00
C GLY F 108 21.05 16.67 -54.20
N LYS F 109 19.93 16.23 -53.63
CA LYS F 109 19.12 17.11 -52.80
C LYS F 109 19.84 17.44 -51.50
N VAL F 110 20.53 16.46 -50.92
CA VAL F 110 21.22 16.70 -49.66
C VAL F 110 22.36 17.69 -49.85
N GLU F 111 23.15 17.51 -50.91
CA GLU F 111 24.34 18.31 -51.14
C GLU F 111 24.08 19.59 -51.94
N GLU F 112 22.81 19.89 -52.23
CA GLU F 112 22.44 21.10 -52.96
C GLU F 112 23.03 21.11 -54.37
N THR F 113 23.04 19.95 -55.01
CA THR F 113 23.37 19.83 -56.43
C THR F 113 22.28 19.02 -57.11
N PRO F 114 21.03 19.46 -57.01
CA PRO F 114 19.90 18.58 -57.39
C PRO F 114 19.79 18.35 -58.89
N LYS F 115 19.29 17.17 -59.24
CA LYS F 115 18.98 16.80 -60.61
C LYS F 115 17.60 16.14 -60.61
N LYS F 116 16.91 16.25 -61.75
CA LYS F 116 15.61 15.62 -61.88
C LYS F 116 15.74 14.12 -62.07
N CYS F 117 14.81 13.38 -61.45
CA CYS F 117 14.89 11.93 -61.52
C CYS F 117 14.92 11.42 -62.95
N LYS F 118 14.18 12.08 -63.85
CA LYS F 118 14.17 11.66 -65.25
C LYS F 118 15.56 11.74 -65.86
N ASP F 119 16.37 12.73 -65.47
CA ASP F 119 17.69 12.87 -66.07
C ASP F 119 18.61 11.74 -65.63
N ILE F 120 18.47 11.31 -64.37
CA ILE F 120 19.27 10.19 -63.87
C ILE F 120 18.92 8.92 -64.63
N ILE F 121 17.62 8.68 -64.85
CA ILE F 121 17.21 7.48 -65.59
C ILE F 121 17.77 7.51 -67.01
N LYS F 122 17.64 8.66 -67.69
CA LYS F 122 18.18 8.78 -69.04
C LYS F 122 19.65 8.40 -69.07
N THR F 123 20.41 8.93 -68.12
CA THR F 123 21.85 8.62 -68.07
C THR F 123 22.07 7.16 -67.75
N ALA F 124 21.28 6.60 -66.84
CA ALA F 124 21.42 5.17 -66.51
C ALA F 124 21.13 4.30 -67.74
N ARG F 125 20.15 4.69 -68.55
CA ARG F 125 19.88 3.94 -69.77
C ARG F 125 21.08 3.99 -70.70
N SER F 126 21.72 5.16 -70.77
CA SER F 126 22.92 5.31 -71.58
C SER F 126 24.02 4.35 -71.13
N LEU F 127 24.15 4.14 -69.83
CA LEU F 127 25.28 3.37 -69.29
C LEU F 127 24.98 1.89 -69.10
N LEU F 128 23.72 1.49 -68.90
CA LEU F 128 23.38 0.09 -68.66
C LEU F 128 22.96 -0.60 -69.94
N ASN F 129 23.30 -1.90 -70.04
CA ASN F 129 22.84 -2.70 -71.17
C ASN F 129 21.37 -3.03 -70.94
N ASP F 130 20.80 -3.90 -71.79
CA ASP F 130 19.38 -4.21 -71.66
C ASP F 130 19.10 -5.10 -70.46
N VAL F 131 19.97 -6.09 -70.20
CA VAL F 131 19.78 -6.94 -69.03
C VAL F 131 19.79 -6.11 -67.76
N GLN F 132 20.77 -5.23 -67.65
CA GLN F 132 20.93 -4.42 -66.44
C GLN F 132 19.77 -3.45 -66.26
N PHE F 133 19.37 -2.76 -67.33
CA PHE F 133 18.28 -1.81 -67.20
C PHE F 133 16.94 -2.48 -66.92
N GLY F 134 16.85 -3.80 -67.11
CA GLY F 134 15.62 -4.50 -66.76
C GLY F 134 15.30 -4.41 -65.29
N GLN F 135 16.30 -4.16 -64.44
CA GLN F 135 16.05 -3.97 -63.02
C GLN F 135 15.02 -2.87 -62.80
N PHE F 136 15.03 -1.85 -63.65
CA PHE F 136 14.13 -0.71 -63.49
C PHE F 136 12.70 -1.04 -63.88
N GLY F 137 12.47 -2.13 -64.60
CA GLY F 137 11.10 -2.51 -64.87
C GLY F 137 10.42 -1.61 -65.87
N ASP F 138 9.08 -1.65 -65.85
CA ASP F 138 8.28 -0.93 -66.84
C ASP F 138 8.27 0.57 -66.61
N ASP F 139 8.32 1.03 -65.37
CA ASP F 139 8.33 2.45 -65.05
C ASP F 139 9.57 2.73 -64.20
N PRO F 140 10.70 3.05 -64.84
CA PRO F 140 11.93 3.28 -64.05
C PRO F 140 11.82 4.40 -63.04
N LYS F 141 11.32 5.58 -63.43
CA LYS F 141 11.21 6.67 -62.46
C LYS F 141 10.46 6.22 -61.21
N GLU F 142 9.36 5.49 -61.39
CA GLU F 142 8.55 5.04 -60.26
C GLU F 142 9.37 4.14 -59.34
N GLU F 143 10.11 3.18 -59.91
CA GLU F 143 10.89 2.28 -59.06
C GLU F 143 11.90 3.05 -58.23
N VAL F 144 12.47 4.12 -58.78
CA VAL F 144 13.42 4.93 -58.02
C VAL F 144 12.70 5.77 -56.96
N MET F 145 11.65 6.50 -57.37
CA MET F 145 10.99 7.40 -56.44
C MET F 145 10.38 6.62 -55.27
N VAL F 146 9.92 5.39 -55.53
CA VAL F 146 9.35 4.57 -54.48
C VAL F 146 10.41 4.23 -53.43
N LEU F 147 11.61 3.90 -53.87
CA LEU F 147 12.68 3.48 -52.97
C LEU F 147 13.14 4.57 -52.04
N GLU F 148 12.93 5.85 -52.38
CA GLU F 148 13.45 6.93 -51.55
C GLU F 148 13.00 6.80 -50.10
N ARG F 149 11.74 6.42 -49.88
CA ARG F 149 11.25 6.29 -48.51
C ARG F 149 12.08 5.27 -47.73
N ILE F 150 12.31 4.09 -48.32
CA ILE F 150 13.11 3.08 -47.64
C ILE F 150 14.53 3.58 -47.46
N LEU F 151 15.07 4.28 -48.46
CA LEU F 151 16.42 4.82 -48.32
C LEU F 151 16.52 5.71 -47.09
N LEU F 152 15.60 6.68 -46.99
CA LEU F 152 15.62 7.59 -45.86
C LEU F 152 15.48 6.85 -44.54
N GLN F 153 14.54 5.91 -44.46
CA GLN F 153 14.41 5.16 -43.22
C GLN F 153 15.66 4.35 -42.94
N THR F 154 16.24 3.74 -43.97
CA THR F 154 17.42 2.91 -43.75
C THR F 154 18.59 3.75 -43.27
N ILE F 155 18.83 4.92 -43.87
CA ILE F 155 19.96 5.74 -43.44
C ILE F 155 19.56 6.58 -42.22
N LYS F 156 18.44 6.23 -41.61
CA LYS F 156 18.05 6.82 -40.33
C LYS F 156 18.07 8.35 -40.41
N PHE F 157 17.78 8.87 -41.59
CA PHE F 157 17.72 10.30 -41.85
C PHE F 157 19.00 11.01 -41.40
N ASP F 158 20.11 10.29 -41.30
CA ASP F 158 21.41 10.90 -41.02
C ASP F 158 21.98 11.28 -42.38
N LEU F 159 21.60 12.48 -42.83
CA LEU F 159 21.86 12.91 -44.20
C LEU F 159 23.25 13.53 -44.33
N GLN F 160 23.75 14.13 -43.26
CA GLN F 160 25.05 14.78 -43.34
C GLN F 160 26.15 13.72 -43.37
N VAL F 161 27.01 13.79 -44.38
CA VAL F 161 28.11 12.85 -44.54
C VAL F 161 29.35 13.64 -44.93
N GLU F 162 30.46 13.34 -44.28
CA GLU F 162 31.75 13.92 -44.64
C GLU F 162 32.63 12.87 -45.32
N HIS F 163 33.53 13.36 -46.16
CA HIS F 163 34.33 12.51 -47.01
C HIS F 163 35.80 12.78 -46.84
N PRO F 164 36.64 11.79 -47.14
CA PRO F 164 38.09 11.95 -46.96
C PRO F 164 38.65 13.17 -47.67
N TYR F 165 37.98 13.62 -48.74
CA TYR F 165 38.55 14.67 -49.58
C TYR F 165 38.85 15.91 -48.77
N GLN F 166 37.87 16.41 -48.01
CA GLN F 166 38.06 17.67 -47.30
C GLN F 166 39.21 17.56 -46.32
N PHE F 167 39.41 16.37 -45.73
CA PHE F 167 40.50 16.16 -44.80
C PHE F 167 41.82 16.01 -45.53
N LEU F 168 41.80 15.38 -46.70
CA LEU F 168 42.99 15.36 -47.53
C LEU F 168 43.50 16.77 -47.79
N LEU F 169 42.59 17.70 -48.06
CA LEU F 169 42.98 19.08 -48.35
C LEU F 169 43.33 19.86 -47.09
N LYS F 170 42.52 19.71 -46.03
CA LYS F 170 42.81 20.38 -44.77
C LYS F 170 44.22 20.04 -44.29
N TYR F 171 44.61 18.77 -44.43
CA TYR F 171 45.92 18.34 -43.95
C TYR F 171 47.03 18.82 -44.88
N ALA F 172 46.80 18.73 -46.20
CA ALA F 172 47.83 19.13 -47.15
C ALA F 172 48.17 20.60 -47.04
N LYS F 173 47.19 21.46 -46.73
CA LYS F 173 47.53 22.88 -46.62
C LYS F 173 48.54 23.13 -45.51
N GLN F 174 48.64 22.23 -44.53
CA GLN F 174 49.59 22.36 -43.43
C GLN F 174 50.96 21.79 -43.77
N LEU F 175 51.15 21.30 -44.99
CA LEU F 175 52.46 20.85 -45.45
C LEU F 175 53.16 22.01 -46.16
N LYS F 176 54.47 22.11 -45.94
CA LYS F 176 55.29 23.15 -46.54
C LYS F 176 56.47 22.45 -47.20
N GLY F 177 56.68 22.74 -48.49
CA GLY F 177 57.77 22.11 -49.22
C GLY F 177 57.66 22.41 -50.70
N ASP F 178 58.37 21.62 -51.50
CA ASP F 178 58.28 21.79 -52.95
C ASP F 178 56.83 21.65 -53.40
N LYS F 179 56.27 22.71 -53.99
CA LYS F 179 54.87 22.69 -54.40
C LYS F 179 54.59 21.50 -55.30
N ASN F 180 55.51 21.18 -56.21
CA ASN F 180 55.28 20.07 -57.14
C ASN F 180 55.26 18.74 -56.40
N LYS F 181 56.12 18.58 -55.40
CA LYS F 181 56.14 17.35 -54.63
C LYS F 181 54.87 17.17 -53.81
N ILE F 182 54.38 18.25 -53.22
CA ILE F 182 53.15 18.17 -52.44
C ILE F 182 51.98 17.89 -53.37
N GLN F 183 51.98 18.56 -54.53
CA GLN F 183 50.90 18.34 -55.50
C GLN F 183 50.86 16.89 -55.96
N LYS F 184 52.03 16.30 -56.25
CA LYS F 184 52.02 14.90 -56.67
C LYS F 184 51.47 14.03 -55.55
N LEU F 185 51.79 14.35 -54.30
CA LEU F 185 51.22 13.61 -53.18
C LEU F 185 49.71 13.70 -53.18
N VAL F 186 49.17 14.92 -53.32
CA VAL F 186 47.72 15.09 -53.19
C VAL F 186 46.98 14.35 -54.30
N GLN F 187 47.37 14.59 -55.56
CA GLN F 187 46.60 13.99 -56.65
C GLN F 187 46.60 12.47 -56.54
N MET F 188 47.75 11.87 -56.23
CA MET F 188 47.79 10.42 -56.05
C MET F 188 46.86 9.99 -54.93
N ALA F 189 46.92 10.69 -53.79
CA ALA F 189 46.03 10.36 -52.68
C ALA F 189 44.58 10.57 -53.08
N TRP F 190 44.28 11.66 -53.77
CA TRP F 190 42.93 11.92 -54.24
C TRP F 190 42.42 10.77 -55.09
N THR F 191 43.25 10.32 -56.03
CA THR F 191 42.88 9.16 -56.84
C THR F 191 42.58 7.96 -55.95
N PHE F 192 43.38 7.76 -54.90
CA PHE F 192 43.14 6.65 -53.99
C PHE F 192 41.79 6.77 -53.30
N VAL F 193 41.40 7.99 -52.92
CA VAL F 193 40.08 8.15 -52.32
C VAL F 193 39.00 7.69 -53.29
N ASN F 194 39.05 8.19 -54.53
CA ASN F 194 38.05 7.81 -55.52
C ASN F 194 37.99 6.30 -55.69
N ASP F 195 39.14 5.63 -55.68
CA ASP F 195 39.15 4.18 -55.81
C ASP F 195 38.69 3.50 -54.55
N SER F 196 38.91 4.15 -53.40
CA SER F 196 38.46 3.60 -52.13
C SER F 196 36.94 3.57 -52.01
N LEU F 197 36.22 4.27 -52.88
CA LEU F 197 34.77 4.34 -52.79
C LEU F 197 34.09 3.04 -53.24
N CYS F 198 34.79 2.20 -54.01
CA CYS F 198 34.28 0.90 -54.42
C CYS F 198 34.43 -0.16 -53.33
N THR F 199 34.96 0.24 -52.19
CA THR F 199 35.28 -0.65 -51.10
C THR F 199 34.40 -0.35 -49.90
N THR F 200 34.45 -1.25 -48.94
CA THR F 200 33.74 -1.10 -47.69
C THR F 200 34.54 -0.28 -46.69
N LEU F 201 35.63 0.35 -47.13
CA LEU F 201 36.40 1.21 -46.24
C LEU F 201 35.54 2.37 -45.73
N SER F 202 34.64 2.89 -46.57
CA SER F 202 33.73 3.94 -46.10
C SER F 202 32.95 3.49 -44.87
N LEU F 203 32.77 2.19 -44.71
CA LEU F 203 32.00 1.62 -43.61
C LEU F 203 32.87 1.15 -42.45
N GLN F 204 34.20 1.15 -42.63
CA GLN F 204 35.10 0.65 -41.60
C GLN F 204 35.79 1.76 -40.83
N TRP F 205 36.07 2.89 -41.49
CA TRP F 205 36.90 3.92 -40.92
C TRP F 205 36.34 5.30 -41.18
N GLU F 206 36.50 6.18 -40.20
CA GLU F 206 36.11 7.56 -40.33
C GLU F 206 36.81 8.18 -41.54
N PRO F 207 36.23 9.21 -42.15
CA PRO F 207 36.88 9.81 -43.33
C PRO F 207 38.26 10.36 -43.04
N GLU F 208 38.45 10.94 -41.84
CA GLU F 208 39.75 11.48 -41.48
C GLU F 208 40.83 10.41 -41.58
N ILE F 209 40.53 9.20 -41.11
CA ILE F 209 41.51 8.12 -41.11
C ILE F 209 41.85 7.72 -42.54
N ILE F 210 40.83 7.62 -43.40
CA ILE F 210 41.09 7.30 -44.80
C ILE F 210 42.01 8.34 -45.41
N ALA F 211 41.71 9.61 -45.16
CA ALA F 211 42.52 10.69 -45.71
C ALA F 211 43.99 10.55 -45.32
N VAL F 212 44.24 10.18 -44.06
CA VAL F 212 45.62 9.93 -43.66
C VAL F 212 46.18 8.72 -44.40
N ALA F 213 45.41 7.63 -44.46
CA ALA F 213 45.89 6.42 -45.10
C ALA F 213 46.28 6.66 -46.55
N VAL F 214 45.49 7.43 -47.30
CA VAL F 214 45.82 7.64 -48.71
C VAL F 214 47.03 8.57 -48.83
N MET F 215 47.17 9.54 -47.92
CA MET F 215 48.42 10.30 -47.87
C MET F 215 49.57 9.37 -47.54
N TYR F 216 49.38 8.50 -46.55
CA TYR F 216 50.39 7.54 -46.15
C TYR F 216 50.78 6.66 -47.32
N LEU F 217 49.80 6.16 -48.07
CA LEU F 217 50.10 5.33 -49.23
C LEU F 217 50.85 6.12 -50.30
N ALA F 218 50.32 7.29 -50.66
CA ALA F 218 50.96 8.10 -51.70
C ALA F 218 52.39 8.44 -51.33
N GLY F 219 52.64 8.69 -50.05
CA GLY F 219 54.00 8.97 -49.62
C GLY F 219 54.94 7.81 -49.85
N ARG F 220 54.51 6.60 -49.47
CA ARG F 220 55.35 5.43 -49.70
C ARG F 220 55.66 5.25 -51.18
N LEU F 221 54.65 5.35 -52.02
CA LEU F 221 54.85 5.08 -53.44
C LEU F 221 55.75 6.12 -54.09
N CYS F 222 55.57 7.39 -53.74
CA CYS F 222 56.40 8.47 -54.27
C CYS F 222 57.72 8.66 -53.53
N LYS F 223 58.04 7.77 -52.60
CA LYS F 223 59.28 7.82 -51.82
C LYS F 223 59.42 9.19 -51.15
N PHE F 224 58.31 9.68 -50.57
CA PHE F 224 58.35 10.96 -49.85
C PHE F 224 58.39 10.73 -48.34
N GLU F 225 59.05 11.67 -47.65
CA GLU F 225 59.09 11.71 -46.19
C GLU F 225 58.13 12.84 -45.77
N ILE F 226 56.86 12.50 -45.57
CA ILE F 226 55.87 13.55 -45.37
C ILE F 226 56.16 14.35 -44.12
N GLN F 227 56.79 13.73 -43.13
CA GLN F 227 57.08 14.41 -41.87
C GLN F 227 57.85 15.69 -42.10
N GLU F 228 58.80 15.68 -43.05
CA GLU F 228 59.67 16.83 -43.22
C GLU F 228 58.87 18.09 -43.53
N TRP F 229 57.73 17.95 -44.20
CA TRP F 229 56.90 19.09 -44.54
C TRP F 229 55.98 19.53 -43.39
N THR F 230 55.96 18.79 -42.29
CA THR F 230 55.07 19.11 -41.18
C THR F 230 55.75 20.10 -40.24
N SER F 231 54.94 20.68 -39.36
CA SER F 231 55.49 21.57 -38.34
C SER F 231 56.36 20.83 -37.33
N LYS F 232 56.45 19.51 -37.42
CA LYS F 232 57.25 18.69 -36.51
C LYS F 232 58.12 17.75 -37.34
N PRO F 233 59.14 18.29 -38.02
CA PRO F 233 59.88 17.48 -39.01
C PRO F 233 60.65 16.31 -38.43
N MET F 234 60.76 16.21 -37.11
CA MET F 234 61.44 15.09 -36.47
C MET F 234 60.47 14.10 -35.85
N TYR F 235 59.18 14.27 -36.08
CA TYR F 235 58.15 13.39 -35.55
C TYR F 235 57.86 12.37 -36.63
N ARG F 236 58.42 11.17 -36.51
CA ARG F 236 58.28 10.23 -37.62
C ARG F 236 56.83 9.85 -37.85
N ARG F 237 56.02 9.83 -36.79
CA ARG F 237 54.59 9.58 -36.91
C ARG F 237 53.86 10.89 -37.20
N TRP F 238 53.95 11.31 -38.46
CA TRP F 238 53.39 12.60 -38.87
C TRP F 238 51.88 12.62 -38.71
N TRP F 239 51.21 11.47 -38.88
CA TRP F 239 49.76 11.45 -38.87
C TRP F 239 49.18 11.85 -37.53
N GLU F 240 49.96 11.75 -36.47
CA GLU F 240 49.42 12.00 -35.14
C GLU F 240 48.97 13.44 -34.98
N GLN F 241 49.55 14.37 -35.76
CA GLN F 241 49.10 15.75 -35.65
C GLN F 241 47.76 15.97 -36.33
N PHE F 242 47.44 15.16 -37.32
CA PHE F 242 46.19 15.30 -38.05
C PHE F 242 45.10 14.43 -37.43
N VAL F 243 45.40 13.18 -37.11
CA VAL F 243 44.41 12.27 -36.54
C VAL F 243 45.04 11.51 -35.39
N GLN F 244 44.52 11.73 -34.18
CA GLN F 244 45.04 11.11 -32.99
C GLN F 244 44.59 9.67 -32.88
N ASP F 245 45.46 8.85 -32.29
CA ASP F 245 45.14 7.49 -31.87
C ASP F 245 44.98 6.56 -33.07
N VAL F 246 45.81 6.72 -34.10
CA VAL F 246 45.76 5.83 -35.23
C VAL F 246 47.08 5.05 -35.28
N PRO F 247 47.04 3.75 -35.02
CA PRO F 247 48.25 2.92 -35.18
C PRO F 247 48.55 2.65 -36.65
N VAL F 248 49.81 2.30 -36.91
CA VAL F 248 50.21 1.95 -38.26
C VAL F 248 49.42 0.76 -38.77
N ASP F 249 49.02 -0.15 -37.86
CA ASP F 249 48.24 -1.30 -38.26
C ASP F 249 47.08 -0.88 -39.16
N VAL F 250 46.37 0.17 -38.76
CA VAL F 250 45.19 0.61 -39.50
C VAL F 250 45.59 1.16 -40.86
N LEU F 251 46.59 2.04 -40.90
CA LEU F 251 47.00 2.61 -42.17
C LEU F 251 47.45 1.52 -43.14
N GLU F 252 48.08 0.46 -42.62
CA GLU F 252 48.52 -0.64 -43.47
C GLU F 252 47.32 -1.45 -43.97
N ASP F 253 46.37 -1.74 -43.08
CA ASP F 253 45.18 -2.47 -43.50
C ASP F 253 44.44 -1.70 -44.59
N ILE F 254 44.29 -0.38 -44.41
CA ILE F 254 43.62 0.42 -45.42
C ILE F 254 44.42 0.41 -46.71
N CYS F 255 45.73 0.68 -46.61
CA CYS F 255 46.56 0.67 -47.81
C CYS F 255 46.47 -0.68 -48.52
N HIS F 256 46.49 -1.77 -47.75
CA HIS F 256 46.39 -3.09 -48.36
C HIS F 256 45.11 -3.21 -49.17
N GLN F 257 43.98 -2.80 -48.59
CA GLN F 257 42.70 -2.93 -49.28
C GLN F 257 42.65 -2.07 -50.53
N ILE F 258 43.26 -0.88 -50.49
CA ILE F 258 43.26 -0.03 -51.68
C ILE F 258 44.09 -0.69 -52.79
N LEU F 259 45.31 -1.14 -52.48
CA LEU F 259 46.17 -1.73 -53.49
C LEU F 259 45.62 -3.01 -54.08
N ASP F 260 44.73 -3.70 -53.35
CA ASP F 260 44.13 -4.92 -53.88
C ASP F 260 43.34 -4.65 -55.15
N LEU F 261 42.62 -3.54 -55.20
CA LEU F 261 41.84 -3.19 -56.39
C LEU F 261 42.73 -3.08 -57.63
N TYR F 262 43.91 -2.49 -57.49
CA TYR F 262 44.81 -2.33 -58.61
C TYR F 262 45.33 -3.66 -59.11
N SER F 263 45.65 -4.58 -58.19
CA SER F 263 46.15 -5.88 -58.60
C SER F 263 45.08 -6.74 -59.25
N GLN F 264 43.87 -6.76 -58.67
CA GLN F 264 42.78 -7.53 -59.26
C GLN F 264 42.38 -6.95 -60.62
N GLY F 265 42.23 -5.62 -60.70
CA GLY F 265 41.76 -5.02 -61.93
C GLY F 265 42.85 -4.97 -62.97
N LYS F 266 42.57 -4.22 -64.03
CA LYS F 266 43.57 -4.03 -65.07
C LYS F 266 44.41 -2.81 -64.78
N GLN F 267 43.84 -1.83 -64.08
CA GLN F 267 44.56 -0.63 -63.71
C GLN F 267 45.69 -0.97 -62.74
N GLN F 268 46.77 -0.22 -62.86
CA GLN F 268 47.97 -0.37 -62.03
C GLN F 268 48.16 0.93 -61.25
N MET F 269 49.08 0.91 -60.29
CA MET F 269 49.21 2.03 -59.37
C MET F 269 49.41 3.32 -60.16
N PRO F 270 48.78 4.43 -59.74
CA PRO F 270 48.80 5.64 -60.59
C PRO F 270 50.19 6.17 -60.89
N HIS F 271 51.07 6.22 -59.91
CA HIS F 271 52.40 6.78 -60.05
C HIS F 271 52.48 7.90 -61.07
N MET G 5 2.00 -61.14 -17.74
CA MET G 5 0.75 -60.48 -17.24
C MET G 5 0.11 -59.61 -18.32
N SER G 6 0.92 -59.07 -19.23
CA SER G 6 0.42 -58.32 -20.38
C SER G 6 1.00 -58.92 -21.66
N TYR G 7 0.23 -58.84 -22.74
CA TYR G 7 0.56 -59.50 -24.00
C TYR G 7 0.36 -58.54 -25.16
N ASN G 8 1.41 -58.34 -25.96
CA ASN G 8 1.36 -57.38 -27.06
C ASN G 8 2.11 -57.90 -28.28
N TYR G 9 1.83 -57.28 -29.43
CA TYR G 9 2.38 -57.66 -30.73
C TYR G 9 2.87 -56.38 -31.40
N VAL G 10 4.13 -56.38 -31.85
CA VAL G 10 4.74 -55.23 -32.51
C VAL G 10 5.24 -55.68 -33.87
N VAL G 11 4.84 -54.98 -34.93
CA VAL G 11 5.23 -55.32 -36.29
C VAL G 11 5.75 -54.08 -37.00
N THR G 12 6.79 -54.28 -37.80
CA THR G 12 7.44 -53.20 -38.53
C THR G 12 6.69 -53.03 -39.85
N ALA G 13 5.73 -52.10 -39.86
CA ALA G 13 4.92 -51.90 -41.05
C ALA G 13 5.73 -51.24 -42.15
N GLN G 14 6.47 -50.18 -41.83
CA GLN G 14 7.36 -49.50 -42.77
C GLN G 14 8.78 -49.56 -42.24
N LYS G 15 9.71 -49.98 -43.10
CA LYS G 15 11.08 -50.18 -42.69
C LYS G 15 11.81 -48.86 -42.50
N PRO G 16 12.91 -48.87 -41.77
CA PRO G 16 13.73 -47.66 -41.64
C PRO G 16 14.11 -47.10 -43.00
N THR G 17 13.94 -45.78 -43.16
CA THR G 17 14.23 -45.10 -44.42
C THR G 17 15.51 -44.29 -44.36
N ALA G 18 15.96 -43.89 -43.18
CA ALA G 18 17.15 -43.06 -43.05
C ALA G 18 18.40 -43.87 -43.34
N VAL G 19 19.35 -43.24 -44.04
CA VAL G 19 20.62 -43.86 -44.34
C VAL G 19 21.60 -43.49 -43.24
N ASN G 20 22.11 -44.49 -42.53
CA ASN G 20 23.05 -44.23 -41.45
C ASN G 20 24.50 -44.34 -41.89
N GLY G 21 24.76 -45.10 -42.95
CA GLY G 21 26.10 -45.21 -43.50
C GLY G 21 26.10 -45.99 -44.79
N CYS G 22 27.17 -45.84 -45.56
CA CYS G 22 27.24 -46.43 -46.90
C CYS G 22 28.67 -46.62 -47.35
N VAL G 23 28.92 -47.74 -48.04
CA VAL G 23 30.24 -48.09 -48.53
C VAL G 23 30.17 -48.55 -49.99
N THR G 24 31.32 -48.55 -50.64
CA THR G 24 31.46 -49.08 -51.99
C THR G 24 32.55 -50.16 -52.00
N GLY G 25 32.51 -51.01 -53.01
CA GLY G 25 33.52 -52.04 -53.13
C GLY G 25 33.08 -53.14 -54.07
N HIS G 26 33.71 -54.31 -53.90
CA HIS G 26 33.54 -55.44 -54.79
C HIS G 26 33.15 -56.65 -53.93
N PHE G 27 31.92 -56.59 -53.42
CA PHE G 27 31.43 -57.54 -52.43
C PHE G 27 30.71 -58.73 -53.05
N THR G 28 29.88 -58.50 -54.06
CA THR G 28 29.16 -59.61 -54.68
C THR G 28 30.03 -60.37 -55.68
N SER G 29 30.92 -59.69 -56.40
CA SER G 29 31.84 -60.33 -57.32
C SER G 29 33.06 -59.44 -57.48
N ALA G 30 34.20 -60.06 -57.79
CA ALA G 30 35.41 -59.26 -58.00
C ALA G 30 35.29 -58.30 -59.17
N GLU G 31 34.29 -58.47 -60.03
CA GLU G 31 34.11 -57.61 -61.20
C GLU G 31 33.05 -56.53 -60.98
N ASP G 32 31.94 -56.84 -60.33
CA ASP G 32 30.91 -55.83 -60.12
C ASP G 32 31.39 -54.75 -59.14
N LEU G 33 30.85 -53.54 -59.33
CA LEU G 33 31.04 -52.45 -58.38
C LEU G 33 29.76 -52.33 -57.54
N ASN G 34 29.89 -52.52 -56.24
CA ASN G 34 28.75 -52.58 -55.34
C ASN G 34 28.56 -51.28 -54.57
N LEU G 35 27.32 -51.05 -54.15
CA LEU G 35 26.99 -50.03 -53.17
C LEU G 35 26.20 -50.70 -52.05
N LEU G 36 26.80 -50.73 -50.86
CA LEU G 36 26.13 -51.25 -49.67
C LEU G 36 25.63 -50.09 -48.83
N ILE G 37 24.33 -50.05 -48.59
CA ILE G 37 23.69 -49.02 -47.79
C ILE G 37 23.17 -49.64 -46.52
N ALA G 38 23.48 -49.03 -45.38
CA ALA G 38 22.99 -49.47 -44.09
C ALA G 38 21.93 -48.47 -43.67
N LYS G 39 20.69 -48.94 -43.55
CA LYS G 39 19.65 -48.22 -42.83
C LYS G 39 19.50 -48.99 -41.52
N ASN G 40 18.97 -48.34 -40.48
CA ASN G 40 19.04 -48.95 -39.17
C ASN G 40 18.53 -50.39 -39.23
N THR G 41 19.44 -51.34 -39.06
CA THR G 41 19.22 -52.78 -39.03
C THR G 41 19.03 -53.41 -40.40
N ARG G 42 18.99 -52.64 -41.48
CA ARG G 42 18.75 -53.20 -42.81
C ARG G 42 20.02 -53.01 -43.63
N LEU G 43 20.46 -54.07 -44.29
CA LEU G 43 21.59 -53.97 -45.20
C LEU G 43 21.06 -54.13 -46.61
N GLU G 44 21.30 -53.13 -47.45
CA GLU G 44 20.86 -53.12 -48.83
C GLU G 44 22.09 -53.23 -49.71
N ILE G 45 22.07 -54.19 -50.64
CA ILE G 45 23.17 -54.45 -51.57
C ILE G 45 22.71 -54.10 -52.97
N TYR G 46 23.49 -53.26 -53.65
CA TYR G 46 23.18 -52.85 -55.00
C TYR G 46 24.39 -53.13 -55.89
N VAL G 47 24.15 -53.12 -57.20
CA VAL G 47 25.22 -53.18 -58.18
C VAL G 47 25.16 -51.90 -59.00
N VAL G 48 26.31 -51.26 -59.14
CA VAL G 48 26.40 -49.98 -59.84
C VAL G 48 26.39 -50.26 -61.33
N THR G 49 25.50 -49.61 -62.06
CA THR G 49 25.40 -49.74 -63.50
C THR G 49 25.68 -48.37 -64.13
N ALA G 50 25.61 -48.33 -65.45
CA ALA G 50 25.74 -47.05 -66.14
C ALA G 50 24.47 -46.22 -66.04
N GLU G 51 23.37 -46.81 -65.57
CA GLU G 51 22.08 -46.14 -65.50
C GLU G 51 21.71 -45.66 -64.10
N GLY G 52 22.10 -46.41 -63.09
CA GLY G 52 21.70 -46.14 -61.72
C GLY G 52 22.08 -47.33 -60.87
N LEU G 53 21.23 -47.70 -59.93
CA LEU G 53 21.52 -48.79 -59.00
C LEU G 53 20.58 -49.96 -59.27
N ARG G 54 21.17 -51.16 -59.35
CA ARG G 54 20.41 -52.39 -59.51
C ARG G 54 20.39 -53.14 -58.17
N PRO G 55 19.23 -53.32 -57.54
CA PRO G 55 19.20 -54.06 -56.28
C PRO G 55 19.60 -55.52 -56.44
N VAL G 56 20.19 -56.08 -55.39
CA VAL G 56 20.68 -57.46 -55.41
C VAL G 56 20.10 -58.29 -54.28
N LYS G 57 20.13 -57.78 -53.07
CA LYS G 57 19.70 -58.53 -51.90
C LYS G 57 19.53 -57.54 -50.76
N GLU G 58 18.54 -57.80 -49.93
CA GLU G 58 18.37 -57.05 -48.70
C GLU G 58 18.21 -58.07 -47.58
N VAL G 59 18.97 -57.88 -46.51
CA VAL G 59 18.89 -58.73 -45.34
C VAL G 59 18.63 -57.82 -44.15
N GLY G 60 17.99 -58.40 -43.15
CA GLY G 60 17.88 -57.78 -41.85
C GLY G 60 18.91 -58.38 -40.92
N MET G 61 19.33 -57.59 -39.94
CA MET G 61 20.22 -58.05 -38.90
C MET G 61 19.56 -57.81 -37.56
N TYR G 62 19.86 -58.70 -36.62
CA TYR G 62 19.35 -58.59 -35.25
C TYR G 62 20.25 -57.67 -34.42
N GLY G 63 20.30 -56.39 -34.84
CA GLY G 63 21.16 -55.40 -34.23
C GLY G 63 21.21 -54.11 -35.03
N LYS G 64 21.46 -52.98 -34.38
CA LYS G 64 21.63 -51.71 -35.09
C LYS G 64 23.03 -51.69 -35.70
N ILE G 65 23.11 -51.41 -37.00
CA ILE G 65 24.41 -51.43 -37.68
C ILE G 65 25.19 -50.19 -37.29
N ALA G 66 26.26 -50.36 -36.53
CA ALA G 66 27.12 -49.27 -36.08
C ALA G 66 28.32 -49.08 -37.00
N VAL G 67 29.00 -50.18 -37.34
CA VAL G 67 30.14 -50.16 -38.24
C VAL G 67 29.79 -51.00 -39.46
N MET G 68 30.13 -50.50 -40.64
CA MET G 68 29.96 -51.24 -41.88
C MET G 68 31.15 -50.89 -42.74
N GLU G 69 31.97 -51.90 -43.05
CA GLU G 69 33.21 -51.68 -43.76
C GLU G 69 33.51 -52.88 -44.64
N LEU G 70 34.07 -52.62 -45.81
CA LEU G 70 34.48 -53.64 -46.76
C LEU G 70 36.00 -53.76 -46.80
N PHE G 71 36.49 -55.00 -46.86
CA PHE G 71 37.92 -55.28 -46.88
C PHE G 71 38.16 -56.56 -47.68
N ARG G 72 39.41 -56.72 -48.12
CA ARG G 72 39.82 -57.86 -48.94
C ARG G 72 41.15 -58.42 -48.49
N PRO G 73 41.14 -59.45 -47.63
CA PRO G 73 42.42 -60.02 -47.17
C PRO G 73 43.10 -60.83 -48.27
N LYS G 74 44.42 -60.87 -48.21
CA LYS G 74 45.22 -61.59 -49.20
C LYS G 74 44.70 -63.01 -49.37
N GLY G 75 44.44 -63.40 -50.61
CA GLY G 75 43.94 -64.71 -50.92
C GLY G 75 42.46 -64.77 -51.24
N GLU G 76 41.70 -63.72 -50.94
CA GLU G 76 40.28 -63.72 -51.24
C GLU G 76 40.08 -63.23 -52.67
N SER G 77 39.09 -63.80 -53.35
CA SER G 77 38.79 -63.40 -54.71
C SER G 77 38.03 -62.08 -54.75
N LYS G 78 37.31 -61.76 -53.69
CA LYS G 78 36.45 -60.59 -53.66
C LYS G 78 36.35 -60.06 -52.23
N ASP G 79 35.70 -58.90 -52.10
CA ASP G 79 35.63 -58.22 -50.82
C ASP G 79 34.75 -58.96 -49.81
N LEU G 80 35.16 -58.89 -48.55
CA LEU G 80 34.36 -59.31 -47.41
C LEU G 80 33.81 -58.10 -46.69
N LEU G 81 32.74 -58.33 -45.92
CA LEU G 81 32.04 -57.26 -45.19
C LEU G 81 32.22 -57.45 -43.70
N PHE G 82 32.66 -56.39 -43.02
CA PHE G 82 32.70 -56.35 -41.56
C PHE G 82 31.55 -55.48 -41.05
N ILE G 83 30.84 -55.97 -40.04
CA ILE G 83 29.77 -55.24 -39.40
C ILE G 83 29.87 -55.43 -37.90
N LEU G 84 29.66 -54.35 -37.15
CA LEU G 84 29.56 -54.37 -35.70
C LEU G 84 28.25 -53.69 -35.31
N THR G 85 27.48 -54.32 -34.44
CA THR G 85 26.20 -53.75 -34.06
C THR G 85 26.38 -52.87 -32.82
N ALA G 86 25.32 -52.11 -32.50
CA ALA G 86 25.35 -51.21 -31.35
C ALA G 86 25.44 -51.96 -30.04
N LYS G 87 25.05 -53.23 -30.01
CA LYS G 87 25.22 -54.08 -28.83
C LYS G 87 26.54 -54.84 -28.87
N TYR G 88 27.43 -54.51 -29.81
CA TYR G 88 28.77 -55.07 -29.91
C TYR G 88 28.79 -56.49 -30.47
N ASN G 89 27.86 -56.80 -31.35
CA ASN G 89 27.90 -58.03 -32.12
C ASN G 89 28.76 -57.83 -33.35
N ALA G 90 29.86 -58.58 -33.43
CA ALA G 90 30.77 -58.48 -34.57
C ALA G 90 30.60 -59.71 -35.47
N CYS G 91 30.83 -59.50 -36.76
CA CYS G 91 30.79 -60.58 -37.71
C CYS G 91 31.51 -60.16 -38.98
N ILE G 92 32.01 -61.15 -39.71
CA ILE G 92 32.55 -60.95 -41.05
C ILE G 92 31.68 -61.76 -42.00
N LEU G 93 31.20 -61.11 -43.05
CA LEU G 93 30.19 -61.68 -43.92
C LEU G 93 30.76 -61.87 -45.31
N GLU G 94 30.28 -62.90 -45.99
CA GLU G 94 30.64 -63.18 -47.36
C GLU G 94 29.36 -63.30 -48.16
N TYR G 95 29.34 -62.70 -49.32
CA TYR G 95 28.24 -62.86 -50.26
C TYR G 95 28.48 -64.14 -51.05
N LYS G 96 27.48 -65.02 -51.09
CA LYS G 96 27.60 -66.26 -51.84
C LYS G 96 26.29 -66.55 -52.57
N GLN G 97 26.40 -66.75 -53.88
CA GLN G 97 25.24 -66.98 -54.73
C GLN G 97 25.50 -68.12 -55.70
N SER G 98 24.59 -69.10 -55.73
CA SER G 98 24.66 -70.24 -56.64
C SER G 98 23.32 -70.33 -57.39
N GLY G 99 23.30 -69.85 -58.62
CA GLY G 99 22.05 -69.75 -59.38
C GLY G 99 21.16 -68.65 -58.83
N GLU G 100 19.90 -68.98 -58.52
CA GLU G 100 18.98 -67.97 -58.01
C GLU G 100 19.04 -67.82 -56.49
N SER G 101 19.71 -68.72 -55.80
CA SER G 101 19.74 -68.77 -54.34
C SER G 101 20.85 -67.88 -53.82
N ILE G 102 20.47 -66.83 -53.07
CA ILE G 102 21.42 -65.89 -52.51
C ILE G 102 21.52 -66.11 -51.02
N ASP G 103 22.76 -66.21 -50.53
CA ASP G 103 23.03 -66.36 -49.11
C ASP G 103 24.07 -65.32 -48.72
N ILE G 104 24.07 -64.96 -47.45
CA ILE G 104 25.16 -64.18 -46.87
C ILE G 104 25.74 -65.06 -45.78
N ILE G 105 26.98 -65.46 -45.95
CA ILE G 105 27.62 -66.46 -45.10
C ILE G 105 28.36 -65.73 -43.99
N THR G 106 28.19 -66.20 -42.76
CA THR G 106 28.90 -65.63 -41.62
C THR G 106 30.18 -66.43 -41.43
N ARG G 107 31.31 -65.87 -41.83
CA ARG G 107 32.59 -66.56 -41.74
C ARG G 107 33.18 -66.47 -40.33
N ALA G 108 32.93 -65.37 -39.63
CA ALA G 108 33.42 -65.18 -38.27
C ALA G 108 32.38 -64.36 -37.54
N HIS G 109 32.28 -64.60 -36.23
CA HIS G 109 31.30 -63.85 -35.45
C HIS G 109 31.68 -63.92 -33.98
N GLY G 110 31.28 -62.90 -33.24
CA GLY G 110 31.54 -62.84 -31.82
C GLY G 110 31.12 -61.49 -31.28
N ASN G 111 31.12 -61.40 -29.95
CA ASN G 111 30.73 -60.20 -29.23
C ASN G 111 31.96 -59.59 -28.57
N VAL G 112 32.20 -58.31 -28.85
CA VAL G 112 33.46 -57.66 -28.46
C VAL G 112 33.27 -56.75 -27.24
N GLN G 113 32.16 -56.89 -26.53
CA GLN G 113 31.92 -56.03 -25.38
C GLN G 113 32.92 -56.34 -24.27
N ASP G 114 33.42 -55.29 -23.62
CA ASP G 114 34.30 -55.44 -22.47
C ASP G 114 33.48 -55.35 -21.20
N ARG G 115 33.85 -56.16 -20.21
CA ARG G 115 33.16 -56.10 -18.92
C ARG G 115 33.25 -54.71 -18.32
N ILE G 116 34.41 -54.06 -18.45
CA ILE G 116 34.65 -52.76 -17.85
C ILE G 116 35.14 -51.80 -18.94
N GLY G 117 34.44 -50.70 -19.11
CA GLY G 117 34.86 -49.66 -20.04
C GLY G 117 33.86 -48.52 -20.03
N ARG G 118 34.36 -47.32 -20.38
CA ARG G 118 33.48 -46.16 -20.47
C ARG G 118 33.13 -45.88 -21.93
N PRO G 119 31.87 -45.99 -22.33
CA PRO G 119 31.52 -45.71 -23.73
C PRO G 119 31.98 -44.31 -24.14
N SER G 120 32.58 -44.23 -25.32
CA SER G 120 33.22 -42.99 -25.75
C SER G 120 32.19 -41.96 -26.18
N GLU G 121 32.57 -40.70 -26.06
CA GLU G 121 31.67 -39.61 -26.40
C GLU G 121 31.32 -39.62 -27.88
N THR G 122 32.32 -39.75 -28.75
CA THR G 122 32.08 -39.71 -30.18
C THR G 122 31.68 -41.06 -30.78
N GLY G 123 31.33 -42.04 -29.94
CA GLY G 123 30.74 -43.28 -30.40
C GLY G 123 31.70 -44.34 -30.93
N ILE G 124 31.09 -45.45 -31.36
CA ILE G 124 31.86 -46.57 -31.89
C ILE G 124 32.55 -46.14 -33.18
N ILE G 125 33.84 -46.42 -33.29
CA ILE G 125 34.60 -46.24 -34.52
C ILE G 125 35.19 -47.57 -34.93
N GLY G 126 35.09 -47.88 -36.21
CA GLY G 126 35.71 -49.07 -36.75
C GLY G 126 36.53 -48.75 -37.98
N ILE G 127 37.76 -49.23 -38.01
CA ILE G 127 38.69 -48.99 -39.10
C ILE G 127 39.41 -50.30 -39.36
N ILE G 128 39.89 -50.48 -40.58
CA ILE G 128 40.58 -51.70 -40.98
C ILE G 128 41.90 -51.33 -41.65
N ASP G 129 42.93 -52.09 -41.33
CA ASP G 129 44.26 -51.84 -41.85
C ASP G 129 44.27 -51.93 -43.38
N PRO G 130 45.11 -51.12 -44.04
CA PRO G 130 45.21 -51.25 -45.51
C PRO G 130 45.66 -52.62 -45.96
N GLU G 131 46.47 -53.31 -45.15
CA GLU G 131 46.94 -54.65 -45.47
C GLU G 131 46.00 -55.74 -44.96
N CYS G 132 44.80 -55.37 -44.47
CA CYS G 132 43.86 -56.33 -43.91
C CYS G 132 44.56 -57.25 -42.92
N ARG G 133 45.40 -56.65 -42.08
CA ARG G 133 46.07 -57.34 -40.99
C ARG G 133 45.25 -57.36 -39.71
N MET G 134 44.42 -56.34 -39.50
CA MET G 134 43.65 -56.25 -38.27
C MET G 134 42.46 -55.31 -38.43
N ILE G 135 41.51 -55.44 -37.51
CA ILE G 135 40.39 -54.52 -37.36
C ILE G 135 40.63 -53.73 -36.09
N GLY G 136 40.66 -52.40 -36.19
CA GLY G 136 40.74 -51.54 -35.03
C GLY G 136 39.37 -51.04 -34.61
N LEU G 137 39.10 -51.09 -33.32
CA LEU G 137 37.84 -50.62 -32.77
C LEU G 137 38.11 -49.64 -31.64
N ARG G 138 37.43 -48.49 -31.66
CA ARG G 138 37.45 -47.54 -30.56
C ARG G 138 36.06 -47.61 -29.92
N LEU G 139 35.94 -48.44 -28.88
CA LEU G 139 34.67 -48.63 -28.19
C LEU G 139 34.59 -47.86 -26.89
N TYR G 140 35.70 -47.76 -26.14
CA TYR G 140 35.69 -47.15 -24.82
C TYR G 140 36.82 -46.14 -24.73
N ASP G 141 36.60 -45.12 -23.90
CA ASP G 141 37.64 -44.14 -23.63
C ASP G 141 38.89 -44.84 -23.10
N GLY G 142 40.05 -44.41 -23.58
CA GLY G 142 41.30 -44.91 -23.06
C GLY G 142 41.70 -46.29 -23.53
N LEU G 143 40.92 -46.91 -24.41
CA LEU G 143 41.22 -48.25 -24.89
C LEU G 143 41.11 -48.35 -26.40
N PHE G 144 42.03 -49.10 -26.99
CA PHE G 144 42.02 -49.44 -28.41
C PHE G 144 41.98 -50.97 -28.51
N LYS G 145 40.97 -51.49 -29.19
CA LYS G 145 40.76 -52.93 -29.33
C LYS G 145 41.24 -53.38 -30.70
N VAL G 146 41.96 -54.50 -30.74
CA VAL G 146 42.48 -55.04 -31.99
C VAL G 146 41.93 -56.45 -32.18
N ILE G 147 41.24 -56.67 -33.29
CA ILE G 147 40.88 -58.01 -33.76
C ILE G 147 41.89 -58.37 -34.85
N PRO G 148 42.82 -59.28 -34.61
CA PRO G 148 43.75 -59.66 -35.69
C PRO G 148 43.05 -60.50 -36.74
N LEU G 149 43.34 -60.18 -38.01
CA LEU G 149 42.69 -60.85 -39.14
C LEU G 149 43.48 -62.10 -39.53
N ASP G 150 43.45 -63.09 -38.63
CA ASP G 150 43.98 -64.42 -38.91
C ASP G 150 42.87 -65.25 -39.54
N ARG G 151 43.26 -66.16 -40.44
CA ARG G 151 42.26 -66.98 -41.12
C ARG G 151 41.48 -67.84 -40.13
N ASP G 152 42.12 -68.24 -39.02
CA ASP G 152 41.49 -69.11 -38.04
C ASP G 152 40.68 -68.36 -37.00
N ASN G 153 40.74 -67.03 -36.97
CA ASN G 153 40.06 -66.25 -35.93
C ASN G 153 38.57 -66.11 -36.24
N LYS G 154 37.89 -67.25 -36.27
CA LYS G 154 36.46 -67.30 -36.58
C LYS G 154 35.59 -66.85 -35.41
N GLU G 155 36.13 -66.77 -34.20
CA GLU G 155 35.40 -66.23 -33.06
C GLU G 155 35.68 -64.75 -32.82
N LEU G 156 36.51 -64.12 -33.66
CA LEU G 156 36.85 -62.71 -33.53
C LEU G 156 37.36 -62.38 -32.13
N LYS G 157 38.28 -63.20 -31.64
CA LYS G 157 38.93 -62.90 -30.37
C LYS G 157 39.78 -61.65 -30.53
N ALA G 158 39.88 -60.86 -29.47
CA ALA G 158 40.55 -59.58 -29.57
C ALA G 158 41.21 -59.22 -28.25
N PHE G 159 42.15 -58.28 -28.33
CA PHE G 159 42.87 -57.78 -27.18
C PHE G 159 42.81 -56.26 -27.18
N ASN G 160 42.99 -55.66 -26.01
CA ASN G 160 42.98 -54.21 -25.87
C ASN G 160 44.41 -53.71 -25.66
N ILE G 161 44.67 -52.55 -26.24
CA ILE G 161 45.90 -51.80 -26.01
C ILE G 161 45.53 -50.54 -25.24
N ARG G 162 46.18 -50.34 -24.09
CA ARG G 162 45.94 -49.13 -23.33
C ARG G 162 46.23 -47.92 -24.22
N LEU G 163 45.35 -46.93 -24.14
CA LEU G 163 45.43 -45.73 -24.94
C LEU G 163 45.62 -44.58 -23.97
N GLU G 164 46.76 -43.89 -24.08
CA GLU G 164 47.06 -42.83 -23.13
C GLU G 164 46.04 -41.70 -23.25
N GLU G 165 45.69 -41.33 -24.48
CA GLU G 165 44.79 -40.21 -24.76
C GLU G 165 43.35 -40.65 -24.54
N LEU G 166 42.73 -40.17 -23.46
CA LEU G 166 41.43 -40.70 -23.08
C LEU G 166 40.32 -40.23 -24.01
N HIS G 167 40.36 -38.98 -24.44
CA HIS G 167 39.26 -38.39 -25.20
C HIS G 167 39.70 -38.29 -26.66
N VAL G 168 39.38 -39.33 -27.43
CA VAL G 168 39.74 -39.41 -28.84
C VAL G 168 38.54 -38.99 -29.69
N ILE G 169 38.80 -38.18 -30.70
CA ILE G 169 37.75 -37.67 -31.57
C ILE G 169 37.50 -38.58 -32.78
N ASP G 170 38.55 -38.88 -33.54
CA ASP G 170 38.40 -39.72 -34.73
C ASP G 170 39.75 -40.38 -35.01
N VAL G 171 39.70 -41.54 -35.67
CA VAL G 171 40.91 -42.30 -35.95
C VAL G 171 40.78 -43.01 -37.29
N LYS G 172 41.92 -43.15 -37.97
CA LYS G 172 42.04 -43.90 -39.21
C LYS G 172 43.39 -44.62 -39.21
N PHE G 173 43.46 -45.75 -39.90
CA PHE G 173 44.74 -46.35 -40.24
C PHE G 173 45.36 -45.54 -41.38
N LEU G 174 46.67 -45.40 -41.35
CA LEU G 174 47.33 -44.61 -42.37
C LEU G 174 47.82 -45.48 -43.52
N TYR G 175 47.99 -44.86 -44.69
CA TYR G 175 48.54 -45.51 -45.87
C TYR G 175 50.04 -45.22 -45.95
N GLY G 176 50.76 -46.13 -46.59
CA GLY G 176 52.15 -45.86 -46.93
C GLY G 176 53.14 -46.01 -45.81
N CYS G 177 52.85 -46.86 -44.83
CA CYS G 177 53.68 -46.99 -43.65
C CYS G 177 54.38 -48.34 -43.60
N GLN G 178 55.57 -48.31 -43.00
CA GLN G 178 56.40 -49.49 -42.88
C GLN G 178 55.74 -50.54 -41.98
N ALA G 179 54.94 -50.10 -41.03
CA ALA G 179 54.15 -50.94 -40.15
C ALA G 179 52.71 -50.43 -40.08
N PRO G 180 51.78 -51.27 -39.61
CA PRO G 180 50.40 -50.79 -39.38
C PRO G 180 50.39 -49.61 -38.41
N THR G 181 49.85 -48.48 -38.87
CA THR G 181 49.88 -47.22 -38.13
C THR G 181 48.51 -46.57 -38.06
N ILE G 182 48.16 -46.05 -36.86
CA ILE G 182 46.94 -45.28 -36.67
C ILE G 182 47.28 -43.81 -36.49
N CYS G 183 46.43 -42.94 -37.04
CA CYS G 183 46.49 -41.49 -36.85
C CYS G 183 45.17 -41.04 -36.23
N PHE G 184 45.23 -40.22 -35.19
CA PHE G 184 44.00 -39.82 -34.54
C PHE G 184 44.10 -38.40 -34.01
N VAL G 185 42.95 -37.73 -33.92
CA VAL G 185 42.82 -36.46 -33.23
C VAL G 185 42.19 -36.71 -31.88
N TYR G 186 42.76 -36.11 -30.84
CA TYR G 186 42.29 -36.29 -29.49
C TYR G 186 42.19 -34.92 -28.84
N GLN G 187 41.44 -34.86 -27.75
CA GLN G 187 41.25 -33.64 -27.01
C GLN G 187 41.65 -33.83 -25.56
N ASP G 188 42.42 -32.90 -25.04
CA ASP G 188 42.82 -32.83 -23.64
C ASP G 188 42.66 -31.37 -23.21
N PRO G 189 42.98 -31.01 -21.97
CA PRO G 189 42.76 -29.63 -21.53
C PRO G 189 43.54 -28.61 -22.34
N GLN G 190 44.61 -29.03 -23.02
CA GLN G 190 45.51 -28.14 -23.72
C GLN G 190 45.07 -27.83 -25.16
N GLY G 191 43.89 -28.29 -25.55
CA GLY G 191 43.42 -28.12 -26.93
C GLY G 191 43.25 -29.45 -27.62
N ARG G 192 43.22 -29.46 -28.94
CA ARG G 192 43.16 -30.70 -29.71
C ARG G 192 44.49 -30.92 -30.42
N HIS G 193 44.83 -32.20 -30.58
CA HIS G 193 46.10 -32.59 -31.14
C HIS G 193 45.90 -33.75 -32.11
N VAL G 194 46.89 -33.95 -32.97
CA VAL G 194 46.97 -35.12 -33.83
C VAL G 194 48.24 -35.88 -33.45
N LYS G 195 48.15 -37.21 -33.41
CA LYS G 195 49.23 -38.05 -32.92
C LYS G 195 49.19 -39.38 -33.65
N THR G 196 50.34 -40.05 -33.72
CA THR G 196 50.42 -41.35 -34.37
C THR G 196 51.03 -42.40 -33.45
N TYR G 197 50.58 -43.64 -33.65
CA TYR G 197 51.16 -44.81 -33.02
C TYR G 197 51.33 -45.91 -34.05
N GLU G 198 52.23 -46.85 -33.78
CA GLU G 198 52.33 -48.07 -34.54
C GLU G 198 51.76 -49.22 -33.71
N VAL G 199 51.09 -50.16 -34.38
CA VAL G 199 50.39 -51.25 -33.72
C VAL G 199 51.17 -52.54 -33.97
N SER G 200 51.61 -53.19 -32.89
CA SER G 200 52.35 -54.44 -32.98
C SER G 200 51.43 -55.58 -32.55
N LEU G 201 51.01 -56.40 -33.51
CA LEU G 201 50.20 -57.57 -33.17
C LEU G 201 51.00 -58.57 -32.34
N ARG G 202 52.31 -58.62 -32.55
CA ARG G 202 53.15 -59.57 -31.82
C ARG G 202 53.30 -59.17 -30.36
N GLU G 203 53.62 -57.89 -30.12
CA GLU G 203 53.82 -57.41 -28.76
C GLU G 203 52.50 -57.04 -28.08
N LYS G 204 51.45 -56.83 -28.87
CA LYS G 204 50.15 -56.41 -28.33
C LYS G 204 50.28 -55.08 -27.57
N GLU G 205 50.92 -54.11 -28.20
CA GLU G 205 51.02 -52.77 -27.62
C GLU G 205 51.36 -51.77 -28.72
N PHE G 206 51.25 -50.49 -28.37
CA PHE G 206 51.64 -49.41 -29.26
C PHE G 206 53.14 -49.15 -29.15
N ASN G 207 53.73 -48.75 -30.28
CA ASN G 207 55.09 -48.24 -30.32
C ASN G 207 55.04 -46.79 -30.79
N LYS G 208 56.11 -46.04 -30.55
CA LYS G 208 56.16 -44.65 -30.99
C LYS G 208 55.79 -44.58 -32.47
N GLY G 209 54.99 -43.58 -32.81
CA GLY G 209 54.43 -43.46 -34.14
C GLY G 209 55.39 -42.80 -35.11
N PRO G 210 55.09 -42.93 -36.41
CA PRO G 210 56.03 -42.44 -37.42
C PRO G 210 56.28 -40.94 -37.36
N TRP G 211 55.32 -40.12 -36.95
CA TRP G 211 55.61 -38.70 -36.86
C TRP G 211 55.00 -38.04 -35.63
N LYS G 212 55.58 -36.88 -35.31
CA LYS G 212 55.33 -36.15 -34.08
C LYS G 212 53.94 -35.54 -34.08
N GLN G 213 53.52 -35.13 -32.89
CA GLN G 213 52.25 -34.44 -32.71
C GLN G 213 52.26 -33.04 -33.31
N GLU G 214 51.07 -32.60 -33.74
CA GLU G 214 50.81 -31.22 -34.15
C GLU G 214 49.57 -30.74 -33.43
N ASN G 215 49.56 -29.47 -33.03
CA ASN G 215 48.34 -28.86 -32.51
C ASN G 215 47.37 -28.60 -33.66
N VAL G 216 46.09 -28.88 -33.43
CA VAL G 216 45.08 -28.76 -34.48
C VAL G 216 43.98 -27.83 -34.00
N GLU G 217 43.10 -27.47 -34.95
CA GLU G 217 41.96 -26.60 -34.66
C GLU G 217 41.21 -27.09 -33.43
N ALA G 218 40.67 -26.14 -32.68
CA ALA G 218 39.95 -26.49 -31.46
C ALA G 218 38.77 -27.41 -31.75
N GLU G 219 38.17 -27.29 -32.94
CA GLU G 219 37.04 -28.12 -33.33
C GLU G 219 37.38 -29.14 -34.41
N ALA G 220 38.63 -29.58 -34.45
CA ALA G 220 39.02 -30.63 -35.39
C ALA G 220 38.08 -31.83 -35.27
N SER G 221 37.43 -32.18 -36.38
CA SER G 221 36.33 -33.15 -36.37
C SER G 221 36.66 -34.48 -37.01
N MET G 222 37.36 -34.50 -38.15
CA MET G 222 37.49 -35.75 -38.91
C MET G 222 38.92 -35.97 -39.40
N VAL G 223 39.28 -37.24 -39.51
CA VAL G 223 40.58 -37.66 -40.03
C VAL G 223 40.34 -38.35 -41.37
N ILE G 224 41.01 -37.88 -42.41
CA ILE G 224 40.92 -38.47 -43.74
C ILE G 224 42.29 -39.07 -44.05
N ALA G 225 42.31 -40.36 -44.37
CA ALA G 225 43.55 -41.07 -44.68
C ALA G 225 43.88 -40.92 -46.16
N VAL G 226 44.95 -40.21 -46.47
CA VAL G 226 45.32 -39.94 -47.86
C VAL G 226 46.02 -41.17 -48.42
N PRO G 227 45.76 -41.55 -49.69
CA PRO G 227 46.30 -42.79 -50.23
C PRO G 227 47.80 -42.75 -50.49
N GLU G 228 48.34 -43.86 -50.96
CA GLU G 228 49.79 -44.00 -51.10
C GLU G 228 50.45 -42.89 -51.91
N PRO G 229 49.89 -42.41 -53.03
CA PRO G 229 50.63 -41.38 -53.80
C PRO G 229 51.03 -40.16 -52.98
N PHE G 230 50.16 -39.68 -52.09
CA PHE G 230 50.49 -38.59 -51.18
C PHE G 230 50.87 -39.11 -49.80
N GLY G 231 50.07 -40.00 -49.24
CA GLY G 231 50.28 -40.49 -47.90
C GLY G 231 49.82 -39.47 -46.87
N GLY G 232 49.98 -39.83 -45.61
CA GLY G 232 49.63 -38.93 -44.55
C GLY G 232 48.13 -38.85 -44.33
N ALA G 233 47.71 -37.71 -43.76
CA ALA G 233 46.31 -37.55 -43.42
C ALA G 233 45.88 -36.09 -43.58
N ILE G 234 44.58 -35.89 -43.80
CA ILE G 234 43.95 -34.57 -43.81
C ILE G 234 42.98 -34.49 -42.63
N ILE G 235 42.99 -33.36 -41.93
CA ILE G 235 42.15 -33.15 -40.76
C ILE G 235 41.20 -31.99 -41.02
N ILE G 236 39.91 -32.27 -40.93
CA ILE G 236 38.84 -31.33 -41.26
C ILE G 236 38.31 -30.72 -39.98
N GLY G 237 38.21 -29.39 -39.95
CA GLY G 237 37.66 -28.70 -38.80
C GLY G 237 36.44 -27.87 -39.16
N GLN G 238 36.18 -26.83 -38.36
CA GLN G 238 35.13 -25.86 -38.66
C GLN G 238 35.63 -24.74 -39.56
N GLU G 239 36.84 -24.26 -39.33
CA GLU G 239 37.39 -23.15 -40.07
C GLU G 239 38.53 -23.54 -41.01
N SER G 240 39.22 -24.64 -40.73
CA SER G 240 40.43 -24.95 -41.46
C SER G 240 40.50 -26.42 -41.84
N ILE G 241 41.23 -26.69 -42.92
CA ILE G 241 41.58 -28.03 -43.36
C ILE G 241 43.10 -28.10 -43.42
N THR G 242 43.69 -29.15 -42.84
CA THR G 242 45.13 -29.28 -42.76
C THR G 242 45.59 -30.64 -43.24
N TYR G 243 46.80 -30.67 -43.78
CA TYR G 243 47.47 -31.90 -44.22
C TYR G 243 48.71 -32.10 -43.37
N HIS G 244 48.89 -33.33 -42.88
CA HIS G 244 50.01 -33.68 -42.02
C HIS G 244 50.71 -34.92 -42.57
N ASN G 245 52.03 -34.88 -42.60
CA ASN G 245 52.81 -36.08 -42.94
C ASN G 245 54.29 -35.87 -42.62
N GLY G 246 54.72 -36.31 -41.45
CA GLY G 246 56.09 -36.13 -41.04
C GLY G 246 56.47 -34.68 -40.99
N ASP G 247 57.36 -34.25 -41.89
CA ASP G 247 57.79 -32.86 -41.91
C ASP G 247 56.84 -31.96 -42.71
N LYS G 248 55.98 -32.54 -43.54
CA LYS G 248 55.10 -31.76 -44.39
C LYS G 248 53.84 -31.34 -43.66
N TYR G 249 53.46 -30.07 -43.80
CA TYR G 249 52.26 -29.50 -43.21
C TYR G 249 51.69 -28.49 -44.18
N LEU G 250 50.39 -28.60 -44.47
CA LEU G 250 49.66 -27.62 -45.25
C LEU G 250 48.46 -27.20 -44.43
N ALA G 251 48.02 -25.96 -44.65
CA ALA G 251 46.80 -25.48 -43.98
C ALA G 251 46.13 -24.45 -44.86
N ILE G 252 44.89 -24.73 -45.27
CA ILE G 252 44.04 -23.79 -45.98
C ILE G 252 42.81 -23.57 -45.13
N ALA G 253 42.40 -22.30 -45.01
CA ALA G 253 41.28 -21.91 -44.17
C ALA G 253 40.35 -20.99 -44.96
N PRO G 254 39.64 -21.55 -45.94
CA PRO G 254 38.75 -20.72 -46.77
C PRO G 254 37.53 -20.27 -45.98
N PRO G 255 37.12 -19.01 -46.14
CA PRO G 255 36.03 -18.48 -45.30
C PRO G 255 34.70 -19.18 -45.52
N ILE G 256 34.55 -19.91 -46.63
CA ILE G 256 33.24 -20.44 -47.01
C ILE G 256 32.86 -21.63 -46.14
N ILE G 257 33.82 -22.45 -45.73
CA ILE G 257 33.46 -23.63 -44.95
C ILE G 257 33.05 -23.24 -43.54
N LYS G 258 33.53 -22.10 -43.05
CA LYS G 258 33.18 -21.61 -41.73
C LYS G 258 31.68 -21.37 -41.59
N GLN G 259 30.96 -21.17 -42.70
CA GLN G 259 29.54 -20.86 -42.61
C GLN G 259 28.75 -22.03 -42.05
N SER G 260 29.12 -23.26 -42.39
CA SER G 260 28.42 -24.46 -41.96
C SER G 260 29.41 -25.59 -41.71
N THR G 261 29.17 -26.33 -40.62
CA THR G 261 30.05 -27.42 -40.24
C THR G 261 30.08 -28.51 -41.32
N ILE G 262 31.28 -28.99 -41.62
CA ILE G 262 31.46 -30.10 -42.55
C ILE G 262 31.30 -31.39 -41.75
N VAL G 263 30.45 -32.29 -42.23
CA VAL G 263 30.12 -33.48 -41.46
C VAL G 263 30.55 -34.77 -42.13
N CYS G 264 30.74 -34.81 -43.44
CA CYS G 264 31.05 -36.06 -44.13
C CYS G 264 32.09 -35.84 -45.22
N HIS G 265 32.90 -36.89 -45.46
CA HIS G 265 33.94 -36.87 -46.47
C HIS G 265 33.95 -38.20 -47.21
N ASN G 266 34.39 -38.17 -48.46
CA ASN G 266 34.53 -39.37 -49.28
C ASN G 266 35.64 -39.14 -50.29
N ARG G 267 36.19 -40.25 -50.79
CA ARG G 267 37.33 -40.22 -51.70
C ARG G 267 36.84 -40.45 -53.13
N VAL G 268 37.14 -39.50 -54.01
CA VAL G 268 36.74 -39.62 -55.41
C VAL G 268 37.82 -40.34 -56.22
N ASP G 269 39.07 -39.89 -56.14
CA ASP G 269 40.13 -40.44 -56.96
C ASP G 269 40.97 -41.40 -56.13
N PRO G 270 41.06 -42.68 -56.51
CA PRO G 270 41.91 -43.61 -55.75
C PRO G 270 43.32 -43.09 -55.51
N ASN G 271 43.83 -42.22 -56.38
CA ASN G 271 45.17 -41.67 -56.16
C ASN G 271 45.14 -40.64 -55.05
N GLY G 272 43.96 -40.24 -54.59
CA GLY G 272 43.80 -39.33 -53.48
C GLY G 272 43.76 -37.87 -53.85
N SER G 273 43.77 -37.54 -55.15
CA SER G 273 43.82 -36.15 -55.56
C SER G 273 42.54 -35.40 -55.20
N ARG G 274 41.40 -36.05 -55.28
CA ARG G 274 40.11 -35.38 -55.10
C ARG G 274 39.31 -36.05 -54.00
N TYR G 275 38.74 -35.24 -53.11
CA TYR G 275 37.90 -35.68 -52.01
C TYR G 275 36.62 -34.85 -52.04
N LEU G 276 35.53 -35.42 -51.53
CA LEU G 276 34.22 -34.79 -51.50
C LEU G 276 33.87 -34.42 -50.06
N LEU G 277 33.22 -33.28 -49.87
CA LEU G 277 32.85 -32.82 -48.54
C LEU G 277 31.38 -32.36 -48.50
N GLY G 278 30.72 -32.66 -47.40
CA GLY G 278 29.34 -32.19 -47.20
C GLY G 278 29.19 -31.48 -45.88
N ASP G 279 28.18 -30.60 -45.83
CA ASP G 279 27.97 -29.79 -44.63
C ASP G 279 26.50 -29.80 -44.20
N MET G 280 26.27 -29.26 -42.99
CA MET G 280 24.93 -29.29 -42.40
C MET G 280 23.91 -28.45 -43.17
N GLU G 281 24.35 -27.44 -43.92
CA GLU G 281 23.44 -26.66 -44.75
C GLU G 281 23.13 -27.31 -46.10
N GLY G 282 23.67 -28.50 -46.36
CA GLY G 282 23.43 -29.23 -47.58
C GLY G 282 24.38 -28.95 -48.73
N ARG G 283 25.40 -28.13 -48.51
CA ARG G 283 26.37 -27.78 -49.54
C ARG G 283 27.37 -28.90 -49.80
N LEU G 284 27.68 -29.13 -51.06
CA LEU G 284 28.67 -30.13 -51.46
C LEU G 284 29.92 -29.43 -52.01
N PHE G 285 31.07 -29.79 -51.47
CA PHE G 285 32.36 -29.23 -51.86
C PHE G 285 33.25 -30.31 -52.44
N MET G 286 34.22 -29.90 -53.26
CA MET G 286 35.30 -30.76 -53.72
C MET G 286 36.60 -30.30 -53.07
N LEU G 287 37.29 -31.23 -52.40
CA LEU G 287 38.60 -30.97 -51.84
C LEU G 287 39.66 -31.48 -52.82
N LEU G 288 40.55 -30.58 -53.24
CA LEU G 288 41.57 -30.87 -54.25
C LEU G 288 42.96 -30.81 -53.64
N LEU G 289 43.76 -31.82 -53.93
CA LEU G 289 45.16 -31.88 -53.54
C LEU G 289 46.00 -31.52 -54.76
N GLU G 290 46.72 -30.40 -54.69
CA GLU G 290 47.43 -29.91 -55.86
C GLU G 290 48.72 -30.70 -56.07
N LYS G 291 48.84 -31.31 -57.23
CA LYS G 291 50.00 -32.11 -57.57
C LYS G 291 51.03 -31.23 -58.24
N GLU G 292 52.30 -31.51 -57.98
CA GLU G 292 53.42 -30.82 -58.62
C GLU G 292 54.31 -31.96 -59.09
N GLU G 293 54.44 -32.10 -60.41
CA GLU G 293 55.21 -33.18 -61.00
C GLU G 293 56.68 -32.83 -60.94
N GLN G 294 57.47 -33.72 -60.36
CA GLN G 294 58.91 -33.58 -60.25
C GLN G 294 59.59 -34.30 -61.41
N MET G 295 60.85 -33.92 -61.65
CA MET G 295 61.62 -34.59 -62.68
C MET G 295 61.78 -36.06 -62.39
N ASP G 296 61.76 -36.43 -61.12
CA ASP G 296 61.80 -37.84 -60.78
C ASP G 296 60.57 -38.55 -61.29
N GLY G 297 59.46 -37.84 -61.35
CA GLY G 297 58.16 -38.43 -61.50
C GLY G 297 57.38 -38.63 -60.22
N THR G 298 57.97 -38.37 -59.06
CA THR G 298 57.25 -38.48 -57.80
C THR G 298 56.49 -37.18 -57.54
N VAL G 299 55.20 -37.18 -57.86
CA VAL G 299 54.33 -36.04 -57.61
C VAL G 299 54.45 -35.64 -56.14
N THR G 300 54.56 -34.35 -55.88
CA THR G 300 54.57 -33.80 -54.53
C THR G 300 53.32 -32.97 -54.29
N LEU G 301 53.01 -32.74 -53.01
CA LEU G 301 51.81 -32.01 -52.63
C LEU G 301 52.17 -30.55 -52.39
N LYS G 302 51.64 -29.68 -53.25
CA LYS G 302 51.92 -28.25 -53.23
C LYS G 302 50.95 -27.48 -52.36
N ASP G 303 49.66 -27.69 -52.55
CA ASP G 303 48.64 -26.92 -51.84
C ASP G 303 47.32 -27.67 -51.89
N LEU G 304 46.36 -27.18 -51.10
CA LEU G 304 45.01 -27.71 -51.05
C LEU G 304 44.02 -26.65 -51.52
N ARG G 305 42.92 -27.12 -52.11
CA ARG G 305 41.88 -26.21 -52.60
C ARG G 305 40.51 -26.77 -52.28
N VAL G 306 39.57 -25.87 -51.99
CA VAL G 306 38.19 -26.22 -51.72
C VAL G 306 37.28 -25.49 -52.70
N GLU G 307 36.36 -26.22 -53.31
CA GLU G 307 35.43 -25.64 -54.28
C GLU G 307 34.01 -26.08 -53.99
N LEU G 308 33.09 -25.12 -54.02
CA LEU G 308 31.68 -25.41 -53.84
C LEU G 308 31.10 -25.94 -55.14
N LEU G 309 30.47 -27.10 -55.06
CA LEU G 309 29.84 -27.68 -56.24
C LEU G 309 28.36 -27.31 -56.33
N GLY G 310 27.66 -27.35 -55.22
CA GLY G 310 26.23 -27.09 -55.20
C GLY G 310 25.62 -27.57 -53.90
N GLU G 311 24.34 -27.95 -54.00
CA GLU G 311 23.56 -28.42 -52.87
C GLU G 311 23.04 -29.84 -53.11
N THR G 312 23.07 -30.66 -52.06
CA THR G 312 22.43 -31.97 -52.02
C THR G 312 21.50 -31.96 -50.82
N SER G 313 20.81 -33.08 -50.56
CA SER G 313 20.13 -33.20 -49.28
C SER G 313 21.17 -33.21 -48.17
N ILE G 314 20.80 -32.72 -46.98
CA ILE G 314 21.74 -32.80 -45.88
C ILE G 314 22.16 -34.26 -45.75
N ALA G 315 23.47 -34.51 -45.84
CA ALA G 315 23.97 -35.86 -46.09
C ALA G 315 24.71 -36.38 -44.87
N GLU G 316 24.29 -37.54 -44.39
CA GLU G 316 25.08 -38.25 -43.39
C GLU G 316 26.32 -38.88 -44.02
N CYS G 317 26.18 -39.47 -45.21
CA CYS G 317 27.30 -40.11 -45.89
C CYS G 317 27.26 -39.75 -47.37
N LEU G 318 28.45 -39.53 -47.93
CA LEU G 318 28.64 -39.42 -49.37
C LEU G 318 29.43 -40.65 -49.83
N THR G 319 29.14 -41.11 -51.05
CA THR G 319 30.02 -42.09 -51.68
C THR G 319 29.97 -41.88 -53.18
N TYR G 320 31.13 -41.66 -53.78
CA TYR G 320 31.24 -41.50 -55.21
C TYR G 320 31.19 -42.84 -55.94
N LEU G 321 30.37 -42.90 -56.99
CA LEU G 321 30.26 -44.03 -57.89
C LEU G 321 30.95 -43.66 -59.20
N ASP G 322 31.17 -44.64 -60.06
CA ASP G 322 31.82 -44.34 -61.33
C ASP G 322 30.97 -43.43 -62.23
N ASN G 323 31.67 -42.76 -63.15
CA ASN G 323 31.08 -41.90 -64.18
C ASN G 323 30.34 -40.68 -63.61
N GLY G 324 30.94 -40.05 -62.61
CA GLY G 324 30.43 -38.79 -62.13
C GLY G 324 29.16 -38.86 -61.29
N VAL G 325 28.75 -40.03 -60.86
CA VAL G 325 27.52 -40.22 -60.11
C VAL G 325 27.87 -40.34 -58.63
N VAL G 326 27.14 -39.63 -57.77
CA VAL G 326 27.35 -39.65 -56.33
C VAL G 326 26.07 -40.06 -55.65
N PHE G 327 26.17 -40.99 -54.69
CA PHE G 327 25.04 -41.33 -53.85
C PHE G 327 25.11 -40.50 -52.57
N VAL G 328 24.00 -39.83 -52.26
CA VAL G 328 23.86 -38.98 -51.08
C VAL G 328 22.91 -39.65 -50.11
N GLY G 329 23.47 -40.12 -48.97
CA GLY G 329 22.69 -40.75 -47.94
C GLY G 329 22.32 -39.77 -46.84
N SER G 330 21.02 -39.55 -46.66
CA SER G 330 20.53 -38.56 -45.72
C SER G 330 19.71 -39.22 -44.62
N ARG G 331 19.99 -38.83 -43.37
CA ARG G 331 19.19 -39.23 -42.22
C ARG G 331 18.12 -38.20 -41.94
N LEU G 332 18.38 -36.95 -42.33
CA LEU G 332 17.44 -35.87 -42.08
C LEU G 332 16.53 -35.58 -43.26
N GLY G 333 16.88 -36.03 -44.45
CA GLY G 333 16.07 -35.77 -45.62
C GLY G 333 16.08 -36.90 -46.62
N ASP G 334 15.47 -36.68 -47.78
CA ASP G 334 15.46 -37.72 -48.80
C ASP G 334 16.86 -37.98 -49.33
N SER G 335 17.21 -39.25 -49.49
CA SER G 335 18.49 -39.62 -50.06
C SER G 335 18.40 -39.57 -51.58
N GLN G 336 19.56 -39.54 -52.24
CA GLN G 336 19.53 -39.28 -53.68
C GLN G 336 20.80 -39.76 -54.36
N LEU G 337 20.66 -39.96 -55.68
CA LEU G 337 21.77 -39.98 -56.62
C LEU G 337 21.85 -38.64 -57.34
N VAL G 338 23.06 -38.11 -57.47
CA VAL G 338 23.25 -36.84 -58.16
C VAL G 338 24.32 -37.00 -59.23
N LYS G 339 24.21 -36.17 -60.27
CA LYS G 339 25.18 -36.13 -61.35
C LYS G 339 26.12 -34.97 -61.07
N LEU G 340 27.41 -35.27 -60.98
CA LEU G 340 28.40 -34.21 -60.87
C LEU G 340 28.86 -33.86 -62.28
N ASN G 341 28.64 -32.62 -62.67
CA ASN G 341 28.97 -32.18 -64.00
C ASN G 341 30.22 -31.31 -63.98
N VAL G 342 30.96 -31.37 -65.09
CA VAL G 342 32.04 -30.44 -65.32
C VAL G 342 31.46 -29.06 -65.61
N ASP G 343 30.28 -29.01 -66.21
CA ASP G 343 29.61 -27.77 -66.56
C ASP G 343 28.68 -27.29 -65.45
N SER G 344 28.74 -25.99 -65.19
CA SER G 344 27.81 -25.34 -64.28
C SER G 344 26.48 -25.10 -64.98
N ASN G 345 25.40 -25.13 -64.19
CA ASN G 345 24.07 -24.89 -64.76
C ASN G 345 23.71 -23.41 -64.72
N GLU G 346 22.44 -23.10 -65.03
CA GLU G 346 22.00 -21.72 -65.17
C GLU G 346 22.08 -20.95 -63.87
N GLN G 347 22.15 -21.65 -62.74
CA GLN G 347 22.30 -21.03 -61.43
C GLN G 347 23.74 -21.03 -60.92
N GLY G 348 24.67 -21.61 -61.67
CA GLY G 348 26.04 -21.75 -61.24
C GLY G 348 26.39 -23.05 -60.57
N SER G 349 25.46 -24.00 -60.51
CA SER G 349 25.68 -25.25 -59.80
C SER G 349 26.18 -26.34 -60.75
N TYR G 350 27.06 -27.19 -60.24
CA TYR G 350 27.55 -28.34 -60.96
C TYR G 350 26.82 -29.64 -60.57
N VAL G 351 25.79 -29.55 -59.73
CA VAL G 351 25.12 -30.71 -59.17
C VAL G 351 23.70 -30.77 -59.71
N VAL G 352 23.32 -31.94 -60.22
CA VAL G 352 22.00 -32.18 -60.78
C VAL G 352 21.44 -33.50 -60.22
N ALA G 353 20.23 -33.45 -59.69
CA ALA G 353 19.61 -34.65 -59.15
C ALA G 353 19.23 -35.61 -60.26
N MET G 354 19.53 -36.90 -60.05
CA MET G 354 19.09 -37.97 -60.93
C MET G 354 17.85 -38.65 -60.36
N GLU G 355 17.98 -39.23 -59.17
CA GLU G 355 16.93 -39.97 -58.50
C GLU G 355 16.75 -39.46 -57.08
N THR G 356 15.55 -39.65 -56.55
CA THR G 356 15.21 -39.26 -55.18
C THR G 356 14.62 -40.46 -54.49
N PHE G 357 15.19 -40.84 -53.34
CA PHE G 357 14.74 -41.98 -52.58
C PHE G 357 13.99 -41.46 -51.37
N THR G 358 12.71 -41.79 -51.27
CA THR G 358 11.92 -41.28 -50.18
C THR G 358 12.56 -41.69 -48.86
N ASN G 359 12.80 -40.72 -48.00
CA ASN G 359 13.24 -40.93 -46.64
C ASN G 359 12.18 -40.27 -45.78
N LEU G 360 11.45 -41.08 -45.01
CA LEU G 360 10.47 -40.47 -44.11
C LEU G 360 11.12 -39.58 -43.05
N GLY G 361 12.45 -39.55 -43.01
CA GLY G 361 13.19 -38.64 -42.18
C GLY G 361 12.83 -38.80 -40.73
N PRO G 362 13.34 -37.91 -39.89
CA PRO G 362 12.88 -37.88 -38.49
C PRO G 362 11.38 -37.57 -38.47
N ILE G 363 10.62 -38.44 -37.84
CA ILE G 363 9.17 -38.27 -37.72
C ILE G 363 8.94 -37.58 -36.39
N VAL G 364 8.89 -36.25 -36.42
CA VAL G 364 8.76 -35.49 -35.18
C VAL G 364 7.37 -35.71 -34.58
N ASP G 365 6.35 -35.69 -35.43
CA ASP G 365 4.96 -35.88 -35.00
C ASP G 365 4.18 -36.52 -36.14
N MET G 366 2.98 -37.00 -35.82
CA MET G 366 2.10 -37.54 -36.85
C MET G 366 0.68 -37.65 -36.30
N CYS G 367 -0.30 -37.60 -37.21
CA CYS G 367 -1.71 -37.74 -36.88
C CYS G 367 -2.38 -38.57 -37.97
N VAL G 368 -3.43 -39.29 -37.58
CA VAL G 368 -4.22 -40.10 -38.51
C VAL G 368 -5.55 -39.41 -38.79
N VAL G 369 -5.86 -39.24 -40.08
CA VAL G 369 -7.09 -38.60 -40.55
C VAL G 369 -7.56 -39.33 -41.79
N ASP G 370 -8.84 -39.70 -41.83
CA ASP G 370 -9.45 -40.33 -43.00
C ASP G 370 -10.12 -39.24 -43.85
N LEU G 371 -9.33 -38.64 -44.73
CA LEU G 371 -9.84 -37.58 -45.60
C LEU G 371 -10.94 -38.10 -46.52
N GLU G 372 -10.74 -39.30 -47.05
CA GLU G 372 -11.70 -39.90 -47.97
C GLU G 372 -12.99 -40.28 -47.26
N ARG G 373 -12.91 -40.58 -45.95
CA ARG G 373 -14.04 -41.07 -45.18
C ARG G 373 -14.32 -42.52 -45.53
N GLN G 374 -13.34 -43.18 -46.12
CA GLN G 374 -13.37 -44.58 -46.51
C GLN G 374 -13.22 -45.55 -45.35
N GLY G 375 -13.19 -45.10 -44.10
CA GLY G 375 -13.00 -46.08 -43.07
C GLY G 375 -11.59 -46.62 -42.98
N GLN G 376 -10.66 -46.01 -43.73
CA GLN G 376 -9.29 -46.48 -43.81
C GLN G 376 -8.34 -45.67 -42.91
N GLY G 377 -8.20 -44.38 -43.20
CA GLY G 377 -7.29 -43.55 -42.44
C GLY G 377 -5.97 -43.35 -43.16
N GLN G 378 -5.53 -42.10 -43.26
CA GLN G 378 -4.25 -41.74 -43.87
C GLN G 378 -3.35 -41.19 -42.77
N LEU G 379 -2.05 -41.39 -42.89
CA LEU G 379 -1.09 -40.94 -41.88
C LEU G 379 -0.34 -39.72 -42.40
N VAL G 380 -0.49 -38.59 -41.69
CA VAL G 380 0.19 -37.34 -42.01
C VAL G 380 1.29 -37.10 -40.98
N THR G 381 2.53 -37.00 -41.45
CA THR G 381 3.69 -36.92 -40.58
C THR G 381 4.43 -35.59 -40.75
N CYS G 382 4.98 -35.09 -39.65
CA CYS G 382 5.97 -34.01 -39.69
C CYS G 382 7.36 -34.64 -39.86
N SER G 383 7.94 -34.52 -41.06
CA SER G 383 9.16 -35.27 -41.36
C SER G 383 10.26 -34.35 -41.86
N GLY G 384 11.49 -34.72 -41.51
CA GLY G 384 12.65 -33.96 -41.92
C GLY G 384 12.91 -32.79 -40.99
N ALA G 385 14.02 -32.12 -41.26
CA ALA G 385 14.42 -30.94 -40.51
C ALA G 385 15.08 -29.95 -41.45
N PHE G 386 14.98 -28.67 -41.09
CA PHE G 386 15.64 -27.56 -41.78
C PHE G 386 15.18 -27.55 -43.24
N LYS G 387 16.08 -27.47 -44.22
CA LYS G 387 15.69 -27.39 -45.63
C LYS G 387 14.89 -28.61 -46.07
N GLU G 388 15.17 -29.77 -45.48
CA GLU G 388 14.53 -31.02 -45.86
C GLU G 388 13.20 -31.26 -45.15
N GLY G 389 12.77 -30.32 -44.31
CA GLY G 389 11.51 -30.49 -43.59
C GLY G 389 10.33 -30.62 -44.54
N SER G 390 9.45 -31.58 -44.24
CA SER G 390 8.36 -31.91 -45.13
C SER G 390 7.19 -32.50 -44.35
N LEU G 391 6.01 -32.46 -44.98
CA LEU G 391 4.82 -33.19 -44.55
C LEU G 391 4.63 -34.40 -45.46
N ARG G 392 4.40 -35.58 -44.87
CA ARG G 392 4.29 -36.81 -45.63
C ARG G 392 2.93 -37.46 -45.42
N ILE G 393 2.21 -37.66 -46.51
CA ILE G 393 0.88 -38.28 -46.49
C ILE G 393 1.04 -39.74 -46.89
N ILE G 394 0.65 -40.66 -46.01
CA ILE G 394 0.91 -42.10 -46.20
C ILE G 394 -0.40 -42.88 -46.12
N ARG G 395 -0.64 -43.72 -47.15
CA ARG G 395 -1.81 -44.58 -47.23
C ARG G 395 -1.47 -45.96 -47.78
N ASN G 396 -2.35 -46.92 -47.50
CA ASN G 396 -2.19 -48.27 -48.04
C ASN G 396 -2.79 -48.38 -49.44
N GLY G 397 -2.06 -49.02 -50.34
CA GLY G 397 -2.54 -49.18 -51.70
C GLY G 397 -3.44 -50.40 -51.76
N ILE G 398 -4.62 -50.23 -52.34
CA ILE G 398 -5.66 -51.24 -52.29
C ILE G 398 -6.18 -51.52 -53.70
N LYS G 409 2.31 -52.32 -50.97
CA LYS G 409 3.15 -51.18 -50.68
C LYS G 409 2.35 -49.93 -50.31
N LEU G 410 3.06 -48.94 -49.79
CA LEU G 410 2.49 -47.67 -49.35
C LEU G 410 2.65 -46.57 -50.39
N HIS G 411 1.59 -45.78 -50.56
CA HIS G 411 1.63 -44.58 -51.36
C HIS G 411 1.97 -43.39 -50.47
N ILE G 412 3.00 -42.64 -50.83
CA ILE G 412 3.50 -41.54 -50.01
C ILE G 412 3.51 -40.28 -50.86
N ARG G 413 2.80 -39.24 -50.38
CA ARG G 413 2.84 -37.92 -50.99
C ARG G 413 3.71 -37.03 -50.12
N THR G 414 4.55 -36.22 -50.77
CA THR G 414 5.53 -35.39 -50.08
C THR G 414 5.16 -33.93 -50.25
N VAL G 415 5.04 -33.22 -49.13
CA VAL G 415 4.75 -31.79 -49.12
C VAL G 415 5.95 -31.07 -48.52
N PRO G 416 6.79 -30.45 -49.35
CA PRO G 416 7.99 -29.78 -48.82
C PRO G 416 7.67 -28.48 -48.09
N LEU G 417 8.36 -28.27 -46.97
CA LEU G 417 8.23 -27.06 -46.18
C LEU G 417 9.46 -26.19 -46.18
N TYR G 418 10.64 -26.75 -46.40
CA TYR G 418 11.90 -26.02 -46.42
C TYR G 418 12.21 -25.39 -45.05
N GLU G 419 11.48 -25.82 -44.02
CA GLU G 419 11.73 -25.47 -42.64
C GLU G 419 11.33 -26.67 -41.81
N SER G 420 11.80 -26.69 -40.57
CA SER G 420 11.59 -27.87 -39.74
C SER G 420 10.13 -27.97 -39.30
N PRO G 421 9.47 -29.12 -39.53
CA PRO G 421 8.13 -29.33 -38.96
C PRO G 421 8.26 -29.89 -37.57
N ARG G 422 7.39 -29.43 -36.67
CA ARG G 422 7.49 -29.83 -35.26
C ARG G 422 6.27 -30.58 -34.76
N LYS G 423 5.08 -30.02 -34.91
CA LYS G 423 3.87 -30.67 -34.43
C LYS G 423 2.79 -30.48 -35.48
N ILE G 424 1.85 -31.43 -35.53
CA ILE G 424 0.75 -31.38 -36.49
C ILE G 424 -0.55 -31.75 -35.80
N CYS G 425 -1.64 -31.12 -36.23
CA CYS G 425 -2.96 -31.38 -35.68
C CYS G 425 -3.97 -31.09 -36.78
N TYR G 426 -4.98 -31.94 -36.88
CA TYR G 426 -6.01 -31.84 -37.90
C TYR G 426 -7.28 -31.25 -37.32
N GLN G 427 -7.86 -30.28 -38.02
CA GLN G 427 -9.09 -29.60 -37.62
C GLN G 427 -10.11 -29.76 -38.75
N GLU G 428 -11.03 -30.71 -38.58
CA GLU G 428 -12.01 -30.97 -39.63
C GLU G 428 -12.85 -29.75 -39.90
N VAL G 429 -13.23 -29.02 -38.85
CA VAL G 429 -14.11 -27.87 -39.01
C VAL G 429 -13.58 -26.91 -40.07
N SER G 430 -12.26 -26.75 -40.14
CA SER G 430 -11.65 -25.82 -41.07
C SER G 430 -11.04 -26.51 -42.29
N GLN G 431 -11.23 -27.81 -42.44
CA GLN G 431 -10.69 -28.57 -43.58
C GLN G 431 -9.24 -28.18 -43.81
N CYS G 432 -8.50 -28.12 -42.71
CA CYS G 432 -7.11 -27.69 -42.74
C CYS G 432 -6.36 -28.45 -41.67
N PHE G 433 -5.04 -28.48 -41.81
CA PHE G 433 -4.15 -29.03 -40.80
C PHE G 433 -3.45 -27.87 -40.11
N GLY G 434 -3.15 -28.03 -38.83
CA GLY G 434 -2.29 -27.11 -38.12
C GLY G 434 -0.94 -27.74 -37.91
N VAL G 435 0.11 -27.02 -38.30
CA VAL G 435 1.48 -27.49 -38.20
C VAL G 435 2.32 -26.39 -37.56
N LEU G 436 3.04 -26.77 -36.51
CA LEU G 436 4.03 -25.90 -35.88
C LEU G 436 5.39 -26.11 -36.56
N SER G 437 6.09 -25.00 -36.82
CA SER G 437 7.33 -25.06 -37.59
C SER G 437 8.38 -24.14 -36.98
N SER G 438 9.63 -24.39 -37.35
CA SER G 438 10.73 -23.53 -36.95
C SER G 438 11.67 -23.34 -38.14
N ARG G 439 12.06 -22.10 -38.40
CA ARG G 439 13.05 -21.78 -39.41
C ARG G 439 14.26 -21.15 -38.73
N ILE G 440 15.43 -21.31 -39.35
CA ILE G 440 16.67 -20.75 -38.81
C ILE G 440 17.02 -19.49 -39.59
N GLU G 441 17.15 -18.38 -38.87
CA GLU G 441 17.69 -17.14 -39.36
C GLU G 441 18.99 -16.83 -38.63
N VAL G 442 19.76 -15.89 -39.17
CA VAL G 442 21.07 -15.56 -38.62
C VAL G 442 21.14 -14.07 -38.34
N GLN G 443 21.76 -13.73 -37.20
CA GLN G 443 21.95 -12.34 -36.81
C GLN G 443 22.77 -11.64 -37.88
N ASP G 444 22.25 -10.52 -38.40
CA ASP G 444 22.92 -9.82 -39.48
C ASP G 444 23.34 -8.42 -39.04
N THR G 445 24.03 -7.74 -39.96
CA THR G 445 24.65 -6.45 -39.68
C THR G 445 23.65 -5.34 -39.42
N SER G 446 22.39 -5.54 -39.77
CA SER G 446 21.37 -4.54 -39.47
C SER G 446 20.96 -4.52 -38.00
N GLY G 447 21.35 -5.52 -37.23
CA GLY G 447 20.82 -5.73 -35.91
C GLY G 447 19.66 -6.70 -35.88
N GLY G 448 18.98 -6.89 -37.01
CA GLY G 448 17.96 -7.89 -37.13
C GLY G 448 18.54 -9.24 -37.53
N THR G 449 17.71 -10.06 -38.17
CA THR G 449 18.11 -11.37 -38.63
C THR G 449 17.66 -11.57 -40.07
N THR G 450 18.31 -12.51 -40.73
CA THR G 450 18.06 -12.79 -42.13
C THR G 450 17.88 -14.29 -42.33
N ALA G 451 16.82 -14.66 -43.04
CA ALA G 451 16.54 -16.06 -43.33
C ALA G 451 17.45 -16.53 -44.46
N LEU G 452 17.97 -17.74 -44.31
CA LEU G 452 18.92 -18.27 -45.28
C LEU G 452 18.25 -18.61 -46.61
N ARG G 453 16.98 -19.02 -46.56
CA ARG G 453 16.21 -19.41 -47.73
C ARG G 453 14.75 -19.17 -47.42
N PRO G 454 13.91 -18.92 -48.43
CA PRO G 454 12.47 -18.82 -48.16
C PRO G 454 11.90 -20.17 -47.77
N SER G 455 10.83 -20.15 -46.98
CA SER G 455 10.21 -21.40 -46.52
C SER G 455 8.76 -21.12 -46.16
N ALA G 456 8.08 -22.17 -45.69
CA ALA G 456 6.63 -22.13 -45.54
C ALA G 456 6.16 -20.89 -44.79
N SER G 457 6.87 -20.49 -43.74
CA SER G 457 6.40 -19.35 -42.95
C SER G 457 6.54 -18.04 -43.71
N THR G 458 7.44 -17.96 -44.68
CA THR G 458 7.64 -16.77 -45.46
C THR G 458 6.81 -16.76 -46.74
N GLN G 459 6.27 -17.92 -47.14
CA GLN G 459 5.54 -18.05 -48.40
C GLN G 459 4.06 -18.37 -48.21
N ALA G 460 3.50 -18.07 -47.05
CA ALA G 460 2.07 -18.26 -46.83
C ALA G 460 1.28 -17.25 -47.66
N LEU G 461 0.03 -17.61 -47.99
CA LEU G 461 -0.81 -16.67 -48.72
C LEU G 461 -0.99 -15.39 -47.91
N SER G 462 -1.50 -15.52 -46.69
CA SER G 462 -1.57 -14.43 -45.71
C SER G 462 -0.73 -14.82 -44.50
N SER G 463 -0.26 -13.80 -43.76
CA SER G 463 0.63 -14.04 -42.63
C SER G 463 0.31 -13.08 -41.49
N SER G 464 0.81 -13.41 -40.30
CA SER G 464 0.59 -12.57 -39.13
C SER G 464 1.74 -12.77 -38.14
N VAL G 465 1.97 -11.76 -37.31
CA VAL G 465 3.01 -11.78 -36.28
C VAL G 465 2.38 -11.37 -34.96
N SER G 466 2.69 -12.12 -33.89
CA SER G 466 2.16 -11.79 -32.58
C SER G 466 2.70 -10.44 -32.11
N SER G 467 1.81 -9.59 -31.60
CA SER G 467 2.20 -8.31 -31.04
C SER G 467 2.01 -8.27 -29.52
N SER G 468 1.81 -9.44 -28.91
CA SER G 468 1.52 -9.49 -27.48
C SER G 468 2.68 -8.91 -26.68
N LYS G 469 2.32 -8.17 -25.63
CA LYS G 469 3.28 -7.61 -24.69
C LYS G 469 3.19 -8.29 -23.32
N LEU G 470 2.72 -9.53 -23.28
CA LEU G 470 2.61 -10.25 -22.02
C LEU G 470 3.93 -10.23 -21.26
N PHE G 471 5.04 -10.53 -21.93
CA PHE G 471 6.34 -10.44 -21.30
C PHE G 471 6.88 -9.03 -21.35
N SER G 472 6.20 -8.14 -22.07
CA SER G 472 6.43 -6.72 -22.04
C SER G 472 7.88 -6.31 -21.94
N SER G 473 8.22 -5.56 -20.89
CA SER G 473 9.59 -5.09 -20.81
C SER G 473 10.54 -6.23 -20.42
N SER G 474 10.07 -7.14 -19.58
CA SER G 474 10.86 -8.27 -19.14
C SER G 474 12.08 -7.79 -18.35
N THR G 475 12.65 -6.67 -18.76
CA THR G 475 13.86 -6.10 -18.16
C THR G 475 14.94 -7.18 -18.04
N ALA G 476 15.17 -7.88 -19.15
CA ALA G 476 16.21 -8.91 -19.24
C ALA G 476 16.82 -8.77 -20.62
N PRO G 477 17.71 -7.79 -20.80
CA PRO G 477 18.30 -7.59 -22.12
C PRO G 477 19.29 -8.71 -22.43
N HIS G 478 19.22 -9.23 -23.65
CA HIS G 478 20.11 -10.28 -24.10
C HIS G 478 20.95 -9.85 -25.29
N GLU G 479 22.26 -10.06 -25.16
CA GLU G 479 23.20 -9.65 -26.19
C GLU G 479 23.04 -10.52 -27.43
N THR G 480 23.11 -9.88 -28.60
CA THR G 480 23.01 -10.56 -29.87
C THR G 480 24.29 -10.28 -30.65
N SER G 481 24.95 -11.33 -31.12
CA SER G 481 26.19 -11.21 -31.86
C SER G 481 26.01 -11.65 -33.31
N PHE G 482 26.69 -10.94 -34.20
CA PHE G 482 26.59 -11.24 -35.62
C PHE G 482 27.03 -12.66 -35.92
N GLY G 483 26.25 -13.36 -36.75
CA GLY G 483 26.55 -14.71 -37.15
C GLY G 483 25.85 -15.77 -36.34
N GLU G 484 25.30 -15.41 -35.18
CA GLU G 484 24.61 -16.37 -34.34
C GLU G 484 23.31 -16.80 -35.02
N GLU G 485 22.94 -18.06 -34.82
CA GLU G 485 21.68 -18.58 -35.32
C GLU G 485 20.57 -18.33 -34.30
N VAL G 486 19.34 -18.17 -34.81
CA VAL G 486 18.15 -18.11 -33.97
C VAL G 486 17.06 -18.92 -34.65
N GLU G 487 16.15 -19.47 -33.85
CA GLU G 487 14.98 -20.18 -34.36
C GLU G 487 13.75 -19.27 -34.31
N VAL G 488 13.00 -19.25 -35.40
CA VAL G 488 11.75 -18.50 -35.52
C VAL G 488 10.62 -19.50 -35.69
N HIS G 489 9.71 -19.54 -34.73
CA HIS G 489 8.64 -20.51 -34.70
C HIS G 489 7.36 -19.89 -35.21
N ASN G 490 6.59 -20.69 -35.95
CA ASN G 490 5.37 -20.22 -36.61
C ASN G 490 4.33 -21.33 -36.54
N LEU G 491 3.06 -20.93 -36.62
CA LEU G 491 1.95 -21.87 -36.78
C LEU G 491 1.44 -21.75 -38.20
N LEU G 492 1.44 -22.86 -38.92
CA LEU G 492 1.06 -22.90 -40.33
C LEU G 492 -0.29 -23.58 -40.50
N ILE G 493 -1.20 -22.93 -41.23
CA ILE G 493 -2.47 -23.55 -41.62
C ILE G 493 -2.34 -24.05 -43.05
N ILE G 494 -2.58 -25.35 -43.25
CA ILE G 494 -2.31 -26.03 -44.50
C ILE G 494 -3.62 -26.71 -44.92
N ASP G 495 -4.04 -26.47 -46.16
CA ASP G 495 -5.30 -27.04 -46.65
C ASP G 495 -5.19 -28.57 -46.79
N GLN G 496 -6.29 -29.26 -46.47
CA GLN G 496 -6.24 -30.72 -46.45
C GLN G 496 -6.18 -31.35 -47.84
N HIS G 497 -6.56 -30.62 -48.89
CA HIS G 497 -6.46 -31.11 -50.25
C HIS G 497 -5.29 -30.49 -51.00
N THR G 498 -5.21 -29.16 -50.99
CA THR G 498 -4.18 -28.50 -51.76
C THR G 498 -2.82 -28.64 -51.08
N PHE G 499 -2.82 -28.77 -49.75
CA PHE G 499 -1.59 -28.82 -48.96
C PHE G 499 -0.71 -27.60 -49.23
N GLU G 500 -1.38 -26.45 -49.32
CA GLU G 500 -0.78 -25.12 -49.48
C GLU G 500 -0.87 -24.36 -48.16
N VAL G 501 0.14 -23.54 -47.89
CA VAL G 501 0.19 -22.79 -46.65
C VAL G 501 -0.80 -21.63 -46.80
N LEU G 502 -1.90 -21.67 -46.06
CA LEU G 502 -2.91 -20.63 -46.17
C LEU G 502 -2.59 -19.41 -45.30
N HIS G 503 -2.07 -19.64 -44.10
CA HIS G 503 -1.76 -18.58 -43.15
C HIS G 503 -0.62 -19.08 -42.27
N ALA G 504 0.24 -18.15 -41.88
CA ALA G 504 1.37 -18.44 -41.00
C ALA G 504 1.48 -17.35 -39.95
N HIS G 505 1.52 -17.75 -38.68
CA HIS G 505 1.62 -16.85 -37.56
C HIS G 505 3.00 -17.00 -36.94
N GLN G 506 3.74 -15.89 -36.86
CA GLN G 506 5.09 -15.89 -36.30
C GLN G 506 5.00 -15.57 -34.82
N PHE G 507 5.55 -16.45 -33.98
CA PHE G 507 5.50 -16.24 -32.54
C PHE G 507 6.57 -15.24 -32.10
N LEU G 508 6.49 -14.85 -30.83
CA LEU G 508 7.30 -13.74 -30.34
C LEU G 508 8.79 -14.06 -30.48
N GLN G 509 9.60 -13.00 -30.47
CA GLN G 509 11.05 -13.16 -30.55
C GLN G 509 11.53 -14.06 -29.41
N ASN G 510 12.33 -15.06 -29.75
CA ASN G 510 12.85 -16.01 -28.79
C ASN G 510 11.78 -16.89 -28.18
N GLU G 511 10.62 -17.02 -28.81
CA GLU G 511 9.57 -17.90 -28.34
C GLU G 511 9.53 -19.17 -29.18
N TYR G 512 9.59 -20.32 -28.52
CA TYR G 512 9.53 -21.61 -29.18
C TYR G 512 8.18 -22.26 -28.87
N ALA G 513 7.53 -22.80 -29.90
CA ALA G 513 6.26 -23.50 -29.75
C ALA G 513 6.50 -24.99 -29.54
N LEU G 514 5.94 -25.55 -28.47
CA LEU G 514 6.18 -26.94 -28.10
C LEU G 514 4.96 -27.84 -28.27
N SER G 515 3.75 -27.30 -28.14
CA SER G 515 2.54 -28.11 -28.10
C SER G 515 1.43 -27.49 -28.92
N LEU G 516 0.56 -28.34 -29.44
CA LEU G 516 -0.51 -27.92 -30.34
C LEU G 516 -1.70 -28.87 -30.20
N VAL G 517 -2.90 -28.31 -30.12
CA VAL G 517 -4.13 -29.08 -30.11
C VAL G 517 -5.19 -28.35 -30.93
N SER G 518 -6.15 -29.13 -31.44
CA SER G 518 -7.35 -28.61 -32.08
C SER G 518 -8.55 -29.17 -31.35
N CYS G 519 -9.39 -28.29 -30.80
CA CYS G 519 -10.52 -28.79 -30.01
C CYS G 519 -11.49 -27.66 -29.69
N LYS G 520 -12.67 -28.07 -29.23
CA LYS G 520 -13.67 -27.20 -28.62
C LYS G 520 -13.52 -27.30 -27.11
N LEU G 521 -13.75 -26.18 -26.41
CA LEU G 521 -13.63 -26.13 -24.97
C LEU G 521 -14.90 -25.59 -24.33
N GLY G 522 -15.18 -26.06 -23.12
CA GLY G 522 -16.33 -25.58 -22.36
C GLY G 522 -17.59 -25.75 -23.19
N LYS G 523 -18.45 -24.73 -23.19
CA LYS G 523 -19.62 -24.70 -24.04
C LYS G 523 -19.43 -23.80 -25.25
N ASP G 524 -18.19 -23.49 -25.60
CA ASP G 524 -17.92 -22.63 -26.75
C ASP G 524 -17.91 -23.47 -28.02
N PRO G 525 -18.84 -23.22 -28.95
CA PRO G 525 -18.95 -24.10 -30.13
C PRO G 525 -17.82 -23.94 -31.13
N ASN G 526 -17.03 -22.87 -31.04
CA ASN G 526 -15.96 -22.65 -32.00
C ASN G 526 -14.85 -23.66 -31.78
N THR G 527 -14.26 -24.14 -32.87
CA THR G 527 -13.13 -25.04 -32.81
C THR G 527 -11.84 -24.24 -32.94
N TYR G 528 -10.94 -24.40 -31.97
CA TYR G 528 -9.75 -23.57 -31.84
C TYR G 528 -8.48 -24.36 -32.08
N PHE G 529 -7.45 -23.63 -32.54
CA PHE G 529 -6.06 -24.06 -32.43
C PHE G 529 -5.48 -23.46 -31.15
N ILE G 530 -4.89 -24.31 -30.29
CA ILE G 530 -4.27 -23.85 -29.05
C ILE G 530 -2.82 -24.28 -29.08
N VAL G 531 -1.93 -23.34 -28.76
CA VAL G 531 -0.49 -23.57 -28.82
C VAL G 531 0.12 -23.29 -27.46
N GLY G 532 1.03 -24.16 -27.03
CA GLY G 532 1.80 -23.97 -25.82
C GLY G 532 3.27 -23.66 -26.21
N THR G 533 3.74 -22.54 -25.67
CA THR G 533 5.05 -22.00 -26.04
C THR G 533 5.88 -21.75 -24.79
N ALA G 534 7.16 -21.45 -25.02
CA ALA G 534 8.09 -21.10 -23.94
C ALA G 534 9.09 -20.07 -24.43
N MET G 535 9.48 -19.14 -23.54
CA MET G 535 10.52 -18.17 -23.86
C MET G 535 11.89 -18.80 -23.62
N VAL G 536 12.68 -18.91 -24.69
CA VAL G 536 13.96 -19.62 -24.67
C VAL G 536 15.12 -18.63 -24.76
N TYR G 537 15.95 -18.59 -23.72
CA TYR G 537 17.19 -17.80 -23.72
C TYR G 537 18.33 -18.72 -23.34
N PRO G 538 19.48 -18.69 -24.03
CA PRO G 538 20.59 -19.59 -23.64
C PRO G 538 20.95 -19.49 -22.17
N GLU G 539 20.71 -18.34 -21.53
CA GLU G 539 21.11 -18.16 -20.14
C GLU G 539 20.30 -19.06 -19.21
N GLU G 540 19.03 -19.30 -19.51
CA GLU G 540 18.22 -20.15 -18.65
C GLU G 540 18.39 -21.61 -19.04
N ALA G 541 18.70 -22.44 -18.07
CA ALA G 541 18.76 -23.88 -18.32
C ALA G 541 17.35 -24.42 -18.53
N GLU G 542 16.41 -23.94 -17.72
CA GLU G 542 15.01 -24.23 -17.86
C GLU G 542 14.25 -22.93 -18.13
N PRO G 543 13.43 -22.86 -19.17
CA PRO G 543 12.65 -21.64 -19.40
C PRO G 543 11.71 -21.40 -18.22
N LYS G 544 11.59 -20.12 -17.83
CA LYS G 544 10.74 -19.75 -16.71
C LYS G 544 9.54 -18.90 -17.14
N GLN G 545 9.30 -18.74 -18.43
CA GLN G 545 8.17 -17.99 -18.95
C GLN G 545 7.55 -18.77 -20.09
N GLY G 546 6.24 -18.62 -20.27
CA GLY G 546 5.54 -19.38 -21.29
C GLY G 546 4.16 -18.83 -21.56
N ARG G 547 3.60 -19.24 -22.70
CA ARG G 547 2.29 -18.78 -23.13
C ARG G 547 1.43 -19.96 -23.54
N ILE G 548 0.15 -19.90 -23.19
CA ILE G 548 -0.87 -20.73 -23.81
C ILE G 548 -1.74 -19.80 -24.64
N VAL G 549 -1.83 -20.07 -25.93
CA VAL G 549 -2.51 -19.17 -26.86
C VAL G 549 -3.63 -19.93 -27.54
N VAL G 550 -4.81 -19.33 -27.58
CA VAL G 550 -6.00 -19.90 -28.19
C VAL G 550 -6.21 -19.13 -29.49
N PHE G 551 -6.17 -19.85 -30.62
CA PHE G 551 -6.41 -19.25 -31.93
C PHE G 551 -7.72 -19.76 -32.51
N GLN G 552 -8.35 -18.95 -33.36
CA GLN G 552 -9.44 -19.39 -34.22
C GLN G 552 -9.11 -19.09 -35.67
N TYR G 553 -9.20 -20.11 -36.53
CA TYR G 553 -9.02 -19.94 -37.97
C TYR G 553 -10.38 -19.68 -38.60
N SER G 554 -10.55 -18.49 -39.16
CA SER G 554 -11.82 -18.08 -39.74
C SER G 554 -11.58 -17.24 -40.97
N ASP G 555 -12.22 -17.61 -42.08
CA ASP G 555 -12.21 -16.84 -43.31
C ASP G 555 -10.79 -16.51 -43.78
N GLY G 556 -9.95 -17.52 -43.84
CA GLY G 556 -8.60 -17.40 -44.37
C GLY G 556 -7.59 -16.74 -43.47
N LYS G 557 -7.97 -16.33 -42.27
CA LYS G 557 -7.07 -15.78 -41.28
C LYS G 557 -7.43 -16.36 -39.91
N LEU G 558 -6.43 -16.59 -39.08
CA LEU G 558 -6.64 -17.04 -37.70
C LEU G 558 -6.27 -15.92 -36.74
N GLN G 559 -7.17 -15.64 -35.81
CA GLN G 559 -7.05 -14.56 -34.84
C GLN G 559 -6.96 -15.08 -33.42
N THR G 560 -6.07 -14.47 -32.62
CA THR G 560 -5.91 -14.85 -31.22
C THR G 560 -7.15 -14.47 -30.43
N VAL G 561 -7.73 -15.46 -29.75
CA VAL G 561 -8.93 -15.24 -28.95
C VAL G 561 -8.62 -15.01 -27.47
N ALA G 562 -7.59 -15.67 -26.95
CA ALA G 562 -7.24 -15.57 -25.54
C ALA G 562 -5.79 -16.02 -25.35
N GLU G 563 -5.16 -15.46 -24.33
CA GLU G 563 -3.77 -15.74 -24.00
C GLU G 563 -3.63 -15.93 -22.50
N LYS G 564 -2.83 -16.91 -22.09
CA LYS G 564 -2.60 -17.21 -20.68
C LYS G 564 -1.11 -17.30 -20.40
N GLU G 565 -0.66 -16.57 -19.39
CA GLU G 565 0.74 -16.53 -19.03
C GLU G 565 1.05 -17.67 -18.06
N VAL G 566 2.10 -18.44 -18.36
CA VAL G 566 2.57 -19.50 -17.48
C VAL G 566 4.03 -19.24 -17.12
N LYS G 567 4.48 -19.88 -16.04
CA LYS G 567 5.85 -19.72 -15.54
C LYS G 567 6.72 -20.92 -15.94
N GLY G 568 6.77 -21.24 -17.23
CA GLY G 568 7.55 -22.36 -17.68
C GLY G 568 7.23 -22.70 -19.13
N ALA G 569 7.55 -23.94 -19.50
CA ALA G 569 7.33 -24.42 -20.86
C ALA G 569 6.09 -25.30 -20.92
N VAL G 570 5.20 -25.02 -21.86
CA VAL G 570 4.00 -25.84 -22.04
C VAL G 570 4.40 -26.97 -22.98
N TYR G 571 4.99 -28.02 -22.39
CA TYR G 571 5.56 -29.09 -23.21
C TYR G 571 4.47 -29.89 -23.91
N SER G 572 3.32 -30.09 -23.27
CA SER G 572 2.29 -30.94 -23.86
C SER G 572 0.91 -30.49 -23.39
N MET G 573 -0.06 -30.56 -24.30
CA MET G 573 -1.45 -30.22 -24.05
C MET G 573 -2.32 -31.29 -24.68
N VAL G 574 -3.50 -31.49 -24.10
CA VAL G 574 -4.45 -32.50 -24.57
C VAL G 574 -5.83 -32.10 -24.06
N GLU G 575 -6.83 -32.24 -24.93
CA GLU G 575 -8.19 -31.94 -24.53
C GLU G 575 -8.63 -32.93 -23.46
N PHE G 576 -9.28 -32.42 -22.42
CA PHE G 576 -9.72 -33.24 -21.28
C PHE G 576 -11.15 -32.81 -20.95
N ASN G 577 -12.12 -33.50 -21.52
CA ASN G 577 -13.52 -33.35 -21.14
C ASN G 577 -13.94 -31.88 -21.12
N GLY G 578 -13.71 -31.20 -22.24
CA GLY G 578 -14.07 -29.81 -22.37
C GLY G 578 -13.14 -28.85 -21.65
N LYS G 579 -12.09 -29.37 -21.01
CA LYS G 579 -11.11 -28.58 -20.27
C LYS G 579 -9.75 -28.80 -20.92
N LEU G 580 -8.84 -27.86 -20.70
CA LEU G 580 -7.52 -27.90 -21.31
C LEU G 580 -6.53 -28.40 -20.28
N LEU G 581 -5.94 -29.56 -20.55
CA LEU G 581 -4.92 -30.16 -19.69
C LEU G 581 -3.56 -29.81 -20.29
N ALA G 582 -2.73 -29.12 -19.50
CA ALA G 582 -1.44 -28.65 -19.95
C ALA G 582 -0.38 -29.04 -18.94
N SER G 583 0.82 -29.31 -19.44
CA SER G 583 1.98 -29.63 -18.60
C SER G 583 2.94 -28.47 -18.70
N ILE G 584 3.18 -27.79 -17.59
CA ILE G 584 4.08 -26.64 -17.56
C ILE G 584 5.24 -27.01 -16.64
N ASN G 585 6.40 -27.32 -17.23
CA ASN G 585 7.58 -27.78 -16.49
C ASN G 585 7.22 -28.96 -15.59
N SER G 586 7.39 -28.81 -14.28
CA SER G 586 7.06 -29.90 -13.36
C SER G 586 5.57 -30.02 -13.09
N THR G 587 4.78 -29.05 -13.51
CA THR G 587 3.38 -29.00 -13.16
C THR G 587 2.55 -29.56 -14.31
N VAL G 588 1.54 -30.36 -13.93
CA VAL G 588 0.49 -30.82 -14.82
C VAL G 588 -0.78 -30.11 -14.35
N ARG G 589 -1.39 -29.32 -15.23
CA ARG G 589 -2.46 -28.42 -14.83
C ARG G 589 -3.68 -28.57 -15.71
N LEU G 590 -4.86 -28.49 -15.09
CA LEU G 590 -6.14 -28.49 -15.78
C LEU G 590 -6.73 -27.09 -15.74
N TYR G 591 -7.10 -26.57 -16.91
CA TYR G 591 -7.70 -25.25 -17.07
C TYR G 591 -9.15 -25.41 -17.51
N GLU G 592 -10.01 -24.49 -17.05
CA GLU G 592 -11.37 -24.36 -17.57
C GLU G 592 -11.45 -23.14 -18.49
N TRP G 593 -12.39 -23.20 -19.44
CA TRP G 593 -12.62 -22.13 -20.41
C TRP G 593 -13.87 -21.36 -20.02
N THR G 594 -13.72 -20.11 -19.63
CA THR G 594 -14.82 -19.36 -19.05
C THR G 594 -15.72 -18.77 -20.14
N THR G 595 -16.88 -18.27 -19.72
CA THR G 595 -17.78 -17.55 -20.60
C THR G 595 -17.20 -16.21 -21.05
N GLU G 596 -16.15 -15.73 -20.38
CA GLU G 596 -15.40 -14.56 -20.83
C GLU G 596 -14.26 -14.95 -21.77
N LYS G 597 -14.22 -16.20 -22.23
CA LYS G 597 -13.22 -16.65 -23.20
C LYS G 597 -11.80 -16.40 -22.66
N GLU G 598 -11.59 -16.82 -21.42
CA GLU G 598 -10.28 -16.76 -20.77
C GLU G 598 -10.04 -18.07 -20.03
N LEU G 599 -8.82 -18.57 -20.09
CA LEU G 599 -8.48 -19.80 -19.39
C LEU G 599 -8.37 -19.53 -17.89
N ARG G 600 -8.93 -20.42 -17.09
CA ARG G 600 -8.91 -20.31 -15.64
C ARG G 600 -8.37 -21.62 -15.07
N THR G 601 -7.37 -21.52 -14.19
CA THR G 601 -6.81 -22.69 -13.54
C THR G 601 -7.84 -23.33 -12.62
N GLU G 602 -7.89 -24.67 -12.66
CA GLU G 602 -8.77 -25.42 -11.78
C GLU G 602 -7.98 -26.17 -10.71
N CYS G 603 -7.12 -27.10 -11.11
CA CYS G 603 -6.32 -27.89 -10.16
C CYS G 603 -4.96 -28.19 -10.76
N ASN G 604 -4.00 -28.57 -9.90
CA ASN G 604 -2.62 -28.79 -10.30
C ASN G 604 -2.07 -30.08 -9.72
N HIS G 605 -1.05 -30.61 -10.39
CA HIS G 605 -0.23 -31.72 -9.89
C HIS G 605 1.22 -31.33 -10.10
N TYR G 606 2.04 -31.45 -9.04
CA TYR G 606 3.40 -30.96 -9.08
C TYR G 606 4.46 -32.04 -8.88
N ASN G 607 4.08 -33.30 -8.68
CA ASN G 607 5.05 -34.35 -8.37
C ASN G 607 5.72 -34.88 -9.64
N ASN G 608 6.39 -33.99 -10.35
CA ASN G 608 7.08 -34.38 -11.56
C ASN G 608 8.39 -33.62 -11.68
N ILE G 609 9.42 -34.27 -12.21
CA ILE G 609 10.66 -33.56 -12.49
C ILE G 609 10.50 -32.71 -13.74
N MET G 610 9.99 -33.31 -14.82
CA MET G 610 9.69 -32.59 -16.05
C MET G 610 8.58 -33.35 -16.78
N ALA G 611 7.39 -32.78 -16.81
CA ALA G 611 6.22 -33.43 -17.40
C ALA G 611 6.26 -33.23 -18.91
N LEU G 612 6.91 -34.16 -19.61
CA LEU G 612 7.15 -33.97 -21.03
C LEU G 612 6.00 -34.42 -21.90
N TYR G 613 5.27 -35.48 -21.52
CA TYR G 613 4.24 -36.05 -22.39
C TYR G 613 2.96 -36.28 -21.63
N LEU G 614 1.83 -36.09 -22.32
CA LEU G 614 0.50 -36.29 -21.75
C LEU G 614 -0.39 -37.06 -22.72
N LYS G 615 -1.17 -37.99 -22.17
CA LYS G 615 -2.16 -38.77 -22.90
C LYS G 615 -3.31 -39.02 -21.93
N THR G 616 -4.55 -38.98 -22.40
CA THR G 616 -5.70 -39.12 -21.52
C THR G 616 -6.69 -40.14 -22.08
N LYS G 617 -7.36 -40.84 -21.17
CA LYS G 617 -8.48 -41.72 -21.49
C LYS G 617 -9.50 -41.58 -20.37
N GLY G 618 -10.69 -41.10 -20.70
CA GLY G 618 -11.69 -40.83 -19.68
C GLY G 618 -11.23 -39.72 -18.75
N ASP G 619 -11.31 -39.96 -17.44
CA ASP G 619 -10.77 -39.04 -16.46
C ASP G 619 -9.37 -39.46 -16.01
N PHE G 620 -8.76 -40.41 -16.70
CA PHE G 620 -7.41 -40.88 -16.39
C PHE G 620 -6.40 -40.08 -17.22
N ILE G 621 -5.22 -39.83 -16.63
CA ILE G 621 -4.17 -39.05 -17.28
C ILE G 621 -2.85 -39.80 -17.16
N LEU G 622 -2.16 -39.99 -18.28
CA LEU G 622 -0.86 -40.65 -18.30
C LEU G 622 0.22 -39.59 -18.53
N VAL G 623 1.17 -39.50 -17.59
CA VAL G 623 2.19 -38.44 -17.60
C VAL G 623 3.57 -39.06 -17.78
N GLY G 624 4.31 -38.56 -18.77
CA GLY G 624 5.68 -39.01 -19.02
C GLY G 624 6.70 -38.02 -18.50
N ASP G 625 7.63 -38.51 -17.69
CA ASP G 625 8.68 -37.68 -17.11
C ASP G 625 10.02 -37.91 -17.80
N LEU G 626 10.91 -36.94 -17.63
CA LEU G 626 12.23 -37.04 -18.26
C LEU G 626 13.02 -38.21 -17.71
N MET G 627 13.01 -38.41 -16.39
CA MET G 627 13.76 -39.49 -15.77
C MET G 627 12.90 -40.36 -14.88
N ARG G 628 11.64 -40.01 -14.65
CA ARG G 628 10.80 -40.69 -13.68
C ARG G 628 9.75 -41.61 -14.32
N SER G 629 9.99 -42.06 -15.55
CA SER G 629 9.14 -43.05 -16.21
C SER G 629 7.74 -42.45 -16.36
N VAL G 630 6.68 -43.11 -15.90
CA VAL G 630 5.31 -42.67 -16.14
C VAL G 630 4.48 -42.78 -14.87
N LEU G 631 3.54 -41.86 -14.73
CA LEU G 631 2.59 -41.80 -13.62
C LEU G 631 1.16 -41.82 -14.13
N LEU G 632 0.29 -42.58 -13.45
CA LEU G 632 -1.14 -42.64 -13.78
C LEU G 632 -1.90 -41.71 -12.85
N LEU G 633 -2.25 -40.53 -13.36
CA LEU G 633 -3.09 -39.56 -12.66
C LEU G 633 -4.57 -39.79 -12.93
N ALA G 634 -5.40 -39.25 -12.04
CA ALA G 634 -6.84 -39.29 -12.18
C ALA G 634 -7.44 -37.97 -11.73
N TYR G 635 -8.53 -37.58 -12.39
CA TYR G 635 -9.31 -36.41 -11.98
C TYR G 635 -10.46 -36.88 -11.09
N LYS G 636 -10.51 -36.38 -9.87
CA LYS G 636 -11.62 -36.70 -8.98
C LYS G 636 -12.65 -35.60 -9.08
N PRO G 637 -13.80 -35.84 -9.73
CA PRO G 637 -14.74 -34.74 -9.96
C PRO G 637 -15.28 -34.15 -8.68
N MET G 638 -15.56 -34.98 -7.68
CA MET G 638 -16.20 -34.51 -6.46
C MET G 638 -15.34 -33.46 -5.78
N GLU G 639 -14.03 -33.69 -5.74
CA GLU G 639 -13.07 -32.87 -5.03
C GLU G 639 -12.55 -31.72 -5.89
N GLY G 640 -12.53 -31.91 -7.21
CA GLY G 640 -11.98 -30.90 -8.09
C GLY G 640 -10.48 -30.87 -8.05
N ASN G 641 -9.83 -32.02 -7.90
CA ASN G 641 -8.38 -32.10 -7.79
C ASN G 641 -7.92 -33.39 -8.45
N PHE G 642 -6.62 -33.51 -8.63
CA PHE G 642 -6.04 -34.72 -9.20
C PHE G 642 -5.73 -35.72 -8.07
N GLU G 643 -5.70 -36.99 -8.42
CA GLU G 643 -5.31 -38.06 -7.51
C GLU G 643 -4.26 -38.92 -8.19
N GLU G 644 -3.17 -39.21 -7.48
CA GLU G 644 -2.13 -40.09 -7.99
C GLU G 644 -2.56 -41.54 -7.82
N ILE G 645 -2.77 -42.25 -8.93
CA ILE G 645 -3.22 -43.64 -8.86
C ILE G 645 -2.06 -44.61 -8.70
N ALA G 646 -1.07 -44.53 -9.58
CA ALA G 646 0.05 -45.46 -9.54
C ALA G 646 1.19 -44.88 -10.33
N ARG G 647 2.41 -45.24 -9.95
CA ARG G 647 3.61 -44.75 -10.60
C ARG G 647 4.55 -45.92 -10.82
N ASP G 648 5.25 -45.88 -11.95
CA ASP G 648 6.30 -46.85 -12.24
C ASP G 648 7.57 -46.31 -11.60
N PHE G 649 7.96 -46.87 -10.45
CA PHE G 649 9.11 -46.34 -9.74
C PHE G 649 10.42 -46.59 -10.50
N ASN G 650 10.48 -47.65 -11.30
CA ASN G 650 11.68 -47.92 -12.09
C ASN G 650 12.01 -46.71 -12.96
N PRO G 651 13.24 -46.21 -12.91
CA PRO G 651 13.55 -44.97 -13.64
C PRO G 651 13.90 -45.24 -15.11
N ASN G 652 13.26 -44.49 -16.00
CA ASN G 652 13.54 -44.57 -17.43
C ASN G 652 13.49 -43.16 -18.01
N TRP G 653 14.18 -42.97 -19.14
CA TRP G 653 14.13 -41.72 -19.88
C TRP G 653 13.03 -41.82 -20.94
N MET G 654 11.92 -41.12 -20.72
CA MET G 654 10.79 -41.23 -21.63
C MET G 654 11.01 -40.40 -22.89
N SER G 655 10.65 -41.00 -24.04
CA SER G 655 10.63 -40.31 -25.31
C SER G 655 9.21 -40.13 -25.86
N ALA G 656 8.26 -40.96 -25.43
CA ALA G 656 6.87 -40.88 -25.85
C ALA G 656 6.08 -41.88 -25.03
N VAL G 657 4.80 -41.59 -24.79
CA VAL G 657 3.92 -42.48 -24.03
C VAL G 657 2.61 -42.65 -24.79
N GLU G 658 1.85 -43.66 -24.37
CA GLU G 658 0.53 -43.91 -24.93
C GLU G 658 -0.28 -44.80 -24.00
N ILE G 659 -1.60 -44.62 -24.03
CA ILE G 659 -2.53 -45.44 -23.26
C ILE G 659 -3.10 -46.52 -24.16
N LEU G 660 -2.94 -47.78 -23.77
CA LEU G 660 -3.48 -48.90 -24.52
C LEU G 660 -4.92 -49.23 -24.12
N ASP G 661 -5.15 -49.41 -22.83
CA ASP G 661 -6.49 -49.62 -22.29
C ASP G 661 -6.45 -49.16 -20.82
N ASP G 662 -7.54 -49.37 -20.10
CA ASP G 662 -7.67 -48.82 -18.75
C ASP G 662 -6.63 -49.34 -17.79
N ASP G 663 -5.99 -50.48 -18.07
CA ASP G 663 -5.00 -51.06 -17.18
C ASP G 663 -3.58 -51.09 -17.75
N ASN G 664 -3.42 -51.07 -19.07
CA ASN G 664 -2.11 -51.19 -19.71
C ASN G 664 -1.65 -49.85 -20.29
N PHE G 665 -0.36 -49.53 -20.09
CA PHE G 665 0.24 -48.28 -20.54
C PHE G 665 1.59 -48.56 -21.17
N LEU G 666 1.82 -48.02 -22.37
CA LEU G 666 3.02 -48.29 -23.14
C LEU G 666 3.94 -47.07 -23.25
N GLY G 667 5.25 -47.31 -23.16
CA GLY G 667 6.23 -46.23 -23.20
C GLY G 667 7.48 -46.59 -23.97
N ALA G 668 8.17 -45.54 -24.45
CA ALA G 668 9.40 -45.65 -25.22
C ALA G 668 10.49 -44.80 -24.57
N GLU G 669 11.70 -45.35 -24.49
CA GLU G 669 12.83 -44.68 -23.86
C GLU G 669 13.98 -44.42 -24.81
N ASN G 670 14.87 -43.51 -24.41
CA ASN G 670 16.00 -43.11 -25.25
C ASN G 670 16.99 -44.23 -25.49
N ALA G 671 16.81 -45.37 -24.84
CA ALA G 671 17.67 -46.53 -25.06
C ALA G 671 17.12 -47.47 -26.12
N PHE G 672 16.28 -46.96 -26.99
CA PHE G 672 15.66 -47.76 -28.05
C PHE G 672 14.91 -48.96 -27.46
N ASN G 673 14.20 -48.74 -26.35
CA ASN G 673 13.46 -49.80 -25.69
C ASN G 673 12.00 -49.40 -25.51
N LEU G 674 11.13 -50.40 -25.46
CA LEU G 674 9.70 -50.22 -25.22
C LEU G 674 9.31 -51.03 -24.00
N PHE G 675 8.50 -50.44 -23.11
CA PHE G 675 8.02 -51.13 -21.92
C PHE G 675 6.55 -50.84 -21.72
N VAL G 676 5.88 -51.76 -21.03
CA VAL G 676 4.44 -51.69 -20.79
C VAL G 676 4.20 -51.93 -19.31
N CYS G 677 3.54 -50.98 -18.65
CA CYS G 677 3.22 -51.04 -17.24
C CYS G 677 1.75 -51.39 -17.05
N GLN G 678 1.43 -51.96 -15.89
CA GLN G 678 0.06 -52.37 -15.57
C GLN G 678 -0.25 -52.00 -14.14
N LYS G 679 -1.50 -51.56 -13.91
CA LYS G 679 -1.97 -51.36 -12.54
C LYS G 679 -2.03 -52.73 -11.84
N ASP G 680 -1.62 -52.78 -10.58
CA ASP G 680 -1.64 -54.06 -9.87
C ASP G 680 -3.09 -54.50 -9.60
N SER G 681 -3.90 -54.57 -10.65
CA SER G 681 -5.29 -55.03 -10.55
C SER G 681 -6.00 -54.13 -9.53
N ALA G 682 -6.87 -54.69 -8.69
CA ALA G 682 -7.52 -53.98 -7.59
C ALA G 682 -7.09 -54.62 -6.27
N ALA G 683 -5.82 -54.46 -5.91
CA ALA G 683 -5.32 -55.11 -4.71
C ALA G 683 -5.93 -54.52 -3.45
N THR G 684 -5.84 -55.29 -2.37
CA THR G 684 -6.30 -54.85 -1.06
C THR G 684 -5.28 -54.01 -0.31
N THR G 685 -4.07 -53.88 -0.84
CA THR G 685 -3.01 -53.11 -0.22
C THR G 685 -2.86 -51.83 -1.02
N ASP G 686 -2.84 -50.69 -0.31
CA ASP G 686 -2.70 -49.42 -1.00
C ASP G 686 -1.32 -49.29 -1.64
N GLU G 687 -0.30 -49.91 -1.03
CA GLU G 687 1.04 -49.84 -1.62
C GLU G 687 1.08 -50.60 -2.94
N GLU G 688 0.39 -51.74 -3.03
CA GLU G 688 0.36 -52.47 -4.30
C GLU G 688 -0.39 -51.66 -5.37
N ARG G 689 -1.50 -51.01 -5.00
CA ARG G 689 -2.26 -50.28 -5.99
C ARG G 689 -1.45 -49.13 -6.58
N GLN G 690 -0.71 -48.40 -5.75
CA GLN G 690 0.08 -47.24 -6.17
C GLN G 690 1.31 -47.62 -6.98
N HIS G 691 1.57 -48.91 -7.12
CA HIS G 691 2.71 -49.43 -7.87
C HIS G 691 2.33 -49.88 -9.28
N LEU G 692 2.88 -49.20 -10.28
CA LEU G 692 2.83 -49.70 -11.66
C LEU G 692 3.93 -50.73 -11.88
N GLN G 693 3.54 -51.95 -12.21
CA GLN G 693 4.48 -53.03 -12.46
C GLN G 693 4.78 -53.10 -13.95
N GLU G 694 6.07 -53.07 -14.30
CA GLU G 694 6.48 -53.23 -15.69
C GLU G 694 6.26 -54.68 -16.10
N VAL G 695 5.30 -54.89 -17.01
CA VAL G 695 4.97 -56.24 -17.45
C VAL G 695 5.45 -56.56 -18.86
N GLY G 696 5.78 -55.57 -19.68
CA GLY G 696 6.29 -55.82 -21.00
C GLY G 696 7.63 -55.17 -21.26
N LEU G 697 8.58 -55.91 -21.80
CA LEU G 697 9.91 -55.39 -22.11
C LEU G 697 10.33 -55.83 -23.50
N PHE G 698 10.86 -54.90 -24.29
CA PHE G 698 11.21 -55.15 -25.69
C PHE G 698 12.25 -54.12 -26.09
N HIS G 699 13.20 -54.55 -26.92
CA HIS G 699 14.21 -53.66 -27.49
C HIS G 699 13.78 -53.39 -28.92
N LEU G 700 13.18 -52.22 -29.15
CA LEU G 700 12.74 -51.87 -30.49
C LEU G 700 13.92 -51.67 -31.43
N GLY G 701 14.95 -50.98 -30.97
CA GLY G 701 16.07 -50.61 -31.81
C GLY G 701 15.87 -49.31 -32.55
N GLU G 702 14.74 -48.65 -32.36
CA GLU G 702 14.43 -47.36 -32.96
C GLU G 702 13.93 -46.40 -31.89
N PHE G 703 14.05 -45.11 -32.21
CA PHE G 703 13.72 -44.02 -31.30
C PHE G 703 12.30 -43.55 -31.60
N VAL G 704 11.38 -43.81 -30.68
CA VAL G 704 9.98 -43.41 -30.87
C VAL G 704 9.84 -41.95 -30.47
N ASN G 705 9.39 -41.12 -31.41
CA ASN G 705 9.09 -39.72 -31.13
C ASN G 705 7.61 -39.49 -30.84
N VAL G 706 6.71 -40.25 -31.48
CA VAL G 706 5.28 -40.05 -31.36
C VAL G 706 4.52 -41.38 -31.40
N PHE G 707 3.49 -41.49 -30.56
CA PHE G 707 2.57 -42.63 -30.48
C PHE G 707 1.16 -42.20 -30.88
N CYS G 708 0.51 -42.98 -31.75
CA CYS G 708 -0.81 -42.58 -32.23
C CYS G 708 -1.77 -43.75 -32.46
N HIS G 709 -2.96 -43.66 -31.85
CA HIS G 709 -4.02 -44.64 -32.09
C HIS G 709 -4.58 -44.49 -33.50
N GLY G 710 -4.76 -45.61 -34.19
CA GLY G 710 -5.33 -45.66 -35.52
C GLY G 710 -4.71 -46.80 -36.32
N SER G 711 -5.37 -47.16 -37.42
CA SER G 711 -4.85 -48.18 -38.32
C SER G 711 -4.97 -47.73 -39.77
N LEU G 712 -3.88 -47.95 -40.52
CA LEU G 712 -3.87 -47.57 -41.93
C LEU G 712 -4.75 -48.50 -42.76
N VAL G 713 -4.76 -49.79 -42.43
CA VAL G 713 -5.54 -50.76 -43.18
C VAL G 713 -7.02 -50.42 -43.03
N MET G 714 -7.82 -50.77 -44.04
CA MET G 714 -9.25 -50.52 -43.99
C MET G 714 -9.82 -51.18 -42.74
N GLN G 715 -10.70 -50.46 -42.04
CA GLN G 715 -11.37 -50.94 -40.84
C GLN G 715 -12.78 -51.37 -41.21
N ASN G 716 -13.15 -52.60 -40.83
CA ASN G 716 -14.45 -53.15 -41.20
C ASN G 716 -15.48 -52.87 -40.11
N LEU G 717 -16.65 -52.41 -40.53
CA LEU G 717 -17.74 -52.15 -39.58
C LEU G 717 -18.26 -53.44 -38.96
N GLY G 718 -18.28 -54.52 -39.74
CA GLY G 718 -18.79 -55.80 -39.23
C GLY G 718 -17.83 -56.40 -38.22
N GLU G 719 -18.39 -56.77 -37.08
CA GLU G 719 -17.59 -57.30 -35.98
C GLU G 719 -16.98 -58.65 -36.37
N THR G 720 -15.69 -58.81 -36.12
CA THR G 720 -14.96 -60.06 -36.39
C THR G 720 -13.99 -60.29 -35.26
N SER G 721 -14.06 -61.47 -34.63
CA SER G 721 -13.18 -61.75 -33.50
C SER G 721 -11.77 -61.91 -34.04
N THR G 722 -11.09 -60.78 -34.20
CA THR G 722 -9.71 -60.75 -34.65
C THR G 722 -8.79 -61.16 -33.51
N PRO G 723 -7.65 -61.77 -33.81
CA PRO G 723 -6.70 -62.08 -32.73
C PRO G 723 -6.14 -60.84 -32.05
N THR G 724 -5.81 -59.82 -32.83
CA THR G 724 -5.30 -58.57 -32.33
C THR G 724 -6.44 -57.66 -31.88
N GLN G 725 -6.24 -56.98 -30.76
CA GLN G 725 -7.17 -55.99 -30.25
C GLN G 725 -6.45 -54.65 -30.08
N GLY G 726 -7.00 -53.59 -30.68
CA GLY G 726 -6.39 -52.28 -30.61
C GLY G 726 -5.42 -52.01 -31.74
N SER G 727 -5.04 -50.75 -31.87
CA SER G 727 -4.10 -50.36 -32.92
C SER G 727 -3.43 -49.04 -32.56
N VAL G 728 -2.12 -49.10 -32.29
CA VAL G 728 -1.29 -47.92 -32.03
C VAL G 728 -0.16 -47.89 -33.06
N LEU G 729 -0.07 -46.80 -33.80
CA LEU G 729 1.03 -46.55 -34.72
C LEU G 729 2.08 -45.68 -34.04
N PHE G 730 3.36 -45.94 -34.33
CA PHE G 730 4.42 -45.10 -33.79
C PHE G 730 5.41 -44.71 -34.88
N GLY G 731 5.89 -43.47 -34.80
CA GLY G 731 6.90 -42.95 -35.71
C GLY G 731 8.25 -42.85 -35.03
N THR G 732 9.32 -42.94 -35.82
CA THR G 732 10.67 -43.01 -35.27
C THR G 732 11.63 -42.06 -35.98
N VAL G 733 12.83 -41.95 -35.39
CA VAL G 733 13.83 -41.01 -35.88
C VAL G 733 14.38 -41.41 -37.24
N ASN G 734 14.47 -42.70 -37.52
CA ASN G 734 15.03 -43.19 -38.77
C ASN G 734 13.95 -43.43 -39.84
N GLY G 735 12.73 -42.97 -39.60
CA GLY G 735 11.64 -43.11 -40.54
C GLY G 735 10.81 -44.37 -40.42
N MET G 736 11.24 -45.33 -39.61
CA MET G 736 10.49 -46.56 -39.43
C MET G 736 9.13 -46.27 -38.80
N ILE G 737 8.10 -46.93 -39.31
CA ILE G 737 6.75 -46.85 -38.75
C ILE G 737 6.31 -48.24 -38.31
N GLY G 738 5.82 -48.34 -37.07
CA GLY G 738 5.46 -49.61 -36.49
C GLY G 738 4.08 -49.58 -35.87
N LEU G 739 3.53 -50.78 -35.66
CA LEU G 739 2.21 -51.01 -35.11
C LEU G 739 2.30 -51.84 -33.84
N VAL G 740 1.63 -51.39 -32.79
CA VAL G 740 1.55 -52.10 -31.51
C VAL G 740 0.09 -52.52 -31.31
N THR G 741 -0.11 -53.75 -30.86
CA THR G 741 -1.46 -54.26 -30.61
C THR G 741 -1.41 -55.30 -29.49
N SER G 742 -2.59 -55.58 -28.92
CA SER G 742 -2.71 -56.51 -27.81
C SER G 742 -3.18 -57.88 -28.29
N LEU G 743 -2.89 -58.90 -27.49
CA LEU G 743 -3.26 -60.28 -27.79
C LEU G 743 -4.00 -60.88 -26.59
N SER G 744 -4.74 -61.96 -26.85
CA SER G 744 -5.23 -62.79 -25.76
C SER G 744 -4.13 -63.72 -25.27
N GLU G 745 -4.26 -64.18 -24.02
CA GLU G 745 -3.24 -65.05 -23.48
C GLU G 745 -3.00 -66.26 -24.38
N SER G 746 -4.08 -66.87 -24.88
CA SER G 746 -3.92 -68.00 -25.78
C SER G 746 -3.10 -67.62 -27.00
N TRP G 747 -3.36 -66.45 -27.56
CA TRP G 747 -2.68 -66.04 -28.78
C TRP G 747 -1.21 -65.76 -28.52
N TYR G 748 -0.91 -65.14 -27.39
CA TYR G 748 0.47 -64.90 -26.99
C TYR G 748 1.25 -66.21 -26.91
N ASN G 749 0.79 -67.13 -26.06
CA ASN G 749 1.51 -68.37 -25.83
C ASN G 749 1.78 -69.11 -27.13
N LEU G 750 0.77 -69.16 -28.01
CA LEU G 750 0.94 -69.82 -29.30
C LEU G 750 2.06 -69.16 -30.10
N LEU G 751 2.01 -67.84 -30.22
CA LEU G 751 2.99 -67.13 -31.04
C LEU G 751 4.37 -67.15 -30.41
N LEU G 752 4.44 -67.08 -29.08
CA LEU G 752 5.73 -67.19 -28.41
C LEU G 752 6.35 -68.55 -28.67
N ASP G 753 5.55 -69.61 -28.54
CA ASP G 753 6.05 -70.95 -28.83
C ASP G 753 6.54 -71.04 -30.27
N MET G 754 5.87 -70.33 -31.19
CA MET G 754 6.33 -70.32 -32.57
C MET G 754 7.64 -69.57 -32.72
N GLN G 755 7.79 -68.45 -32.01
CA GLN G 755 9.04 -67.70 -32.10
C GLN G 755 10.22 -68.57 -31.70
N ASN G 756 10.16 -69.13 -30.49
CA ASN G 756 11.24 -69.98 -30.00
C ASN G 756 11.49 -71.14 -30.96
N ARG G 757 10.45 -71.60 -31.65
CA ARG G 757 10.65 -72.60 -32.69
C ARG G 757 11.26 -71.96 -33.93
N LEU G 758 10.78 -70.77 -34.32
CA LEU G 758 11.31 -70.13 -35.51
C LEU G 758 12.78 -69.78 -35.35
N ASN G 759 13.20 -69.39 -34.15
CA ASN G 759 14.58 -69.00 -33.94
C ASN G 759 15.53 -70.18 -34.13
N LYS G 760 15.09 -71.40 -33.80
CA LYS G 760 15.93 -72.56 -34.03
C LYS G 760 16.09 -72.84 -35.51
N VAL G 761 15.14 -72.39 -36.34
CA VAL G 761 15.13 -72.69 -37.76
C VAL G 761 15.87 -71.63 -38.57
N ILE G 762 15.66 -70.36 -38.26
CA ILE G 762 16.06 -69.25 -39.12
C ILE G 762 17.51 -68.86 -38.85
N LYS G 763 18.28 -68.67 -39.93
CA LYS G 763 19.66 -68.20 -39.82
C LYS G 763 19.71 -66.68 -39.96
N SER G 764 20.27 -66.01 -38.95
CA SER G 764 20.42 -64.57 -38.92
C SER G 764 21.79 -64.17 -39.45
N VAL G 765 21.87 -63.00 -40.07
CA VAL G 765 23.17 -62.48 -40.50
C VAL G 765 24.02 -62.16 -39.28
N GLY G 766 25.26 -62.64 -39.29
CA GLY G 766 26.16 -62.51 -38.16
C GLY G 766 25.99 -63.52 -37.05
N LYS G 767 25.07 -64.48 -37.20
CA LYS G 767 24.82 -65.48 -36.17
C LYS G 767 24.49 -64.81 -34.84
N ILE G 768 23.59 -63.83 -34.88
CA ILE G 768 23.13 -63.10 -33.70
C ILE G 768 21.87 -63.76 -33.14
N GLU G 769 21.92 -64.14 -31.87
CA GLU G 769 20.74 -64.71 -31.21
C GLU G 769 19.60 -63.70 -31.15
N HIS G 770 18.42 -64.10 -31.61
CA HIS G 770 17.27 -63.20 -31.60
C HIS G 770 16.92 -62.77 -30.19
N SER G 771 16.97 -63.70 -29.23
CA SER G 771 16.64 -63.35 -27.85
C SER G 771 17.53 -62.24 -27.33
N PHE G 772 18.80 -62.21 -27.76
CA PHE G 772 19.71 -61.16 -27.32
C PHE G 772 19.34 -59.82 -27.94
N TRP G 773 18.99 -59.80 -29.22
CA TRP G 773 18.71 -58.55 -29.91
C TRP G 773 17.50 -57.85 -29.31
N ARG G 774 16.43 -58.60 -29.05
CA ARG G 774 15.23 -57.99 -28.49
C ARG G 774 15.34 -57.78 -26.99
N SER G 775 16.40 -58.28 -26.36
CA SER G 775 16.57 -58.09 -24.92
C SER G 775 16.65 -56.61 -24.59
N PHE G 776 15.82 -56.19 -23.63
CA PHE G 776 15.86 -54.84 -23.09
C PHE G 776 17.30 -54.46 -22.77
N HIS G 777 17.73 -53.28 -23.22
CA HIS G 777 19.14 -52.95 -23.09
C HIS G 777 19.39 -51.46 -22.89
N THR G 778 19.93 -51.11 -21.73
CA THR G 778 20.55 -49.81 -21.48
C THR G 778 22.04 -50.04 -21.23
N GLU G 779 22.80 -48.95 -21.15
CA GLU G 779 24.21 -49.11 -20.81
C GLU G 779 24.37 -49.80 -19.46
N ARG G 780 23.38 -49.70 -18.57
CA ARG G 780 23.53 -50.24 -17.23
C ARG G 780 22.85 -51.59 -17.01
N LYS G 781 21.72 -51.90 -17.65
CA LYS G 781 21.06 -53.19 -17.41
C LYS G 781 20.66 -53.85 -18.72
N THR G 782 20.62 -55.17 -18.69
CA THR G 782 20.14 -55.98 -19.82
C THR G 782 19.25 -57.09 -19.30
N GLU G 783 17.98 -57.08 -19.69
CA GLU G 783 17.01 -58.08 -19.31
C GLU G 783 16.38 -58.69 -20.56
N PRO G 784 15.96 -59.95 -20.49
CA PRO G 784 15.25 -60.55 -21.63
C PRO G 784 13.88 -59.94 -21.85
N ALA G 785 13.48 -59.89 -23.12
CA ALA G 785 12.18 -59.34 -23.49
C ALA G 785 11.06 -60.16 -22.87
N THR G 786 9.94 -59.50 -22.59
CA THR G 786 8.77 -60.17 -22.02
C THR G 786 7.52 -59.42 -22.40
N GLY G 787 6.43 -60.16 -22.62
CA GLY G 787 5.16 -59.56 -22.94
C GLY G 787 5.02 -59.04 -24.36
N PHE G 788 6.02 -59.28 -25.21
CA PHE G 788 6.06 -58.72 -26.55
C PHE G 788 6.38 -59.82 -27.55
N ILE G 789 5.67 -59.79 -28.68
CA ILE G 789 5.87 -60.72 -29.79
C ILE G 789 6.45 -59.94 -30.97
N ASP G 790 7.64 -60.33 -31.43
CA ASP G 790 8.28 -59.69 -32.57
C ASP G 790 7.49 -59.98 -33.84
N GLY G 791 6.71 -58.99 -34.29
CA GLY G 791 5.84 -59.23 -35.43
C GLY G 791 6.59 -59.67 -36.68
N ASP G 792 7.77 -59.11 -36.92
CA ASP G 792 8.53 -59.46 -38.12
C ASP G 792 8.98 -60.92 -38.09
N LEU G 793 9.39 -61.41 -36.92
CA LEU G 793 9.79 -62.81 -36.81
C LEU G 793 8.63 -63.76 -37.09
N ILE G 794 7.45 -63.46 -36.56
CA ILE G 794 6.27 -64.28 -36.81
C ILE G 794 5.88 -64.25 -38.28
N GLU G 795 5.94 -63.08 -38.90
CA GLU G 795 5.51 -62.95 -40.30
C GLU G 795 6.50 -63.57 -41.28
N SER G 796 7.69 -63.95 -40.83
CA SER G 796 8.65 -64.60 -41.72
C SER G 796 8.35 -66.08 -41.94
N PHE G 797 7.47 -66.67 -41.12
CA PHE G 797 7.02 -68.04 -41.30
C PHE G 797 6.50 -68.27 -42.72
N LEU G 798 5.85 -67.26 -43.30
CA LEU G 798 5.31 -67.40 -44.65
C LEU G 798 6.40 -67.48 -45.72
N ASP G 799 7.64 -67.12 -45.40
CA ASP G 799 8.72 -67.11 -46.37
C ASP G 799 9.69 -68.27 -46.16
N ILE G 800 9.51 -69.09 -45.12
CA ILE G 800 10.45 -70.18 -44.87
C ILE G 800 10.04 -71.39 -45.68
N SER G 801 11.00 -72.25 -45.99
CA SER G 801 10.72 -73.41 -46.82
C SER G 801 9.81 -74.40 -46.10
N ARG G 802 9.15 -75.24 -46.89
CA ARG G 802 8.25 -76.22 -46.32
C ARG G 802 8.92 -77.19 -45.35
N PRO G 803 10.11 -77.74 -45.62
CA PRO G 803 10.75 -78.59 -44.60
C PRO G 803 10.83 -77.89 -43.27
N LYS G 804 11.17 -76.60 -43.29
CA LYS G 804 11.31 -75.83 -42.06
C LYS G 804 9.94 -75.60 -41.43
N MET G 805 8.91 -75.39 -42.26
CA MET G 805 7.56 -75.25 -41.71
C MET G 805 7.19 -76.47 -40.90
N GLN G 806 7.53 -77.66 -41.37
CA GLN G 806 7.27 -78.87 -40.62
C GLN G 806 8.06 -78.90 -39.31
N GLU G 807 9.30 -78.43 -39.34
CA GLU G 807 10.08 -78.38 -38.11
C GLU G 807 9.40 -77.51 -37.06
N VAL G 808 8.75 -76.43 -37.50
CA VAL G 808 8.10 -75.53 -36.55
C VAL G 808 6.79 -76.13 -36.05
N VAL G 809 5.97 -76.68 -36.95
CA VAL G 809 4.65 -77.17 -36.54
C VAL G 809 4.73 -78.54 -35.88
N ALA G 810 5.90 -79.18 -35.93
CA ALA G 810 6.11 -80.49 -35.31
C ALA G 810 5.94 -80.42 -33.81
N ASN G 811 5.18 -81.37 -33.25
CA ASN G 811 5.00 -81.48 -31.81
C ASN G 811 4.42 -80.21 -31.22
N LEU G 812 3.62 -79.51 -32.01
CA LEU G 812 2.98 -78.27 -31.62
C LEU G 812 1.47 -78.41 -31.50
N GLN G 813 0.93 -78.04 -30.33
CA GLN G 813 -0.50 -78.03 -30.08
C GLN G 813 -0.97 -76.60 -29.87
N TYR G 814 -2.10 -76.23 -30.48
CA TYR G 814 -2.67 -74.88 -30.37
C TYR G 814 -4.17 -75.02 -30.12
N ASP G 815 -4.79 -73.93 -29.66
CA ASP G 815 -6.18 -74.03 -29.19
C ASP G 815 -7.15 -74.53 -30.26
N ASP G 816 -6.94 -74.17 -31.52
CA ASP G 816 -7.72 -74.74 -32.63
C ASP G 816 -9.23 -74.68 -32.38
N GLY G 817 -9.69 -73.51 -31.95
CA GLY G 817 -11.06 -73.34 -31.50
C GLY G 817 -11.11 -73.22 -29.99
N SER G 818 -12.32 -73.22 -29.46
CA SER G 818 -12.53 -73.23 -28.02
C SER G 818 -13.04 -74.60 -27.57
N GLY G 819 -12.29 -75.24 -26.67
CA GLY G 819 -12.69 -76.51 -26.11
C GLY G 819 -12.12 -77.75 -26.79
N MET G 820 -11.60 -77.61 -28.00
CA MET G 820 -11.06 -78.73 -28.78
C MET G 820 -9.63 -78.37 -29.14
N LYS G 821 -8.65 -79.04 -28.55
CA LYS G 821 -7.24 -78.71 -28.76
C LYS G 821 -6.63 -79.79 -29.65
N ARG G 822 -6.00 -79.36 -30.74
CA ARG G 822 -5.50 -80.26 -31.78
C ARG G 822 -4.14 -79.79 -32.28
N GLU G 823 -3.33 -80.77 -32.68
CA GLU G 823 -1.99 -80.48 -33.17
C GLU G 823 -2.01 -79.56 -34.38
N ALA G 824 -0.96 -78.75 -34.48
CA ALA G 824 -0.86 -77.72 -35.49
C ALA G 824 -0.25 -78.30 -36.75
N THR G 825 -0.74 -77.84 -37.89
CA THR G 825 -0.23 -78.17 -39.20
C THR G 825 0.34 -76.90 -39.83
N ALA G 826 1.21 -77.10 -40.83
CA ALA G 826 1.69 -75.94 -41.57
C ALA G 826 0.54 -75.23 -42.28
N ASP G 827 -0.55 -75.96 -42.57
CA ASP G 827 -1.73 -75.32 -43.13
C ASP G 827 -2.46 -74.49 -42.08
N ASP G 828 -2.48 -74.96 -40.83
CA ASP G 828 -3.13 -74.19 -39.77
C ASP G 828 -2.34 -72.91 -39.48
N LEU G 829 -1.02 -73.03 -39.30
CA LEU G 829 -0.22 -71.88 -38.92
C LEU G 829 -0.12 -70.85 -40.02
N ILE G 830 -0.11 -71.26 -41.29
CA ILE G 830 -0.16 -70.27 -42.37
C ILE G 830 -1.44 -69.46 -42.26
N LYS G 831 -2.54 -70.09 -41.87
CA LYS G 831 -3.78 -69.35 -41.66
C LYS G 831 -3.61 -68.32 -40.54
N VAL G 832 -2.90 -68.70 -39.48
CA VAL G 832 -2.71 -67.80 -38.34
C VAL G 832 -1.83 -66.61 -38.75
N VAL G 833 -0.70 -66.88 -39.39
CA VAL G 833 0.22 -65.79 -39.73
C VAL G 833 -0.41 -64.83 -40.74
N GLU G 834 -1.08 -65.37 -41.76
CA GLU G 834 -1.64 -64.51 -42.80
C GLU G 834 -2.72 -63.58 -42.24
N GLU G 835 -3.50 -64.03 -41.26
CA GLU G 835 -4.48 -63.12 -40.64
C GLU G 835 -3.78 -62.00 -39.89
N LEU G 836 -2.62 -62.29 -39.29
CA LEU G 836 -1.89 -61.26 -38.56
C LEU G 836 -1.25 -60.24 -39.51
N THR G 837 -0.98 -60.62 -40.76
CA THR G 837 -0.39 -59.68 -41.71
C THR G 837 -1.40 -58.62 -42.17
N ARG G 838 -2.69 -58.80 -41.89
CA ARG G 838 -3.68 -57.82 -42.33
C ARG G 838 -3.67 -56.54 -41.50
N ILE G 839 -3.06 -56.55 -40.32
CA ILE G 839 -3.05 -55.37 -39.46
C ILE G 839 -2.18 -54.28 -40.06
N HIS G 840 -1.07 -54.63 -40.70
CA HIS G 840 -0.19 -53.62 -41.27
C HIS G 840 -0.46 -53.50 -42.76
N THR H 7 7.59 -28.03 22.36
CA THR H 7 8.98 -27.64 22.15
C THR H 7 9.56 -28.34 20.92
N GLU H 8 10.78 -27.96 20.57
CA GLU H 8 11.44 -28.55 19.41
C GLU H 8 11.67 -30.04 19.55
N SER H 9 11.67 -30.56 20.78
CA SER H 9 12.02 -31.95 21.03
C SER H 9 10.84 -32.91 21.09
N ASP H 10 9.62 -32.40 21.25
CA ASP H 10 8.47 -33.27 21.47
C ASP H 10 8.02 -33.82 20.12
N TRP H 11 8.62 -34.94 19.74
CA TRP H 11 8.32 -35.62 18.50
C TRP H 11 7.17 -36.59 18.71
N GLY H 12 6.52 -36.95 17.61
CA GLY H 12 5.44 -37.89 17.63
C GLY H 12 4.09 -37.31 17.99
N LYS H 13 4.02 -36.05 18.43
CA LYS H 13 2.77 -35.44 18.84
C LYS H 13 2.12 -34.62 17.71
N ARG H 14 2.91 -33.82 17.01
CA ARG H 14 2.38 -33.01 15.92
C ARG H 14 1.80 -33.91 14.83
N CYS H 15 0.72 -33.45 14.23
CA CYS H 15 -0.03 -34.23 13.26
C CYS H 15 0.49 -33.97 11.85
N VAL H 16 0.38 -35.00 10.99
CA VAL H 16 0.79 -34.88 9.60
C VAL H 16 -0.10 -33.93 8.81
N ASP H 17 -1.20 -33.46 9.41
CA ASP H 17 -2.01 -32.43 8.76
C ASP H 17 -1.22 -31.19 8.42
N LYS H 18 -0.13 -30.92 9.12
CA LYS H 18 0.71 -29.74 8.89
C LYS H 18 1.50 -29.82 7.60
N PHE H 19 1.35 -30.89 6.83
CA PHE H 19 2.02 -31.07 5.55
C PHE H 19 1.01 -31.28 4.43
N ASP H 20 1.27 -30.67 3.28
CA ASP H 20 0.49 -30.89 2.07
C ASP H 20 1.18 -31.99 1.27
N ILE H 21 0.55 -33.16 1.17
CA ILE H 21 1.21 -34.26 0.44
C ILE H 21 1.21 -33.90 -1.04
N ILE H 22 2.38 -33.98 -1.66
CA ILE H 22 2.53 -33.59 -3.05
C ILE H 22 2.56 -34.79 -3.98
N GLY H 23 3.24 -35.85 -3.58
CA GLY H 23 3.31 -37.05 -4.42
C GLY H 23 4.16 -38.11 -3.75
N ILE H 24 4.07 -39.31 -4.33
CA ILE H 24 4.79 -40.47 -3.80
C ILE H 24 6.12 -40.55 -4.54
N ILE H 25 7.22 -40.19 -3.85
CA ILE H 25 8.55 -40.19 -4.44
C ILE H 25 9.06 -41.62 -4.64
N GLY H 26 8.93 -42.46 -3.62
CA GLY H 26 9.43 -43.82 -3.72
C GLY H 26 8.70 -44.73 -2.77
N GLU H 27 8.80 -46.03 -3.05
CA GLU H 27 8.20 -47.06 -2.20
C GLU H 27 9.27 -47.58 -1.25
N GLY H 28 9.17 -47.21 0.03
CA GLY H 28 10.09 -47.70 1.03
C GLY H 28 9.87 -49.14 1.42
N THR H 29 10.91 -49.73 2.00
CA THR H 29 10.84 -51.14 2.40
C THR H 29 9.73 -51.35 3.42
N TYR H 30 9.77 -50.61 4.53
CA TYR H 30 8.76 -50.74 5.58
C TYR H 30 7.50 -49.93 5.29
N GLY H 31 7.62 -48.82 4.57
CA GLY H 31 6.45 -48.03 4.22
C GLY H 31 6.79 -47.13 3.05
N GLN H 32 5.73 -46.67 2.37
CA GLN H 32 5.94 -45.79 1.23
C GLN H 32 6.38 -44.41 1.70
N VAL H 33 7.16 -43.75 0.86
CA VAL H 33 7.72 -42.42 1.15
C VAL H 33 7.08 -41.40 0.21
N TYR H 34 6.58 -40.31 0.78
CA TYR H 34 5.92 -39.26 0.03
C TYR H 34 6.68 -37.95 0.23
N LYS H 35 6.68 -37.12 -0.82
CA LYS H 35 7.29 -35.79 -0.79
C LYS H 35 6.19 -34.79 -0.49
N ALA H 36 6.43 -33.91 0.47
CA ALA H 36 5.37 -33.01 0.92
C ALA H 36 5.93 -31.63 1.23
N LYS H 37 5.01 -30.67 1.36
CA LYS H 37 5.33 -29.27 1.63
C LYS H 37 4.78 -28.89 2.99
N ASP H 38 5.63 -28.29 3.82
CA ASP H 38 5.23 -27.82 5.14
C ASP H 38 4.32 -26.60 5.03
N LYS H 39 3.12 -26.68 5.60
CA LYS H 39 2.15 -25.60 5.47
C LYS H 39 2.60 -24.29 6.11
N ASP H 40 3.42 -24.36 7.16
CA ASP H 40 3.81 -23.14 7.87
C ASP H 40 5.04 -22.48 7.27
N THR H 41 6.04 -23.30 6.89
CA THR H 41 7.33 -22.78 6.44
C THR H 41 7.50 -22.84 4.93
N GLY H 42 6.82 -23.76 4.26
CA GLY H 42 7.00 -23.95 2.83
C GLY H 42 8.09 -24.91 2.44
N GLU H 43 8.85 -25.42 3.40
CA GLU H 43 9.95 -26.32 3.10
C GLU H 43 9.46 -27.64 2.52
N LEU H 44 10.14 -28.10 1.48
CA LEU H 44 9.91 -29.44 0.96
C LEU H 44 10.56 -30.45 1.90
N VAL H 45 9.81 -31.53 2.21
CA VAL H 45 10.23 -32.54 3.15
C VAL H 45 9.98 -33.90 2.53
N ALA H 46 10.50 -34.93 3.17
CA ALA H 46 10.23 -36.32 2.83
C ALA H 46 9.61 -37.00 4.03
N LEU H 47 8.52 -37.74 3.82
CA LEU H 47 7.79 -38.40 4.91
C LEU H 47 7.79 -39.88 4.62
N LYS H 48 8.36 -40.67 5.55
CA LYS H 48 8.34 -42.12 5.44
C LYS H 48 7.23 -42.65 6.34
N LYS H 49 6.28 -43.37 5.73
CA LYS H 49 5.10 -43.85 6.43
C LYS H 49 5.45 -45.11 7.19
N VAL H 50 5.43 -45.05 8.51
CA VAL H 50 5.64 -46.22 9.33
C VAL H 50 4.27 -46.78 9.70
N ARG H 51 3.99 -47.98 9.23
CA ARG H 51 2.67 -48.58 9.39
C ARG H 51 2.76 -49.59 10.53
N LEU H 52 2.04 -49.33 11.60
CA LEU H 52 1.87 -50.28 12.68
C LEU H 52 0.60 -51.10 12.52
N ASP H 53 -0.11 -50.91 11.41
CA ASP H 53 -1.36 -51.64 11.19
C ASP H 53 -1.10 -53.13 11.08
N ASN H 54 0.03 -53.50 10.46
CA ASN H 54 0.35 -54.93 10.36
C ASN H 54 0.42 -55.54 11.76
N GLU H 55 1.05 -54.84 12.70
CA GLU H 55 1.08 -55.26 14.09
C GLU H 55 1.60 -56.68 14.23
N LYS H 56 2.34 -57.15 13.23
CA LYS H 56 3.01 -58.44 13.36
C LYS H 56 3.96 -58.43 14.55
N GLU H 57 4.84 -57.44 14.60
CA GLU H 57 5.74 -57.22 15.73
C GLU H 57 5.72 -55.73 16.11
N GLY H 58 4.63 -55.04 15.82
CA GLY H 58 4.50 -53.64 16.16
C GLY H 58 5.38 -52.74 15.32
N PHE H 59 5.96 -51.73 15.96
CA PHE H 59 6.81 -50.78 15.26
C PHE H 59 7.94 -51.50 14.54
N PRO H 60 8.16 -51.21 13.25
CA PRO H 60 9.24 -51.90 12.53
C PRO H 60 10.60 -51.61 13.14
N ILE H 61 11.41 -52.65 13.27
CA ILE H 61 12.75 -52.45 13.83
C ILE H 61 13.61 -51.65 12.87
N THR H 62 13.36 -51.74 11.56
CA THR H 62 14.11 -50.94 10.60
C THR H 62 13.93 -49.44 10.85
N ALA H 63 12.69 -49.01 11.09
CA ALA H 63 12.46 -47.62 11.46
C ALA H 63 13.10 -47.31 12.81
N ILE H 64 13.03 -48.25 13.75
CA ILE H 64 13.62 -48.03 15.07
C ILE H 64 15.10 -47.73 14.94
N ARG H 65 15.82 -48.54 14.15
CA ARG H 65 17.24 -48.29 13.99
C ARG H 65 17.49 -46.92 13.35
N GLU H 66 16.70 -46.58 12.33
CA GLU H 66 16.89 -45.32 11.62
C GLU H 66 16.63 -44.12 12.52
N ILE H 67 15.68 -44.22 13.44
CA ILE H 67 15.41 -43.12 14.35
C ILE H 67 16.47 -43.06 15.45
N LYS H 68 16.72 -44.20 16.08
CA LYS H 68 17.75 -44.28 17.12
C LYS H 68 19.06 -43.69 16.61
N ILE H 69 19.46 -44.06 15.39
CA ILE H 69 20.79 -43.72 14.91
C ILE H 69 20.83 -42.31 14.37
N LEU H 70 19.83 -41.91 13.58
CA LEU H 70 19.91 -40.61 12.91
C LEU H 70 19.69 -39.46 13.89
N ARG H 71 19.06 -39.69 15.04
CA ARG H 71 19.05 -38.66 16.08
C ARG H 71 20.40 -38.53 16.76
N GLN H 72 21.30 -39.50 16.56
CA GLN H 72 22.66 -39.42 17.07
C GLN H 72 23.61 -38.74 16.09
N LEU H 73 23.39 -38.90 14.78
CA LEU H 73 24.34 -38.47 13.77
C LEU H 73 24.00 -37.10 13.22
N ILE H 74 24.94 -36.16 13.32
CA ILE H 74 24.80 -34.81 12.81
C ILE H 74 26.00 -34.55 11.90
N HIS H 75 25.77 -34.51 10.58
CA HIS H 75 26.83 -34.28 9.61
C HIS H 75 26.23 -33.80 8.30
N ARG H 76 27.00 -32.96 7.60
CA ARG H 76 26.49 -32.35 6.37
C ARG H 76 26.12 -33.41 5.34
N SER H 77 26.86 -34.51 5.31
CA SER H 77 26.68 -35.58 4.34
C SER H 77 25.84 -36.74 4.89
N VAL H 78 25.09 -36.49 5.95
CA VAL H 78 24.18 -37.48 6.51
C VAL H 78 22.77 -36.89 6.44
N VAL H 79 21.79 -37.73 6.06
CA VAL H 79 20.42 -37.26 5.99
C VAL H 79 19.98 -36.81 7.38
N ASN H 80 19.21 -35.74 7.43
CA ASN H 80 18.76 -35.19 8.70
C ASN H 80 17.29 -35.49 8.91
N MET H 81 16.99 -36.27 9.96
CA MET H 81 15.61 -36.51 10.39
C MET H 81 15.14 -35.29 11.19
N LYS H 82 14.14 -34.59 10.65
CA LYS H 82 13.68 -33.34 11.23
C LYS H 82 12.71 -33.54 12.38
N GLU H 83 11.73 -34.44 12.22
CA GLU H 83 10.80 -34.72 13.31
C GLU H 83 10.00 -35.96 12.92
N ILE H 84 9.09 -36.36 13.81
CA ILE H 84 8.19 -37.48 13.59
C ILE H 84 6.77 -36.99 13.85
N VAL H 85 5.88 -37.25 12.91
CA VAL H 85 4.49 -36.80 12.98
C VAL H 85 3.59 -38.01 12.84
N THR H 86 2.32 -37.83 13.22
CA THR H 86 1.38 -38.93 13.30
C THR H 86 0.11 -38.61 12.52
N ASP H 87 -0.57 -39.68 12.10
CA ASP H 87 -1.92 -39.53 11.58
C ASP H 87 -2.84 -39.00 12.67
N LYS H 88 -3.93 -38.37 12.24
CA LYS H 88 -4.89 -37.81 13.17
C LYS H 88 -5.44 -38.89 14.09
N GLN H 89 -5.21 -38.73 15.40
CA GLN H 89 -5.68 -39.70 16.39
C GLN H 89 -7.17 -39.45 16.62
N ASP H 90 -7.96 -39.75 15.58
CA ASP H 90 -9.39 -39.48 15.66
C ASP H 90 -10.09 -40.35 16.69
N ALA H 91 -9.65 -41.60 16.88
CA ALA H 91 -10.27 -42.46 17.87
C ALA H 91 -9.84 -42.00 19.26
N LEU H 92 -10.82 -41.68 20.11
CA LEU H 92 -10.52 -41.21 21.46
C LEU H 92 -9.82 -42.31 22.26
N ASP H 93 -10.33 -43.53 22.19
CA ASP H 93 -9.70 -44.69 22.81
C ASP H 93 -8.38 -45.02 22.13
N PHE H 94 -7.32 -45.20 22.92
CA PHE H 94 -6.02 -45.54 22.32
C PHE H 94 -6.07 -46.86 21.57
N LYS H 95 -6.86 -47.83 22.06
CA LYS H 95 -6.94 -49.12 21.39
C LYS H 95 -7.52 -49.01 19.98
N LYS H 96 -8.52 -48.13 19.80
CA LYS H 96 -9.18 -48.05 18.50
C LYS H 96 -8.23 -47.55 17.41
N ASP H 97 -7.33 -46.63 17.76
CA ASP H 97 -6.47 -46.01 16.76
C ASP H 97 -5.61 -47.07 16.07
N LYS H 98 -5.57 -47.04 14.74
CA LYS H 98 -4.72 -47.89 13.92
C LYS H 98 -3.88 -47.06 12.95
N GLY H 99 -3.78 -45.75 13.21
CA GLY H 99 -3.04 -44.84 12.37
C GLY H 99 -1.53 -45.04 12.42
N ALA H 100 -0.87 -44.54 11.38
CA ALA H 100 0.56 -44.67 11.19
C ALA H 100 1.32 -43.42 11.66
N PHE H 101 2.65 -43.57 11.74
CA PHE H 101 3.58 -42.49 12.06
C PHE H 101 4.42 -42.16 10.83
N TYR H 102 4.80 -40.89 10.70
CA TYR H 102 5.60 -40.43 9.57
C TYR H 102 6.94 -39.87 10.03
N LEU H 103 7.99 -40.18 9.29
CA LEU H 103 9.35 -39.74 9.58
C LEU H 103 9.67 -38.58 8.65
N VAL H 104 9.89 -37.39 9.22
CA VAL H 104 10.18 -36.20 8.44
C VAL H 104 11.68 -36.17 8.14
N PHE H 105 12.02 -35.90 6.88
CA PHE H 105 13.41 -35.79 6.44
C PHE H 105 13.49 -34.57 5.55
N GLU H 106 14.69 -34.02 5.40
CA GLU H 106 14.91 -32.99 4.40
C GLU H 106 14.77 -33.61 3.01
N TYR H 107 14.05 -32.94 2.11
CA TYR H 107 13.89 -33.45 0.76
C TYR H 107 15.17 -33.30 -0.06
N MET H 108 15.46 -34.29 -0.90
CA MET H 108 16.62 -34.30 -1.78
C MET H 108 16.14 -34.29 -3.23
N ASP H 109 16.79 -33.46 -4.05
CA ASP H 109 16.33 -33.28 -5.42
C ASP H 109 16.43 -34.58 -6.23
N HIS H 110 17.51 -35.34 -6.04
CA HIS H 110 17.72 -36.53 -6.85
C HIS H 110 18.42 -37.63 -6.06
N ASP H 111 18.38 -38.83 -6.60
CA ASP H 111 19.11 -40.00 -6.12
C ASP H 111 20.06 -40.48 -7.20
N LEU H 112 21.21 -41.01 -6.78
CA LEU H 112 22.25 -41.37 -7.75
C LEU H 112 21.76 -42.47 -8.69
N MET H 113 21.04 -43.47 -8.15
CA MET H 113 20.57 -44.57 -9.00
C MET H 113 19.62 -44.05 -10.07
N GLY H 114 18.78 -43.07 -9.72
CA GLY H 114 17.90 -42.46 -10.70
C GLY H 114 18.62 -41.64 -11.76
N LEU H 115 19.62 -40.85 -11.35
CA LEU H 115 20.33 -40.01 -12.31
C LEU H 115 21.13 -40.86 -13.30
N LEU H 116 21.73 -41.95 -12.83
CA LEU H 116 22.48 -42.82 -13.73
C LEU H 116 21.57 -43.68 -14.61
N GLU H 117 20.52 -44.28 -14.02
CA GLU H 117 19.67 -45.19 -14.80
C GLU H 117 19.06 -44.50 -16.01
N SER H 118 18.57 -43.27 -15.84
CA SER H 118 18.03 -42.49 -16.95
C SER H 118 19.12 -41.95 -17.88
N GLY H 119 20.40 -42.13 -17.54
CA GLY H 119 21.51 -41.68 -18.36
C GLY H 119 21.57 -40.20 -18.65
N LEU H 120 21.04 -39.38 -17.74
CA LEU H 120 20.91 -37.94 -17.93
C LEU H 120 22.05 -37.15 -17.29
N VAL H 121 23.02 -37.83 -16.68
CA VAL H 121 24.07 -37.21 -15.88
C VAL H 121 25.43 -37.54 -16.46
N HIS H 122 26.37 -36.61 -16.26
CA HIS H 122 27.77 -36.78 -16.62
C HIS H 122 28.69 -36.32 -15.50
N PHE H 123 29.63 -37.16 -15.07
CA PHE H 123 30.57 -36.79 -14.03
C PHE H 123 31.95 -36.56 -14.64
N SER H 124 32.53 -35.40 -14.38
CA SER H 124 33.93 -35.12 -14.67
C SER H 124 34.75 -35.56 -13.47
N GLU H 125 36.08 -35.53 -13.62
CA GLU H 125 36.93 -35.86 -12.48
C GLU H 125 36.64 -34.96 -11.29
N ASP H 126 36.53 -33.65 -11.53
CA ASP H 126 36.26 -32.72 -10.43
C ASP H 126 34.92 -33.01 -9.75
N HIS H 127 33.91 -33.45 -10.52
CA HIS H 127 32.62 -33.82 -9.93
C HIS H 127 32.76 -35.01 -8.99
N ILE H 128 33.49 -36.05 -9.43
CA ILE H 128 33.66 -37.23 -8.60
C ILE H 128 34.40 -36.87 -7.31
N LYS H 129 35.46 -36.07 -7.42
CA LYS H 129 36.18 -35.65 -6.21
C LYS H 129 35.22 -35.03 -5.19
N SER H 130 34.38 -34.10 -5.64
CA SER H 130 33.43 -33.45 -4.74
C SER H 130 32.45 -34.46 -4.15
N PHE H 131 31.99 -35.39 -4.97
CA PHE H 131 31.08 -36.42 -4.52
C PHE H 131 31.73 -37.35 -3.49
N MET H 132 32.89 -37.92 -3.84
CA MET H 132 33.51 -38.90 -2.95
C MET H 132 33.91 -38.25 -1.64
N LYS H 133 34.49 -37.05 -1.68
CA LYS H 133 34.93 -36.45 -0.44
C LYS H 133 33.77 -36.28 0.51
N GLN H 134 32.61 -35.86 -0.01
CA GLN H 134 31.43 -35.79 0.84
C GLN H 134 31.03 -37.17 1.33
N LEU H 135 30.97 -38.15 0.44
CA LEU H 135 30.54 -39.49 0.84
C LEU H 135 31.49 -40.06 1.88
N MET H 136 32.80 -39.91 1.66
CA MET H 136 33.78 -40.45 2.60
C MET H 136 33.76 -39.68 3.93
N GLU H 137 33.60 -38.37 3.88
CA GLU H 137 33.51 -37.60 5.12
C GLU H 137 32.31 -38.05 5.94
N GLY H 138 31.18 -38.29 5.28
CA GLY H 138 30.04 -38.85 6.00
C GLY H 138 30.32 -40.23 6.55
N LEU H 139 30.89 -41.11 5.72
CA LEU H 139 31.17 -42.47 6.17
C LEU H 139 32.11 -42.46 7.36
N GLU H 140 33.12 -41.58 7.32
CA GLU H 140 34.04 -41.41 8.44
C GLU H 140 33.29 -41.01 9.70
N TYR H 141 32.36 -40.05 9.58
CA TYR H 141 31.59 -39.64 10.74
C TYR H 141 30.88 -40.83 11.37
N CYS H 142 30.22 -41.65 10.53
CA CYS H 142 29.44 -42.78 11.03
C CYS H 142 30.33 -43.90 11.56
N HIS H 143 31.38 -44.25 10.82
CA HIS H 143 32.26 -45.31 11.29
C HIS H 143 32.98 -44.89 12.56
N LYS H 144 33.24 -43.58 12.72
CA LYS H 144 33.81 -43.08 13.96
C LYS H 144 32.84 -43.23 15.12
N LYS H 145 31.56 -42.99 14.88
CA LYS H 145 30.53 -43.20 15.89
C LYS H 145 30.16 -44.69 16.03
N ASN H 146 30.90 -45.56 15.32
CA ASN H 146 30.80 -47.02 15.45
C ASN H 146 29.50 -47.60 14.91
N PHE H 147 29.04 -47.07 13.78
CA PHE H 147 27.85 -47.55 13.10
C PHE H 147 28.22 -48.11 11.72
N LEU H 148 27.53 -49.18 11.33
CA LEU H 148 27.75 -49.83 10.04
C LEU H 148 26.49 -49.66 9.19
N HIS H 149 26.63 -49.10 8.00
CA HIS H 149 25.45 -48.87 7.18
C HIS H 149 24.82 -50.20 6.73
N ARG H 150 25.63 -51.11 6.25
CA ARG H 150 25.25 -52.45 5.86
C ARG H 150 24.37 -52.46 4.61
N ASP H 151 24.03 -51.30 4.04
CA ASP H 151 23.24 -51.26 2.83
C ASP H 151 23.58 -50.06 1.95
N ILE H 152 24.84 -49.91 1.59
CA ILE H 152 25.22 -48.86 0.65
C ILE H 152 24.85 -49.32 -0.76
N LYS H 153 23.97 -48.57 -1.41
CA LYS H 153 23.58 -48.83 -2.79
C LYS H 153 23.49 -47.46 -3.47
N CYS H 154 23.46 -47.46 -4.81
CA CYS H 154 23.35 -46.18 -5.51
C CYS H 154 22.07 -45.45 -5.13
N SER H 155 20.99 -46.21 -4.92
CA SER H 155 19.69 -45.62 -4.59
C SER H 155 19.70 -44.89 -3.25
N ASN H 156 20.44 -45.40 -2.27
CA ASN H 156 20.45 -44.81 -0.93
C ASN H 156 21.29 -43.53 -0.84
N ILE H 157 22.21 -43.30 -1.76
CA ILE H 157 22.92 -42.03 -1.85
C ILE H 157 22.00 -40.98 -2.48
N LEU H 158 21.94 -39.79 -1.89
CA LEU H 158 21.05 -38.73 -2.34
C LEU H 158 21.78 -37.45 -2.73
N LEU H 159 21.31 -36.82 -3.79
CA LEU H 159 21.94 -35.63 -4.35
C LEU H 159 20.92 -34.54 -4.64
N ASN H 160 21.13 -33.34 -4.10
CA ASN H 160 20.40 -32.17 -4.56
C ASN H 160 21.34 -31.33 -5.46
N ASN H 161 20.73 -30.48 -6.28
CA ASN H 161 21.42 -29.94 -7.45
C ASN H 161 22.71 -29.17 -7.10
N SER H 162 22.77 -28.59 -5.91
CA SER H 162 23.98 -27.83 -5.55
C SER H 162 25.24 -28.68 -5.64
N GLY H 163 25.09 -29.99 -5.46
CA GLY H 163 26.21 -30.90 -5.38
C GLY H 163 26.38 -31.54 -4.02
N GLN H 164 25.59 -31.12 -3.03
CA GLN H 164 25.62 -31.74 -1.73
C GLN H 164 25.07 -33.15 -1.80
N ILE H 165 25.77 -34.07 -1.14
CA ILE H 165 25.44 -35.50 -1.11
C ILE H 165 25.16 -35.89 0.34
N LYS H 166 24.08 -36.65 0.55
CA LYS H 166 23.72 -37.17 1.85
C LYS H 166 23.32 -38.64 1.73
N LEU H 167 23.83 -39.47 2.65
CA LEU H 167 23.43 -40.86 2.77
C LEU H 167 22.07 -40.95 3.48
N ALA H 168 21.34 -42.04 3.24
CA ALA H 168 19.95 -42.02 3.67
C ALA H 168 19.32 -43.24 4.33
N ASP H 169 19.43 -44.43 3.76
CA ASP H 169 18.73 -45.58 4.31
C ASP H 169 19.52 -46.27 5.42
N PHE H 170 19.41 -45.74 6.63
CA PHE H 170 20.06 -46.34 7.79
C PHE H 170 19.22 -47.40 8.48
N GLY H 171 18.22 -47.95 7.78
CA GLY H 171 17.35 -48.94 8.38
C GLY H 171 18.07 -50.20 8.80
N LEU H 172 19.21 -50.49 8.20
CA LEU H 172 19.96 -51.71 8.48
C LEU H 172 21.19 -51.48 9.36
N ALA H 173 21.40 -50.27 9.87
CA ALA H 173 22.63 -49.97 10.59
C ALA H 173 22.64 -50.58 11.99
N ARG H 174 23.82 -50.97 12.45
CA ARG H 174 23.99 -51.53 13.77
C ARG H 174 25.36 -51.11 14.30
N LEU H 175 25.49 -51.07 15.62
CA LEU H 175 26.73 -50.69 16.25
C LEU H 175 27.77 -51.78 16.11
N TYR H 176 29.04 -51.38 15.99
CA TYR H 176 30.15 -52.32 15.87
C TYR H 176 31.08 -52.14 17.07
N ASN H 177 31.39 -53.24 17.74
CA ASN H 177 32.35 -53.24 18.84
C ASN H 177 33.49 -54.19 18.46
N SER H 178 34.69 -53.62 18.27
CA SER H 178 35.87 -54.45 18.01
C SER H 178 36.19 -55.37 19.17
N GLU H 179 36.11 -54.86 20.40
CA GLU H 179 36.44 -55.66 21.57
C GLU H 179 35.53 -56.87 21.65
N GLU H 180 34.22 -56.62 21.64
CA GLU H 180 33.21 -57.67 21.60
C GLU H 180 32.56 -57.69 20.23
N SER H 181 32.77 -58.76 19.48
CA SER H 181 32.16 -58.93 18.16
C SER H 181 31.13 -60.05 18.17
N ARG H 182 29.96 -59.80 17.61
CA ARG H 182 28.84 -60.71 17.66
C ARG H 182 28.35 -61.06 16.26
N PRO H 183 27.69 -62.20 16.08
CA PRO H 183 27.21 -62.56 14.74
C PRO H 183 26.13 -61.58 14.32
N TYR H 184 26.31 -60.98 13.14
CA TYR H 184 25.30 -60.10 12.58
C TYR H 184 24.65 -60.78 11.37
N ASN H 186 23.88 -62.08 7.96
CA ASN H 186 24.77 -62.27 6.83
C ASN H 186 24.11 -61.73 5.56
N LYS H 187 24.93 -61.30 4.60
CA LYS H 187 24.43 -60.89 3.29
C LYS H 187 23.51 -59.67 3.39
N VAL H 188 23.92 -58.68 4.20
CA VAL H 188 23.07 -57.52 4.39
C VAL H 188 23.07 -56.62 3.16
N ILE H 189 24.24 -56.45 2.53
CA ILE H 189 24.39 -55.52 1.42
C ILE H 189 23.76 -56.11 0.16
N THR H 190 23.41 -55.23 -0.79
CA THR H 190 22.92 -55.70 -2.07
C THR H 190 24.04 -56.40 -2.84
N LEU H 191 23.66 -57.42 -3.62
CA LEU H 191 24.68 -58.31 -4.18
C LEU H 191 25.69 -57.55 -5.04
N TRP H 192 25.21 -56.61 -5.86
CA TRP H 192 26.11 -55.90 -6.76
C TRP H 192 27.21 -55.18 -6.02
N TYR H 193 26.90 -54.57 -4.87
CA TYR H 193 27.88 -53.81 -4.12
C TYR H 193 28.33 -54.57 -2.88
N ARG H 194 28.05 -55.86 -2.79
CA ARG H 194 28.40 -56.64 -1.61
C ARG H 194 29.89 -56.96 -1.62
N PRO H 195 30.54 -56.92 -0.46
CA PRO H 195 31.97 -57.26 -0.39
C PRO H 195 32.20 -58.75 -0.45
N PRO H 196 33.42 -59.17 -0.80
CA PRO H 196 33.69 -60.61 -0.94
C PRO H 196 33.56 -61.39 0.37
N GLU H 197 33.91 -60.79 1.50
CA GLU H 197 33.83 -61.52 2.76
C GLU H 197 32.41 -61.99 3.05
N LEU H 198 31.41 -61.13 2.84
CA LEU H 198 30.04 -61.51 3.11
C LEU H 198 29.59 -62.61 2.16
N LEU H 199 30.03 -62.53 0.90
CA LEU H 199 29.76 -63.60 -0.05
C LEU H 199 30.29 -64.94 0.46
N LEU H 200 31.42 -64.90 1.16
CA LEU H 200 32.03 -66.09 1.74
C LEU H 200 31.50 -66.39 3.13
N GLY H 201 30.44 -65.69 3.55
CA GLY H 201 29.72 -66.02 4.75
C GLY H 201 30.30 -65.53 6.05
N GLU H 202 31.01 -64.40 6.04
CA GLU H 202 31.47 -63.80 7.28
C GLU H 202 30.28 -63.22 8.06
N GLU H 203 30.13 -63.64 9.31
CA GLU H 203 29.06 -63.14 10.18
C GLU H 203 29.50 -62.07 11.17
N ARG H 204 30.80 -61.89 11.40
CA ARG H 204 31.34 -60.84 12.27
C ARG H 204 32.21 -59.89 11.46
N TYR H 205 31.60 -58.88 10.84
CA TYR H 205 32.33 -58.05 9.89
C TYR H 205 32.74 -56.68 10.42
N THR H 206 33.74 -56.14 9.74
CA THR H 206 34.32 -54.84 10.07
C THR H 206 33.50 -53.75 9.41
N PRO H 207 33.78 -52.49 9.73
CA PRO H 207 33.14 -51.39 8.97
C PRO H 207 33.55 -51.39 7.51
N ALA H 208 34.65 -52.06 7.16
CA ALA H 208 35.15 -52.02 5.80
C ALA H 208 34.18 -52.62 4.80
N ILE H 209 33.11 -53.28 5.27
CA ILE H 209 32.09 -53.76 4.35
C ILE H 209 31.48 -52.58 3.60
N ASP H 210 31.22 -51.48 4.30
CA ASP H 210 30.69 -50.29 3.65
C ASP H 210 31.72 -49.67 2.71
N VAL H 211 33.01 -49.76 3.05
CA VAL H 211 34.02 -49.19 2.17
C VAL H 211 34.02 -49.89 0.82
N TRP H 212 33.90 -51.22 0.81
CA TRP H 212 33.85 -51.94 -0.46
C TRP H 212 32.72 -51.42 -1.34
N SER H 213 31.52 -51.29 -0.77
CA SER H 213 30.39 -50.79 -1.56
C SER H 213 30.70 -49.42 -2.14
N CYS H 214 31.20 -48.50 -1.31
CA CYS H 214 31.51 -47.16 -1.81
C CYS H 214 32.56 -47.20 -2.91
N GLY H 215 33.50 -48.13 -2.83
CA GLY H 215 34.43 -48.30 -3.93
C GLY H 215 33.74 -48.70 -5.21
N CYS H 216 32.80 -49.65 -5.12
CA CYS H 216 32.02 -50.02 -6.29
C CYS H 216 31.35 -48.79 -6.90
N ILE H 217 30.91 -47.87 -6.05
CA ILE H 217 30.33 -46.63 -6.54
C ILE H 217 31.38 -45.79 -7.23
N LEU H 218 32.58 -45.69 -6.65
CA LEU H 218 33.62 -44.89 -7.27
C LEU H 218 33.88 -45.33 -8.70
N GLY H 219 34.14 -46.63 -8.90
CA GLY H 219 34.36 -47.12 -10.26
C GLY H 219 33.17 -46.86 -11.16
N GLU H 220 31.96 -47.02 -10.63
CA GLU H 220 30.74 -46.82 -11.42
C GLU H 220 30.63 -45.39 -11.92
N LEU H 221 31.16 -44.41 -11.17
CA LEU H 221 31.13 -43.03 -11.63
C LEU H 221 32.04 -42.82 -12.84
N PHE H 222 33.12 -43.60 -12.94
CA PHE H 222 34.01 -43.46 -14.09
C PHE H 222 33.48 -44.20 -15.31
N THR H 223 32.72 -45.29 -15.11
CA THR H 223 32.13 -46.01 -16.25
C THR H 223 30.65 -45.72 -16.49
N LYS H 224 29.93 -45.17 -15.50
CA LYS H 224 28.49 -44.96 -15.53
C LYS H 224 27.71 -46.27 -15.50
N LYS H 225 28.37 -47.40 -15.21
CA LYS H 225 27.79 -48.74 -15.11
C LYS H 225 28.32 -49.47 -13.90
N PRO H 226 27.49 -50.22 -13.18
CA PRO H 226 28.01 -50.99 -12.04
C PRO H 226 29.07 -51.99 -12.48
N ILE H 227 30.09 -52.12 -11.64
CA ILE H 227 31.26 -52.93 -11.97
C ILE H 227 30.91 -54.42 -11.99
N PHE H 228 30.30 -54.90 -10.92
CA PHE H 228 30.01 -56.31 -10.75
C PHE H 228 28.50 -56.49 -10.81
N GLN H 229 28.01 -56.99 -11.93
CA GLN H 229 26.60 -57.28 -12.10
C GLN H 229 26.43 -58.77 -12.34
N ALA H 230 25.78 -59.41 -11.38
CA ALA H 230 25.44 -60.82 -11.42
C ALA H 230 24.20 -60.95 -10.56
N ASN H 231 23.41 -61.98 -10.81
CA ASN H 231 22.22 -62.23 -10.03
C ASN H 231 22.37 -63.35 -9.03
N LEU H 232 23.51 -64.04 -9.03
CA LEU H 232 23.77 -65.16 -8.14
C LEU H 232 25.05 -64.85 -7.38
N GLU H 233 25.08 -65.25 -6.11
CA GLU H 233 26.21 -64.91 -5.26
C GLU H 233 27.51 -65.48 -5.79
N LEU H 234 27.49 -66.72 -6.26
CA LEU H 234 28.70 -67.33 -6.79
C LEU H 234 29.20 -66.58 -8.02
N ALA H 235 28.30 -66.29 -8.96
CA ALA H 235 28.70 -65.57 -10.16
C ALA H 235 29.26 -64.20 -9.80
N GLN H 236 28.66 -63.54 -8.80
CA GLN H 236 29.17 -62.26 -8.35
C GLN H 236 30.59 -62.39 -7.82
N LEU H 237 30.85 -63.43 -7.03
CA LEU H 237 32.21 -63.69 -6.56
C LEU H 237 33.15 -63.89 -7.74
N GLU H 238 32.70 -64.63 -8.76
CA GLU H 238 33.50 -64.85 -9.95
C GLU H 238 33.85 -63.52 -10.61
N LEU H 239 32.86 -62.63 -10.76
CA LEU H 239 33.13 -61.33 -11.36
C LEU H 239 34.15 -60.55 -10.55
N ILE H 240 34.00 -60.53 -9.23
CA ILE H 240 34.97 -59.88 -8.37
C ILE H 240 36.35 -60.49 -8.58
N SER H 241 36.42 -61.82 -8.63
CA SER H 241 37.70 -62.51 -8.77
C SER H 241 38.39 -62.16 -10.08
N ARG H 242 37.63 -62.07 -11.18
CA ARG H 242 38.24 -61.78 -12.48
C ARG H 242 38.99 -60.46 -12.46
N LEU H 243 38.46 -59.47 -11.74
CA LEU H 243 39.04 -58.14 -11.71
C LEU H 243 40.05 -58.00 -10.59
N CYS H 244 39.68 -58.44 -9.39
CA CYS H 244 40.47 -58.20 -8.19
C CYS H 244 41.42 -59.33 -7.84
N GLY H 245 41.33 -60.46 -8.51
CA GLY H 245 42.08 -61.64 -8.13
C GLY H 245 41.25 -62.55 -7.25
N SER H 246 41.54 -63.84 -7.33
CA SER H 246 40.75 -64.80 -6.56
C SER H 246 41.09 -64.74 -5.07
N PRO H 247 40.11 -64.88 -4.18
CA PRO H 247 40.45 -65.01 -2.75
C PRO H 247 41.33 -66.22 -2.51
N CYS H 248 42.49 -65.98 -1.90
CA CYS H 248 43.43 -67.05 -1.60
C CYS H 248 44.31 -66.61 -0.44
N PRO H 249 44.85 -67.55 0.33
CA PRO H 249 45.67 -67.17 1.49
C PRO H 249 46.85 -66.30 1.13
N ALA H 250 47.37 -66.40 -0.09
CA ALA H 250 48.56 -65.64 -0.45
C ALA H 250 48.32 -64.14 -0.29
N VAL H 251 47.12 -63.67 -0.67
CA VAL H 251 46.77 -62.26 -0.54
C VAL H 251 45.84 -61.96 0.64
N TRP H 252 45.18 -62.98 1.18
CA TRP H 252 44.14 -62.82 2.20
C TRP H 252 44.37 -63.93 3.21
N PRO H 253 45.37 -63.77 4.09
CA PRO H 253 45.79 -64.91 4.94
C PRO H 253 44.67 -65.58 5.72
N ASP H 254 43.69 -64.82 6.19
CA ASP H 254 42.65 -65.37 7.04
C ASP H 254 41.42 -65.85 6.27
N VAL H 255 41.50 -65.91 4.95
CA VAL H 255 40.35 -66.36 4.17
C VAL H 255 40.00 -67.81 4.49
N ILE H 256 41.00 -68.61 4.85
CA ILE H 256 40.79 -70.02 5.12
C ILE H 256 39.83 -70.23 6.27
N ARG H 257 39.67 -69.23 7.14
CA ARG H 257 38.71 -69.33 8.23
C ARG H 257 37.26 -69.18 7.78
N LEU H 258 37.03 -68.71 6.57
CA LEU H 258 35.65 -68.39 6.22
C LEU H 258 34.87 -69.65 5.85
N PRO H 259 33.60 -69.72 6.22
CA PRO H 259 32.85 -70.96 6.01
C PRO H 259 32.89 -71.50 4.59
N TYR H 260 32.60 -70.65 3.61
CA TYR H 260 32.42 -71.09 2.24
C TYR H 260 33.70 -70.97 1.43
N PHE H 261 34.85 -70.78 2.08
CA PHE H 261 36.07 -70.61 1.33
C PHE H 261 36.32 -71.79 0.40
N ASN H 262 36.20 -73.02 0.94
CA ASN H 262 36.35 -74.19 0.07
C ASN H 262 35.16 -74.31 -0.89
N THR H 263 33.95 -74.05 -0.40
CA THR H 263 32.74 -74.30 -1.17
C THR H 263 32.65 -73.40 -2.39
N MET H 264 32.67 -72.08 -2.18
CA MET H 264 32.51 -71.12 -3.26
C MET H 264 33.89 -70.78 -3.82
N LYS H 265 34.33 -71.62 -4.73
CA LYS H 265 35.61 -71.42 -5.39
C LYS H 265 35.39 -70.82 -6.78
N PRO H 266 36.17 -69.81 -7.17
CA PRO H 266 36.03 -69.27 -8.53
C PRO H 266 36.49 -70.27 -9.58
N LYS H 267 36.09 -69.99 -10.83
CA LYS H 267 36.41 -70.87 -11.95
C LYS H 267 37.91 -71.16 -11.99
N LYS H 268 38.73 -70.13 -11.75
CA LYS H 268 40.17 -70.24 -11.72
C LYS H 268 40.72 -69.51 -10.50
N GLN H 269 42.04 -69.61 -10.34
CA GLN H 269 42.81 -68.75 -9.42
C GLN H 269 43.32 -67.54 -10.23
N TYR H 270 42.44 -66.55 -10.35
CA TYR H 270 42.71 -65.39 -11.19
C TYR H 270 43.75 -64.46 -10.57
N ARG H 271 44.50 -63.78 -11.44
CA ARG H 271 45.38 -62.69 -11.05
C ARG H 271 44.60 -61.38 -10.97
N ARG H 272 45.16 -60.42 -10.23
CA ARG H 272 44.53 -59.10 -10.15
C ARG H 272 44.76 -58.35 -11.46
N ARG H 273 43.68 -57.76 -11.99
CA ARG H 273 43.71 -57.04 -13.25
C ARG H 273 43.11 -55.65 -13.09
N LEU H 274 42.86 -55.21 -11.86
CA LEU H 274 42.14 -53.98 -11.63
C LEU H 274 42.83 -52.79 -12.30
N ARG H 275 44.13 -52.60 -12.04
CA ARG H 275 44.79 -51.45 -12.65
C ARG H 275 44.78 -51.53 -14.16
N GLU H 276 44.85 -52.75 -14.70
CA GLU H 276 44.83 -52.91 -16.13
C GLU H 276 43.46 -52.58 -16.70
N GLU H 277 42.41 -53.17 -16.15
CA GLU H 277 41.06 -53.00 -16.69
C GLU H 277 40.54 -51.59 -16.45
N PHE H 278 41.03 -50.91 -15.40
CA PHE H 278 40.70 -49.49 -15.18
C PHE H 278 41.86 -48.57 -15.56
N SER H 279 42.67 -48.95 -16.55
CA SER H 279 43.82 -48.13 -16.91
C SER H 279 43.41 -46.73 -17.36
N PHE H 280 42.16 -46.56 -17.82
CA PHE H 280 41.72 -45.25 -18.30
C PHE H 280 41.50 -44.23 -17.16
N ILE H 281 41.43 -44.69 -15.91
CA ILE H 281 41.12 -43.82 -14.75
C ILE H 281 42.36 -43.02 -14.36
N PRO H 282 42.19 -41.76 -13.92
CA PRO H 282 43.34 -40.97 -13.43
C PRO H 282 44.13 -41.66 -12.32
N SER H 283 45.43 -41.36 -12.27
CA SER H 283 46.34 -42.10 -11.39
C SER H 283 45.94 -41.98 -9.92
N ALA H 284 45.64 -40.78 -9.46
CA ALA H 284 45.28 -40.60 -8.06
C ALA H 284 44.04 -41.41 -7.72
N ALA H 285 43.09 -41.49 -8.65
CA ALA H 285 41.84 -42.21 -8.40
C ALA H 285 42.03 -43.72 -8.49
N LEU H 286 42.76 -44.18 -9.50
CA LEU H 286 42.98 -45.62 -9.65
C LEU H 286 43.63 -46.19 -8.39
N ASP H 287 44.56 -45.45 -7.82
CA ASP H 287 45.17 -45.84 -6.55
C ASP H 287 44.12 -45.95 -5.46
N LEU H 288 43.19 -45.01 -5.42
CA LEU H 288 42.09 -45.10 -4.45
C LEU H 288 41.26 -46.35 -4.67
N LEU H 289 40.92 -46.64 -5.93
CA LEU H 289 40.10 -47.80 -6.22
C LEU H 289 40.83 -49.08 -5.83
N ASP H 290 42.12 -49.17 -6.16
CA ASP H 290 42.86 -50.40 -5.91
C ASP H 290 42.75 -50.79 -4.45
N HIS H 291 42.79 -49.80 -3.56
CA HIS H 291 42.74 -50.04 -2.13
C HIS H 291 41.31 -50.28 -1.65
N MET H 292 40.35 -49.54 -2.20
CA MET H 292 38.97 -49.72 -1.78
C MET H 292 38.44 -51.09 -2.17
N LEU H 293 38.85 -51.59 -3.34
CA LEU H 293 38.43 -52.92 -3.80
C LEU H 293 39.53 -53.94 -3.53
N THR H 294 40.01 -53.96 -2.30
CA THR H 294 40.99 -54.92 -1.80
C THR H 294 40.28 -56.04 -1.06
N LEU H 295 40.60 -57.29 -1.41
CA LEU H 295 39.83 -58.42 -0.95
C LEU H 295 39.87 -58.59 0.57
N ASP H 296 41.06 -58.46 1.15
CA ASP H 296 41.17 -58.70 2.60
C ASP H 296 40.68 -57.48 3.37
N PRO H 297 39.58 -57.58 4.11
CA PRO H 297 39.05 -56.38 4.81
C PRO H 297 40.04 -55.78 5.80
N SER H 298 40.95 -56.59 6.35
CA SER H 298 41.96 -56.06 7.25
C SER H 298 43.04 -55.30 6.47
N LYS H 299 43.15 -55.53 5.17
CA LYS H 299 44.06 -54.76 4.32
C LYS H 299 43.35 -53.65 3.54
N ARG H 300 42.02 -53.68 3.49
CA ARG H 300 41.26 -52.63 2.80
C ARG H 300 41.33 -51.32 3.55
N CYS H 301 41.52 -50.23 2.81
CA CYS H 301 41.64 -48.92 3.44
C CYS H 301 40.34 -48.53 4.14
N THR H 302 40.46 -47.67 5.15
CA THR H 302 39.32 -47.14 5.89
C THR H 302 38.93 -45.76 5.39
N ALA H 303 37.86 -45.22 5.98
CA ALA H 303 37.35 -43.91 5.57
C ALA H 303 38.37 -42.80 5.81
N GLU H 304 39.02 -42.81 6.97
CA GLU H 304 40.02 -41.77 7.22
C GLU H 304 41.11 -41.80 6.14
N GLN H 305 41.55 -43.00 5.79
CA GLN H 305 42.63 -43.15 4.82
C GLN H 305 42.19 -42.68 3.45
N THR H 306 40.94 -42.94 3.08
CA THR H 306 40.43 -42.47 1.79
C THR H 306 40.44 -40.96 1.74
N LEU H 307 40.06 -40.29 2.83
CA LEU H 307 40.13 -38.85 2.86
C LEU H 307 41.58 -38.36 2.76
N GLN H 308 42.51 -39.14 3.29
CA GLN H 308 43.93 -38.81 3.24
C GLN H 308 44.59 -39.47 2.03
N SER H 309 43.97 -39.32 0.87
CA SER H 309 44.48 -39.85 -0.38
C SER H 309 44.84 -38.69 -1.30
N ASP H 310 45.77 -38.94 -2.22
CA ASP H 310 46.10 -37.91 -3.18
C ASP H 310 44.86 -37.42 -3.92
N PHE H 311 43.86 -38.30 -4.04
CA PHE H 311 42.66 -37.95 -4.79
C PHE H 311 41.80 -36.93 -4.04
N LEU H 312 41.60 -37.14 -2.74
CA LEU H 312 40.65 -36.34 -1.96
C LEU H 312 41.30 -35.44 -0.94
N LYS H 313 42.55 -35.68 -0.57
CA LYS H 313 43.15 -34.95 0.54
C LYS H 313 43.06 -33.44 0.32
N ASP H 314 43.26 -32.98 -0.91
CA ASP H 314 43.33 -31.57 -1.22
C ASP H 314 42.04 -31.00 -1.83
N VAL H 315 40.95 -31.77 -1.85
CA VAL H 315 39.68 -31.29 -2.39
C VAL H 315 39.00 -30.37 -1.40
N GLU H 316 38.51 -29.23 -1.89
CA GLU H 316 37.79 -28.25 -1.08
C GLU H 316 36.30 -28.38 -1.35
N LEU H 317 35.51 -28.58 -0.29
CA LEU H 317 34.07 -28.75 -0.44
C LEU H 317 33.35 -27.47 -0.82
N SER H 318 33.95 -26.31 -0.57
CA SER H 318 33.33 -25.04 -0.95
C SER H 318 33.03 -24.96 -2.44
N LYS H 319 33.93 -25.45 -3.30
CA LYS H 319 33.65 -25.36 -4.74
C LYS H 319 32.42 -26.16 -5.11
N MET H 320 32.20 -27.31 -4.48
CA MET H 320 31.01 -28.13 -4.64
C MET H 320 30.53 -28.18 -6.09
N ALA H 321 31.41 -28.65 -6.97
CA ALA H 321 31.11 -28.79 -8.38
C ALA H 321 29.87 -29.65 -8.61
N PRO H 322 28.75 -29.06 -9.04
CA PRO H 322 27.55 -29.87 -9.27
C PRO H 322 27.74 -30.76 -10.47
N PRO H 323 27.11 -31.94 -10.49
CA PRO H 323 27.24 -32.83 -11.66
C PRO H 323 26.49 -32.23 -12.83
N ASP H 324 26.78 -32.72 -14.04
CA ASP H 324 26.04 -32.19 -15.18
C ASP H 324 24.58 -32.58 -15.00
N LEU H 325 23.73 -31.58 -14.77
CA LEU H 325 22.36 -31.84 -14.40
C LEU H 325 21.44 -31.71 -15.61
N THR I 24 16.72 -29.34 20.25
CA THR I 24 17.19 -30.48 19.47
C THR I 24 16.66 -31.80 20.04
N LYS I 25 17.18 -32.19 21.22
CA LYS I 25 16.78 -33.40 21.91
C LYS I 25 16.28 -33.04 23.31
N PRO I 26 15.33 -33.81 23.85
CA PRO I 26 14.65 -33.39 25.08
C PRO I 26 15.43 -33.62 26.38
N CYS I 27 14.99 -32.87 27.40
CA CYS I 27 15.52 -32.98 28.76
C CYS I 27 14.74 -34.03 29.53
N TRP I 28 15.44 -35.02 30.09
CA TRP I 28 14.82 -36.12 30.80
C TRP I 28 15.14 -36.13 32.30
N TYR I 29 15.40 -34.98 32.90
CA TYR I 29 15.74 -34.94 34.31
C TYR I 29 14.92 -33.89 35.05
N TRP I 30 14.44 -34.28 36.22
CA TRP I 30 13.61 -33.48 37.09
C TRP I 30 14.30 -33.34 38.42
N ASP I 31 13.83 -32.41 39.24
CA ASP I 31 14.28 -32.32 40.61
C ASP I 31 13.41 -33.20 41.50
N LYS I 32 14.00 -33.68 42.59
CA LYS I 32 13.25 -34.50 43.54
C LYS I 32 11.93 -33.85 43.90
N LYS I 33 11.96 -32.52 44.13
CA LYS I 33 10.75 -31.81 44.52
C LYS I 33 9.63 -31.99 43.51
N ASP I 34 9.97 -32.19 42.24
CA ASP I 34 8.98 -32.26 41.18
C ASP I 34 8.15 -33.53 41.21
N LEU I 35 8.64 -34.60 41.85
CA LEU I 35 7.90 -35.85 41.92
C LEU I 35 6.62 -35.74 42.74
N ALA I 36 6.50 -34.69 43.55
CA ALA I 36 5.25 -34.43 44.27
C ALA I 36 4.10 -34.08 43.33
N HIS I 37 4.39 -33.82 42.07
CA HIS I 37 3.41 -33.33 41.10
C HIS I 37 3.30 -34.22 39.87
N THR I 38 3.60 -35.50 40.01
CA THR I 38 3.40 -36.41 38.91
C THR I 38 1.90 -36.61 38.68
N PRO I 39 1.49 -36.98 37.46
CA PRO I 39 0.06 -37.28 37.25
C PRO I 39 -0.52 -38.20 38.31
N SER I 40 0.25 -39.20 38.74
CA SER I 40 -0.24 -40.12 39.77
C SER I 40 -0.53 -39.40 41.09
N GLN I 41 0.38 -38.51 41.52
CA GLN I 41 0.15 -37.77 42.75
C GLN I 41 -1.11 -36.91 42.65
N LEU I 42 -1.28 -36.23 41.53
CA LEU I 42 -2.39 -35.30 41.35
C LEU I 42 -3.71 -36.01 41.21
N GLU I 43 -3.72 -37.28 40.81
CA GLU I 43 -4.96 -38.06 40.80
C GLU I 43 -5.29 -38.68 42.15
N GLY I 44 -4.51 -38.41 43.19
CA GLY I 44 -4.84 -38.84 44.54
C GLY I 44 -4.01 -39.98 45.04
N LEU I 45 -3.07 -40.48 44.23
CA LEU I 45 -2.13 -41.49 44.69
C LEU I 45 -1.11 -40.85 45.64
N ASP I 46 -0.88 -41.49 46.77
CA ASP I 46 0.06 -40.92 47.73
C ASP I 46 1.50 -41.31 47.39
N PRO I 47 2.47 -40.58 47.95
CA PRO I 47 3.87 -40.82 47.56
C PRO I 47 4.35 -42.24 47.82
N ALA I 48 3.97 -42.85 48.94
CA ALA I 48 4.41 -44.20 49.22
C ALA I 48 3.88 -45.18 48.18
N THR I 49 2.62 -45.01 47.76
CA THR I 49 2.04 -45.92 46.79
C THR I 49 2.71 -45.80 45.43
N GLU I 50 2.92 -44.56 44.97
CA GLU I 50 3.57 -44.39 43.66
C GLU I 50 4.98 -44.95 43.68
N ALA I 51 5.71 -44.75 44.77
CA ALA I 51 7.02 -45.39 44.92
C ALA I 51 6.88 -46.90 44.86
N ARG I 52 5.91 -47.44 45.60
CA ARG I 52 5.71 -48.88 45.59
C ARG I 52 5.36 -49.38 44.19
N TYR I 53 4.51 -48.66 43.48
CA TYR I 53 4.14 -49.04 42.12
C TYR I 53 5.34 -49.04 41.18
N ARG I 54 6.31 -48.16 41.41
CA ARG I 54 7.48 -48.09 40.54
C ARG I 54 8.40 -49.28 40.80
N ARG I 55 8.70 -49.55 42.08
CA ARG I 55 9.49 -50.72 42.43
C ARG I 55 8.86 -51.99 41.84
N GLU I 56 7.55 -52.14 42.01
CA GLU I 56 6.88 -53.33 41.50
C GLU I 56 7.00 -53.42 40.00
N GLY I 57 6.74 -52.30 39.31
CA GLY I 57 6.89 -52.29 37.86
C GLY I 57 8.33 -52.51 37.44
N ALA I 58 9.26 -51.80 38.07
CA ALA I 58 10.67 -51.97 37.74
C ALA I 58 11.10 -53.42 37.94
N ARG I 59 10.82 -53.99 39.11
CA ARG I 59 11.24 -55.36 39.37
C ARG I 59 10.51 -56.35 38.47
N PHE I 60 9.25 -56.08 38.11
CA PHE I 60 8.56 -56.91 37.13
C PHE I 60 9.33 -56.93 35.81
N ILE I 61 9.75 -55.76 35.33
CA ILE I 61 10.54 -55.70 34.09
C ILE I 61 11.84 -56.49 34.25
N PHE I 62 12.52 -56.30 35.37
CA PHE I 62 13.79 -56.99 35.60
C PHE I 62 13.59 -58.50 35.60
N ASP I 63 12.55 -58.99 36.28
CA ASP I 63 12.35 -60.43 36.43
C ASP I 63 11.93 -61.07 35.11
N VAL I 64 10.99 -60.45 34.42
CA VAL I 64 10.54 -60.99 33.14
C VAL I 64 11.70 -61.10 32.17
N GLY I 65 12.45 -60.00 32.01
CA GLY I 65 13.55 -60.00 31.07
C GLY I 65 14.67 -60.93 31.46
N THR I 66 14.93 -61.08 32.76
CA THR I 66 15.97 -62.02 33.19
C THR I 66 15.60 -63.44 32.80
N ARG I 67 14.33 -63.83 32.98
CA ARG I 67 13.93 -65.16 32.57
C ARG I 67 14.12 -65.36 31.06
N LEU I 68 13.95 -64.30 30.28
CA LEU I 68 14.10 -64.38 28.83
C LEU I 68 15.56 -64.36 28.41
N GLY I 69 16.49 -64.20 29.35
CA GLY I 69 17.90 -64.22 29.01
C GLY I 69 18.41 -62.91 28.44
N LEU I 70 17.77 -61.81 28.79
CA LEU I 70 18.06 -60.54 28.14
C LEU I 70 19.29 -59.87 28.75
N HIS I 71 20.04 -59.18 27.89
CA HIS I 71 21.19 -58.39 28.30
C HIS I 71 20.76 -57.35 29.34
N TYR I 72 21.71 -56.96 30.20
CA TYR I 72 21.36 -56.06 31.29
C TYR I 72 20.93 -54.70 30.78
N ASP I 73 21.56 -54.20 29.71
CA ASP I 73 21.17 -52.91 29.15
C ASP I 73 19.71 -52.93 28.72
N THR I 74 19.26 -54.04 28.14
CA THR I 74 17.88 -54.15 27.71
C THR I 74 16.91 -53.96 28.85
N LEU I 75 17.21 -54.57 30.00
CA LEU I 75 16.35 -54.40 31.17
C LEU I 75 16.30 -52.95 31.62
N ALA I 76 17.48 -52.31 31.71
CA ALA I 76 17.54 -50.94 32.20
C ALA I 76 16.80 -49.99 31.26
N THR I 77 17.01 -50.15 29.94
CA THR I 77 16.33 -49.28 28.98
C THR I 77 14.82 -49.37 29.15
N GLY I 78 14.29 -50.59 29.22
CA GLY I 78 12.86 -50.73 29.48
C GLY I 78 12.44 -50.04 30.76
N ILE I 79 13.22 -50.20 31.83
CA ILE I 79 12.86 -49.61 33.11
C ILE I 79 12.86 -48.09 33.03
N ILE I 80 13.81 -47.51 32.31
CA ILE I 80 13.82 -46.06 32.20
C ILE I 80 12.66 -45.58 31.35
N TYR I 81 12.35 -46.29 30.26
CA TYR I 81 11.11 -46.01 29.54
C TYR I 81 9.95 -46.01 30.52
N PHE I 82 9.87 -47.05 31.35
CA PHE I 82 8.80 -47.17 32.33
C PHE I 82 8.75 -45.98 33.27
N HIS I 83 9.87 -45.66 33.91
CA HIS I 83 9.88 -44.54 34.85
C HIS I 83 9.44 -43.25 34.17
N ARG I 84 10.00 -42.98 32.99
CA ARG I 84 9.65 -41.76 32.27
C ARG I 84 8.17 -41.74 31.94
N PHE I 85 7.62 -42.89 31.53
CA PHE I 85 6.21 -42.95 31.16
C PHE I 85 5.32 -42.35 32.24
N TYR I 86 5.56 -42.72 33.50
CA TYR I 86 4.70 -42.27 34.59
C TYR I 86 5.06 -40.88 35.12
N MET I 87 5.99 -40.19 34.47
CA MET I 87 6.10 -38.75 34.60
C MET I 87 5.05 -38.04 33.76
N PHE I 88 4.54 -38.72 32.73
CA PHE I 88 3.55 -38.18 31.81
C PHE I 88 2.17 -38.78 31.94
N HIS I 89 2.01 -39.84 32.73
CA HIS I 89 0.73 -40.51 32.86
C HIS I 89 0.55 -40.93 34.31
N SER I 90 -0.67 -41.32 34.65
CA SER I 90 -1.01 -41.74 36.00
C SER I 90 -1.05 -43.26 36.06
N PHE I 91 -0.63 -43.81 37.21
CA PHE I 91 -0.77 -45.24 37.43
C PHE I 91 -2.21 -45.68 37.48
N LYS I 92 -3.13 -44.76 37.74
CA LYS I 92 -4.53 -45.13 37.83
C LYS I 92 -5.20 -45.30 36.47
N GLN I 93 -4.60 -44.75 35.41
CA GLN I 93 -5.15 -44.88 34.07
C GLN I 93 -4.41 -45.92 33.24
N PHE I 94 -3.17 -46.25 33.61
CA PHE I 94 -2.34 -47.22 32.90
C PHE I 94 -1.80 -48.25 33.88
N PRO I 95 -2.36 -49.46 33.91
CA PRO I 95 -1.80 -50.52 34.76
C PRO I 95 -0.29 -50.67 34.56
N ARG I 96 0.45 -50.70 35.66
CA ARG I 96 1.90 -50.72 35.57
C ARG I 96 2.40 -51.95 34.82
N TYR I 97 1.89 -53.13 35.19
CA TYR I 97 2.45 -54.36 34.61
C TYR I 97 2.26 -54.41 33.10
N VAL I 98 1.10 -53.96 32.60
CA VAL I 98 0.92 -53.86 31.16
C VAL I 98 1.95 -52.89 30.59
N THR I 99 2.06 -51.71 31.19
CA THR I 99 3.06 -50.73 30.75
C THR I 99 4.46 -51.32 30.77
N GLY I 100 4.84 -51.95 31.88
CA GLY I 100 6.14 -52.57 31.93
C GLY I 100 6.39 -53.50 30.77
N ALA I 101 5.46 -54.42 30.53
CA ALA I 101 5.60 -55.37 29.43
C ALA I 101 5.82 -54.65 28.11
N CYS I 102 5.06 -53.58 27.87
CA CYS I 102 5.23 -52.82 26.64
C CYS I 102 6.63 -52.21 26.57
N CYS I 103 7.11 -51.65 27.68
CA CYS I 103 8.44 -51.06 27.70
C CYS I 103 9.51 -52.07 27.33
N LEU I 104 9.47 -53.26 27.96
CA LEU I 104 10.46 -54.27 27.64
C LEU I 104 10.34 -54.69 26.19
N PHE I 105 9.12 -54.83 25.68
CA PHE I 105 8.96 -55.21 24.28
C PHE I 105 9.63 -54.19 23.37
N LEU I 106 9.41 -52.91 23.63
CA LEU I 106 10.05 -51.88 22.80
C LEU I 106 11.55 -51.86 23.03
N ALA I 107 11.98 -51.96 24.29
CA ALA I 107 13.40 -51.95 24.59
C ALA I 107 14.14 -53.01 23.80
N GLY I 108 13.59 -54.22 23.72
CA GLY I 108 14.25 -55.28 23.01
C GLY I 108 14.55 -54.94 21.56
N LYS I 109 13.61 -54.31 20.87
CA LYS I 109 13.86 -53.89 19.51
C LYS I 109 14.86 -52.75 19.45
N VAL I 110 14.81 -51.85 20.43
CA VAL I 110 15.72 -50.71 20.45
C VAL I 110 17.16 -51.18 20.63
N GLU I 111 17.38 -52.09 21.57
CA GLU I 111 18.74 -52.54 21.91
C GLU I 111 19.21 -53.74 21.09
N GLU I 112 18.45 -54.14 20.06
CA GLU I 112 18.82 -55.26 19.19
C GLU I 112 18.87 -56.58 19.97
N THR I 113 17.96 -56.75 20.92
CA THR I 113 17.75 -58.03 21.60
C THR I 113 16.26 -58.38 21.57
N PRO I 114 15.66 -58.45 20.39
CA PRO I 114 14.20 -58.51 20.32
C PRO I 114 13.60 -59.81 20.83
N LYS I 115 12.38 -59.70 21.39
CA LYS I 115 11.59 -60.83 21.83
C LYS I 115 10.16 -60.65 21.34
N LYS I 116 9.48 -61.77 21.14
CA LYS I 116 8.11 -61.73 20.66
C LYS I 116 7.16 -61.29 21.76
N CYS I 117 6.18 -60.47 21.39
CA CYS I 117 5.19 -60.06 22.39
C CYS I 117 4.56 -61.28 23.02
N LYS I 118 4.38 -62.33 22.22
CA LYS I 118 3.84 -63.60 22.72
C LYS I 118 4.70 -64.16 23.83
N ASP I 119 6.02 -64.03 23.73
CA ASP I 119 6.91 -64.59 24.73
C ASP I 119 6.89 -63.78 26.02
N ILE I 120 6.82 -62.45 25.90
CA ILE I 120 6.79 -61.60 27.08
C ILE I 120 5.52 -61.86 27.88
N ILE I 121 4.38 -61.99 27.21
CA ILE I 121 3.14 -62.26 27.93
C ILE I 121 3.25 -63.59 28.67
N LYS I 122 3.72 -64.63 27.99
CA LYS I 122 3.85 -65.94 28.62
C LYS I 122 4.71 -65.86 29.87
N THR I 123 5.84 -65.16 29.81
CA THR I 123 6.70 -65.03 30.98
C THR I 123 6.01 -64.23 32.08
N ALA I 124 5.31 -63.16 31.70
CA ALA I 124 4.60 -62.36 32.68
C ALA I 124 3.56 -63.20 33.42
N ARG I 125 2.94 -64.15 32.73
CA ARG I 125 1.96 -65.02 33.38
C ARG I 125 2.64 -65.90 34.43
N SER I 126 3.85 -66.39 34.14
CA SER I 126 4.57 -67.20 35.12
C SER I 126 4.82 -66.44 36.40
N LEU I 127 5.15 -65.15 36.29
CA LEU I 127 5.59 -64.35 37.42
C LEU I 127 4.46 -63.65 38.14
N LEU I 128 3.37 -63.34 37.44
CA LEU I 128 2.24 -62.64 38.04
C LEU I 128 1.20 -63.66 38.49
N ASN I 129 0.55 -63.36 39.61
CA ASN I 129 -0.56 -64.16 40.09
C ASN I 129 -1.80 -63.83 39.27
N ASP I 130 -2.95 -64.35 39.68
CA ASP I 130 -4.17 -64.15 38.89
C ASP I 130 -4.67 -62.72 39.02
N VAL I 131 -4.62 -62.16 40.22
CA VAL I 131 -5.07 -60.78 40.43
C VAL I 131 -4.22 -59.82 39.61
N GLN I 132 -2.90 -59.98 39.69
CA GLN I 132 -2.00 -59.08 38.96
C GLN I 132 -2.20 -59.22 37.46
N PHE I 133 -2.30 -60.46 36.98
CA PHE I 133 -2.47 -60.68 35.55
C PHE I 133 -3.82 -60.19 35.04
N GLY I 134 -4.75 -59.85 35.93
CA GLY I 134 -6.01 -59.29 35.49
C GLY I 134 -5.86 -57.96 34.76
N GLN I 135 -4.76 -57.26 35.00
CA GLN I 135 -4.51 -56.01 34.28
C GLN I 135 -4.45 -56.25 32.78
N PHE I 136 -3.94 -57.40 32.34
CA PHE I 136 -3.80 -57.67 30.92
C PHE I 136 -5.14 -57.92 30.23
N GLY I 137 -6.20 -58.18 31.00
CA GLY I 137 -7.52 -58.23 30.39
C GLY I 137 -7.77 -59.44 29.50
N ASP I 138 -8.77 -59.28 28.62
CA ASP I 138 -9.21 -60.44 27.85
C ASP I 138 -8.17 -60.86 26.82
N ASP I 139 -7.51 -59.90 26.19
CA ASP I 139 -6.47 -60.20 25.19
C ASP I 139 -5.20 -59.48 25.59
N PRO I 140 -4.32 -60.16 26.32
CA PRO I 140 -3.11 -59.46 26.79
C PRO I 140 -2.25 -58.91 25.67
N LYS I 141 -1.96 -59.75 24.66
CA LYS I 141 -1.04 -59.36 23.60
C LYS I 141 -1.44 -58.06 22.94
N GLU I 142 -2.72 -57.94 22.57
CA GLU I 142 -3.15 -56.74 21.85
C GLU I 142 -2.97 -55.49 22.71
N GLU I 143 -3.37 -55.55 23.98
CA GLU I 143 -3.26 -54.38 24.84
C GLU I 143 -1.82 -53.91 24.97
N VAL I 144 -0.88 -54.85 25.02
CA VAL I 144 0.53 -54.46 25.11
C VAL I 144 0.95 -53.84 23.77
N MET I 145 0.58 -54.48 22.66
CA MET I 145 0.93 -53.93 21.35
C MET I 145 0.36 -52.55 21.12
N VAL I 146 -0.87 -52.30 21.58
CA VAL I 146 -1.46 -50.98 21.37
C VAL I 146 -0.71 -49.92 22.16
N LEU I 147 -0.33 -50.24 23.40
CA LEU I 147 0.30 -49.23 24.25
C LEU I 147 1.60 -48.74 23.65
N GLU I 148 2.22 -49.54 22.77
CA GLU I 148 3.46 -49.13 22.13
C GLU I 148 3.32 -47.78 21.46
N ARG I 149 2.18 -47.55 20.79
CA ARG I 149 1.95 -46.26 20.15
C ARG I 149 2.08 -45.12 21.14
N ILE I 150 1.40 -45.24 22.29
CA ILE I 150 1.47 -44.18 23.29
C ILE I 150 2.87 -44.08 23.87
N LEU I 151 3.51 -45.22 24.13
CA LEU I 151 4.86 -45.21 24.71
C LEU I 151 5.82 -44.42 23.84
N LEU I 152 5.86 -44.74 22.54
CA LEU I 152 6.76 -44.05 21.62
C LEU I 152 6.51 -42.55 21.66
N GLN I 153 5.25 -42.13 21.62
CA GLN I 153 4.94 -40.71 21.70
C GLN I 153 5.35 -40.13 23.05
N THR I 154 5.11 -40.87 24.13
CA THR I 154 5.40 -40.36 25.47
C THR I 154 6.88 -40.08 25.63
N ILE I 155 7.72 -41.02 25.18
CA ILE I 155 9.17 -40.87 25.29
C ILE I 155 9.69 -40.05 24.11
N LYS I 156 8.78 -39.41 23.40
CA LYS I 156 9.12 -38.44 22.35
C LYS I 156 10.07 -39.03 21.32
N PHE I 157 9.94 -40.33 21.05
CA PHE I 157 10.77 -41.03 20.08
C PHE I 157 12.25 -40.79 20.34
N ASP I 158 12.61 -40.41 21.56
CA ASP I 158 14.01 -40.33 21.99
C ASP I 158 14.37 -41.70 22.55
N LEU I 159 14.79 -42.58 21.65
CA LEU I 159 14.97 -43.99 22.00
C LEU I 159 16.34 -44.31 22.57
N GLN I 160 17.38 -43.57 22.20
CA GLN I 160 18.74 -43.86 22.68
C GLN I 160 18.87 -43.47 24.15
N VAL I 161 19.34 -44.41 24.96
CA VAL I 161 19.50 -44.23 26.40
C VAL I 161 20.84 -44.81 26.85
N GLU I 162 21.53 -44.08 27.73
CA GLU I 162 22.76 -44.54 28.35
C GLU I 162 22.48 -44.95 29.79
N HIS I 163 23.25 -45.92 30.30
CA HIS I 163 23.02 -46.45 31.63
C HIS I 163 24.29 -46.40 32.46
N PRO I 164 24.15 -46.37 33.79
CA PRO I 164 25.36 -46.29 34.64
C PRO I 164 26.36 -47.40 34.42
N TYR I 165 25.93 -48.58 33.95
CA TYR I 165 26.83 -49.73 33.92
C TYR I 165 28.08 -49.41 33.10
N GLN I 166 27.89 -48.91 31.89
CA GLN I 166 29.02 -48.68 31.00
C GLN I 166 30.01 -47.69 31.59
N PHE I 167 29.52 -46.71 32.34
CA PHE I 167 30.42 -45.75 32.97
C PHE I 167 31.09 -46.35 34.19
N LEU I 168 30.37 -47.20 34.92
CA LEU I 168 31.00 -47.97 35.97
C LEU I 168 32.18 -48.75 35.44
N LEU I 169 32.05 -49.32 34.24
CA LEU I 169 33.14 -50.08 33.66
C LEU I 169 34.21 -49.17 33.08
N LYS I 170 33.79 -48.13 32.36
CA LYS I 170 34.74 -47.19 31.79
C LYS I 170 35.63 -46.57 32.86
N TYR I 171 35.04 -46.18 33.99
CA TYR I 171 35.81 -45.51 35.04
C TYR I 171 36.68 -46.49 35.82
N ALA I 172 36.13 -47.67 36.16
CA ALA I 172 36.93 -48.65 36.89
C ALA I 172 38.14 -49.11 36.07
N LYS I 173 37.99 -49.17 34.75
CA LYS I 173 39.09 -49.60 33.89
C LYS I 173 40.31 -48.70 34.01
N GLN I 174 40.13 -47.45 34.41
CA GLN I 174 41.21 -46.51 34.61
C GLN I 174 41.80 -46.60 36.02
N LEU I 175 41.30 -47.50 36.85
CA LEU I 175 41.85 -47.73 38.18
C LEU I 175 42.92 -48.83 38.13
N LYS I 176 44.02 -48.59 38.82
CA LYS I 176 45.13 -49.54 38.89
C LYS I 176 45.51 -49.74 40.36
N GLY I 177 45.58 -51.00 40.78
CA GLY I 177 45.87 -51.33 42.16
C GLY I 177 45.62 -52.80 42.39
N ASP I 178 45.39 -53.16 43.65
CA ASP I 178 45.00 -54.53 43.93
C ASP I 178 43.77 -54.88 43.09
N LYS I 179 43.94 -55.81 42.15
CA LYS I 179 42.85 -56.14 41.25
C LYS I 179 41.62 -56.62 42.02
N ASN I 180 41.83 -57.46 43.04
CA ASN I 180 40.71 -58.03 43.75
C ASN I 180 39.96 -56.97 44.56
N LYS I 181 40.66 -55.97 45.10
CA LYS I 181 39.96 -54.90 45.79
C LYS I 181 39.12 -54.07 44.82
N ILE I 182 39.66 -53.83 43.62
CA ILE I 182 38.91 -53.06 42.62
C ILE I 182 37.71 -53.85 42.11
N GLN I 183 37.88 -55.16 41.92
CA GLN I 183 36.75 -55.98 41.46
C GLN I 183 35.60 -55.97 42.47
N LYS I 184 35.92 -56.06 43.76
CA LYS I 184 34.86 -56.01 44.78
C LYS I 184 34.11 -54.70 44.70
N LEU I 185 34.83 -53.60 44.47
CA LEU I 185 34.19 -52.30 44.28
C LEU I 185 33.20 -52.35 43.13
N VAL I 186 33.63 -52.87 41.99
CA VAL I 186 32.79 -52.89 40.79
C VAL I 186 31.53 -53.70 41.07
N GLN I 187 31.70 -54.91 41.61
CA GLN I 187 30.57 -55.80 41.85
C GLN I 187 29.54 -55.16 42.78
N MET I 188 30.00 -54.55 43.85
CA MET I 188 29.10 -53.88 44.78
C MET I 188 28.41 -52.71 44.10
N ALA I 189 29.14 -51.93 43.32
CA ALA I 189 28.55 -50.83 42.57
C ALA I 189 27.52 -51.35 41.58
N TRP I 190 27.85 -52.43 40.87
CA TRP I 190 26.90 -53.03 39.95
C TRP I 190 25.60 -53.40 40.67
N THR I 191 25.72 -54.04 41.84
CA THR I 191 24.55 -54.36 42.63
C THR I 191 23.75 -53.12 42.98
N PHE I 192 24.43 -52.04 43.37
CA PHE I 192 23.75 -50.80 43.70
C PHE I 192 23.04 -50.22 42.48
N VAL I 193 23.67 -50.30 41.31
CA VAL I 193 23.02 -49.83 40.08
C VAL I 193 21.73 -50.60 39.86
N ASN I 194 21.80 -51.93 39.92
CA ASN I 194 20.60 -52.74 39.76
C ASN I 194 19.52 -52.31 40.73
N ASP I 195 19.91 -51.95 41.96
CA ASP I 195 18.94 -51.53 42.95
C ASP I 195 18.39 -50.14 42.67
N SER I 196 19.22 -49.26 42.12
CA SER I 196 18.79 -47.90 41.84
C SER I 196 17.72 -47.87 40.76
N LEU I 197 17.58 -48.96 39.99
CA LEU I 197 16.59 -49.02 38.94
C LEU I 197 15.18 -49.08 39.49
N CYS I 198 15.02 -49.44 40.76
CA CYS I 198 13.71 -49.42 41.40
C CYS I 198 13.33 -48.03 41.87
N THR I 199 14.22 -47.06 41.67
CA THR I 199 14.04 -45.71 42.17
C THR I 199 13.96 -44.74 41.00
N THR I 200 13.60 -43.51 41.31
CA THR I 200 13.53 -42.42 40.34
C THR I 200 14.86 -41.72 40.13
N LEU I 201 15.96 -42.26 40.67
CA LEU I 201 17.26 -41.67 40.39
C LEU I 201 17.52 -41.62 38.90
N SER I 202 17.03 -42.63 38.16
CA SER I 202 17.12 -42.62 36.71
C SER I 202 16.56 -41.32 36.14
N LEU I 203 15.66 -40.68 36.87
CA LEU I 203 15.01 -39.46 36.41
C LEU I 203 15.63 -38.19 36.97
N GLN I 204 16.56 -38.31 37.92
CA GLN I 204 17.12 -37.12 38.57
C GLN I 204 18.52 -36.76 38.09
N TRP I 205 19.35 -37.75 37.77
CA TRP I 205 20.78 -37.53 37.55
C TRP I 205 21.24 -38.31 36.33
N GLU I 206 22.14 -37.71 35.56
CA GLU I 206 22.72 -38.39 34.43
C GLU I 206 23.35 -39.72 34.88
N PRO I 207 23.42 -40.70 33.97
CA PRO I 207 24.00 -41.99 34.37
C PRO I 207 25.44 -41.89 34.82
N GLU I 208 26.23 -41.01 34.20
CA GLU I 208 27.61 -40.84 34.62
C GLU I 208 27.68 -40.51 36.11
N ILE I 209 26.79 -39.65 36.58
CA ILE I 209 26.76 -39.29 37.99
C ILE I 209 26.36 -40.48 38.84
N ILE I 210 25.37 -41.26 38.38
CA ILE I 210 24.99 -42.46 39.13
C ILE I 210 26.19 -43.40 39.26
N ALA I 211 26.90 -43.63 38.15
CA ALA I 211 28.02 -44.56 38.19
C ALA I 211 29.05 -44.13 39.22
N VAL I 212 29.33 -42.83 39.30
CA VAL I 212 30.27 -42.35 40.32
C VAL I 212 29.68 -42.57 41.70
N ALA I 213 28.41 -42.25 41.89
CA ALA I 213 27.80 -42.37 43.21
C ALA I 213 27.94 -43.80 43.74
N VAL I 214 27.70 -44.79 42.87
CA VAL I 214 27.77 -46.17 43.34
C VAL I 214 29.22 -46.60 43.59
N MET I 215 30.17 -46.07 42.81
CA MET I 215 31.57 -46.28 43.14
C MET I 215 31.90 -45.63 44.47
N TYR I 216 31.41 -44.41 44.69
CA TYR I 216 31.63 -43.67 45.92
C TYR I 216 31.08 -44.44 47.12
N LEU I 217 29.86 -44.96 47.01
CA LEU I 217 29.27 -45.72 48.11
C LEU I 217 30.07 -46.99 48.39
N ALA I 218 30.35 -47.77 47.34
CA ALA I 218 31.11 -49.01 47.52
C ALA I 218 32.45 -48.73 48.15
N GLY I 219 33.09 -47.62 47.76
CA GLY I 219 34.34 -47.24 48.39
C GLY I 219 34.18 -47.00 49.88
N ARG I 220 33.13 -46.26 50.26
CA ARG I 220 32.89 -46.03 51.68
C ARG I 220 32.67 -47.33 52.43
N LEU I 221 31.82 -48.21 51.87
CA LEU I 221 31.47 -49.45 52.56
C LEU I 221 32.67 -50.39 52.66
N CYS I 222 33.43 -50.54 51.57
CA CYS I 222 34.61 -51.40 51.62
C CYS I 222 35.85 -50.70 52.17
N LYS I 223 35.72 -49.45 52.64
CA LYS I 223 36.83 -48.73 53.25
C LYS I 223 38.02 -48.67 52.28
N PHE I 224 37.73 -48.38 51.02
CA PHE I 224 38.73 -48.19 49.98
C PHE I 224 38.92 -46.69 49.70
N GLU I 225 40.15 -46.32 49.35
CA GLU I 225 40.50 -44.95 48.98
C GLU I 225 40.71 -44.93 47.47
N ILE I 226 39.65 -44.61 46.73
CA ILE I 226 39.71 -44.78 45.29
C ILE I 226 40.74 -43.84 44.67
N GLN I 227 41.05 -42.73 45.33
CA GLN I 227 42.03 -41.80 44.79
C GLN I 227 43.34 -42.50 44.47
N GLU I 228 43.73 -43.45 45.31
CA GLU I 228 45.03 -44.10 45.15
C GLU I 228 45.15 -44.86 43.84
N TRP I 229 44.04 -45.43 43.36
CA TRP I 229 44.06 -46.25 42.16
C TRP I 229 44.03 -45.43 40.87
N THR I 230 43.88 -44.10 40.97
CA THR I 230 43.79 -43.19 39.84
C THR I 230 45.16 -42.68 39.39
N SER I 231 45.17 -42.01 38.23
CA SER I 231 46.38 -41.35 37.73
C SER I 231 46.78 -40.13 38.55
N LYS I 232 45.95 -39.70 39.49
CA LYS I 232 46.20 -38.53 40.32
C LYS I 232 46.01 -38.88 41.79
N PRO I 233 46.94 -39.63 42.36
CA PRO I 233 46.68 -40.23 43.69
C PRO I 233 46.56 -39.25 44.85
N MET I 234 46.91 -37.97 44.68
CA MET I 234 46.82 -37.00 45.76
C MET I 234 45.66 -36.02 45.58
N TYR I 235 44.78 -36.29 44.63
CA TYR I 235 43.55 -35.55 44.36
C TYR I 235 42.42 -36.31 45.04
N ARG I 236 42.03 -35.85 46.23
CA ARG I 236 41.10 -36.59 47.07
C ARG I 236 39.69 -36.65 46.49
N ARG I 237 39.27 -35.65 45.72
CA ARG I 237 38.00 -35.73 45.00
C ARG I 237 38.27 -36.42 43.67
N TRP I 238 38.40 -37.73 43.75
CA TRP I 238 38.89 -38.53 42.63
C TRP I 238 37.98 -38.49 41.42
N TRP I 239 36.66 -38.40 41.62
CA TRP I 239 35.73 -38.55 40.52
C TRP I 239 35.76 -37.38 39.54
N GLU I 240 36.23 -36.21 39.96
CA GLU I 240 36.17 -35.03 39.10
C GLU I 240 36.91 -35.25 37.79
N GLN I 241 37.87 -36.18 37.74
CA GLN I 241 38.52 -36.49 36.47
C GLN I 241 37.62 -37.34 35.57
N PHE I 242 36.60 -37.99 36.13
CA PHE I 242 35.62 -38.74 35.35
C PHE I 242 34.37 -37.94 35.01
N VAL I 243 33.83 -37.21 35.97
CA VAL I 243 32.60 -36.45 35.83
C VAL I 243 32.88 -35.07 36.38
N GLN I 244 32.90 -34.07 35.51
CA GLN I 244 33.21 -32.71 35.92
C GLN I 244 32.01 -32.07 36.60
N ASP I 245 32.28 -31.27 37.64
CA ASP I 245 31.27 -30.43 38.27
C ASP I 245 30.24 -31.22 39.07
N VAL I 246 30.66 -32.22 39.83
CA VAL I 246 29.71 -32.92 40.69
C VAL I 246 30.08 -32.62 42.14
N PRO I 247 29.26 -31.86 42.87
CA PRO I 247 29.53 -31.64 44.30
C PRO I 247 29.22 -32.87 45.13
N VAL I 248 29.87 -32.95 46.29
CA VAL I 248 29.71 -34.11 47.16
C VAL I 248 28.26 -34.26 47.64
N ASP I 249 27.56 -33.15 47.85
CA ASP I 249 26.16 -33.23 48.26
C ASP I 249 25.37 -34.19 47.36
N VAL I 250 25.58 -34.10 46.05
CA VAL I 250 24.82 -34.94 45.13
C VAL I 250 25.15 -36.40 45.36
N LEU I 251 26.44 -36.74 45.42
CA LEU I 251 26.81 -38.13 45.68
C LEU I 251 26.23 -38.61 47.00
N GLU I 252 26.15 -37.74 48.00
CA GLU I 252 25.52 -38.14 49.26
C GLU I 252 24.02 -38.30 49.10
N ASP I 253 23.37 -37.41 48.35
CA ASP I 253 21.95 -37.55 48.11
C ASP I 253 21.64 -38.88 47.42
N ILE I 254 22.43 -39.25 46.41
CA ILE I 254 22.19 -40.49 45.68
C ILE I 254 22.43 -41.70 46.59
N CYS I 255 23.59 -41.74 47.24
CA CYS I 255 23.91 -42.89 48.09
C CYS I 255 22.84 -43.07 49.16
N HIS I 256 22.38 -41.97 49.73
CA HIS I 256 21.33 -42.02 50.74
C HIS I 256 20.11 -42.78 50.24
N GLN I 257 19.68 -42.52 49.02
CA GLN I 257 18.48 -43.18 48.51
C GLN I 257 18.67 -44.68 48.42
N ILE I 258 19.84 -45.13 47.98
CA ILE I 258 20.07 -46.56 47.91
C ILE I 258 20.08 -47.15 49.30
N LEU I 259 20.74 -46.48 50.24
CA LEU I 259 20.82 -46.98 51.60
C LEU I 259 19.45 -47.01 52.26
N ASP I 260 18.55 -46.08 51.88
CA ASP I 260 17.19 -46.12 52.42
C ASP I 260 16.44 -47.37 51.96
N LEU I 261 16.56 -47.74 50.69
CA LEU I 261 15.86 -48.92 50.20
C LEU I 261 16.26 -50.15 50.99
N TYR I 262 17.56 -50.30 51.29
CA TYR I 262 18.04 -51.47 52.01
C TYR I 262 17.55 -51.49 53.45
N SER I 263 17.61 -50.34 54.14
CA SER I 263 17.19 -50.30 55.54
C SER I 263 15.67 -50.45 55.66
N GLN I 264 14.94 -49.87 54.72
CA GLN I 264 13.48 -49.94 54.74
C GLN I 264 12.97 -51.38 54.67
N GLY I 265 13.47 -52.15 53.72
CA GLY I 265 12.97 -53.50 53.53
C GLY I 265 13.46 -54.45 54.59
N LYS I 266 13.74 -55.68 54.16
CA LYS I 266 14.45 -56.66 54.97
C LYS I 266 15.86 -56.95 54.44
N GLN I 267 16.13 -56.66 53.17
CA GLN I 267 17.41 -56.91 52.53
C GLN I 267 18.50 -56.05 53.17
N GLN I 268 19.74 -56.55 53.13
CA GLN I 268 20.86 -55.84 53.75
C GLN I 268 21.95 -55.47 52.74
N MET I 269 22.82 -54.57 53.17
CA MET I 269 23.88 -54.06 52.30
C MET I 269 24.77 -55.20 51.82
N PRO I 270 25.18 -55.20 50.55
CA PRO I 270 25.94 -56.37 50.07
C PRO I 270 27.23 -56.59 50.84
N HIS I 271 27.99 -55.53 51.06
CA HIS I 271 29.27 -55.59 51.74
C HIS I 271 29.96 -56.95 51.59
#